data_8U7L
#
_entry.id   8U7L
#
_cell.length_a   1.00
_cell.length_b   1.00
_cell.length_c   1.00
_cell.angle_alpha   90.00
_cell.angle_beta   90.00
_cell.angle_gamma   90.00
#
_symmetry.space_group_name_H-M   'P 1'
#
loop_
_entity.id
_entity.type
_entity.pdbx_description
1 polymer 'Leucine-rich repeat serine/threonine-protein kinase 2'
2 non-polymer "GUANOSINE-5'-DIPHOSPHATE"
3 non-polymer 4-methyl-N-{4-[(4-methylpiperazin-1-yl)methyl]-3-(trifluoromethyl)phenyl}-3-[(1H-pyrazolo[3,4-b]pyridin-5-yl)ethynyl]benzamide
#
_entity_poly.entity_id   1
_entity_poly.type   'polypeptide(L)'
_entity_poly.pdbx_seq_one_letter_code
;MASGSCQGCEEDEETLKKLIVRLNNVQEGKQIETLVQILEDLLVFTYSEHASKLFQGKNIHVPLLIVLDSYMRVASVQQV
GWSLLCKLIEVCPGTMQSLMGPQDVGNDWEVLGVHQLILKMLTVHNASVNLSVIGLKTLDLLLTSGKITLLILDEESDIF
MLIFDAMHSFPANDEVQKLGCKALHVLFERVSEEQLTEFVENKDYMILLSALTNFKDEEEIVLHVLHCLHSLAIPCNNVE
VLMSGNVRCYNIVVEAMKAFPMSERIQEVSCCLLHRLTLGNFFNILVLNEVHEFVVKAVQQYPENAALQISALSCLALLT
ETIFLNQDLEEKNENQENDDEGEEDKLFWLEACYKALTWHRKNKHVQEAACWALNNLLMYQNSLHEKIGDEDGHFPAHRE
VMLSMLMHSSSKEVFQASANALSTLLEQNVNFRKILLSKGIHLNVLELMQKHIHSPEVAESGCKMLNHLFEGSNTSLDIM
AAVVPKILTVMKRHETSLPVQLEALRAILHFIVPGMPEESREDTEFHHKLNMVKKQCFKNDIHKLVLAALNRFIGNPGIQ
KCGLKVISSIVHFPDALEMLSLEGAMDSVLHTLQMYPDDQEIQCLGLSLIGYLITKKNVFIGTGHLLAKILVSSLYRFKD
VAEIQTKGFQTILAILKLSASFSKLLVHHSFDLVIFHQMSSNIMEQKDQQFLNLCCKCFAKVAMDDYLKNVMLERACDQN
NSIMVECLLLLGADANQAKEGSSLICQVCEKESSPKLVELLLNSGSREQDVRKALTISIGKGDSQIISLLLRRLALDVAN
NSICLGGFCIGKVEPSWLGPLFPDKTSNLRKQTNIASTLARMVIRYQMKSAVEEGTASGSDGNFSEDVLSKFDEWTFIPD
SSMDSVFAQSDDLDSEGSEGSFLVKKKSNSISVGEFYRDAVLQRCSPNLQRHSNSLGPIFDHEDLLKRKRKILSSDDSLR
SSKLQSHMRHSDSISSLASEREYITSLDLSANELRDIDALSQKCCISVHLEHLEKLELHQNALTSFPQQLCETLKSLTHL
DLHSNKFTSFPSYLLKMSCIANLDVSRNDIGPSVVLDPTVKCPTLKQFNLSYNQLSFVPENLTDVVEKLEQLILEGNKIS
GICSPLRLKELKILNLSKNHISSLSENFLEACPKVESFSARMNFLAAMPFLPPSMTILKLSQNKFSCIPEAILNLPHLRS
LDMSSNDIQYLPGPAHWKSLNLRELLFSHNQISILDLSEKAYLWSRVEKLHLSHNKLKEIPPEIGCLENLTSLDVSYNLE
LRSFPNEMGKLSKIWDLPLDELHLNFDFKHIGCKAKDIIRFLQQRLKKAVPYNRMKLMIVGNTGSGKTTLLQQLMKTKKS
DLGMQSATVGIDVKDWPIQIRDKRKRDLVLNVWDFAGREEFYSTHPHFMTQRALYLAVYDLSKGQAEVDAMKPWLFNIKA
RASSSPVILVGTHLDVSDEKQRKACMSKITKELLNKRGFPAIRDYHFVNATEESDALAKLRKTIINESLNFKIRDQLVVG
QLIPDCYVELEKIILSERKNVPIEFPVIDRKRLLQLVRENQLQLDENELPHAVHFLNESGVLLHFQDPALQLSDLYFVEP
KWLCKIMAQILTVKVEGCPKHPKGIISRRDVEKFLSKKRKFPKNYMTQYFKLLEKFQIALPIGEEYLLVPSSLSDHRPVI
ELPHCENSEIIIRLYEMPYFPMGFWSRLINRLLEISPYMLSGRERALRPNRMYWRQGIYLNWSPEAYCLVGSEVLDNHPE
SFLKITVPSCRKGCILLGQVVDHIDSLMEEWFPGLLEIDICGEGETLLKKWALYSFNDGEEHQKILLDDLMKKAEEGDLL
VNPDQPRLTIPISQIAPDLILADLPRNIMLNNDELEFEQAPEFLLGDGSFGSVYRAAYEGEEVAVKIFNKHTSLRLLRQE
LVVLCHLHHPSLISLLAAGIRPRMLVMELASKGSLDRLLQQDKASLTRTLQHRIALHVADGLRYLHSAMIIYRDLKPHNV
LLFTLYPNAAIIAKIADYGIAQYCCRMGIKTSEGTPGFRAPEVARGNVIYNQQADVYSFGLLLYDILTTGGRIVEGLKFP
NEFDELEIQGKLPDPVKEYGCAPWPMVEKLIKQCLKENPQERPTSAQVFDILNSAELVCLTRRILLPKNVIVECMVATHH
NSRNASIWLGCGHTDRGQLSFLDLNTEGYTSEEVADSRILCLALVHLPVEKESWIVSGTQSGTLLVINTEDGKKRHTLEK
MTDSVTCLYCNSFSKQSKQKNFLLVGTADGKLAIFEDKTVKLKGAAPLKILNIGNVSTPLMCLSESTNSTERNVMWGGCG
TKIFSFSNDFTIQKLIETRTSQLFSYAAFSDSNIITVVVDTALYIAKQNSPVVEVWDKKTEKLCGLIDCVHFLREVTVKE
NKESKHKMSYSGRVKTLCLQKNTALWIGTGGGHILLLDLSTRRLIRVIYNFCNSVRVMMTAQLGSLKNVMLVLGYNRKNT
EGTQKQKEIQSCLTVWDINLPHEVQNLEKHIEVRKELAEKMRRTSVE
;
_entity_poly.pdbx_strand_id   B,A
#
loop_
_chem_comp.id
_chem_comp.type
_chem_comp.name
_chem_comp.formula
GDP RNA linking GUANOSINE-5'-DIPHOSPHATE 'C10 H15 N5 O11 P2'
T3X non-polymer 4-methyl-N-{4-[(4-methylpiperazin-1-yl)methyl]-3-(trifluoromethyl)phenyl}-3-[(1H-pyrazolo[3,4-b]pyridin-5-yl)ethynyl]benzamide 'C29 H27 F3 N6 O'
#
# COMPACT_ATOMS: atom_id res chain seq x y z
N GLY A 558 -8.94 46.38 -41.43
CA GLY A 558 -8.66 46.16 -42.84
C GLY A 558 -7.21 46.44 -43.21
N ILE A 559 -6.63 47.48 -42.61
CA ILE A 559 -5.26 47.87 -42.92
C ILE A 559 -4.23 46.91 -42.36
N GLN A 560 -4.64 45.98 -41.49
CA GLN A 560 -3.74 44.99 -40.91
C GLN A 560 -3.09 44.08 -41.94
N LYS A 561 -3.68 43.95 -43.14
CA LYS A 561 -3.12 43.09 -44.17
C LYS A 561 -1.78 43.60 -44.68
N CYS A 562 -1.78 44.82 -45.23
CA CYS A 562 -0.52 45.40 -45.69
C CYS A 562 0.42 45.69 -44.54
N GLY A 563 -0.10 45.91 -43.33
CA GLY A 563 0.75 45.99 -42.17
C GLY A 563 1.54 44.73 -41.92
N LEU A 564 0.85 43.58 -41.91
CA LEU A 564 1.55 42.30 -41.81
C LEU A 564 2.46 42.06 -43.00
N LYS A 565 2.11 42.60 -44.17
CA LYS A 565 3.01 42.52 -45.32
C LYS A 565 4.32 43.27 -45.06
N VAL A 566 4.23 44.44 -44.45
CA VAL A 566 5.42 45.20 -44.09
C VAL A 566 6.21 44.47 -43.02
N ILE A 567 5.51 43.82 -42.08
CA ILE A 567 6.19 43.00 -41.09
C ILE A 567 6.97 41.87 -41.76
N SER A 568 6.35 41.21 -42.75
CA SER A 568 7.05 40.20 -43.53
C SER A 568 8.23 40.80 -44.29
N SER A 569 8.11 42.06 -44.71
CA SER A 569 9.22 42.76 -45.33
C SER A 569 10.35 43.00 -44.33
N ILE A 570 10.01 43.12 -43.05
CA ILE A 570 11.00 43.48 -42.03
C ILE A 570 11.59 42.26 -41.34
N VAL A 571 11.00 41.08 -41.53
CA VAL A 571 11.47 39.85 -40.89
C VAL A 571 12.86 39.43 -41.33
N HIS A 572 13.38 40.00 -42.43
CA HIS A 572 14.69 39.61 -42.93
C HIS A 572 15.83 40.47 -42.40
N PHE A 573 15.52 41.66 -41.89
CA PHE A 573 16.53 42.50 -41.25
C PHE A 573 17.11 41.79 -40.02
N PRO A 574 18.40 41.95 -39.75
CA PRO A 574 19.01 41.23 -38.63
C PRO A 574 18.51 41.73 -37.28
N ASP A 575 18.48 40.81 -36.31
CA ASP A 575 18.06 41.09 -34.94
C ASP A 575 16.63 41.63 -34.89
N ALA A 576 15.69 40.79 -35.31
CA ALA A 576 14.29 41.17 -35.39
C ALA A 576 13.59 41.25 -34.03
N LEU A 577 14.30 40.97 -32.93
CA LEU A 577 13.70 41.05 -31.62
C LEU A 577 14.23 42.25 -30.84
N GLY A 584 6.67 41.08 -26.88
CA GLY A 584 7.10 40.31 -28.05
C GLY A 584 6.21 40.52 -29.25
N ALA A 585 6.79 40.41 -30.44
CA ALA A 585 6.04 40.59 -31.67
C ALA A 585 5.17 39.38 -32.01
N MET A 586 5.44 38.23 -31.40
CA MET A 586 4.64 37.05 -31.68
C MET A 586 3.21 37.21 -31.19
N ASP A 587 3.04 37.82 -30.00
CA ASP A 587 1.72 37.92 -29.38
C ASP A 587 0.78 38.78 -30.21
N SER A 588 1.28 39.90 -30.74
CA SER A 588 0.45 40.81 -31.52
C SER A 588 -0.09 40.14 -32.76
N VAL A 589 0.80 39.62 -33.61
CA VAL A 589 0.37 38.95 -34.84
C VAL A 589 -0.44 37.70 -34.52
N LEU A 590 -0.19 37.06 -33.36
CA LEU A 590 -1.03 35.95 -32.94
C LEU A 590 -2.47 36.41 -32.71
N HIS A 591 -2.63 37.54 -32.00
CA HIS A 591 -3.95 38.11 -31.78
C HIS A 591 -4.63 38.48 -33.10
N THR A 592 -3.85 39.02 -34.04
CA THR A 592 -4.41 39.38 -35.34
C THR A 592 -4.91 38.14 -36.08
N LEU A 593 -4.05 37.12 -36.21
CA LEU A 593 -4.44 35.88 -36.88
C LEU A 593 -5.64 35.22 -36.21
N GLN A 594 -5.70 35.30 -34.88
CA GLN A 594 -6.89 34.83 -34.16
C GLN A 594 -8.12 35.64 -34.53
N MET A 595 -7.94 36.94 -34.78
CA MET A 595 -9.06 37.82 -35.14
C MET A 595 -9.44 37.67 -36.60
N TYR A 596 -8.50 37.99 -37.50
CA TYR A 596 -8.78 37.93 -38.93
C TYR A 596 -8.33 36.58 -39.48
N PRO A 597 -9.25 35.71 -39.89
CA PRO A 597 -8.86 34.32 -40.20
C PRO A 597 -8.15 34.14 -41.53
N ASP A 598 -8.63 34.78 -42.60
CA ASP A 598 -8.35 34.30 -43.95
C ASP A 598 -7.08 34.89 -44.55
N ASP A 599 -7.04 36.21 -44.73
CA ASP A 599 -5.96 36.82 -45.51
C ASP A 599 -4.63 36.79 -44.76
N GLN A 600 -4.66 37.04 -43.45
CA GLN A 600 -3.44 36.99 -42.66
C GLN A 600 -2.85 35.59 -42.60
N GLU A 601 -3.71 34.56 -42.62
CA GLU A 601 -3.21 33.18 -42.65
C GLU A 601 -2.42 32.91 -43.92
N ILE A 602 -2.89 33.43 -45.06
CA ILE A 602 -2.13 33.34 -46.31
C ILE A 602 -0.74 33.96 -46.16
N GLN A 603 -0.61 34.94 -45.28
CA GLN A 603 0.68 35.54 -44.96
C GLN A 603 1.23 35.11 -43.60
N CYS A 604 0.56 34.18 -42.91
CA CYS A 604 1.07 33.68 -41.64
C CYS A 604 2.38 32.91 -41.77
N LEU A 605 2.79 32.57 -43.00
CA LEU A 605 4.10 31.95 -43.23
C LEU A 605 5.24 32.81 -42.70
N GLY A 606 5.04 34.11 -42.55
CA GLY A 606 6.04 34.97 -41.92
C GLY A 606 6.38 34.60 -40.49
N LEU A 607 5.55 33.77 -39.84
CA LEU A 607 5.83 33.27 -38.50
C LEU A 607 7.15 32.51 -38.45
N SER A 608 8.14 33.09 -37.79
CA SER A 608 9.43 32.46 -37.60
C SER A 608 9.52 31.90 -36.18
N LEU A 609 10.72 31.46 -35.80
CA LEU A 609 10.93 30.92 -34.46
C LEU A 609 10.84 32.04 -33.42
N ILE A 610 9.64 32.25 -32.89
CA ILE A 610 9.39 33.28 -31.88
C ILE A 610 8.87 32.61 -30.62
N GLY A 611 9.32 33.10 -29.46
CA GLY A 611 9.04 32.46 -28.20
C GLY A 611 10.04 31.40 -27.78
N TYR A 612 11.00 31.08 -28.64
CA TYR A 612 12.03 30.09 -28.32
C TYR A 612 13.39 30.54 -28.83
N THR A 623 5.38 29.37 -24.31
CA THR A 623 4.91 27.99 -24.42
C THR A 623 3.39 28.00 -24.22
N GLY A 624 2.71 28.81 -25.03
CA GLY A 624 1.26 28.87 -24.98
C GLY A 624 0.59 27.87 -25.90
N HIS A 625 -0.10 26.90 -25.31
CA HIS A 625 -0.82 25.90 -26.09
C HIS A 625 -1.87 26.53 -27.00
N LEU A 626 -2.42 27.67 -26.61
CA LEU A 626 -3.36 28.39 -27.46
C LEU A 626 -2.73 28.86 -28.77
N LEU A 627 -1.41 29.06 -28.80
CA LEU A 627 -0.76 29.45 -30.05
C LEU A 627 -0.81 28.34 -31.08
N ALA A 628 -0.31 27.15 -30.71
CA ALA A 628 -0.41 25.99 -31.59
C ALA A 628 -1.86 25.64 -31.90
N LYS A 629 -2.76 25.82 -30.92
CA LYS A 629 -4.17 25.60 -31.15
C LYS A 629 -4.70 26.50 -32.26
N ILE A 630 -4.39 27.81 -32.18
CA ILE A 630 -4.81 28.75 -33.22
C ILE A 630 -4.21 28.36 -34.56
N LEU A 631 -2.95 27.92 -34.56
CA LEU A 631 -2.26 27.54 -35.79
C LEU A 631 -2.99 26.38 -36.47
N VAL A 632 -3.15 25.27 -35.75
CA VAL A 632 -3.72 24.07 -36.37
C VAL A 632 -5.20 24.26 -36.66
N SER A 633 -5.92 25.04 -35.83
CA SER A 633 -7.32 25.30 -36.12
C SER A 633 -7.48 26.13 -37.39
N SER A 634 -6.62 27.15 -37.57
CA SER A 634 -6.66 27.93 -38.81
C SER A 634 -6.31 27.06 -40.01
N LEU A 635 -5.33 26.16 -39.84
CA LEU A 635 -4.95 25.24 -40.90
C LEU A 635 -6.14 24.40 -41.33
N TYR A 636 -6.71 23.62 -40.40
CA TYR A 636 -7.82 22.75 -40.75
C TYR A 636 -9.04 23.56 -41.18
N ARG A 637 -9.20 24.78 -40.64
CA ARG A 637 -10.30 25.65 -41.00
C ARG A 637 -10.24 26.05 -42.46
N PHE A 638 -9.04 26.27 -43.00
CA PHE A 638 -8.97 26.51 -44.43
C PHE A 638 -8.72 25.22 -45.20
N LYS A 639 -7.55 24.59 -44.97
CA LYS A 639 -7.21 23.25 -45.46
C LYS A 639 -7.45 23.01 -46.95
N ASP A 640 -7.67 24.07 -47.73
CA ASP A 640 -8.02 23.89 -49.13
C ASP A 640 -7.34 24.88 -50.06
N VAL A 641 -6.36 25.63 -49.58
CA VAL A 641 -5.51 26.47 -50.42
C VAL A 641 -4.13 25.82 -50.45
N ALA A 642 -3.65 25.54 -51.67
CA ALA A 642 -2.50 24.67 -51.90
C ALA A 642 -1.28 25.06 -51.06
N GLU A 643 -0.77 26.28 -51.26
CA GLU A 643 0.53 26.63 -50.71
C GLU A 643 0.47 27.03 -49.24
N ILE A 644 -0.69 27.44 -48.73
CA ILE A 644 -0.75 27.87 -47.33
C ILE A 644 -0.59 26.68 -46.40
N GLN A 645 -1.10 25.50 -46.79
CA GLN A 645 -0.89 24.31 -45.98
C GLN A 645 0.57 23.88 -46.00
N THR A 646 1.24 24.04 -47.16
CA THR A 646 2.67 23.74 -47.23
C THR A 646 3.47 24.68 -46.34
N LYS A 647 3.15 25.98 -46.38
CA LYS A 647 3.82 26.94 -45.52
C LYS A 647 3.58 26.61 -44.04
N GLY A 648 2.34 26.28 -43.69
CA GLY A 648 2.05 25.88 -42.32
C GLY A 648 2.83 24.65 -41.89
N PHE A 649 2.96 23.67 -42.77
CA PHE A 649 3.73 22.47 -42.44
C PHE A 649 5.21 22.80 -42.29
N GLN A 650 5.73 23.71 -43.12
CA GLN A 650 7.11 24.17 -42.96
C GLN A 650 7.32 24.80 -41.59
N THR A 651 6.41 25.72 -41.23
CA THR A 651 6.51 26.37 -39.91
C THR A 651 6.42 25.35 -38.79
N ILE A 652 5.53 24.35 -38.93
CA ILE A 652 5.35 23.33 -37.91
C ILE A 652 6.62 22.51 -37.76
N LEU A 653 7.21 22.12 -38.88
CA LEU A 653 8.48 21.39 -38.86
C LEU A 653 9.57 22.20 -38.17
N ALA A 654 9.62 23.51 -38.45
CA ALA A 654 10.60 24.36 -37.79
C ALA A 654 10.40 24.39 -36.29
N ILE A 655 9.14 24.57 -35.86
CA ILE A 655 8.86 24.68 -34.42
C ILE A 655 9.19 23.37 -33.71
N LEU A 656 8.80 22.23 -34.29
CA LEU A 656 9.12 20.96 -33.66
C LEU A 656 10.63 20.70 -33.67
N LYS A 657 11.35 21.16 -34.70
CA LYS A 657 12.80 21.10 -34.65
C LYS A 657 13.36 21.96 -33.52
N LEU A 658 12.64 23.03 -33.17
CA LEU A 658 13.07 23.88 -32.07
C LEU A 658 12.75 23.28 -30.71
N SER A 659 11.71 22.43 -30.64
CA SER A 659 11.30 21.84 -29.37
C SER A 659 10.54 20.55 -29.63
N ALA A 660 10.94 19.48 -28.96
CA ALA A 660 10.27 18.19 -29.11
C ALA A 660 9.03 18.05 -28.24
N SER A 661 8.95 18.80 -27.15
CA SER A 661 7.72 18.81 -26.34
C SER A 661 6.52 19.33 -27.13
N PHE A 662 6.77 20.15 -28.16
CA PHE A 662 5.71 20.62 -29.05
C PHE A 662 4.90 19.48 -29.65
N SER A 663 5.54 18.32 -29.90
CA SER A 663 4.87 17.15 -30.44
C SER A 663 3.64 16.76 -29.63
N LYS A 664 3.84 16.50 -28.34
CA LYS A 664 2.75 16.12 -27.45
C LYS A 664 1.58 17.09 -27.55
N LEU A 665 1.87 18.40 -27.46
CA LEU A 665 0.81 19.41 -27.57
C LEU A 665 0.09 19.32 -28.91
N LEU A 666 0.84 19.07 -29.98
CA LEU A 666 0.24 18.99 -31.31
C LEU A 666 -0.74 17.84 -31.37
N VAL A 667 -0.27 16.64 -31.01
CA VAL A 667 -1.13 15.45 -31.06
C VAL A 667 -2.30 15.64 -30.11
N HIS A 668 -2.10 16.39 -29.02
CA HIS A 668 -3.15 16.61 -28.05
C HIS A 668 -4.29 17.42 -28.66
N HIS A 669 -3.94 18.50 -29.36
CA HIS A 669 -4.98 19.46 -29.76
C HIS A 669 -5.76 18.99 -30.98
N SER A 670 -5.14 19.00 -32.17
CA SER A 670 -5.87 18.56 -33.35
C SER A 670 -5.03 17.91 -34.44
N PHE A 671 -3.77 17.54 -34.18
CA PHE A 671 -2.81 17.23 -35.25
C PHE A 671 -3.32 16.14 -36.18
N ASP A 672 -3.81 15.03 -35.61
CA ASP A 672 -4.35 13.94 -36.43
C ASP A 672 -5.49 14.42 -37.30
N LEU A 673 -6.39 15.24 -36.74
CA LEU A 673 -7.60 15.66 -37.44
C LEU A 673 -7.29 16.36 -38.75
N VAL A 674 -6.12 16.99 -38.86
CA VAL A 674 -5.72 17.66 -40.09
C VAL A 674 -4.79 16.80 -40.92
N ILE A 675 -3.88 16.02 -40.30
CA ILE A 675 -2.95 15.20 -41.07
C ILE A 675 -3.70 14.15 -41.88
N PHE A 676 -4.61 13.42 -41.22
CA PHE A 676 -5.36 12.38 -41.92
C PHE A 676 -6.23 12.98 -43.02
N HIS A 677 -6.92 14.08 -42.72
CA HIS A 677 -7.76 14.73 -43.73
C HIS A 677 -6.96 15.23 -44.92
N GLN A 678 -5.71 15.65 -44.70
CA GLN A 678 -4.94 16.20 -45.80
C GLN A 678 -4.32 15.09 -46.66
N MET A 679 -3.86 14.01 -46.03
CA MET A 679 -3.18 12.97 -46.80
C MET A 679 -4.13 11.88 -47.30
N SER A 680 -5.36 11.82 -46.82
CA SER A 680 -6.34 10.92 -47.41
C SER A 680 -7.13 11.54 -48.54
N SER A 681 -7.10 12.87 -48.66
CA SER A 681 -7.84 13.59 -49.70
C SER A 681 -7.12 13.53 -51.05
N ASN A 682 -6.92 12.30 -51.53
CA ASN A 682 -6.21 12.01 -52.78
C ASN A 682 -4.88 12.74 -52.86
N ILE A 683 -4.07 12.57 -51.81
CA ILE A 683 -2.75 13.20 -51.75
C ILE A 683 -1.87 12.72 -52.89
N MET A 684 -1.99 11.45 -53.27
CA MET A 684 -1.27 10.92 -54.42
C MET A 684 -1.97 11.38 -55.71
N GLU A 685 -1.49 10.87 -56.85
CA GLU A 685 -1.98 11.24 -58.19
C GLU A 685 -1.85 12.73 -58.47
N GLN A 686 -0.95 13.41 -57.77
CA GLN A 686 -0.69 14.83 -57.96
C GLN A 686 0.80 15.07 -57.81
N LYS A 687 1.34 15.98 -58.62
CA LYS A 687 2.77 16.27 -58.63
C LYS A 687 3.16 17.12 -57.41
N ASP A 688 2.92 16.55 -56.24
CA ASP A 688 3.20 17.16 -54.95
C ASP A 688 4.29 16.40 -54.21
N GLN A 689 5.35 16.03 -54.94
CA GLN A 689 6.43 15.22 -54.37
C GLN A 689 7.08 15.91 -53.17
N GLN A 690 7.40 17.20 -53.30
CA GLN A 690 7.95 17.94 -52.17
C GLN A 690 6.96 18.05 -51.03
N PHE A 691 5.67 18.22 -51.36
CA PHE A 691 4.63 18.27 -50.34
C PHE A 691 4.59 16.97 -49.53
N LEU A 692 4.52 15.83 -50.23
CA LEU A 692 4.53 14.55 -49.52
C LEU A 692 5.84 14.34 -48.77
N ASN A 693 6.95 14.87 -49.30
CA ASN A 693 8.23 14.71 -48.62
C ASN A 693 8.24 15.42 -47.28
N LEU A 694 7.90 16.71 -47.27
CA LEU A 694 7.83 17.45 -46.02
C LEU A 694 6.79 16.85 -45.08
N CYS A 695 5.67 16.35 -45.63
CA CYS A 695 4.63 15.76 -44.80
C CYS A 695 5.13 14.51 -44.09
N CYS A 696 5.77 13.61 -44.84
CA CYS A 696 6.33 12.41 -44.24
C CYS A 696 7.47 12.74 -43.29
N LYS A 697 8.20 13.83 -43.55
CA LYS A 697 9.19 14.29 -42.57
C LYS A 697 8.53 14.66 -41.25
N CYS A 698 7.41 15.39 -41.31
CA CYS A 698 6.68 15.72 -40.09
C CYS A 698 6.11 14.47 -39.42
N PHE A 699 5.65 13.51 -40.23
CA PHE A 699 5.24 12.20 -39.74
C PHE A 699 6.34 11.56 -38.92
N ALA A 700 7.51 11.34 -39.54
CA ALA A 700 8.64 10.71 -38.86
C ALA A 700 9.06 11.49 -37.63
N LYS A 701 8.95 12.82 -37.68
CA LYS A 701 9.28 13.67 -36.54
C LYS A 701 8.36 13.41 -35.35
N VAL A 702 7.06 13.30 -35.61
CA VAL A 702 6.12 13.00 -34.51
C VAL A 702 6.03 11.51 -34.23
N ALA A 703 6.66 10.66 -35.05
CA ALA A 703 6.68 9.23 -34.83
C ALA A 703 7.39 8.83 -33.55
N MET A 704 8.21 9.70 -32.97
CA MET A 704 8.80 9.38 -31.67
C MET A 704 7.71 9.37 -30.60
N ASP A 705 8.09 8.93 -29.39
CA ASP A 705 7.19 8.82 -28.24
C ASP A 705 6.01 7.88 -28.58
N ASP A 706 6.36 6.59 -28.72
CA ASP A 706 5.45 5.54 -29.16
C ASP A 706 4.09 5.58 -28.46
N TYR A 707 4.01 6.12 -27.26
CA TYR A 707 2.71 6.39 -26.64
C TYR A 707 1.85 7.27 -27.54
N LEU A 708 2.43 8.34 -28.08
CA LEU A 708 1.70 9.16 -29.05
C LEU A 708 1.35 8.38 -30.30
N LYS A 709 2.17 7.38 -30.67
CA LYS A 709 1.81 6.52 -31.79
C LYS A 709 0.56 5.71 -31.49
N ASN A 710 0.46 5.17 -30.28
CA ASN A 710 -0.75 4.47 -29.87
C ASN A 710 -1.95 5.41 -29.86
N VAL A 711 -1.75 6.66 -29.43
CA VAL A 711 -2.84 7.64 -29.47
C VAL A 711 -3.29 7.89 -30.91
N MET A 712 -2.32 8.09 -31.81
CA MET A 712 -2.64 8.32 -33.22
C MET A 712 -3.37 7.12 -33.80
N LEU A 713 -2.98 5.91 -33.42
CA LEU A 713 -3.66 4.70 -33.88
C LEU A 713 -5.10 4.68 -33.39
N GLU A 714 -5.31 4.96 -32.10
CA GLU A 714 -6.66 4.94 -31.54
C GLU A 714 -7.54 5.98 -32.21
N ARG A 715 -7.00 7.17 -32.49
CA ARG A 715 -7.81 8.20 -33.13
C ARG A 715 -8.08 7.87 -34.59
N ALA A 716 -7.10 7.27 -35.28
CA ALA A 716 -7.32 6.86 -36.66
C ALA A 716 -8.32 5.72 -36.75
N CYS A 717 -8.42 4.89 -35.71
CA CYS A 717 -9.42 3.84 -35.68
C CYS A 717 -10.80 4.38 -35.31
N ASP A 718 -10.86 5.39 -34.44
CA ASP A 718 -12.12 6.06 -34.14
C ASP A 718 -12.78 6.60 -35.40
N GLN A 719 -12.01 7.28 -36.23
CA GLN A 719 -12.46 7.62 -37.57
C GLN A 719 -12.45 6.38 -38.45
N ASN A 720 -13.32 6.38 -39.46
CA ASN A 720 -13.32 5.27 -40.42
C ASN A 720 -12.32 5.54 -41.55
N ASN A 721 -11.06 5.69 -41.13
CA ASN A 721 -9.96 5.99 -42.04
C ASN A 721 -9.03 4.78 -42.04
N SER A 722 -9.32 3.82 -42.91
CA SER A 722 -8.55 2.58 -42.97
C SER A 722 -7.29 2.69 -43.81
N ILE A 723 -6.99 3.87 -44.36
CA ILE A 723 -5.85 4.00 -45.25
C ILE A 723 -4.54 4.09 -44.45
N MET A 724 -4.55 4.69 -43.28
CA MET A 724 -3.33 4.91 -42.51
C MET A 724 -3.23 4.09 -41.25
N VAL A 725 -4.26 3.31 -40.89
CA VAL A 725 -4.09 2.34 -39.82
C VAL A 725 -3.00 1.33 -40.18
N GLU A 726 -2.94 0.95 -41.46
CA GLU A 726 -1.89 0.06 -41.93
C GLU A 726 -0.53 0.74 -41.84
N CYS A 727 -0.46 2.03 -42.17
CA CYS A 727 0.79 2.77 -42.04
C CYS A 727 1.26 2.82 -40.59
N LEU A 728 0.33 3.14 -39.67
CA LEU A 728 0.67 3.18 -38.25
C LEU A 728 1.14 1.83 -37.75
N LEU A 729 0.50 0.74 -38.21
CA LEU A 729 0.93 -0.60 -37.82
C LEU A 729 2.32 -0.92 -38.36
N LEU A 730 2.59 -0.56 -39.62
CA LEU A 730 3.89 -0.84 -40.22
C LEU A 730 5.01 -0.11 -39.48
N LEU A 731 4.75 1.11 -39.01
CA LEU A 731 5.73 1.80 -38.18
C LEU A 731 5.88 1.17 -36.81
N GLY A 732 4.96 0.29 -36.42
CA GLY A 732 5.00 -0.35 -35.12
C GLY A 732 4.02 0.26 -34.15
N ALA A 733 2.88 -0.39 -33.96
CA ALA A 733 1.83 0.13 -33.10
C ALA A 733 1.20 -1.01 -32.32
N ASP A 734 0.91 -0.77 -31.05
CA ASP A 734 0.36 -1.80 -30.17
C ASP A 734 -1.15 -1.84 -30.38
N ALA A 735 -1.62 -2.83 -31.14
CA ALA A 735 -3.05 -3.01 -31.35
C ALA A 735 -3.78 -3.40 -30.07
N ASN A 736 -3.06 -3.86 -29.05
CA ASN A 736 -3.61 -4.18 -27.74
C ASN A 736 -3.34 -3.06 -26.74
N GLN A 737 -3.39 -1.81 -27.21
CA GLN A 737 -3.02 -0.66 -26.36
C GLN A 737 -3.89 -0.57 -25.12
N ALA A 738 -5.18 -0.87 -25.24
CA ALA A 738 -6.07 -0.81 -24.09
C ALA A 738 -6.85 -2.11 -23.94
N SER A 742 -11.03 -2.81 -22.31
CA SER A 742 -11.58 -2.61 -23.65
C SER A 742 -10.47 -2.34 -24.65
N SER A 743 -10.12 -3.35 -25.45
CA SER A 743 -9.08 -3.21 -26.44
C SER A 743 -9.55 -2.33 -27.60
N LEU A 744 -8.69 -2.17 -28.60
CA LEU A 744 -9.06 -1.39 -29.77
C LEU A 744 -10.10 -2.13 -30.62
N ILE A 745 -9.93 -3.45 -30.78
CA ILE A 745 -10.75 -4.22 -31.69
C ILE A 745 -12.22 -4.22 -31.28
N CYS A 746 -12.49 -4.31 -29.97
CA CYS A 746 -13.88 -4.27 -29.52
C CYS A 746 -14.51 -2.91 -29.81
N GLN A 747 -13.73 -1.84 -29.67
CA GLN A 747 -14.22 -0.51 -30.03
C GLN A 747 -14.52 -0.43 -31.52
N VAL A 748 -13.66 -1.02 -32.36
CA VAL A 748 -13.86 -0.96 -33.80
C VAL A 748 -15.13 -1.72 -34.20
N CYS A 749 -15.34 -2.91 -33.65
CA CYS A 749 -16.53 -3.65 -34.04
C CYS A 749 -17.79 -3.11 -33.37
N GLU A 750 -17.64 -2.33 -32.30
CA GLU A 750 -18.81 -1.72 -31.66
C GLU A 750 -19.47 -0.70 -32.58
N LYS A 751 -18.68 0.12 -33.26
CA LYS A 751 -19.19 1.07 -34.23
C LYS A 751 -19.22 0.43 -35.62
N GLU A 752 -20.06 0.99 -36.48
CA GLU A 752 -20.16 0.50 -37.86
C GLU A 752 -18.86 0.79 -38.58
N SER A 753 -18.06 -0.25 -38.79
CA SER A 753 -16.70 -0.12 -39.31
C SER A 753 -16.57 -0.83 -40.65
N SER A 754 -15.41 -0.68 -41.26
CA SER A 754 -15.13 -1.20 -42.58
C SER A 754 -14.31 -2.48 -42.50
N PRO A 755 -14.55 -3.41 -43.43
CA PRO A 755 -13.80 -4.69 -43.40
C PRO A 755 -12.29 -4.52 -43.48
N LYS A 756 -11.81 -3.56 -44.26
CA LYS A 756 -10.36 -3.37 -44.40
C LYS A 756 -9.71 -3.04 -43.06
N LEU A 757 -10.39 -2.24 -42.24
CA LEU A 757 -9.83 -1.84 -40.95
C LEU A 757 -9.72 -3.03 -40.01
N VAL A 758 -10.82 -3.78 -39.84
CA VAL A 758 -10.80 -4.93 -38.95
C VAL A 758 -9.85 -6.00 -39.47
N GLU A 759 -9.70 -6.11 -40.79
CA GLU A 759 -8.76 -7.08 -41.36
C GLU A 759 -7.33 -6.70 -41.03
N LEU A 760 -6.97 -5.42 -41.25
CA LEU A 760 -5.64 -4.95 -40.90
C LEU A 760 -5.35 -5.11 -39.42
N LEU A 761 -6.37 -4.93 -38.57
CA LEU A 761 -6.18 -5.14 -37.14
C LEU A 761 -5.92 -6.60 -36.83
N LEU A 762 -6.75 -7.50 -37.36
CA LEU A 762 -6.60 -8.92 -37.06
C LEU A 762 -5.30 -9.50 -37.59
N ASN A 763 -4.81 -9.02 -38.75
CA ASN A 763 -3.53 -9.49 -39.26
C ASN A 763 -2.41 -9.20 -38.27
N SER A 764 -2.36 -7.98 -37.74
CA SER A 764 -1.42 -7.65 -36.68
C SER A 764 -1.83 -8.35 -35.38
N GLY A 765 -1.00 -8.19 -34.35
CA GLY A 765 -1.24 -8.86 -33.09
C GLY A 765 -2.58 -8.48 -32.48
N SER A 766 -3.21 -9.46 -31.82
CA SER A 766 -4.48 -9.25 -31.15
C SER A 766 -4.70 -10.38 -30.16
N ARG A 767 -4.99 -10.03 -28.92
CA ARG A 767 -5.26 -11.02 -27.87
C ARG A 767 -6.48 -11.85 -28.25
N GLU A 768 -6.35 -13.17 -28.11
CA GLU A 768 -7.43 -14.08 -28.51
C GLU A 768 -8.71 -13.82 -27.71
N GLN A 769 -8.56 -13.51 -26.41
CA GLN A 769 -9.74 -13.17 -25.61
C GLN A 769 -10.37 -11.87 -26.09
N ASP A 770 -9.55 -10.91 -26.52
CA ASP A 770 -10.08 -9.67 -27.07
C ASP A 770 -10.85 -9.94 -28.36
N VAL A 771 -10.29 -10.76 -29.25
CA VAL A 771 -10.99 -11.13 -30.47
C VAL A 771 -12.29 -11.87 -30.16
N ARG A 772 -12.28 -12.67 -29.10
CA ARG A 772 -13.49 -13.40 -28.69
C ARG A 772 -14.58 -12.43 -28.25
N LYS A 773 -14.25 -11.50 -27.36
CA LYS A 773 -15.21 -10.47 -26.95
C LYS A 773 -15.70 -9.67 -28.15
N ALA A 774 -14.79 -9.38 -29.09
CA ALA A 774 -15.17 -8.68 -30.31
C ALA A 774 -16.19 -9.48 -31.10
N LEU A 775 -16.01 -10.80 -31.17
CA LEU A 775 -16.96 -11.66 -31.87
C LEU A 775 -18.31 -11.63 -31.19
N THR A 776 -18.32 -11.67 -29.85
CA THR A 776 -19.59 -11.54 -29.10
C THR A 776 -20.30 -10.25 -29.46
N ILE A 777 -19.56 -9.13 -29.45
CA ILE A 777 -20.15 -7.83 -29.76
C ILE A 777 -20.71 -7.82 -31.16
N SER A 778 -19.92 -8.27 -32.14
CA SER A 778 -20.37 -8.27 -33.53
C SER A 778 -21.55 -9.21 -33.73
N ILE A 779 -21.65 -10.26 -32.92
CA ILE A 779 -22.84 -11.11 -32.96
C ILE A 779 -24.05 -10.35 -32.46
N GLY A 780 -23.87 -9.55 -31.41
CA GLY A 780 -24.97 -8.75 -30.88
C GLY A 780 -25.60 -7.84 -31.93
N LYS A 781 -24.78 -7.21 -32.75
CA LYS A 781 -25.24 -6.37 -33.87
C LYS A 781 -24.87 -7.08 -35.16
N GLY A 782 -25.76 -7.96 -35.62
CA GLY A 782 -25.50 -8.84 -36.76
C GLY A 782 -24.94 -8.19 -38.01
N ASP A 783 -23.74 -8.62 -38.39
CA ASP A 783 -23.07 -8.10 -39.59
C ASP A 783 -22.22 -9.25 -40.15
N SER A 784 -22.72 -9.90 -41.20
CA SER A 784 -22.10 -11.12 -41.71
C SER A 784 -20.65 -10.89 -42.15
N GLN A 785 -20.35 -9.69 -42.66
CA GLN A 785 -19.02 -9.41 -43.20
C GLN A 785 -17.96 -9.49 -42.11
N ILE A 786 -18.12 -8.70 -41.04
CA ILE A 786 -17.12 -8.67 -39.98
C ILE A 786 -17.12 -9.99 -39.21
N ILE A 787 -18.28 -10.65 -39.13
CA ILE A 787 -18.35 -11.96 -38.49
C ILE A 787 -17.45 -12.95 -39.23
N SER A 788 -17.56 -12.99 -40.56
CA SER A 788 -16.71 -13.87 -41.35
C SER A 788 -15.24 -13.46 -41.21
N LEU A 789 -14.96 -12.16 -41.22
CA LEU A 789 -13.58 -11.70 -41.08
C LEU A 789 -12.97 -12.14 -39.75
N LEU A 790 -13.78 -12.19 -38.69
CA LEU A 790 -13.28 -12.64 -37.39
C LEU A 790 -13.08 -14.14 -37.37
N LEU A 791 -14.10 -14.88 -37.83
CA LEU A 791 -14.02 -16.33 -37.86
C LEU A 791 -12.89 -16.83 -38.76
N ARG A 792 -12.48 -16.04 -39.76
CA ARG A 792 -11.37 -16.43 -40.61
C ARG A 792 -10.05 -16.55 -39.85
N ARG A 793 -9.98 -16.01 -38.64
CA ARG A 793 -8.83 -16.19 -37.77
C ARG A 793 -9.13 -17.05 -36.56
N LEU A 794 -10.29 -16.84 -35.92
CA LEU A 794 -10.58 -17.54 -34.67
C LEU A 794 -10.65 -19.05 -34.87
N ALA A 795 -11.39 -19.51 -35.88
CA ALA A 795 -11.72 -20.93 -35.99
C ALA A 795 -11.55 -21.43 -37.41
N LEU A 796 -10.42 -21.15 -38.03
CA LEU A 796 -10.12 -21.74 -39.33
C LEU A 796 -8.67 -22.18 -39.37
N ASP A 797 -8.45 -23.44 -39.77
CA ASP A 797 -7.12 -24.02 -39.92
C ASP A 797 -6.99 -24.48 -41.37
N VAL A 798 -6.31 -23.67 -42.19
CA VAL A 798 -6.19 -23.99 -43.61
C VAL A 798 -5.42 -25.30 -43.81
N ALA A 799 -4.54 -25.65 -42.89
CA ALA A 799 -3.76 -26.87 -43.01
C ALA A 799 -4.67 -28.10 -42.92
N ASN A 800 -5.39 -28.24 -41.80
CA ASN A 800 -6.26 -29.39 -41.58
C ASN A 800 -7.51 -29.37 -42.45
N ASN A 801 -7.77 -28.29 -43.19
CA ASN A 801 -8.98 -28.13 -43.99
C ASN A 801 -10.23 -28.25 -43.13
N SER A 802 -10.18 -27.66 -41.94
CA SER A 802 -11.22 -27.83 -40.93
C SER A 802 -11.65 -26.49 -40.36
N ILE A 803 -12.87 -26.48 -39.81
CA ILE A 803 -13.41 -25.37 -39.06
C ILE A 803 -13.56 -25.83 -37.62
N CYS A 804 -13.15 -24.98 -36.68
CA CYS A 804 -13.09 -25.38 -35.28
C CYS A 804 -13.92 -24.50 -34.36
N LEU A 805 -15.18 -24.25 -34.72
CA LEU A 805 -16.07 -23.41 -33.93
C LEU A 805 -16.60 -24.14 -32.69
N GLY A 806 -15.68 -24.51 -31.80
CA GLY A 806 -16.06 -25.28 -30.64
C GLY A 806 -16.13 -24.48 -29.36
N GLY A 807 -17.35 -24.27 -28.85
CA GLY A 807 -17.54 -23.61 -27.59
C GLY A 807 -17.55 -22.10 -27.61
N PHE A 808 -17.83 -21.49 -28.77
CA PHE A 808 -17.92 -20.04 -28.85
C PHE A 808 -19.29 -19.50 -28.47
N CYS A 809 -20.22 -20.38 -28.06
CA CYS A 809 -21.56 -19.99 -27.59
C CYS A 809 -22.30 -19.12 -28.60
N ILE A 810 -22.00 -19.32 -29.87
CA ILE A 810 -22.68 -18.60 -30.95
C ILE A 810 -24.11 -19.13 -31.01
N GLY A 811 -25.07 -18.31 -30.56
CA GLY A 811 -26.44 -18.76 -30.37
C GLY A 811 -27.15 -19.32 -31.59
N LYS A 812 -26.55 -19.20 -32.78
CA LYS A 812 -27.21 -19.61 -34.01
C LYS A 812 -26.11 -19.89 -35.04
N VAL A 813 -26.53 -20.16 -36.28
CA VAL A 813 -25.64 -20.34 -37.41
C VAL A 813 -26.27 -19.68 -38.62
N GLU A 814 -25.45 -19.09 -39.48
CA GLU A 814 -25.90 -18.48 -40.72
C GLU A 814 -24.98 -18.92 -41.85
N PRO A 815 -25.53 -19.41 -42.97
CA PRO A 815 -24.67 -19.85 -44.08
C PRO A 815 -23.79 -18.74 -44.64
N SER A 816 -24.24 -17.48 -44.56
CA SER A 816 -23.42 -16.37 -45.02
C SER A 816 -22.17 -16.20 -44.16
N TRP A 817 -22.27 -16.50 -42.87
CA TRP A 817 -21.11 -16.35 -41.98
C TRP A 817 -19.99 -17.30 -42.38
N LEU A 818 -20.34 -18.55 -42.64
CA LEU A 818 -19.36 -19.55 -43.06
C LEU A 818 -19.06 -19.48 -44.55
N GLY A 819 -19.68 -18.56 -45.29
CA GLY A 819 -19.50 -18.41 -46.71
C GLY A 819 -18.05 -18.22 -47.11
N PRO A 820 -17.45 -17.10 -46.71
CA PRO A 820 -16.04 -16.85 -47.05
C PRO A 820 -15.06 -17.73 -46.29
N LEU A 821 -15.52 -18.69 -45.49
CA LEU A 821 -14.64 -19.62 -44.81
C LEU A 821 -14.26 -20.81 -45.68
N PHE A 822 -15.14 -21.19 -46.60
CA PHE A 822 -14.87 -22.27 -47.53
C PHE A 822 -13.93 -21.76 -48.63
N PRO A 823 -13.18 -22.67 -49.31
CA PRO A 823 -12.10 -22.22 -50.20
C PRO A 823 -12.53 -21.25 -51.30
N ASP A 824 -13.50 -21.64 -52.13
CA ASP A 824 -13.99 -20.82 -53.24
C ASP A 824 -12.84 -20.40 -54.17
N LYS A 825 -12.27 -21.42 -54.81
CA LYS A 825 -11.10 -21.24 -55.68
C LYS A 825 -11.26 -20.16 -56.75
N THR A 826 -12.49 -19.77 -57.08
CA THR A 826 -12.71 -18.66 -58.01
C THR A 826 -12.10 -17.38 -57.49
N SER A 827 -12.04 -17.21 -56.17
CA SER A 827 -11.38 -16.05 -55.57
C SER A 827 -9.88 -16.11 -55.81
N ASN A 828 -9.25 -14.94 -55.82
CA ASN A 828 -7.82 -14.83 -56.05
C ASN A 828 -7.28 -13.70 -55.19
N LEU A 829 -6.00 -13.39 -55.36
CA LEU A 829 -5.32 -12.33 -54.61
C LEU A 829 -4.88 -11.25 -55.57
N ARG A 830 -5.22 -10.00 -55.25
CA ARG A 830 -4.84 -8.86 -56.07
C ARG A 830 -4.49 -7.69 -55.17
N LYS A 831 -3.32 -7.08 -55.41
CA LYS A 831 -2.88 -5.93 -54.64
C LYS A 831 -3.71 -4.70 -55.02
N GLN A 832 -4.79 -4.45 -54.26
CA GLN A 832 -5.68 -3.34 -54.57
C GLN A 832 -4.96 -2.00 -54.49
N THR A 833 -4.07 -1.84 -53.52
CA THR A 833 -3.31 -0.60 -53.39
C THR A 833 -2.04 -0.89 -52.60
N ASN A 834 -1.08 0.03 -52.74
CA ASN A 834 0.18 -0.05 -52.00
C ASN A 834 0.61 1.29 -51.43
N ILE A 835 -0.24 2.33 -51.53
CA ILE A 835 0.13 3.67 -51.10
C ILE A 835 0.49 3.69 -49.61
N ALA A 836 -0.21 2.89 -48.80
CA ALA A 836 0.10 2.82 -47.37
C ALA A 836 1.50 2.26 -47.14
N SER A 837 1.88 1.21 -47.88
CA SER A 837 3.20 0.64 -47.74
C SER A 837 4.28 1.62 -48.16
N THR A 838 4.07 2.32 -49.28
CA THR A 838 5.03 3.33 -49.73
C THR A 838 5.18 4.44 -48.71
N LEU A 839 4.05 4.94 -48.18
CA LEU A 839 4.06 5.93 -47.11
C LEU A 839 4.92 5.46 -45.95
N ALA A 840 4.56 4.31 -45.36
CA ALA A 840 5.30 3.78 -44.21
C ALA A 840 6.79 3.66 -44.52
N ARG A 841 7.13 3.13 -45.70
CA ARG A 841 8.53 2.99 -46.10
C ARG A 841 9.24 4.34 -46.12
N MET A 842 8.57 5.37 -46.63
CA MET A 842 9.23 6.66 -46.78
C MET A 842 9.32 7.40 -45.46
N VAL A 843 8.34 7.21 -44.57
CA VAL A 843 8.47 7.80 -43.25
C VAL A 843 9.54 7.09 -42.45
N ILE A 844 9.70 5.77 -42.65
CA ILE A 844 10.78 5.04 -42.01
C ILE A 844 12.13 5.54 -42.51
N ARG A 845 12.23 5.80 -43.81
CA ARG A 845 13.45 6.36 -44.38
C ARG A 845 13.75 7.75 -43.82
N TYR A 846 12.72 8.59 -43.71
CA TYR A 846 12.92 9.94 -43.17
C TYR A 846 13.32 9.88 -41.70
N GLN A 847 12.75 8.95 -40.94
CA GLN A 847 13.14 8.78 -39.54
C GLN A 847 14.57 8.30 -39.42
N MET A 848 14.99 7.37 -40.28
CA MET A 848 16.38 6.91 -40.27
C MET A 848 17.33 8.04 -40.64
N LYS A 849 16.95 8.87 -41.61
CA LYS A 849 17.80 10.00 -42.00
C LYS A 849 17.88 11.05 -40.91
N SER A 850 16.78 11.25 -40.16
CA SER A 850 16.82 12.21 -39.06
C SER A 850 17.62 11.68 -37.89
N ALA A 851 17.56 10.37 -37.64
CA ALA A 851 18.38 9.77 -36.60
C ALA A 851 19.86 9.82 -36.97
N VAL A 852 20.17 9.61 -38.26
CA VAL A 852 21.56 9.73 -38.71
C VAL A 852 22.02 11.17 -38.63
N GLU A 853 21.15 12.12 -38.99
CA GLU A 853 21.49 13.54 -38.91
C GLU A 853 21.15 14.11 -37.54
N ARG A 981 -9.13 -27.56 -55.66
CA ARG A 981 -9.45 -28.63 -54.73
C ARG A 981 -9.22 -28.20 -53.29
N GLU A 982 -8.90 -29.17 -52.44
CA GLU A 982 -8.63 -28.96 -51.01
C GLU A 982 -9.82 -28.31 -50.31
N TYR A 983 -10.97 -28.99 -50.41
CA TYR A 983 -12.18 -28.52 -49.75
C TYR A 983 -12.05 -28.59 -48.24
N ILE A 984 -13.02 -28.02 -47.54
CA ILE A 984 -13.10 -28.10 -46.09
C ILE A 984 -13.79 -29.40 -45.73
N THR A 985 -13.02 -30.37 -45.25
CA THR A 985 -13.53 -31.71 -44.94
C THR A 985 -13.77 -31.93 -43.46
N SER A 986 -14.10 -30.88 -42.72
CA SER A 986 -14.44 -30.98 -41.31
C SER A 986 -15.10 -29.68 -40.86
N LEU A 987 -16.13 -29.80 -40.02
CA LEU A 987 -16.85 -28.62 -39.55
C LEU A 987 -17.35 -28.93 -38.14
N ASP A 988 -16.73 -28.30 -37.15
CA ASP A 988 -17.04 -28.55 -35.76
C ASP A 988 -17.94 -27.44 -35.24
N LEU A 989 -19.09 -27.81 -34.70
CA LEU A 989 -20.05 -26.86 -34.13
C LEU A 989 -20.48 -27.32 -32.75
N SER A 990 -19.51 -27.72 -31.93
CA SER A 990 -19.80 -28.29 -30.62
C SER A 990 -19.86 -27.22 -29.55
N ALA A 991 -20.79 -27.41 -28.60
CA ALA A 991 -20.94 -26.56 -27.43
C ALA A 991 -21.22 -25.10 -27.80
N ASN A 992 -21.96 -24.90 -28.89
CA ASN A 992 -22.32 -23.56 -29.35
C ASN A 992 -23.68 -23.11 -28.83
N GLU A 993 -24.36 -23.93 -28.03
CA GLU A 993 -25.69 -23.62 -27.51
C GLU A 993 -26.66 -23.27 -28.63
N LEU A 994 -26.58 -24.00 -29.74
CA LEU A 994 -27.53 -23.82 -30.83
C LEU A 994 -28.94 -24.22 -30.38
N ARG A 995 -29.92 -23.92 -31.23
CA ARG A 995 -31.30 -24.29 -30.96
C ARG A 995 -31.97 -24.97 -32.14
N ASP A 996 -31.49 -24.68 -33.34
CA ASP A 996 -32.04 -25.25 -34.57
C ASP A 996 -31.10 -24.97 -35.72
N ILE A 997 -30.82 -26.01 -36.51
CA ILE A 997 -29.84 -25.90 -37.59
C ILE A 997 -30.62 -26.10 -38.89
N ASP A 998 -31.44 -25.11 -39.22
CA ASP A 998 -32.17 -25.08 -40.47
C ASP A 998 -31.75 -23.91 -41.35
N ALA A 999 -31.08 -22.90 -40.79
CA ALA A 999 -30.54 -21.84 -41.62
C ALA A 999 -29.49 -22.39 -42.57
N LEU A 1000 -28.67 -23.32 -42.07
CA LEU A 1000 -27.72 -24.02 -42.92
C LEU A 1000 -28.48 -24.83 -43.96
N SER A 1001 -27.85 -25.02 -45.12
CA SER A 1001 -28.45 -25.63 -46.31
C SER A 1001 -29.47 -24.65 -46.85
N GLN A 1002 -30.69 -25.13 -47.16
CA GLN A 1002 -31.73 -24.32 -47.81
C GLN A 1002 -31.23 -23.74 -49.14
N LYS A 1003 -30.35 -24.48 -49.81
CA LYS A 1003 -29.81 -24.12 -51.12
C LYS A 1003 -29.08 -22.79 -51.10
N CYS A 1004 -28.35 -22.53 -50.02
CA CYS A 1004 -27.67 -21.25 -49.81
C CYS A 1004 -26.32 -21.30 -50.54
N CYS A 1005 -25.47 -20.31 -50.31
CA CYS A 1005 -24.13 -20.37 -50.91
C CYS A 1005 -23.36 -21.56 -50.37
N ILE A 1006 -23.50 -21.84 -49.07
CA ILE A 1006 -22.75 -22.90 -48.41
C ILE A 1006 -23.16 -24.27 -48.94
N SER A 1007 -24.33 -24.35 -49.60
CA SER A 1007 -24.93 -25.62 -49.97
C SER A 1007 -24.05 -26.44 -50.91
N VAL A 1008 -23.27 -25.78 -51.78
CA VAL A 1008 -22.40 -26.56 -52.64
C VAL A 1008 -21.03 -26.79 -52.01
N HIS A 1009 -20.75 -26.20 -50.86
CA HIS A 1009 -19.51 -26.45 -50.14
C HIS A 1009 -19.72 -27.41 -48.98
N LEU A 1010 -20.86 -28.11 -48.96
CA LEU A 1010 -21.13 -29.13 -47.97
C LEU A 1010 -21.07 -30.54 -48.53
N GLU A 1011 -21.27 -30.69 -49.84
CA GLU A 1011 -21.20 -32.01 -50.48
C GLU A 1011 -19.84 -32.67 -50.27
N HIS A 1012 -18.79 -31.90 -50.00
CA HIS A 1012 -17.47 -32.44 -49.79
C HIS A 1012 -17.12 -32.62 -48.32
N LEU A 1013 -18.06 -32.33 -47.42
CA LEU A 1013 -17.79 -32.44 -46.00
C LEU A 1013 -17.65 -33.90 -45.59
N GLU A 1014 -16.64 -34.20 -44.79
CA GLU A 1014 -16.39 -35.58 -44.37
C GLU A 1014 -16.52 -35.80 -42.87
N LYS A 1015 -16.90 -34.76 -42.11
CA LYS A 1015 -17.09 -34.88 -40.67
C LYS A 1015 -17.84 -33.65 -40.16
N LEU A 1016 -18.89 -33.87 -39.38
CA LEU A 1016 -19.74 -32.77 -38.89
C LEU A 1016 -20.09 -33.06 -37.44
N GLU A 1017 -19.29 -32.53 -36.52
CA GLU A 1017 -19.53 -32.73 -35.10
C GLU A 1017 -20.58 -31.73 -34.63
N LEU A 1018 -21.56 -32.21 -33.88
CA LEU A 1018 -22.62 -31.34 -33.38
C LEU A 1018 -22.98 -31.64 -31.93
N HIS A 1019 -22.00 -32.04 -31.13
CA HIS A 1019 -22.29 -32.50 -29.79
C HIS A 1019 -22.37 -31.34 -28.80
N GLN A 1020 -23.02 -31.61 -27.67
CA GLN A 1020 -23.21 -30.70 -26.54
C GLN A 1020 -24.07 -29.47 -26.87
N ASN A 1021 -24.60 -29.40 -28.09
CA ASN A 1021 -25.52 -28.32 -28.45
C ASN A 1021 -26.92 -28.65 -27.95
N ALA A 1022 -27.92 -27.89 -28.39
CA ALA A 1022 -29.32 -28.14 -28.05
C ALA A 1022 -30.13 -28.18 -29.34
N LEU A 1023 -30.16 -29.34 -29.98
CA LEU A 1023 -30.96 -29.54 -31.18
C LEU A 1023 -32.24 -30.26 -30.82
N THR A 1024 -33.17 -30.34 -31.76
CA THR A 1024 -34.35 -31.18 -31.57
C THR A 1024 -34.63 -32.04 -32.80
N SER A 1025 -34.21 -31.58 -33.97
CA SER A 1025 -34.44 -32.34 -35.19
C SER A 1025 -33.35 -32.03 -36.19
N PHE A 1026 -33.29 -32.85 -37.24
CA PHE A 1026 -32.26 -32.75 -38.27
C PHE A 1026 -32.98 -32.64 -39.62
N PRO A 1027 -32.80 -31.55 -40.35
CA PRO A 1027 -33.55 -31.37 -41.60
C PRO A 1027 -33.12 -32.36 -42.66
N GLN A 1028 -34.11 -32.87 -43.41
CA GLN A 1028 -33.81 -33.89 -44.40
C GLN A 1028 -32.99 -33.32 -45.57
N GLN A 1029 -33.34 -32.10 -46.01
CA GLN A 1029 -32.59 -31.45 -47.07
C GLN A 1029 -31.12 -31.32 -46.72
N LEU A 1030 -30.81 -31.12 -45.43
CA LEU A 1030 -29.42 -31.12 -44.99
C LEU A 1030 -28.78 -32.49 -45.21
N CYS A 1031 -29.53 -33.57 -44.97
CA CYS A 1031 -28.99 -34.90 -45.18
C CYS A 1031 -28.69 -35.16 -46.65
N GLU A 1032 -29.68 -34.94 -47.52
CA GLU A 1032 -29.46 -35.18 -48.94
C GLU A 1032 -28.41 -34.24 -49.54
N THR A 1033 -28.18 -33.08 -48.93
CA THR A 1033 -27.10 -32.22 -49.42
C THR A 1033 -25.74 -32.76 -48.97
N LEU A 1034 -25.64 -33.23 -47.74
CA LEU A 1034 -24.40 -33.76 -47.18
C LEU A 1034 -24.16 -35.15 -47.76
N LYS A 1035 -23.54 -35.20 -48.94
CA LYS A 1035 -23.38 -36.43 -49.69
C LYS A 1035 -21.99 -37.05 -49.53
N SER A 1036 -21.21 -36.61 -48.54
CA SER A 1036 -19.94 -37.29 -48.27
C SER A 1036 -19.64 -37.42 -46.78
N LEU A 1037 -20.65 -37.28 -45.91
CA LEU A 1037 -20.40 -37.43 -44.48
C LEU A 1037 -20.02 -38.87 -44.16
N THR A 1038 -19.09 -39.02 -43.23
CA THR A 1038 -18.77 -40.32 -42.63
C THR A 1038 -18.94 -40.34 -41.12
N HIS A 1039 -18.64 -39.24 -40.44
CA HIS A 1039 -18.81 -39.13 -39.00
C HIS A 1039 -19.85 -38.06 -38.72
N LEU A 1040 -20.88 -38.43 -37.96
CA LEU A 1040 -21.94 -37.52 -37.58
C LEU A 1040 -22.18 -37.67 -36.08
N ASP A 1041 -21.87 -36.64 -35.32
CA ASP A 1041 -21.92 -36.68 -33.87
C ASP A 1041 -23.08 -35.80 -33.41
N LEU A 1042 -24.04 -36.39 -32.70
CA LEU A 1042 -25.18 -35.67 -32.18
C LEU A 1042 -25.36 -35.89 -30.68
N HIS A 1043 -24.33 -36.41 -30.01
CA HIS A 1043 -24.49 -36.78 -28.61
C HIS A 1043 -24.61 -35.55 -27.74
N SER A 1044 -25.30 -35.71 -26.60
CA SER A 1044 -25.59 -34.70 -25.60
C SER A 1044 -26.52 -33.60 -26.11
N ASN A 1045 -27.16 -33.79 -27.25
CA ASN A 1045 -28.23 -32.92 -27.70
C ASN A 1045 -29.53 -33.29 -26.97
N LYS A 1046 -30.65 -32.73 -27.42
CA LYS A 1046 -31.96 -33.09 -26.88
C LYS A 1046 -32.83 -33.58 -28.03
N PHE A 1047 -32.66 -34.84 -28.40
CA PHE A 1047 -33.50 -35.48 -29.40
C PHE A 1047 -34.59 -36.28 -28.71
N THR A 1048 -35.75 -36.39 -29.35
CA THR A 1048 -36.88 -37.10 -28.77
C THR A 1048 -37.26 -38.36 -29.53
N SER A 1049 -36.97 -38.42 -30.83
CA SER A 1049 -37.22 -39.62 -31.61
C SER A 1049 -36.20 -39.67 -32.73
N PHE A 1050 -35.76 -40.88 -33.05
CA PHE A 1050 -34.73 -41.07 -34.06
C PHE A 1050 -35.27 -40.71 -35.44
N PRO A 1051 -34.65 -39.79 -36.16
CA PRO A 1051 -35.03 -39.56 -37.57
C PRO A 1051 -34.52 -40.72 -38.42
N SER A 1052 -35.45 -41.43 -39.06
CA SER A 1052 -35.10 -42.62 -39.82
C SER A 1052 -34.23 -42.29 -41.02
N TYR A 1053 -34.46 -41.13 -41.64
CA TYR A 1053 -33.77 -40.72 -42.86
C TYR A 1053 -32.31 -40.35 -42.64
N LEU A 1054 -31.81 -40.32 -41.40
CA LEU A 1054 -30.39 -40.09 -41.17
C LEU A 1054 -29.52 -41.17 -41.82
N LEU A 1055 -30.08 -42.35 -42.07
CA LEU A 1055 -29.39 -43.45 -42.72
C LEU A 1055 -29.48 -43.39 -44.25
N LYS A 1056 -30.20 -42.41 -44.79
CA LYS A 1056 -30.26 -42.24 -46.24
C LYS A 1056 -28.98 -41.69 -46.83
N MET A 1057 -28.11 -41.09 -46.01
CA MET A 1057 -26.86 -40.51 -46.50
C MET A 1057 -26.03 -41.54 -47.24
N SER A 1058 -25.18 -41.05 -48.14
CA SER A 1058 -24.44 -41.95 -49.02
C SER A 1058 -23.39 -42.75 -48.24
N CYS A 1059 -22.57 -42.06 -47.45
CA CYS A 1059 -21.37 -42.70 -46.91
C CYS A 1059 -21.31 -42.61 -45.39
N ILE A 1060 -22.45 -42.53 -44.71
CA ILE A 1060 -22.44 -42.49 -43.25
C ILE A 1060 -21.83 -43.76 -42.70
N ALA A 1061 -20.83 -43.61 -41.83
CA ALA A 1061 -20.11 -44.77 -41.31
C ALA A 1061 -20.02 -44.76 -39.79
N ASN A 1062 -20.03 -43.57 -39.19
CA ASN A 1062 -19.97 -43.42 -37.73
C ASN A 1062 -21.10 -42.51 -37.30
N LEU A 1063 -22.27 -43.07 -37.04
CA LEU A 1063 -23.38 -42.32 -36.49
C LEU A 1063 -23.31 -42.39 -34.97
N ASP A 1064 -23.47 -41.25 -34.31
CA ASP A 1064 -23.36 -41.15 -32.86
C ASP A 1064 -24.56 -40.35 -32.37
N VAL A 1065 -25.55 -41.05 -31.85
CA VAL A 1065 -26.73 -40.44 -31.24
C VAL A 1065 -26.77 -40.94 -29.80
N SER A 1066 -26.14 -40.20 -28.90
CA SER A 1066 -26.02 -40.61 -27.51
C SER A 1066 -26.52 -39.52 -26.60
N ARG A 1067 -26.90 -39.91 -25.38
CA ARG A 1067 -27.24 -39.00 -24.28
C ARG A 1067 -28.43 -38.09 -24.59
N ASN A 1068 -29.10 -38.28 -25.72
CA ASN A 1068 -30.37 -37.60 -25.98
C ASN A 1068 -31.51 -38.40 -25.36
N ASP A 1069 -32.68 -37.76 -25.26
CA ASP A 1069 -33.84 -38.41 -24.67
C ASP A 1069 -34.69 -39.10 -25.73
N ILE A 1070 -34.11 -40.11 -26.37
CA ILE A 1070 -34.81 -40.88 -27.38
C ILE A 1070 -35.47 -42.08 -26.72
N GLY A 1071 -36.72 -42.34 -27.06
CA GLY A 1071 -37.43 -43.48 -26.51
C GLY A 1071 -38.85 -43.58 -27.03
N PRO A 1072 -39.51 -44.71 -26.74
CA PRO A 1072 -38.98 -45.88 -26.03
C PRO A 1072 -38.34 -46.89 -26.96
N SER A 1073 -38.69 -46.89 -28.24
CA SER A 1073 -38.13 -47.82 -29.20
C SER A 1073 -37.79 -47.10 -30.49
N VAL A 1074 -36.69 -47.49 -31.10
CA VAL A 1074 -36.26 -46.95 -32.38
C VAL A 1074 -36.55 -47.99 -33.45
N VAL A 1075 -37.52 -47.73 -34.31
CA VAL A 1075 -37.84 -48.62 -35.41
C VAL A 1075 -37.48 -47.93 -36.71
N LEU A 1076 -36.90 -48.68 -37.64
CA LEU A 1076 -36.45 -48.14 -38.90
C LEU A 1076 -37.32 -48.68 -40.03
N ASP A 1077 -37.34 -47.95 -41.13
CA ASP A 1077 -38.16 -48.36 -42.26
C ASP A 1077 -37.39 -49.36 -43.12
N PRO A 1078 -38.05 -50.43 -43.56
CA PRO A 1078 -37.33 -51.46 -44.33
C PRO A 1078 -36.89 -51.00 -45.71
N THR A 1079 -37.46 -49.91 -46.23
CA THR A 1079 -37.05 -49.39 -47.53
C THR A 1079 -35.75 -48.62 -47.49
N VAL A 1080 -35.17 -48.42 -46.31
CA VAL A 1080 -33.88 -47.75 -46.17
C VAL A 1080 -32.83 -48.84 -46.00
N LYS A 1081 -31.94 -48.95 -46.98
CA LYS A 1081 -30.84 -49.91 -46.94
C LYS A 1081 -29.54 -49.12 -46.84
N CYS A 1082 -28.88 -49.22 -45.67
CA CYS A 1082 -27.65 -48.48 -45.39
C CYS A 1082 -26.52 -49.46 -45.17
N PRO A 1083 -25.93 -50.00 -46.24
CA PRO A 1083 -24.84 -50.98 -46.08
C PRO A 1083 -23.49 -50.36 -45.74
N THR A 1084 -23.40 -49.04 -45.65
CA THR A 1084 -22.13 -48.38 -45.35
C THR A 1084 -21.99 -47.98 -43.89
N LEU A 1085 -22.96 -48.31 -43.05
CA LEU A 1085 -22.92 -47.91 -41.65
C LEU A 1085 -22.10 -48.94 -40.87
N LYS A 1086 -20.97 -48.51 -40.31
CA LYS A 1086 -20.07 -49.45 -39.64
C LYS A 1086 -19.81 -49.10 -38.17
N GLN A 1087 -20.56 -48.17 -37.60
CA GLN A 1087 -20.62 -47.95 -36.16
C GLN A 1087 -21.99 -47.37 -35.86
N PHE A 1088 -22.50 -47.66 -34.67
CA PHE A 1088 -23.84 -47.19 -34.31
C PHE A 1088 -23.93 -47.11 -32.79
N ASN A 1089 -23.94 -45.89 -32.28
CA ASN A 1089 -24.01 -45.65 -30.85
C ASN A 1089 -25.37 -45.08 -30.51
N LEU A 1090 -26.00 -45.65 -29.48
CA LEU A 1090 -27.31 -45.23 -29.02
C LEU A 1090 -27.36 -45.21 -27.50
N SER A 1091 -26.21 -45.00 -26.85
CA SER A 1091 -26.13 -45.19 -25.42
C SER A 1091 -26.80 -44.04 -24.67
N TYR A 1092 -27.27 -44.34 -23.47
CA TYR A 1092 -27.74 -43.39 -22.47
C TYR A 1092 -29.02 -42.68 -22.87
N ASN A 1093 -29.71 -43.15 -23.90
CA ASN A 1093 -31.04 -42.63 -24.22
C ASN A 1093 -32.06 -43.31 -23.32
N GLN A 1094 -33.34 -43.08 -23.59
CA GLN A 1094 -34.42 -43.73 -22.86
C GLN A 1094 -34.98 -44.94 -23.60
N LEU A 1095 -34.12 -45.66 -24.32
CA LEU A 1095 -34.54 -46.82 -25.09
C LEU A 1095 -35.09 -47.90 -24.17
N SER A 1096 -36.15 -48.57 -24.60
CA SER A 1096 -36.71 -49.69 -23.86
C SER A 1096 -36.79 -50.95 -24.70
N PHE A 1097 -36.05 -51.00 -25.81
CA PHE A 1097 -36.00 -52.15 -26.70
C PHE A 1097 -34.73 -52.06 -27.52
N VAL A 1098 -34.28 -53.21 -28.01
CA VAL A 1098 -33.28 -53.19 -29.08
C VAL A 1098 -33.93 -52.59 -30.32
N PRO A 1099 -33.25 -51.72 -31.08
CA PRO A 1099 -33.84 -51.17 -32.29
C PRO A 1099 -34.36 -52.21 -33.27
N GLU A 1100 -35.64 -52.13 -33.59
CA GLU A 1100 -36.26 -53.08 -34.51
C GLU A 1100 -35.76 -52.84 -35.93
N ASN A 1101 -35.88 -53.90 -36.74
CA ASN A 1101 -35.46 -53.91 -38.15
C ASN A 1101 -34.02 -53.42 -38.29
N LEU A 1102 -33.14 -53.96 -37.44
CA LEU A 1102 -31.72 -53.65 -37.50
C LEU A 1102 -30.97 -54.56 -38.47
N THR A 1103 -31.62 -55.60 -38.99
CA THR A 1103 -30.95 -56.55 -39.85
C THR A 1103 -30.90 -56.05 -41.29
N ASP A 1104 -32.06 -55.86 -41.90
CA ASP A 1104 -32.16 -55.51 -43.31
C ASP A 1104 -31.79 -54.06 -43.59
N VAL A 1105 -31.68 -53.23 -42.56
CA VAL A 1105 -31.39 -51.82 -42.75
C VAL A 1105 -29.89 -51.58 -42.61
N VAL A 1106 -29.35 -51.90 -41.44
CA VAL A 1106 -27.92 -51.81 -41.20
C VAL A 1106 -27.38 -53.22 -41.38
N GLU A 1107 -27.01 -53.56 -42.62
CA GLU A 1107 -26.67 -54.93 -42.95
C GLU A 1107 -25.28 -55.31 -42.45
N LYS A 1108 -24.33 -54.39 -42.46
CA LYS A 1108 -22.95 -54.67 -42.10
C LYS A 1108 -22.54 -53.71 -41.00
N LEU A 1109 -22.84 -54.07 -39.76
CA LEU A 1109 -22.54 -53.22 -38.62
C LEU A 1109 -21.39 -53.82 -37.83
N GLU A 1110 -20.46 -52.97 -37.38
CA GLU A 1110 -19.30 -53.44 -36.63
C GLU A 1110 -19.50 -53.36 -35.12
N GLN A 1111 -19.77 -52.16 -34.60
CA GLN A 1111 -19.76 -51.93 -33.16
C GLN A 1111 -21.09 -51.29 -32.76
N LEU A 1112 -21.96 -52.06 -32.13
CA LEU A 1112 -23.25 -51.60 -31.64
C LEU A 1112 -23.15 -51.33 -30.14
N ILE A 1113 -23.61 -50.15 -29.72
CA ILE A 1113 -23.48 -49.70 -28.33
C ILE A 1113 -24.84 -49.24 -27.84
N LEU A 1114 -25.47 -50.04 -26.97
CA LEU A 1114 -26.74 -49.69 -26.36
C LEU A 1114 -26.61 -49.58 -24.84
N GLU A 1115 -25.48 -49.06 -24.38
CA GLU A 1115 -25.21 -48.92 -22.96
C GLU A 1115 -26.18 -47.94 -22.31
N GLY A 1116 -26.44 -48.12 -21.01
CA GLY A 1116 -27.14 -47.13 -20.21
C GLY A 1116 -28.63 -47.03 -20.43
N ASN A 1117 -29.16 -47.48 -21.56
CA ASN A 1117 -30.58 -47.45 -21.79
C ASN A 1117 -31.30 -48.40 -20.83
N LYS A 1118 -32.61 -48.20 -20.68
CA LYS A 1118 -33.43 -49.03 -19.80
C LYS A 1118 -34.10 -50.10 -20.65
N ILE A 1119 -33.33 -51.12 -21.02
CA ILE A 1119 -33.85 -52.21 -21.84
C ILE A 1119 -34.48 -53.25 -20.93
N SER A 1120 -35.72 -53.62 -21.24
CA SER A 1120 -36.44 -54.59 -20.41
C SER A 1120 -35.88 -55.98 -20.57
N GLY A 1121 -35.69 -56.43 -21.81
CA GLY A 1121 -35.19 -57.76 -22.05
C GLY A 1121 -35.15 -58.11 -23.53
N ILE A 1122 -34.24 -59.00 -23.91
CA ILE A 1122 -34.08 -59.35 -25.31
C ILE A 1122 -35.09 -60.41 -25.70
N CYS A 1123 -35.71 -60.24 -26.85
CA CYS A 1123 -36.66 -61.21 -27.38
C CYS A 1123 -36.33 -61.65 -28.80
N SER A 1124 -35.84 -60.74 -29.64
CA SER A 1124 -35.59 -61.11 -31.02
C SER A 1124 -34.11 -61.38 -31.24
N PRO A 1125 -33.77 -62.37 -32.05
CA PRO A 1125 -32.36 -62.66 -32.33
C PRO A 1125 -31.76 -61.64 -33.29
N LEU A 1126 -30.55 -61.19 -32.96
CA LEU A 1126 -29.78 -60.39 -33.90
C LEU A 1126 -29.47 -61.21 -35.14
N ARG A 1127 -29.23 -60.51 -36.25
CA ARG A 1127 -28.90 -61.19 -37.50
C ARG A 1127 -27.69 -60.54 -38.17
N LEU A 1128 -27.02 -59.62 -37.49
CA LEU A 1128 -25.86 -58.92 -38.05
C LEU A 1128 -24.73 -59.90 -38.29
N LYS A 1129 -24.48 -60.23 -39.56
CA LYS A 1129 -23.43 -61.17 -39.92
C LYS A 1129 -22.03 -60.60 -39.71
N GLU A 1130 -21.91 -59.30 -39.40
CA GLU A 1130 -20.61 -58.65 -39.34
C GLU A 1130 -20.33 -57.97 -38.00
N LEU A 1131 -21.16 -58.19 -36.98
CA LEU A 1131 -20.99 -57.53 -35.69
C LEU A 1131 -19.63 -57.90 -35.09
N LYS A 1132 -19.03 -56.94 -34.38
CA LYS A 1132 -17.73 -57.19 -33.78
C LYS A 1132 -17.67 -56.79 -32.31
N ILE A 1133 -18.45 -55.79 -31.90
CA ILE A 1133 -18.46 -55.33 -30.52
C ILE A 1133 -19.90 -55.02 -30.14
N LEU A 1134 -20.50 -55.89 -29.33
CA LEU A 1134 -21.82 -55.64 -28.77
C LEU A 1134 -21.65 -55.13 -27.35
N ASN A 1135 -22.55 -54.24 -26.93
CA ASN A 1135 -22.43 -53.61 -25.63
C ASN A 1135 -23.83 -53.34 -25.09
N LEU A 1136 -24.16 -53.95 -23.96
CA LEU A 1136 -25.46 -53.80 -23.33
C LEU A 1136 -25.31 -53.48 -21.84
N SER A 1137 -24.23 -52.81 -21.48
CA SER A 1137 -23.94 -52.52 -20.09
C SER A 1137 -24.96 -51.55 -19.51
N LYS A 1138 -25.06 -51.58 -18.18
CA LYS A 1138 -25.92 -50.68 -17.40
C LYS A 1138 -27.36 -50.67 -17.91
N ASN A 1139 -27.98 -51.84 -17.90
CA ASN A 1139 -29.37 -51.99 -18.31
C ASN A 1139 -30.17 -52.73 -17.25
N HIS A 1140 -31.40 -53.10 -17.57
CA HIS A 1140 -32.25 -53.89 -16.69
C HIS A 1140 -32.53 -55.26 -17.30
N ILE A 1141 -31.57 -55.80 -18.03
CA ILE A 1141 -31.70 -57.12 -18.65
C ILE A 1141 -31.53 -58.18 -17.57
N SER A 1142 -32.47 -59.12 -17.51
CA SER A 1142 -32.39 -60.21 -16.54
C SER A 1142 -32.23 -61.57 -17.20
N SER A 1143 -33.03 -61.88 -18.21
CA SER A 1143 -32.96 -63.17 -18.89
C SER A 1143 -32.65 -62.94 -20.36
N LEU A 1144 -31.58 -63.56 -20.84
CA LEU A 1144 -31.17 -63.48 -22.22
C LEU A 1144 -31.69 -64.67 -23.01
N SER A 1145 -32.04 -64.43 -24.27
CA SER A 1145 -32.57 -65.48 -25.12
C SER A 1145 -31.52 -66.54 -25.38
N GLU A 1146 -31.99 -67.76 -25.67
CA GLU A 1146 -31.06 -68.86 -25.92
C GLU A 1146 -30.38 -68.77 -27.28
N ASN A 1147 -30.81 -67.85 -28.14
CA ASN A 1147 -30.38 -67.85 -29.53
C ASN A 1147 -30.10 -66.45 -30.08
N PHE A 1148 -30.17 -65.40 -29.27
CA PHE A 1148 -30.11 -64.05 -29.82
C PHE A 1148 -28.73 -63.66 -30.31
N LEU A 1149 -27.73 -64.50 -30.11
CA LEU A 1149 -26.38 -64.23 -30.61
C LEU A 1149 -25.83 -65.38 -31.44
N GLU A 1150 -26.70 -66.28 -31.89
CA GLU A 1150 -26.24 -67.41 -32.70
C GLU A 1150 -26.06 -67.02 -34.16
N ALA A 1151 -26.72 -65.95 -34.61
CA ALA A 1151 -26.58 -65.47 -35.98
C ALA A 1151 -25.62 -64.30 -36.07
N CYS A 1152 -24.61 -64.27 -35.20
CA CYS A 1152 -23.57 -63.24 -35.22
C CYS A 1152 -22.21 -63.91 -35.00
N PRO A 1153 -21.73 -64.65 -36.00
CA PRO A 1153 -20.53 -65.47 -35.80
C PRO A 1153 -19.22 -64.71 -35.80
N LYS A 1154 -19.22 -63.38 -35.71
CA LYS A 1154 -17.98 -62.61 -35.68
C LYS A 1154 -17.86 -61.73 -34.44
N VAL A 1155 -18.76 -61.88 -33.45
CA VAL A 1155 -18.71 -61.06 -32.25
C VAL A 1155 -17.40 -61.32 -31.51
N GLU A 1156 -16.74 -60.24 -31.10
CA GLU A 1156 -15.47 -60.36 -30.38
C GLU A 1156 -15.55 -59.85 -28.95
N SER A 1157 -16.03 -58.64 -28.72
CA SER A 1157 -16.07 -58.02 -27.39
C SER A 1157 -17.52 -57.82 -26.99
N PHE A 1158 -18.02 -58.65 -26.08
CA PHE A 1158 -19.38 -58.53 -25.57
C PHE A 1158 -19.31 -58.07 -24.11
N SER A 1159 -20.07 -57.02 -23.79
CA SER A 1159 -20.11 -56.45 -22.46
C SER A 1159 -21.56 -56.36 -22.00
N ALA A 1160 -21.83 -56.84 -20.79
CA ALA A 1160 -23.17 -56.80 -20.21
C ALA A 1160 -23.12 -56.38 -18.74
N ARG A 1161 -22.28 -55.38 -18.44
CA ARG A 1161 -22.11 -54.91 -17.06
C ARG A 1161 -23.43 -54.38 -16.49
N MET A 1162 -23.49 -54.33 -15.17
CA MET A 1162 -24.59 -53.73 -14.40
C MET A 1162 -25.95 -54.18 -14.91
N ASN A 1163 -26.16 -55.50 -14.90
CA ASN A 1163 -27.45 -56.04 -15.28
C ASN A 1163 -27.97 -57.00 -14.21
N PHE A 1164 -29.08 -57.67 -14.52
CA PHE A 1164 -29.65 -58.69 -13.64
C PHE A 1164 -29.52 -60.08 -14.26
N LEU A 1165 -28.44 -60.31 -14.99
CA LEU A 1165 -28.25 -61.58 -15.68
C LEU A 1165 -28.11 -62.73 -14.67
N ALA A 1166 -28.51 -63.91 -15.11
CA ALA A 1166 -28.32 -65.11 -14.29
C ALA A 1166 -27.65 -66.24 -15.07
N ALA A 1167 -27.94 -66.38 -16.36
CA ALA A 1167 -27.41 -67.49 -17.15
C ALA A 1167 -26.96 -66.97 -18.51
N MET A 1168 -25.80 -67.45 -18.95
CA MET A 1168 -25.25 -67.04 -20.24
C MET A 1168 -25.54 -68.08 -21.30
N PRO A 1169 -26.26 -67.73 -22.38
CA PRO A 1169 -26.59 -68.71 -23.40
C PRO A 1169 -25.41 -69.04 -24.30
N PHE A 1170 -25.65 -69.84 -25.34
CA PHE A 1170 -24.61 -70.18 -26.29
C PHE A 1170 -24.06 -68.93 -26.97
N LEU A 1171 -22.74 -68.84 -27.03
CA LEU A 1171 -22.04 -67.73 -27.65
C LEU A 1171 -21.22 -68.21 -28.84
N PRO A 1172 -21.02 -67.38 -29.85
CA PRO A 1172 -20.18 -67.77 -30.98
C PRO A 1172 -18.76 -68.05 -30.52
N PRO A 1173 -18.08 -69.02 -31.16
CA PRO A 1173 -16.73 -69.37 -30.69
C PRO A 1173 -15.70 -68.29 -30.89
N SER A 1174 -15.97 -67.31 -31.75
CA SER A 1174 -15.00 -66.25 -32.01
C SER A 1174 -14.99 -65.17 -30.94
N MET A 1175 -15.75 -65.31 -29.86
CA MET A 1175 -15.73 -64.32 -28.80
C MET A 1175 -14.41 -64.38 -28.05
N THR A 1176 -13.70 -63.26 -27.99
CA THR A 1176 -12.37 -63.22 -27.37
C THR A 1176 -12.36 -62.50 -26.04
N ILE A 1177 -12.96 -61.32 -25.96
CA ILE A 1177 -13.03 -60.55 -24.72
C ILE A 1177 -14.47 -60.55 -24.25
N LEU A 1178 -14.68 -60.77 -22.96
CA LEU A 1178 -16.03 -60.89 -22.43
C LEU A 1178 -16.04 -60.34 -21.02
N LYS A 1179 -16.83 -59.30 -20.79
CA LYS A 1179 -16.84 -58.56 -19.52
C LYS A 1179 -18.26 -58.52 -18.95
N LEU A 1180 -18.55 -59.31 -17.92
CA LEU A 1180 -19.91 -59.34 -17.39
C LEU A 1180 -19.94 -59.07 -15.90
N SER A 1181 -19.17 -58.08 -15.46
CA SER A 1181 -19.09 -57.79 -14.03
C SER A 1181 -20.35 -57.11 -13.52
N GLN A 1182 -20.72 -57.41 -12.27
CA GLN A 1182 -21.80 -56.81 -11.48
C GLN A 1182 -23.20 -57.36 -11.70
N ASN A 1183 -23.42 -58.33 -12.59
CA ASN A 1183 -24.76 -58.89 -12.73
C ASN A 1183 -24.99 -59.89 -11.58
N LYS A 1184 -26.08 -60.66 -11.63
CA LYS A 1184 -26.34 -61.66 -10.58
C LYS A 1184 -25.99 -63.08 -11.00
N PHE A 1185 -24.69 -63.36 -11.05
CA PHE A 1185 -24.19 -64.67 -11.46
C PHE A 1185 -23.92 -65.49 -10.21
N SER A 1186 -24.60 -66.62 -10.07
CA SER A 1186 -24.37 -67.49 -8.93
C SER A 1186 -23.21 -68.46 -9.14
N CYS A 1187 -22.95 -68.85 -10.39
CA CYS A 1187 -21.82 -69.71 -10.71
C CYS A 1187 -21.49 -69.53 -12.18
N ILE A 1188 -20.24 -69.83 -12.51
CA ILE A 1188 -19.74 -69.64 -13.88
C ILE A 1188 -20.60 -70.44 -14.86
N PRO A 1189 -21.13 -69.83 -15.91
CA PRO A 1189 -22.00 -70.55 -16.84
C PRO A 1189 -21.22 -71.56 -17.67
N GLU A 1190 -21.85 -72.70 -17.94
CA GLU A 1190 -21.20 -73.75 -18.72
C GLU A 1190 -20.92 -73.32 -20.16
N ALA A 1191 -21.59 -72.28 -20.65
CA ALA A 1191 -21.42 -71.81 -22.02
C ALA A 1191 -20.27 -70.82 -22.17
N ILE A 1192 -19.59 -70.47 -21.09
CA ILE A 1192 -18.45 -69.56 -21.18
C ILE A 1192 -17.12 -70.31 -21.03
N LEU A 1193 -17.13 -71.49 -20.41
CA LEU A 1193 -15.91 -72.27 -20.22
C LEU A 1193 -15.43 -72.95 -21.49
N ASN A 1194 -16.21 -72.90 -22.58
CA ASN A 1194 -15.91 -73.68 -23.76
C ASN A 1194 -15.53 -72.83 -24.96
N LEU A 1195 -15.34 -71.54 -24.77
CA LEU A 1195 -14.90 -70.68 -25.87
C LEU A 1195 -13.48 -71.05 -26.27
N PRO A 1196 -13.23 -71.40 -27.53
CA PRO A 1196 -11.85 -71.76 -27.94
C PRO A 1196 -10.84 -70.66 -27.73
N HIS A 1197 -11.18 -69.41 -28.02
CA HIS A 1197 -10.26 -68.28 -27.91
C HIS A 1197 -10.85 -67.29 -26.92
N LEU A 1198 -10.62 -67.48 -25.63
CA LEU A 1198 -11.13 -66.55 -24.63
C LEU A 1198 -9.94 -65.85 -23.97
N ARG A 1199 -9.57 -64.69 -24.52
CA ARG A 1199 -8.41 -63.96 -24.02
C ARG A 1199 -8.68 -63.35 -22.66
N SER A 1200 -9.63 -62.44 -22.57
CA SER A 1200 -9.95 -61.75 -21.33
C SER A 1200 -11.31 -62.19 -20.81
N LEU A 1201 -11.46 -62.12 -19.49
CA LEU A 1201 -12.72 -62.42 -18.84
C LEU A 1201 -12.80 -61.63 -17.55
N ASP A 1202 -13.95 -61.00 -17.31
CA ASP A 1202 -14.14 -60.17 -16.13
C ASP A 1202 -15.51 -60.52 -15.55
N MET A 1203 -15.50 -61.18 -14.40
CA MET A 1203 -16.73 -61.53 -13.69
C MET A 1203 -16.69 -60.99 -12.26
N SER A 1204 -16.12 -59.81 -12.10
CA SER A 1204 -15.97 -59.20 -10.78
C SER A 1204 -17.34 -58.84 -10.21
N SER A 1205 -17.38 -58.75 -8.88
CA SER A 1205 -18.55 -58.25 -8.13
C SER A 1205 -19.80 -59.08 -8.37
N ASN A 1206 -19.64 -60.34 -8.80
CA ASN A 1206 -20.71 -61.30 -8.80
C ASN A 1206 -20.67 -62.11 -7.50
N ASP A 1207 -21.46 -63.18 -7.44
CA ASP A 1207 -21.42 -64.12 -6.32
C ASP A 1207 -21.02 -65.47 -6.88
N ILE A 1208 -19.72 -65.68 -7.05
CA ILE A 1208 -19.18 -66.93 -7.56
C ILE A 1208 -18.76 -67.78 -6.37
N GLN A 1209 -19.31 -68.98 -6.26
CA GLN A 1209 -18.95 -69.85 -5.14
C GLN A 1209 -17.58 -70.46 -5.34
N TYR A 1210 -17.39 -71.19 -6.44
CA TYR A 1210 -16.13 -71.87 -6.72
C TYR A 1210 -15.85 -71.82 -8.21
N LEU A 1211 -14.75 -71.20 -8.59
CA LEU A 1211 -14.41 -71.24 -10.00
C LEU A 1211 -13.72 -72.56 -10.33
N PRO A 1212 -14.05 -73.18 -11.45
CA PRO A 1212 -13.44 -74.47 -11.80
C PRO A 1212 -11.96 -74.35 -12.08
N GLY A 1213 -11.26 -75.47 -11.92
CA GLY A 1213 -9.83 -75.53 -12.12
C GLY A 1213 -9.47 -75.37 -13.58
N PRO A 1214 -8.18 -75.19 -13.87
CA PRO A 1214 -7.75 -74.90 -15.25
C PRO A 1214 -8.04 -76.02 -16.24
N ALA A 1215 -8.17 -77.28 -15.77
CA ALA A 1215 -8.43 -78.38 -16.70
C ALA A 1215 -9.82 -78.29 -17.31
N HIS A 1216 -10.76 -77.66 -16.62
CA HIS A 1216 -12.13 -77.58 -17.12
C HIS A 1216 -12.27 -76.54 -18.23
N TRP A 1217 -11.54 -75.43 -18.13
CA TRP A 1217 -11.55 -74.43 -19.19
C TRP A 1217 -10.97 -75.01 -20.48
N LYS A 1218 -11.45 -74.50 -21.60
CA LYS A 1218 -11.01 -74.95 -22.92
C LYS A 1218 -10.11 -73.96 -23.63
N SER A 1219 -10.26 -72.67 -23.37
CA SER A 1219 -9.44 -71.67 -24.04
C SER A 1219 -7.98 -71.80 -23.60
N LEU A 1220 -7.08 -71.44 -24.51
CA LEU A 1220 -5.64 -71.49 -24.23
C LEU A 1220 -5.01 -70.12 -24.05
N ASN A 1221 -5.53 -69.09 -24.71
CA ASN A 1221 -4.95 -67.75 -24.66
C ASN A 1221 -5.46 -66.93 -23.49
N LEU A 1222 -5.91 -67.56 -22.40
CA LEU A 1222 -6.41 -66.85 -21.24
C LEU A 1222 -5.36 -65.89 -20.70
N ARG A 1223 -5.59 -64.59 -20.82
CA ARG A 1223 -4.58 -63.60 -20.49
C ARG A 1223 -5.08 -62.55 -19.50
N GLU A 1224 -6.29 -62.73 -18.96
CA GLU A 1224 -6.81 -61.85 -17.92
C GLU A 1224 -8.02 -62.50 -17.26
N LEU A 1225 -8.01 -62.56 -15.93
CA LEU A 1225 -9.10 -63.19 -15.18
C LEU A 1225 -9.40 -62.31 -13.98
N LEU A 1226 -10.54 -61.64 -13.99
CA LEU A 1226 -10.92 -60.69 -12.96
C LEU A 1226 -12.11 -61.25 -12.20
N PHE A 1227 -11.94 -61.53 -10.91
CA PHE A 1227 -12.97 -62.15 -10.11
C PHE A 1227 -13.08 -61.53 -8.72
N SER A 1228 -12.75 -60.25 -8.59
CA SER A 1228 -12.79 -59.58 -7.30
C SER A 1228 -14.22 -59.50 -6.76
N HIS A 1229 -14.31 -59.28 -5.45
CA HIS A 1229 -15.58 -59.12 -4.73
C HIS A 1229 -16.52 -60.29 -4.97
N ASN A 1230 -15.98 -61.50 -4.94
CA ASN A 1230 -16.76 -62.72 -5.10
C ASN A 1230 -16.52 -63.63 -3.91
N GLN A 1231 -17.53 -64.46 -3.60
CA GLN A 1231 -17.45 -65.39 -2.49
C GLN A 1231 -16.73 -66.68 -2.90
N ILE A 1232 -15.50 -66.53 -3.37
CA ILE A 1232 -14.68 -67.67 -3.76
C ILE A 1232 -13.92 -68.16 -2.54
N SER A 1233 -13.93 -69.48 -2.32
CA SER A 1233 -13.38 -70.06 -1.11
C SER A 1233 -11.97 -70.62 -1.31
N ILE A 1234 -11.81 -71.55 -2.23
CA ILE A 1234 -10.55 -72.27 -2.41
C ILE A 1234 -10.16 -72.19 -3.88
N LEU A 1235 -9.07 -71.48 -4.18
CA LEU A 1235 -8.55 -71.44 -5.53
C LEU A 1235 -7.92 -72.78 -5.88
N ASP A 1236 -8.43 -73.43 -6.92
CA ASP A 1236 -7.93 -74.73 -7.34
C ASP A 1236 -6.93 -74.57 -8.46
N LEU A 1237 -5.71 -75.06 -8.24
CA LEU A 1237 -4.66 -74.99 -9.26
C LEU A 1237 -3.83 -76.27 -9.31
N SER A 1238 -4.31 -77.35 -8.70
CA SER A 1238 -3.50 -78.57 -8.64
C SER A 1238 -3.45 -79.27 -9.99
N GLU A 1239 -4.57 -79.32 -10.71
CA GLU A 1239 -4.71 -80.14 -11.90
C GLU A 1239 -4.32 -79.33 -13.14
N LYS A 1240 -3.20 -79.70 -13.76
CA LYS A 1240 -2.78 -79.19 -15.07
C LYS A 1240 -2.77 -77.66 -15.13
N ALA A 1241 -2.21 -77.03 -14.08
CA ALA A 1241 -2.14 -75.58 -14.02
C ALA A 1241 -1.28 -74.96 -15.12
N TYR A 1242 -0.45 -75.77 -15.81
CA TYR A 1242 0.38 -75.24 -16.89
C TYR A 1242 -0.44 -74.71 -18.06
N LEU A 1243 -1.74 -74.98 -18.11
CA LEU A 1243 -2.60 -74.40 -19.15
C LEU A 1243 -2.60 -72.88 -19.04
N TRP A 1244 -2.77 -72.36 -17.83
CA TRP A 1244 -2.85 -70.93 -17.57
C TRP A 1244 -1.52 -70.21 -17.69
N SER A 1245 -0.47 -70.86 -18.18
CA SER A 1245 0.87 -70.28 -18.20
C SER A 1245 0.92 -68.90 -18.84
N ARG A 1246 0.00 -68.60 -19.76
CA ARG A 1246 -0.01 -67.33 -20.46
C ARG A 1246 -0.81 -66.25 -19.74
N VAL A 1247 -1.34 -66.53 -18.54
CA VAL A 1247 -2.14 -65.53 -17.83
C VAL A 1247 -1.25 -64.36 -17.46
N GLU A 1248 -1.65 -63.16 -17.89
CA GLU A 1248 -0.89 -61.95 -17.62
C GLU A 1248 -1.51 -61.09 -16.53
N LYS A 1249 -2.63 -61.52 -15.94
CA LYS A 1249 -3.27 -60.79 -14.86
C LYS A 1249 -4.28 -61.71 -14.20
N LEU A 1250 -4.40 -61.60 -12.89
CA LEU A 1250 -5.34 -62.42 -12.13
C LEU A 1250 -5.66 -61.71 -10.83
N HIS A 1251 -6.95 -61.45 -10.58
CA HIS A 1251 -7.37 -60.70 -9.41
C HIS A 1251 -8.34 -61.55 -8.61
N LEU A 1252 -8.15 -61.57 -7.29
CA LEU A 1252 -9.04 -62.28 -6.38
C LEU A 1252 -9.30 -61.47 -5.12
N SER A 1253 -9.29 -60.15 -5.22
CA SER A 1253 -9.48 -59.28 -4.07
C SER A 1253 -10.87 -59.45 -3.47
N HIS A 1254 -10.96 -59.26 -2.15
CA HIS A 1254 -12.22 -59.29 -1.41
C HIS A 1254 -12.96 -60.62 -1.60
N ASN A 1255 -12.23 -61.71 -1.44
CA ASN A 1255 -12.78 -63.05 -1.51
C ASN A 1255 -12.55 -63.77 -0.18
N LYS A 1256 -13.02 -65.01 -0.11
CA LYS A 1256 -12.88 -65.86 1.06
C LYS A 1256 -11.74 -66.85 0.90
N LEU A 1257 -10.66 -66.43 0.25
CA LEU A 1257 -9.49 -67.27 0.07
C LEU A 1257 -8.85 -67.58 1.42
N LYS A 1258 -8.50 -68.84 1.63
CA LYS A 1258 -7.86 -69.28 2.85
C LYS A 1258 -6.35 -69.51 2.68
N GLU A 1259 -5.93 -70.05 1.54
CA GLU A 1259 -4.52 -70.32 1.31
C GLU A 1259 -4.22 -70.29 -0.17
N ILE A 1260 -3.20 -69.53 -0.55
CA ILE A 1260 -2.74 -69.50 -1.95
C ILE A 1260 -2.10 -70.86 -2.28
N PRO A 1261 -2.44 -71.48 -3.40
CA PRO A 1261 -1.85 -72.77 -3.73
C PRO A 1261 -0.35 -72.65 -3.94
N PRO A 1262 0.40 -73.69 -3.58
CA PRO A 1262 1.85 -73.65 -3.84
C PRO A 1262 2.19 -73.74 -5.31
N GLU A 1263 1.35 -74.37 -6.13
CA GLU A 1263 1.58 -74.47 -7.56
C GLU A 1263 1.40 -73.14 -8.30
N ILE A 1264 1.16 -72.04 -7.59
CA ILE A 1264 1.07 -70.72 -8.20
C ILE A 1264 2.36 -70.33 -8.93
N GLY A 1265 3.48 -70.97 -8.58
CA GLY A 1265 4.73 -70.73 -9.30
C GLY A 1265 4.73 -71.23 -10.73
N CYS A 1266 3.76 -72.06 -11.12
CA CYS A 1266 3.69 -72.53 -12.49
C CYS A 1266 3.16 -71.46 -13.43
N LEU A 1267 2.29 -70.57 -12.93
CA LEU A 1267 1.75 -69.47 -13.71
C LEU A 1267 2.82 -68.38 -13.86
N GLU A 1268 3.89 -68.73 -14.56
CA GLU A 1268 5.14 -68.00 -14.54
C GLU A 1268 5.07 -66.63 -15.22
N ASN A 1269 3.96 -66.26 -15.84
CA ASN A 1269 3.91 -65.04 -16.63
C ASN A 1269 3.03 -63.97 -15.99
N LEU A 1270 2.59 -64.16 -14.75
CA LEU A 1270 1.79 -63.15 -14.06
C LEU A 1270 2.55 -61.84 -13.96
N THR A 1271 1.85 -60.75 -14.25
CA THR A 1271 2.38 -59.40 -14.05
C THR A 1271 1.67 -58.64 -12.95
N SER A 1272 0.40 -58.96 -12.70
CA SER A 1272 -0.35 -58.37 -11.61
C SER A 1272 -1.17 -59.46 -10.93
N LEU A 1273 -1.16 -59.45 -9.60
CA LEU A 1273 -1.92 -60.41 -8.82
C LEU A 1273 -2.41 -59.71 -7.58
N ASP A 1274 -3.72 -59.61 -7.43
CA ASP A 1274 -4.33 -58.86 -6.33
C ASP A 1274 -5.07 -59.84 -5.43
N VAL A 1275 -4.43 -60.24 -4.34
CA VAL A 1275 -5.01 -61.14 -3.35
C VAL A 1275 -5.32 -60.42 -2.05
N SER A 1276 -5.30 -59.09 -2.05
CA SER A 1276 -5.57 -58.30 -0.86
C SER A 1276 -7.01 -58.49 -0.39
N TYR A 1277 -7.27 -57.99 0.82
CA TYR A 1277 -8.60 -58.02 1.44
C TYR A 1277 -9.16 -59.44 1.52
N ASN A 1278 -8.32 -60.38 1.94
CA ASN A 1278 -8.73 -61.74 2.26
C ASN A 1278 -8.28 -62.00 3.68
N LEU A 1279 -9.14 -61.66 4.65
CA LEU A 1279 -8.76 -61.74 6.06
C LEU A 1279 -8.37 -63.15 6.48
N GLU A 1280 -9.02 -64.17 5.90
CA GLU A 1280 -8.69 -65.56 6.22
C GLU A 1280 -7.28 -65.94 5.78
N LEU A 1281 -6.72 -65.26 4.79
CA LEU A 1281 -5.36 -65.54 4.35
C LEU A 1281 -4.36 -65.19 5.44
N ARG A 1282 -3.32 -66.01 5.56
CA ARG A 1282 -2.32 -65.82 6.60
C ARG A 1282 -0.93 -65.59 6.05
N SER A 1283 -0.48 -66.40 5.10
CA SER A 1283 0.91 -66.35 4.65
C SER A 1283 1.00 -66.77 3.20
N PHE A 1284 1.93 -66.14 2.48
CA PHE A 1284 2.17 -66.48 1.10
C PHE A 1284 2.96 -67.78 1.00
N PRO A 1285 2.71 -68.59 -0.03
CA PRO A 1285 3.53 -69.78 -0.23
C PRO A 1285 4.91 -69.39 -0.73
N ASN A 1286 5.88 -70.25 -0.44
CA ASN A 1286 7.25 -69.99 -0.86
C ASN A 1286 7.36 -69.92 -2.38
N GLU A 1287 6.90 -70.97 -3.08
CA GLU A 1287 7.06 -71.13 -4.53
C GLU A 1287 6.62 -69.91 -5.34
N MET A 1288 5.83 -69.01 -4.75
CA MET A 1288 5.44 -67.76 -5.41
C MET A 1288 6.64 -66.95 -5.87
N GLY A 1289 7.82 -67.16 -5.28
CA GLY A 1289 9.02 -66.42 -5.65
C GLY A 1289 9.51 -66.67 -7.06
N LYS A 1290 8.94 -67.64 -7.78
CA LYS A 1290 9.36 -67.92 -9.14
C LYS A 1290 8.65 -67.05 -10.17
N LEU A 1291 7.63 -66.31 -9.76
CA LEU A 1291 6.88 -65.42 -10.65
C LEU A 1291 7.64 -64.10 -10.84
N SER A 1292 8.82 -64.21 -11.46
CA SER A 1292 9.74 -63.09 -11.61
C SER A 1292 9.19 -61.93 -12.42
N LYS A 1293 8.08 -62.11 -13.14
CA LYS A 1293 7.54 -61.05 -13.97
C LYS A 1293 6.54 -60.16 -13.24
N ILE A 1294 6.15 -60.50 -12.01
CA ILE A 1294 5.19 -59.68 -11.27
C ILE A 1294 5.78 -58.30 -11.01
N TRP A 1295 4.96 -57.26 -11.20
CA TRP A 1295 5.34 -55.91 -10.83
C TRP A 1295 4.28 -55.18 -10.02
N ASP A 1296 3.09 -55.77 -9.82
CA ASP A 1296 2.05 -55.17 -9.00
C ASP A 1296 1.49 -56.25 -8.10
N LEU A 1297 1.51 -56.01 -6.79
CA LEU A 1297 1.00 -56.95 -5.81
C LEU A 1297 0.55 -56.18 -4.58
N PRO A 1298 -0.66 -55.62 -4.62
CA PRO A 1298 -1.15 -54.85 -3.47
C PRO A 1298 -1.42 -55.75 -2.28
N LEU A 1299 -1.09 -55.24 -1.09
CA LEU A 1299 -1.27 -55.98 0.16
C LEU A 1299 -2.11 -55.19 1.15
N ASP A 1300 -2.97 -54.30 0.64
CA ASP A 1300 -3.77 -53.45 1.51
C ASP A 1300 -4.74 -54.28 2.35
N GLU A 1301 -4.74 -54.02 3.66
CA GLU A 1301 -5.62 -54.68 4.62
C GLU A 1301 -5.43 -56.20 4.61
N LEU A 1302 -4.17 -56.63 4.67
CA LEU A 1302 -3.82 -58.04 4.63
C LEU A 1302 -2.88 -58.34 5.81
N HIS A 1303 -3.43 -58.90 6.88
CA HIS A 1303 -2.64 -59.22 8.08
C HIS A 1303 -1.84 -60.49 7.79
N LEU A 1304 -0.72 -60.30 7.09
CA LEU A 1304 0.13 -61.41 6.71
C LEU A 1304 0.90 -61.95 7.91
N ASN A 1305 1.04 -63.27 7.98
CA ASN A 1305 1.75 -63.91 9.09
C ASN A 1305 3.24 -63.61 9.01
N PHE A 1306 3.89 -64.05 7.93
CA PHE A 1306 5.31 -63.78 7.75
C PHE A 1306 5.55 -62.28 7.63
N ASP A 1307 6.53 -61.79 8.39
CA ASP A 1307 6.72 -60.35 8.50
C ASP A 1307 7.42 -59.81 7.27
N PHE A 1308 6.84 -58.76 6.68
CA PHE A 1308 7.41 -58.07 5.54
C PHE A 1308 7.44 -56.56 5.73
N LYS A 1309 7.17 -56.08 6.96
CA LYS A 1309 7.18 -54.65 7.22
C LYS A 1309 8.57 -54.06 6.98
N HIS A 1310 9.62 -54.82 7.31
CA HIS A 1310 10.98 -54.38 7.02
C HIS A 1310 11.24 -54.30 5.52
N ILE A 1311 10.59 -55.15 4.73
CA ILE A 1311 10.70 -55.05 3.28
C ILE A 1311 9.99 -53.80 2.77
N GLY A 1312 8.79 -53.53 3.29
CA GLY A 1312 8.03 -52.36 2.89
C GLY A 1312 6.82 -52.73 2.08
N CYS A 1313 6.75 -52.20 0.84
CA CYS A 1313 5.61 -52.46 -0.02
C CYS A 1313 6.00 -52.79 -1.46
N LYS A 1314 7.29 -52.81 -1.78
CA LYS A 1314 7.72 -53.15 -3.13
C LYS A 1314 7.41 -54.60 -3.45
N ALA A 1315 6.89 -54.83 -4.66
CA ALA A 1315 6.46 -56.18 -5.04
C ALA A 1315 7.64 -57.05 -5.45
N LYS A 1316 8.48 -56.53 -6.36
CA LYS A 1316 9.63 -57.30 -6.85
C LYS A 1316 10.56 -57.68 -5.72
N ASP A 1317 10.72 -56.81 -4.72
CA ASP A 1317 11.54 -57.15 -3.56
C ASP A 1317 10.95 -58.33 -2.80
N ILE A 1318 9.62 -58.34 -2.63
CA ILE A 1318 8.94 -59.46 -1.99
C ILE A 1318 9.19 -60.75 -2.76
N ILE A 1319 9.07 -60.69 -4.09
CA ILE A 1319 9.25 -61.87 -4.91
C ILE A 1319 10.69 -62.39 -4.81
N ARG A 1320 11.67 -61.47 -4.84
CA ARG A 1320 13.06 -61.89 -4.69
C ARG A 1320 13.33 -62.50 -3.32
N PHE A 1321 12.71 -61.92 -2.28
CA PHE A 1321 12.85 -62.46 -0.93
C PHE A 1321 12.32 -63.90 -0.86
N LEU A 1322 11.11 -64.13 -1.38
CA LEU A 1322 10.56 -65.48 -1.41
C LEU A 1322 11.44 -66.40 -2.24
N GLN A 1323 11.98 -65.89 -3.36
CA GLN A 1323 12.88 -66.68 -4.20
C GLN A 1323 14.09 -67.16 -3.41
N GLN A 1324 14.69 -66.26 -2.63
CA GLN A 1324 15.80 -66.66 -1.77
C GLN A 1324 15.36 -67.66 -0.72
N ARG A 1325 14.13 -67.52 -0.22
CA ARG A 1325 13.59 -68.50 0.74
C ARG A 1325 13.51 -69.90 0.13
N LEU A 1326 13.28 -69.99 -1.18
CA LEU A 1326 13.22 -71.29 -1.84
C LEU A 1326 14.50 -72.09 -1.66
N LYS A 1327 15.66 -71.46 -1.93
CA LYS A 1327 16.93 -72.17 -1.92
C LYS A 1327 17.26 -72.73 -0.54
N LYS A 1328 17.14 -71.89 0.50
CA LYS A 1328 17.47 -72.33 1.85
C LYS A 1328 16.81 -71.40 2.85
N ALA A 1329 16.16 -71.97 3.85
CA ALA A 1329 15.51 -71.19 4.89
C ALA A 1329 15.79 -71.78 6.26
N VAL A 1330 16.10 -70.92 7.22
CA VAL A 1330 16.45 -71.36 8.57
C VAL A 1330 15.63 -70.55 9.57
N PRO A 1331 15.41 -71.09 10.77
CA PRO A 1331 14.76 -70.30 11.82
C PRO A 1331 15.72 -69.31 12.44
N TYR A 1332 15.21 -68.11 12.73
CA TYR A 1332 16.03 -67.02 13.25
C TYR A 1332 15.74 -66.86 14.74
N ASN A 1333 16.71 -67.23 15.59
CA ASN A 1333 16.57 -67.17 17.03
C ASN A 1333 17.30 -65.93 17.56
N ARG A 1334 16.62 -64.78 17.49
CA ARG A 1334 17.20 -63.52 17.96
C ARG A 1334 16.08 -62.53 18.19
N MET A 1335 15.92 -62.08 19.43
CA MET A 1335 14.87 -61.13 19.78
C MET A 1335 15.46 -60.07 20.71
N LYS A 1336 14.97 -58.84 20.57
CA LYS A 1336 15.50 -57.71 21.33
C LYS A 1336 14.85 -57.63 22.71
N LEU A 1337 15.67 -57.62 23.74
CA LEU A 1337 15.24 -57.36 25.11
C LEU A 1337 15.64 -55.94 25.47
N MET A 1338 14.75 -55.23 26.14
CA MET A 1338 15.01 -53.83 26.47
C MET A 1338 14.68 -53.62 27.94
N ILE A 1339 15.66 -53.16 28.71
CA ILE A 1339 15.48 -52.91 30.13
C ILE A 1339 15.26 -51.41 30.29
N VAL A 1340 14.00 -50.98 30.19
CA VAL A 1340 13.68 -49.61 30.55
C VAL A 1340 13.61 -49.50 32.07
N GLY A 1341 13.64 -48.27 32.57
CA GLY A 1341 13.58 -48.07 34.00
C GLY A 1341 13.90 -46.64 34.36
N ASN A 1342 13.81 -46.38 35.66
CA ASN A 1342 13.97 -45.03 36.19
C ASN A 1342 15.30 -44.95 36.93
N THR A 1343 15.84 -43.73 37.03
CA THR A 1343 17.20 -43.54 37.52
C THR A 1343 17.34 -44.05 38.94
N GLY A 1344 18.52 -44.57 39.26
CA GLY A 1344 18.85 -45.00 40.58
C GLY A 1344 18.37 -46.39 40.93
N SER A 1345 17.66 -47.06 40.01
CA SER A 1345 17.08 -48.36 40.29
C SER A 1345 18.13 -49.43 40.05
N GLY A 1346 17.71 -50.69 40.03
CA GLY A 1346 18.64 -51.72 39.65
C GLY A 1346 18.43 -52.17 38.22
N LYS A 1347 19.38 -51.86 37.34
CA LYS A 1347 19.23 -52.19 35.93
C LYS A 1347 20.48 -52.89 35.45
N THR A 1348 21.61 -52.19 35.45
CA THR A 1348 22.85 -52.81 34.99
C THR A 1348 23.24 -53.97 35.88
N THR A 1349 22.97 -53.87 37.18
CA THR A 1349 23.27 -54.97 38.09
C THR A 1349 22.26 -56.11 37.91
N LEU A 1350 21.00 -55.79 37.63
CA LEU A 1350 20.04 -56.84 37.33
C LEU A 1350 20.43 -57.58 36.07
N LEU A 1351 20.89 -56.84 35.06
CA LEU A 1351 21.40 -57.48 33.85
C LEU A 1351 22.61 -58.35 34.16
N GLN A 1352 23.58 -57.81 34.90
CA GLN A 1352 24.78 -58.56 35.26
C GLN A 1352 24.48 -59.74 36.18
N GLN A 1353 23.28 -59.82 36.75
CA GLN A 1353 22.90 -60.97 37.54
C GLN A 1353 22.03 -61.97 36.79
N LEU A 1354 21.31 -61.53 35.78
CA LEU A 1354 20.58 -62.46 34.92
C LEU A 1354 21.54 -63.25 34.05
N MET A 1355 22.61 -62.59 33.57
CA MET A 1355 23.60 -63.21 32.72
C MET A 1355 24.73 -63.87 33.49
N LYS A 1356 24.85 -63.58 34.80
CA LYS A 1356 25.86 -64.16 35.68
C LYS A 1356 27.28 -63.82 35.23
N THR A 1357 27.48 -62.58 34.80
CA THR A 1357 28.80 -62.11 34.39
C THR A 1357 29.47 -61.34 35.52
N LYS A 1358 29.73 -62.07 36.61
CA LYS A 1358 30.37 -61.47 37.77
C LYS A 1358 31.87 -61.35 37.57
N SER A 1366 28.43 -47.42 39.33
CA SER A 1366 28.76 -46.58 38.19
C SER A 1366 27.54 -46.39 37.30
N ALA A 1367 27.17 -45.13 37.07
CA ALA A 1367 25.98 -44.79 36.30
C ALA A 1367 26.14 -45.24 34.84
N THR A 1368 25.03 -45.15 34.10
CA THR A 1368 24.96 -45.63 32.73
C THR A 1368 24.92 -44.43 31.78
N VAL A 1369 25.71 -44.49 30.71
CA VAL A 1369 25.76 -43.45 29.70
C VAL A 1369 25.45 -44.12 28.37
N GLY A 1370 24.34 -43.71 27.75
CA GLY A 1370 23.90 -44.31 26.51
C GLY A 1370 22.87 -45.40 26.77
N ILE A 1371 23.05 -46.55 26.12
CA ILE A 1371 22.09 -47.65 26.26
C ILE A 1371 22.75 -49.00 26.54
N ASP A 1372 24.06 -49.15 26.34
CA ASP A 1372 24.82 -50.34 26.75
C ASP A 1372 24.26 -51.62 26.13
N VAL A 1373 24.38 -51.71 24.81
CA VAL A 1373 23.87 -52.86 24.10
C VAL A 1373 24.76 -54.07 24.36
N LYS A 1374 24.15 -55.18 24.74
CA LYS A 1374 24.84 -56.46 24.85
C LYS A 1374 24.01 -57.54 24.17
N ASP A 1375 24.42 -58.80 24.32
CA ASP A 1375 23.58 -59.93 23.89
C ASP A 1375 24.03 -61.20 24.60
N TRP A 1376 23.11 -61.84 25.31
CA TRP A 1376 23.42 -63.04 26.05
C TRP A 1376 22.62 -64.22 25.50
N PRO A 1377 23.27 -65.35 25.23
CA PRO A 1377 22.56 -66.50 24.66
C PRO A 1377 21.97 -67.38 25.75
N ILE A 1378 20.93 -68.12 25.37
CA ILE A 1378 20.20 -69.00 26.28
C ILE A 1378 20.12 -70.37 25.64
N GLN A 1379 20.64 -71.37 26.35
CA GLN A 1379 20.58 -72.76 25.91
C GLN A 1379 19.37 -73.41 26.57
N ILE A 1380 18.28 -73.56 25.80
CA ILE A 1380 17.04 -74.10 26.33
C ILE A 1380 17.26 -75.55 26.76
N ARG A 1381 16.87 -75.85 28.00
CA ARG A 1381 17.08 -77.18 28.57
C ARG A 1381 15.99 -78.17 28.18
N ASP A 1382 14.89 -77.71 27.61
CA ASP A 1382 13.82 -78.61 27.18
C ASP A 1382 14.29 -79.42 25.97
N LYS A 1383 13.46 -80.39 25.57
CA LYS A 1383 13.74 -81.21 24.40
C LYS A 1383 13.96 -80.36 23.15
N ARG A 1384 13.10 -79.35 22.95
CA ARG A 1384 13.28 -78.37 21.88
C ARG A 1384 14.34 -77.38 22.33
N LYS A 1385 15.60 -77.80 22.21
CA LYS A 1385 16.74 -76.98 22.62
C LYS A 1385 16.96 -75.88 21.59
N ARG A 1386 16.14 -74.84 21.69
CA ARG A 1386 16.18 -73.72 20.75
C ARG A 1386 17.13 -72.67 21.33
N ASP A 1387 18.40 -72.76 20.93
CA ASP A 1387 19.41 -71.79 21.37
C ASP A 1387 19.10 -70.43 20.76
N LEU A 1388 18.67 -69.49 21.59
CA LEU A 1388 18.32 -68.15 21.14
C LEU A 1388 19.25 -67.14 21.80
N VAL A 1389 19.32 -65.96 21.19
CA VAL A 1389 20.19 -64.89 21.67
C VAL A 1389 19.34 -63.65 21.88
N LEU A 1390 19.16 -63.24 23.13
CA LEU A 1390 18.49 -61.99 23.47
C LEU A 1390 19.53 -60.89 23.56
N ASN A 1391 19.39 -59.86 22.72
CA ASN A 1391 20.27 -58.69 22.81
C ASN A 1391 19.61 -57.64 23.68
N VAL A 1392 20.25 -57.34 24.80
CA VAL A 1392 19.68 -56.45 25.80
C VAL A 1392 20.06 -55.02 25.50
N TRP A 1393 19.18 -54.09 25.85
CA TRP A 1393 19.41 -52.66 25.68
C TRP A 1393 19.11 -52.01 27.03
N ASP A 1394 20.12 -51.95 27.89
CA ASP A 1394 19.97 -51.43 29.25
C ASP A 1394 19.86 -49.91 29.18
N PHE A 1395 18.65 -49.43 28.91
CA PHE A 1395 18.38 -48.00 28.78
C PHE A 1395 18.80 -47.26 30.05
N ALA A 1396 19.54 -46.17 29.87
CA ALA A 1396 19.93 -45.34 31.00
C ALA A 1396 18.74 -44.53 31.49
N GLY A 1397 18.62 -44.40 32.81
CA GLY A 1397 17.43 -43.78 33.37
C GLY A 1397 17.47 -42.26 33.46
N ARG A 1398 18.66 -41.68 33.34
CA ARG A 1398 18.83 -40.24 33.58
C ARG A 1398 18.03 -39.42 32.57
N GLU A 1399 17.41 -38.35 33.06
CA GLU A 1399 16.39 -37.66 32.28
C GLU A 1399 16.96 -36.97 31.04
N GLU A 1400 18.22 -36.53 31.09
CA GLU A 1400 18.76 -35.74 29.99
C GLU A 1400 18.90 -36.54 28.70
N PHE A 1401 19.06 -37.86 28.81
CA PHE A 1401 19.19 -38.70 27.62
C PHE A 1401 17.86 -38.99 26.95
N TYR A 1402 16.74 -38.73 27.63
CA TYR A 1402 15.43 -39.25 27.22
C TYR A 1402 15.10 -38.98 25.76
N SER A 1403 15.49 -37.82 25.24
CA SER A 1403 15.11 -37.43 23.89
C SER A 1403 15.72 -38.31 22.80
N THR A 1404 16.65 -39.19 23.14
CA THR A 1404 17.17 -40.17 22.19
C THR A 1404 16.56 -41.55 22.38
N HIS A 1405 15.92 -41.80 23.51
CA HIS A 1405 15.36 -43.12 23.79
C HIS A 1405 14.26 -43.60 22.85
N PRO A 1406 13.29 -42.79 22.39
CA PRO A 1406 12.25 -43.34 21.51
C PRO A 1406 12.77 -43.87 20.19
N HIS A 1407 14.01 -43.56 19.82
CA HIS A 1407 14.55 -43.99 18.54
C HIS A 1407 14.92 -45.45 18.53
N PHE A 1408 15.14 -46.07 19.70
CA PHE A 1408 15.55 -47.46 19.79
C PHE A 1408 14.48 -48.33 20.42
N MET A 1409 13.22 -47.93 20.35
CA MET A 1409 12.10 -48.73 20.83
C MET A 1409 11.33 -49.26 19.63
N THR A 1410 11.44 -50.57 19.41
CA THR A 1410 10.79 -51.20 18.27
C THR A 1410 9.67 -52.11 18.76
N GLN A 1411 8.86 -52.59 17.80
CA GLN A 1411 7.73 -53.43 18.14
C GLN A 1411 8.18 -54.84 18.52
N ARG A 1412 9.07 -55.43 17.73
CA ARG A 1412 9.54 -56.79 17.98
C ARG A 1412 10.51 -56.80 19.15
N ALA A 1413 10.00 -56.61 20.36
CA ALA A 1413 10.86 -56.54 21.53
C ALA A 1413 10.04 -56.81 22.78
N LEU A 1414 10.71 -57.37 23.79
CA LEU A 1414 10.14 -57.58 25.12
C LEU A 1414 10.81 -56.61 26.07
N TYR A 1415 10.00 -55.85 26.80
CA TYR A 1415 10.50 -54.79 27.67
C TYR A 1415 10.47 -55.24 29.13
N LEU A 1416 11.63 -55.22 29.78
CA LEU A 1416 11.61 -55.19 31.22
C LEU A 1416 11.35 -53.77 31.69
N ALA A 1417 11.00 -53.63 32.96
CA ALA A 1417 10.81 -52.31 33.55
C ALA A 1417 10.94 -52.47 35.06
N VAL A 1418 11.97 -51.86 35.64
CA VAL A 1418 12.30 -52.07 37.05
C VAL A 1418 11.99 -50.81 37.83
N TYR A 1419 11.54 -50.98 39.08
CA TYR A 1419 10.97 -49.83 39.77
C TYR A 1419 11.31 -49.71 41.25
N ASP A 1420 12.37 -50.34 41.72
CA ASP A 1420 13.03 -50.01 43.00
C ASP A 1420 12.04 -50.01 44.17
N LEU A 1421 11.56 -51.21 44.52
CA LEU A 1421 10.60 -51.40 45.61
C LEU A 1421 10.98 -50.72 46.93
N SER A 1422 12.25 -50.35 47.12
CA SER A 1422 12.67 -49.72 48.37
C SER A 1422 11.89 -48.43 48.63
N LYS A 1423 11.77 -47.59 47.62
CA LYS A 1423 10.94 -46.37 47.70
C LYS A 1423 9.49 -46.71 47.37
N GLY A 1424 8.95 -47.67 48.11
CA GLY A 1424 7.69 -48.30 47.74
C GLY A 1424 6.52 -47.33 47.72
N GLN A 1425 5.48 -47.74 47.00
CA GLN A 1425 4.18 -47.10 46.87
C GLN A 1425 4.25 -45.78 46.11
N ALA A 1426 5.43 -45.32 45.74
CA ALA A 1426 5.60 -44.09 44.98
C ALA A 1426 6.32 -44.30 43.67
N GLU A 1427 7.40 -45.10 43.66
CA GLU A 1427 8.14 -45.36 42.44
C GLU A 1427 7.27 -46.07 41.41
N VAL A 1428 6.30 -46.86 41.86
CA VAL A 1428 5.37 -47.52 40.94
C VAL A 1428 4.60 -46.48 40.14
N ASP A 1429 4.25 -45.35 40.77
CA ASP A 1429 3.59 -44.27 40.06
C ASP A 1429 4.61 -43.45 39.27
N ALA A 1430 5.85 -43.40 39.73
CA ALA A 1430 6.89 -42.65 39.03
C ALA A 1430 7.34 -43.32 37.75
N MET A 1431 7.11 -44.61 37.59
CA MET A 1431 7.45 -45.31 36.35
C MET A 1431 6.26 -45.43 35.40
N LYS A 1432 5.19 -44.67 35.64
CA LYS A 1432 4.11 -44.61 34.66
C LYS A 1432 4.52 -43.99 33.33
N PRO A 1433 5.35 -42.93 33.25
CA PRO A 1433 5.75 -42.43 31.92
C PRO A 1433 6.44 -43.47 31.06
N TRP A 1434 7.26 -44.34 31.65
CA TRP A 1434 7.89 -45.41 30.87
C TRP A 1434 6.86 -46.33 30.25
N LEU A 1435 5.87 -46.76 31.04
CA LEU A 1435 4.81 -47.61 30.52
C LEU A 1435 4.03 -46.91 29.41
N PHE A 1436 3.71 -45.63 29.62
CA PHE A 1436 2.95 -44.90 28.62
C PHE A 1436 3.75 -44.75 27.33
N ASN A 1437 5.07 -44.58 27.44
CA ASN A 1437 5.88 -44.41 26.24
C ASN A 1437 6.07 -45.72 25.50
N ILE A 1438 6.20 -46.82 26.25
CA ILE A 1438 6.17 -48.15 25.63
C ILE A 1438 4.87 -48.32 24.86
N LYS A 1439 3.74 -47.98 25.48
CA LYS A 1439 2.45 -48.14 24.82
C LYS A 1439 2.31 -47.20 23.63
N ALA A 1440 2.97 -46.05 23.68
CA ALA A 1440 2.93 -45.11 22.57
C ALA A 1440 3.79 -45.57 21.40
N ARG A 1441 4.91 -46.24 21.67
CA ARG A 1441 5.86 -46.62 20.64
C ARG A 1441 5.62 -48.05 20.15
N ALA A 1442 5.67 -49.02 21.05
CA ALA A 1442 5.48 -50.42 20.71
C ALA A 1442 4.20 -50.85 21.43
N SER A 1443 3.07 -50.74 20.74
CA SER A 1443 1.77 -50.92 21.38
C SER A 1443 1.57 -52.36 21.85
N SER A 1444 1.87 -53.34 21.01
CA SER A 1444 1.56 -54.74 21.29
C SER A 1444 2.78 -55.53 21.74
N SER A 1445 3.67 -54.92 22.51
CA SER A 1445 4.84 -55.62 23.01
C SER A 1445 4.67 -55.89 24.50
N PRO A 1446 4.88 -57.13 24.94
CA PRO A 1446 4.70 -57.43 26.37
C PRO A 1446 5.72 -56.71 27.23
N VAL A 1447 5.36 -56.53 28.50
CA VAL A 1447 6.18 -55.85 29.48
C VAL A 1447 6.18 -56.70 30.75
N ILE A 1448 7.33 -56.80 31.39
CA ILE A 1448 7.48 -57.57 32.63
C ILE A 1448 7.99 -56.61 33.71
N LEU A 1449 7.11 -56.25 34.63
CA LEU A 1449 7.53 -55.45 35.77
C LEU A 1449 8.43 -56.27 36.68
N VAL A 1450 9.48 -55.62 37.18
CA VAL A 1450 10.44 -56.28 38.06
C VAL A 1450 10.73 -55.34 39.22
N GLY A 1451 10.55 -55.82 40.44
CA GLY A 1451 10.79 -54.97 41.59
C GLY A 1451 12.10 -55.25 42.28
N THR A 1452 13.09 -54.41 42.05
CA THR A 1452 14.39 -54.59 42.67
C THR A 1452 14.32 -54.21 44.16
N HIS A 1453 15.48 -54.31 44.82
CA HIS A 1453 15.66 -53.82 46.20
C HIS A 1453 14.70 -54.47 47.19
N LEU A 1454 14.33 -55.73 46.96
CA LEU A 1454 13.54 -56.46 47.95
C LEU A 1454 14.28 -56.66 49.26
N ASP A 1455 15.61 -56.49 49.27
CA ASP A 1455 16.40 -56.69 50.48
C ASP A 1455 15.95 -55.77 51.61
N VAL A 1456 15.73 -54.50 51.30
CA VAL A 1456 15.32 -53.50 52.29
C VAL A 1456 13.82 -53.29 52.18
N SER A 1457 13.16 -53.23 53.34
CA SER A 1457 11.71 -53.04 53.46
C SER A 1457 10.92 -54.08 52.67
N LYS A 1463 6.76 -52.61 52.70
CA LYS A 1463 6.17 -51.83 51.62
C LYS A 1463 5.85 -52.71 50.43
N ALA A 1464 5.82 -54.02 50.65
CA ALA A 1464 5.43 -54.98 49.62
C ALA A 1464 3.98 -54.82 49.17
N CYS A 1465 3.19 -53.97 49.83
CA CYS A 1465 1.82 -53.68 49.43
C CYS A 1465 1.74 -52.86 48.15
N MET A 1466 2.87 -52.50 47.53
CA MET A 1466 2.88 -52.01 46.17
C MET A 1466 2.33 -53.03 45.17
N SER A 1467 2.33 -54.32 45.54
CA SER A 1467 1.64 -55.31 44.73
C SER A 1467 0.16 -54.96 44.55
N LYS A 1468 -0.45 -54.32 45.54
CA LYS A 1468 -1.85 -53.92 45.44
C LYS A 1468 -2.04 -52.90 44.31
N ILE A 1469 -1.25 -51.82 44.34
CA ILE A 1469 -1.42 -50.78 43.33
C ILE A 1469 -1.00 -51.30 41.95
N THR A 1470 0.03 -52.14 41.89
CA THR A 1470 0.41 -52.67 40.58
C THR A 1470 -0.56 -53.73 40.08
N LYS A 1471 -1.42 -54.26 40.94
CA LYS A 1471 -2.49 -55.15 40.50
C LYS A 1471 -3.79 -54.42 40.22
N GLU A 1472 -3.93 -53.18 40.69
CA GLU A 1472 -5.14 -52.39 40.47
C GLU A 1472 -4.94 -51.24 39.50
N LEU A 1473 -3.88 -50.46 39.67
CA LEU A 1473 -3.70 -49.24 38.89
C LEU A 1473 -3.00 -49.48 37.56
N LEU A 1474 -1.93 -50.27 37.55
CA LEU A 1474 -1.10 -50.43 36.36
C LEU A 1474 -1.55 -51.56 35.45
N ASN A 1475 -2.76 -52.09 35.64
CA ASN A 1475 -3.15 -53.28 34.89
C ASN A 1475 -3.61 -52.95 33.47
N LYS A 1476 -4.71 -52.21 33.34
CA LYS A 1476 -5.31 -52.03 32.02
C LYS A 1476 -5.81 -50.61 31.79
N ARG A 1477 -5.13 -49.60 32.34
CA ARG A 1477 -5.55 -48.22 32.16
C ARG A 1477 -4.70 -47.59 31.06
N GLY A 1478 -5.07 -47.87 29.82
CA GLY A 1478 -4.34 -47.36 28.67
C GLY A 1478 -2.85 -47.66 28.70
N PHE A 1479 -2.48 -48.87 29.10
CA PHE A 1479 -1.12 -49.24 29.42
C PHE A 1479 -0.74 -50.49 28.63
N PRO A 1480 0.60 -50.75 28.44
CA PRO A 1480 1.04 -51.73 27.43
C PRO A 1480 0.99 -53.19 27.87
N ALA A 1481 -0.13 -53.58 28.48
CA ALA A 1481 -0.49 -54.98 28.74
C ALA A 1481 0.60 -55.71 29.52
N ILE A 1482 0.77 -55.27 30.78
CA ILE A 1482 1.68 -55.93 31.71
C ILE A 1482 1.30 -57.40 31.81
N ARG A 1483 2.28 -58.28 31.60
CA ARG A 1483 2.02 -59.71 31.52
C ARG A 1483 2.54 -60.51 32.71
N ASP A 1484 3.23 -59.87 33.66
CA ASP A 1484 3.72 -60.56 34.85
C ASP A 1484 4.27 -59.53 35.83
N TYR A 1485 4.37 -59.95 37.08
CA TYR A 1485 5.02 -59.19 38.13
C TYR A 1485 6.17 -60.04 38.67
N HIS A 1486 7.19 -59.37 39.21
CA HIS A 1486 8.27 -60.06 39.89
C HIS A 1486 8.92 -59.11 40.89
N PHE A 1487 9.03 -59.56 42.14
CA PHE A 1487 9.70 -58.82 43.19
C PHE A 1487 10.98 -59.58 43.49
N VAL A 1488 12.09 -59.15 42.90
CA VAL A 1488 13.33 -59.90 42.98
C VAL A 1488 14.41 -59.04 43.62
N ASN A 1489 15.31 -59.70 44.35
CA ASN A 1489 16.51 -59.04 44.80
C ASN A 1489 17.48 -58.91 43.62
N ALA A 1490 18.51 -58.11 43.80
CA ALA A 1490 19.62 -58.04 42.86
C ALA A 1490 20.91 -58.40 43.59
N THR A 1491 22.01 -58.44 42.83
CA THR A 1491 23.37 -58.64 43.32
C THR A 1491 23.57 -60.00 44.00
N GLU A 1492 22.56 -60.87 43.99
CA GLU A 1492 22.66 -62.16 44.69
C GLU A 1492 21.73 -63.15 44.03
N GLU A 1493 22.29 -64.19 43.42
CA GLU A 1493 21.49 -65.22 42.78
C GLU A 1493 20.57 -65.91 43.79
N SER A 1494 19.32 -66.14 43.38
CA SER A 1494 18.32 -66.70 44.27
C SER A 1494 17.24 -67.37 43.42
N ASP A 1495 16.32 -68.05 44.11
CA ASP A 1495 15.20 -68.70 43.43
C ASP A 1495 14.29 -67.68 42.76
N ALA A 1496 14.20 -66.48 43.33
CA ALA A 1496 13.42 -65.41 42.70
C ALA A 1496 14.05 -65.00 41.38
N LEU A 1497 15.38 -64.81 41.37
CA LEU A 1497 16.07 -64.52 40.12
C LEU A 1497 15.87 -65.63 39.10
N ALA A 1498 15.90 -66.88 39.56
CA ALA A 1498 15.73 -68.02 38.66
C ALA A 1498 14.34 -68.01 38.03
N LYS A 1499 13.30 -67.87 38.85
CA LYS A 1499 11.94 -67.79 38.34
C LYS A 1499 11.78 -66.61 37.39
N LEU A 1500 12.43 -65.48 37.71
CA LEU A 1500 12.37 -64.31 36.85
C LEU A 1500 12.95 -64.62 35.47
N ARG A 1501 14.15 -65.20 35.45
CA ARG A 1501 14.81 -65.51 34.19
C ARG A 1501 14.00 -66.51 33.37
N LYS A 1502 13.47 -67.55 34.03
CA LYS A 1502 12.61 -68.50 33.35
C LYS A 1502 11.39 -67.83 32.77
N THR A 1503 10.84 -66.83 33.48
CA THR A 1503 9.67 -66.13 32.97
C THR A 1503 10.03 -65.26 31.77
N ILE A 1504 11.20 -64.62 31.81
CA ILE A 1504 11.70 -63.87 30.65
C ILE A 1504 11.75 -64.78 29.43
N ILE A 1505 12.35 -65.96 29.58
CA ILE A 1505 12.47 -66.88 28.44
C ILE A 1505 11.10 -67.35 27.96
N ASN A 1506 10.20 -67.67 28.90
CA ASN A 1506 8.88 -68.16 28.51
C ASN A 1506 8.11 -67.08 27.74
N GLU A 1507 8.08 -65.86 28.27
CA GLU A 1507 7.41 -64.78 27.56
C GLU A 1507 8.12 -64.42 26.27
N SER A 1508 9.42 -64.72 26.18
CA SER A 1508 10.14 -64.55 24.92
C SER A 1508 9.59 -65.47 23.85
N LEU A 1509 9.55 -66.77 24.14
CA LEU A 1509 9.06 -67.75 23.16
C LEU A 1509 7.61 -67.47 22.78
N ASN A 1510 6.77 -67.15 23.75
CA ASN A 1510 5.35 -66.93 23.51
C ASN A 1510 5.07 -65.48 23.15
N PHE A 1511 5.76 -64.97 22.14
CA PHE A 1511 5.57 -63.58 21.73
C PHE A 1511 4.35 -63.47 20.81
N LYS A 1512 4.43 -64.09 19.63
CA LYS A 1512 3.30 -64.37 18.73
C LYS A 1512 2.41 -63.15 18.49
N ILE A 1513 2.99 -62.14 17.84
CA ILE A 1513 2.17 -61.01 17.40
C ILE A 1513 1.33 -61.45 16.20
N ARG A 1514 0.01 -61.47 16.38
CA ARG A 1514 -0.94 -61.97 15.39
C ARG A 1514 -0.58 -63.39 14.94
N ASP A 1515 -0.17 -64.21 15.93
CA ASP A 1515 0.25 -65.60 15.71
C ASP A 1515 1.42 -65.68 14.72
N GLN A 1516 2.55 -65.11 15.13
CA GLN A 1516 3.74 -65.08 14.30
C GLN A 1516 4.89 -65.93 14.83
N LEU A 1517 5.06 -66.01 16.15
CA LEU A 1517 6.18 -66.72 16.79
C LEU A 1517 7.51 -66.15 16.32
N VAL A 1518 7.74 -64.88 16.69
CA VAL A 1518 8.86 -64.09 16.20
C VAL A 1518 10.20 -64.81 16.43
N VAL A 1519 10.33 -65.50 17.56
CA VAL A 1519 11.59 -66.12 17.93
C VAL A 1519 11.95 -67.29 17.01
N GLY A 1520 11.00 -67.78 16.21
CA GLY A 1520 11.26 -68.92 15.36
C GLY A 1520 10.80 -68.77 13.93
N GLN A 1521 10.86 -67.56 13.38
CA GLN A 1521 10.42 -67.35 12.00
C GLN A 1521 11.52 -67.76 11.02
N LEU A 1522 11.13 -67.91 9.76
CA LEU A 1522 12.04 -68.37 8.71
C LEU A 1522 12.71 -67.20 8.01
N ILE A 1523 13.98 -67.39 7.66
CA ILE A 1523 14.74 -66.37 6.93
C ILE A 1523 15.59 -67.04 5.87
N PRO A 1524 15.90 -66.32 4.79
CA PRO A 1524 16.83 -66.87 3.80
C PRO A 1524 18.23 -67.05 4.37
N ASP A 1525 18.93 -68.04 3.84
CA ASP A 1525 20.27 -68.37 4.35
C ASP A 1525 21.23 -67.19 4.18
N CYS A 1526 21.04 -66.38 3.13
CA CYS A 1526 21.93 -65.26 2.90
C CYS A 1526 21.89 -64.26 4.06
N TYR A 1527 20.73 -64.12 4.70
CA TYR A 1527 20.61 -63.19 5.82
C TYR A 1527 21.49 -63.63 6.98
N VAL A 1528 21.36 -64.90 7.40
CA VAL A 1528 22.16 -65.37 8.53
C VAL A 1528 23.64 -65.45 8.15
N GLU A 1529 23.94 -65.65 6.85
CA GLU A 1529 25.33 -65.63 6.42
C GLU A 1529 25.92 -64.23 6.57
N LEU A 1530 25.19 -63.21 6.11
CA LEU A 1530 25.63 -61.83 6.29
C LEU A 1530 25.76 -61.50 7.78
N GLU A 1531 24.86 -62.04 8.60
CA GLU A 1531 24.96 -61.84 10.04
C GLU A 1531 26.27 -62.40 10.58
N LYS A 1532 26.61 -63.63 10.18
CA LYS A 1532 27.85 -64.23 10.66
C LYS A 1532 29.06 -63.45 10.20
N ILE A 1533 29.07 -62.99 8.95
CA ILE A 1533 30.25 -62.27 8.48
C ILE A 1533 30.34 -60.89 9.15
N ILE A 1534 29.21 -60.30 9.55
CA ILE A 1534 29.27 -59.05 10.29
C ILE A 1534 29.83 -59.29 11.69
N LEU A 1535 29.34 -60.33 12.37
CA LEU A 1535 29.86 -60.65 13.69
C LEU A 1535 31.34 -61.01 13.66
N SER A 1536 31.83 -61.59 12.56
CA SER A 1536 33.26 -61.84 12.45
C SER A 1536 34.02 -60.54 12.20
N GLU A 1537 33.48 -59.69 11.33
CA GLU A 1537 34.10 -58.39 11.04
C GLU A 1537 34.08 -57.45 12.23
N ARG A 1538 33.32 -57.76 13.28
CA ARG A 1538 33.37 -56.99 14.52
C ARG A 1538 34.77 -56.98 15.11
N LYS A 1539 35.47 -58.11 15.04
CA LYS A 1539 36.81 -58.19 15.62
C LYS A 1539 37.81 -57.34 14.83
N ASN A 1540 37.82 -57.49 13.50
CA ASN A 1540 38.83 -56.82 12.67
C ASN A 1540 38.27 -55.47 12.19
N VAL A 1541 38.27 -54.51 13.10
CA VAL A 1541 37.88 -53.14 12.82
C VAL A 1541 38.47 -52.28 13.93
N PRO A 1542 38.91 -51.06 13.66
CA PRO A 1542 39.46 -50.20 14.73
C PRO A 1542 38.47 -50.02 15.87
N ILE A 1543 38.91 -50.40 17.07
CA ILE A 1543 38.06 -50.25 18.26
C ILE A 1543 37.66 -48.80 18.46
N GLU A 1544 38.56 -47.86 18.18
CA GLU A 1544 38.22 -46.45 18.34
C GLU A 1544 37.18 -45.99 17.33
N PHE A 1545 37.13 -46.61 16.16
CA PHE A 1545 36.23 -46.19 15.08
C PHE A 1545 35.68 -47.44 14.40
N PRO A 1546 34.69 -48.09 15.00
CA PRO A 1546 34.22 -49.39 14.49
C PRO A 1546 33.35 -49.32 13.25
N VAL A 1547 33.23 -48.16 12.62
CA VAL A 1547 32.41 -48.03 11.41
C VAL A 1547 33.05 -48.83 10.27
N ILE A 1548 32.22 -49.27 9.33
CA ILE A 1548 32.67 -50.03 8.18
C ILE A 1548 32.15 -49.32 6.92
N ASP A 1549 32.79 -49.61 5.80
CA ASP A 1549 32.49 -48.95 4.53
C ASP A 1549 31.71 -49.87 3.61
N ARG A 1550 30.79 -49.26 2.84
CA ARG A 1550 29.98 -50.03 1.90
C ARG A 1550 30.84 -50.75 0.88
N LYS A 1551 31.93 -50.12 0.44
CA LYS A 1551 32.86 -50.79 -0.45
C LYS A 1551 33.56 -51.94 0.26
N ARG A 1552 33.93 -51.74 1.52
CA ARG A 1552 34.51 -52.82 2.31
C ARG A 1552 33.51 -53.96 2.49
N LEU A 1553 32.24 -53.63 2.72
CA LEU A 1553 31.20 -54.65 2.80
C LEU A 1553 31.06 -55.41 1.49
N LEU A 1554 31.14 -54.68 0.36
CA LEU A 1554 31.06 -55.32 -0.94
C LEU A 1554 32.22 -56.28 -1.17
N GLN A 1555 33.43 -55.86 -0.79
CA GLN A 1555 34.59 -56.75 -0.88
C GLN A 1555 34.42 -57.96 0.02
N LEU A 1556 33.80 -57.77 1.19
CA LEU A 1556 33.56 -58.89 2.10
C LEU A 1556 32.61 -59.89 1.49
N VAL A 1557 31.47 -59.42 0.96
CA VAL A 1557 30.49 -60.34 0.40
C VAL A 1557 30.98 -60.94 -0.92
N ARG A 1558 31.93 -60.29 -1.59
CA ARG A 1558 32.54 -60.89 -2.77
C ARG A 1558 33.53 -61.98 -2.39
N GLU A 1559 34.31 -61.75 -1.32
CA GLU A 1559 35.35 -62.72 -0.93
C GLU A 1559 34.75 -64.04 -0.46
N ASN A 1560 33.64 -63.99 0.26
CA ASN A 1560 33.05 -65.21 0.81
C ASN A 1560 32.07 -65.80 -0.19
N GLN A 1561 31.32 -66.82 0.24
CA GLN A 1561 30.38 -67.54 -0.61
C GLN A 1561 28.99 -66.90 -0.63
N LEU A 1562 28.83 -65.70 -0.09
CA LEU A 1562 27.52 -65.04 -0.06
C LEU A 1562 27.06 -64.77 -1.48
N GLN A 1563 25.89 -65.31 -1.84
CA GLN A 1563 25.30 -65.12 -3.15
C GLN A 1563 24.36 -63.93 -3.22
N LEU A 1564 24.51 -62.96 -2.32
CA LEU A 1564 23.62 -61.82 -2.28
C LEU A 1564 23.98 -60.83 -3.39
N ASP A 1565 22.96 -60.37 -4.11
CA ASP A 1565 23.15 -59.43 -5.20
C ASP A 1565 23.19 -58.00 -4.68
N GLU A 1566 23.55 -57.07 -5.57
CA GLU A 1566 23.60 -55.66 -5.21
C GLU A 1566 22.22 -55.13 -4.84
N ASN A 1567 21.20 -55.52 -5.61
CA ASN A 1567 19.84 -55.13 -5.28
C ASN A 1567 19.32 -55.82 -4.03
N GLU A 1568 19.90 -56.96 -3.66
CA GLU A 1568 19.48 -57.69 -2.48
C GLU A 1568 20.11 -57.17 -1.20
N LEU A 1569 21.14 -56.32 -1.29
CA LEU A 1569 21.76 -55.76 -0.10
C LEU A 1569 20.79 -54.95 0.76
N PRO A 1570 20.14 -53.88 0.27
CA PRO A 1570 19.39 -52.99 1.18
C PRO A 1570 18.37 -53.68 2.08
N HIS A 1571 17.52 -54.54 1.52
CA HIS A 1571 16.58 -55.31 2.32
C HIS A 1571 17.30 -56.15 3.36
N ALA A 1572 18.44 -56.73 2.99
CA ALA A 1572 19.18 -57.59 3.89
C ALA A 1572 19.70 -56.80 5.08
N VAL A 1573 20.49 -55.75 4.81
CA VAL A 1573 21.05 -54.94 5.89
C VAL A 1573 19.94 -54.29 6.71
N HIS A 1574 18.78 -54.02 6.09
CA HIS A 1574 17.65 -53.49 6.85
C HIS A 1574 17.12 -54.51 7.84
N PHE A 1575 16.96 -55.76 7.40
CA PHE A 1575 16.52 -56.80 8.32
C PHE A 1575 17.53 -57.00 9.44
N LEU A 1576 18.82 -56.96 9.10
CA LEU A 1576 19.85 -57.04 10.14
C LEU A 1576 19.74 -55.88 11.12
N ASN A 1577 19.41 -54.69 10.61
CA ASN A 1577 19.20 -53.53 11.47
C ASN A 1577 18.06 -53.77 12.45
N GLU A 1578 16.94 -54.28 11.94
CA GLU A 1578 15.79 -54.57 12.80
C GLU A 1578 16.14 -55.56 13.91
N SER A 1579 17.05 -56.48 13.64
CA SER A 1579 17.47 -57.47 14.63
C SER A 1579 18.51 -56.94 15.62
N GLY A 1580 18.92 -55.69 15.49
CA GLY A 1580 19.90 -55.12 16.38
C GLY A 1580 21.29 -55.73 16.26
N VAL A 1581 21.78 -55.89 15.03
CA VAL A 1581 23.12 -56.39 14.81
C VAL A 1581 24.03 -55.24 14.41
N LEU A 1582 23.71 -54.57 13.31
CA LEU A 1582 24.39 -53.35 12.91
C LEU A 1582 23.35 -52.29 12.58
N LEU A 1583 23.67 -51.05 12.89
CA LEU A 1583 22.76 -49.94 12.64
C LEU A 1583 23.13 -49.22 11.35
N HIS A 1584 22.11 -48.77 10.64
CA HIS A 1584 22.33 -48.08 9.37
C HIS A 1584 21.11 -47.21 9.08
N PHE A 1585 21.30 -46.26 8.17
CA PHE A 1585 20.23 -45.34 7.77
C PHE A 1585 20.36 -45.14 6.26
N GLN A 1586 19.59 -45.93 5.50
CA GLN A 1586 19.65 -45.93 4.05
C GLN A 1586 19.02 -44.70 3.42
N ASP A 1587 18.35 -43.85 4.20
CA ASP A 1587 17.73 -42.66 3.65
C ASP A 1587 18.79 -41.74 3.03
N PRO A 1588 18.52 -41.14 1.88
CA PRO A 1588 19.52 -40.27 1.24
C PRO A 1588 19.57 -38.86 1.80
N ALA A 1589 18.69 -38.51 2.75
CA ALA A 1589 18.79 -37.22 3.42
C ALA A 1589 20.12 -37.07 4.16
N LEU A 1590 20.67 -38.18 4.65
CA LEU A 1590 21.98 -38.20 5.28
C LEU A 1590 22.99 -38.85 4.36
N GLN A 1591 24.26 -38.51 4.58
CA GLN A 1591 25.36 -39.13 3.83
C GLN A 1591 25.79 -40.47 4.42
N LEU A 1592 25.01 -41.02 5.35
CA LEU A 1592 25.37 -42.25 6.06
C LEU A 1592 25.02 -43.51 5.29
N SER A 1593 24.46 -43.41 4.08
CA SER A 1593 24.12 -44.59 3.32
C SER A 1593 25.33 -45.36 2.82
N ASP A 1594 26.54 -44.81 2.97
CA ASP A 1594 27.77 -45.52 2.64
C ASP A 1594 28.52 -46.02 3.87
N LEU A 1595 28.16 -45.54 5.06
CA LEU A 1595 28.78 -45.95 6.32
C LEU A 1595 27.81 -46.85 7.08
N TYR A 1596 28.27 -48.05 7.42
CA TYR A 1596 27.44 -49.03 8.12
C TYR A 1596 28.01 -49.20 9.53
N PHE A 1597 27.23 -48.77 10.52
CA PHE A 1597 27.69 -48.76 11.90
C PHE A 1597 27.66 -50.17 12.46
N VAL A 1598 28.83 -50.68 12.84
CA VAL A 1598 28.95 -51.98 13.47
C VAL A 1598 29.26 -51.76 14.94
N GLU A 1599 28.82 -52.71 15.78
CA GLU A 1599 28.92 -52.63 17.24
C GLU A 1599 28.20 -51.38 17.72
N PRO A 1600 26.86 -51.38 17.68
CA PRO A 1600 26.11 -50.14 17.92
C PRO A 1600 26.28 -49.53 19.30
N LYS A 1601 26.71 -50.32 20.30
CA LYS A 1601 26.88 -49.77 21.64
C LYS A 1601 27.91 -48.64 21.65
N TRP A 1602 28.95 -48.75 20.81
CA TRP A 1602 29.93 -47.68 20.69
C TRP A 1602 29.28 -46.41 20.13
N LEU A 1603 28.52 -46.55 19.05
CA LEU A 1603 27.82 -45.42 18.46
C LEU A 1603 26.94 -44.71 19.47
N CYS A 1604 26.15 -45.49 20.21
CA CYS A 1604 25.18 -44.89 21.12
C CYS A 1604 25.87 -44.25 22.31
N LYS A 1605 26.93 -44.89 22.83
CA LYS A 1605 27.69 -44.28 23.91
C LYS A 1605 28.34 -42.97 23.46
N ILE A 1606 28.92 -42.94 22.26
CA ILE A 1606 29.58 -41.73 21.78
C ILE A 1606 28.57 -40.62 21.54
N MET A 1607 27.39 -40.96 21.04
CA MET A 1607 26.38 -39.94 20.81
C MET A 1607 25.81 -39.40 22.12
N ALA A 1608 25.63 -40.27 23.12
CA ALA A 1608 25.20 -39.79 24.43
C ALA A 1608 26.31 -39.14 25.23
N GLN A 1609 27.56 -39.20 24.77
CA GLN A 1609 28.68 -38.61 25.51
C GLN A 1609 28.49 -37.11 25.69
N ILE A 1610 28.19 -36.38 24.61
CA ILE A 1610 28.17 -34.93 24.66
C ILE A 1610 27.02 -34.36 25.47
N LEU A 1611 26.08 -35.20 25.91
CA LEU A 1611 24.96 -34.70 26.71
C LEU A 1611 25.39 -34.34 28.12
N THR A 1612 26.31 -35.11 28.71
CA THR A 1612 26.74 -34.86 30.08
C THR A 1612 27.83 -33.79 30.18
N VAL A 1613 28.14 -33.09 29.09
CA VAL A 1613 29.13 -32.03 29.12
C VAL A 1613 28.57 -30.76 28.50
N PRO A 1642 39.02 -38.37 14.12
CA PRO A 1642 38.00 -38.56 13.08
C PRO A 1642 37.44 -37.24 12.57
N LYS A 1643 38.32 -36.28 12.27
CA LYS A 1643 37.90 -34.98 11.76
C LYS A 1643 37.45 -35.03 10.30
N ASN A 1644 37.45 -36.20 9.66
CA ASN A 1644 37.01 -36.29 8.28
C ASN A 1644 35.49 -36.35 8.17
N TYR A 1645 34.83 -37.04 9.09
CA TYR A 1645 33.39 -37.23 9.07
C TYR A 1645 32.65 -36.27 10.00
N MET A 1646 33.32 -35.20 10.45
CA MET A 1646 32.69 -34.24 11.36
C MET A 1646 31.40 -33.67 10.78
N THR A 1647 31.34 -33.48 9.46
CA THR A 1647 30.09 -33.03 8.85
C THR A 1647 29.00 -34.10 8.97
N GLN A 1648 29.34 -35.36 8.65
CA GLN A 1648 28.39 -36.45 8.89
C GLN A 1648 28.11 -36.62 10.38
N TYR A 1649 29.11 -36.36 11.23
CA TYR A 1649 28.90 -36.39 12.67
C TYR A 1649 27.78 -35.44 13.07
N PHE A 1650 27.84 -34.20 12.58
CA PHE A 1650 26.81 -33.22 12.92
C PHE A 1650 25.48 -33.58 12.27
N LYS A 1651 25.52 -34.13 11.05
CA LYS A 1651 24.29 -34.54 10.38
C LYS A 1651 23.54 -35.60 11.19
N LEU A 1652 24.22 -36.68 11.57
CA LEU A 1652 23.58 -37.70 12.39
C LEU A 1652 23.27 -37.19 13.80
N LEU A 1653 24.05 -36.24 14.30
CA LEU A 1653 23.71 -35.60 15.57
C LEU A 1653 22.36 -34.89 15.48
N GLU A 1654 22.10 -34.23 14.35
CA GLU A 1654 20.76 -33.69 14.11
C GLU A 1654 19.74 -34.81 13.94
N LYS A 1655 20.13 -35.90 13.28
CA LYS A 1655 19.25 -37.06 13.17
C LYS A 1655 18.92 -37.68 14.52
N PHE A 1656 19.74 -37.45 15.53
CA PHE A 1656 19.44 -37.84 16.90
C PHE A 1656 18.81 -36.70 17.69
N GLN A 1657 18.43 -35.60 17.02
CA GLN A 1657 17.81 -34.43 17.65
C GLN A 1657 18.69 -33.88 18.78
N ILE A 1658 19.95 -33.61 18.44
CA ILE A 1658 20.90 -33.02 19.38
C ILE A 1658 21.32 -31.66 18.85
N ALA A 1659 21.26 -31.50 17.53
CA ALA A 1659 21.56 -30.22 16.89
C ALA A 1659 20.85 -30.10 15.54
N LEU A 1668 23.15 -25.63 18.62
CA LEU A 1668 21.96 -25.60 19.47
C LEU A 1668 21.63 -27.00 19.99
N VAL A 1669 21.34 -27.10 21.28
CA VAL A 1669 20.98 -28.36 21.90
C VAL A 1669 19.56 -28.25 22.42
N PRO A 1670 18.58 -28.97 21.84
CA PRO A 1670 17.20 -28.84 22.32
C PRO A 1670 17.00 -29.23 23.78
N SER A 1671 17.72 -30.24 24.26
CA SER A 1671 17.69 -30.52 25.68
C SER A 1671 18.48 -29.48 26.45
N SER A 1672 18.23 -29.41 27.77
CA SER A 1672 18.84 -28.42 28.66
C SER A 1672 18.53 -26.99 28.20
N LEU A 1673 17.25 -26.65 28.23
CA LEU A 1673 16.78 -25.34 27.79
C LEU A 1673 15.95 -24.68 28.87
N SER A 1674 16.39 -24.81 30.12
CA SER A 1674 15.99 -23.99 31.27
C SER A 1674 14.59 -24.26 31.78
N ASP A 1675 13.79 -25.03 31.04
CA ASP A 1675 12.52 -25.59 31.52
C ASP A 1675 11.51 -24.53 31.98
N HIS A 1676 11.83 -23.25 31.83
CA HIS A 1676 11.06 -22.16 32.42
C HIS A 1676 10.45 -21.35 31.30
N ARG A 1677 9.12 -21.37 31.23
CA ARG A 1677 8.41 -20.49 30.32
C ARG A 1677 8.80 -19.04 30.62
N PRO A 1678 9.11 -18.23 29.61
CA PRO A 1678 9.26 -16.80 29.84
C PRO A 1678 7.93 -16.10 29.71
N VAL A 1679 7.72 -15.09 30.57
CA VAL A 1679 6.46 -14.36 30.58
C VAL A 1679 6.25 -13.70 29.23
N ILE A 1680 5.09 -13.94 28.62
CA ILE A 1680 4.79 -13.45 27.28
C ILE A 1680 3.49 -12.67 27.34
N GLU A 1681 3.58 -11.35 27.41
CA GLU A 1681 2.41 -10.47 27.40
C GLU A 1681 1.99 -10.34 25.94
N LEU A 1682 1.13 -11.24 25.50
CA LEU A 1682 0.67 -11.26 24.12
C LEU A 1682 -0.08 -9.97 23.81
N PRO A 1683 -0.03 -9.47 22.56
CA PRO A 1683 -0.71 -8.22 22.24
C PRO A 1683 -2.22 -8.32 22.38
N HIS A 1684 -2.77 -9.38 21.80
CA HIS A 1684 -4.20 -9.55 21.67
C HIS A 1684 -4.71 -10.41 22.82
N CYS A 1685 -5.75 -9.94 23.49
CA CYS A 1685 -6.35 -10.79 24.51
C CYS A 1685 -7.75 -11.10 24.03
N GLU A 1686 -8.76 -11.02 24.91
CA GLU A 1686 -10.15 -11.21 24.49
C GLU A 1686 -10.33 -12.68 24.09
N ASN A 1687 -11.46 -13.00 23.50
CA ASN A 1687 -11.67 -14.35 22.96
C ASN A 1687 -11.96 -14.34 21.48
N SER A 1688 -12.52 -13.25 20.96
CA SER A 1688 -12.94 -13.18 19.56
C SER A 1688 -11.74 -13.23 18.61
N GLU A 1689 -10.68 -12.50 18.92
CA GLU A 1689 -9.56 -12.33 18.00
C GLU A 1689 -8.50 -13.43 18.05
N ILE A 1690 -8.73 -14.55 18.73
CA ILE A 1690 -7.71 -15.58 18.89
C ILE A 1690 -8.36 -16.95 18.67
N ILE A 1691 -7.51 -17.95 18.51
CA ILE A 1691 -7.95 -19.33 18.32
C ILE A 1691 -7.09 -20.24 19.19
N ILE A 1692 -7.72 -21.04 20.03
CA ILE A 1692 -7.02 -22.02 20.86
C ILE A 1692 -7.35 -23.40 20.30
N ARG A 1693 -6.47 -24.37 20.60
CA ARG A 1693 -6.76 -25.76 20.27
C ARG A 1693 -5.95 -26.65 21.20
N LEU A 1694 -6.60 -27.15 22.26
CA LEU A 1694 -5.90 -28.00 23.20
C LEU A 1694 -5.62 -29.37 22.59
N TYR A 1695 -4.71 -30.09 23.24
CA TYR A 1695 -4.35 -31.45 22.85
C TYR A 1695 -4.12 -32.20 24.16
N GLU A 1696 -5.02 -33.09 24.52
CA GLU A 1696 -4.97 -33.73 25.83
C GLU A 1696 -4.44 -35.15 25.68
N MET A 1697 -3.29 -35.39 26.30
CA MET A 1697 -2.69 -36.70 26.45
C MET A 1697 -2.24 -36.86 27.89
N PRO A 1698 -2.28 -38.10 28.44
CA PRO A 1698 -1.99 -38.28 29.88
C PRO A 1698 -0.64 -37.73 30.30
N TYR A 1699 0.42 -38.23 29.67
CA TYR A 1699 1.75 -37.66 29.82
C TYR A 1699 2.29 -37.34 28.45
N PHE A 1700 3.22 -36.40 28.39
CA PHE A 1700 3.91 -36.15 27.14
C PHE A 1700 4.72 -37.38 26.75
N PRO A 1701 4.77 -37.72 25.46
CA PRO A 1701 5.54 -38.89 25.03
C PRO A 1701 7.02 -38.76 25.40
N MET A 1702 7.74 -39.87 25.24
CA MET A 1702 9.11 -39.99 25.74
C MET A 1702 10.00 -38.86 25.23
N GLY A 1703 10.09 -38.69 23.92
CA GLY A 1703 10.94 -37.67 23.35
C GLY A 1703 10.20 -36.72 22.44
N PHE A 1704 8.98 -36.35 22.81
CA PHE A 1704 8.10 -35.65 21.89
C PHE A 1704 8.63 -34.26 21.54
N TRP A 1705 8.85 -33.43 22.57
CA TRP A 1705 9.00 -31.99 22.36
C TRP A 1705 10.21 -31.64 21.51
N SER A 1706 11.31 -32.38 21.68
CA SER A 1706 12.48 -32.16 20.83
C SER A 1706 12.15 -32.39 19.37
N ARG A 1707 11.49 -33.50 19.07
CA ARG A 1707 11.07 -33.81 17.70
C ARG A 1707 10.17 -32.71 17.14
N LEU A 1708 9.19 -32.28 17.94
CA LEU A 1708 8.27 -31.25 17.47
C LEU A 1708 9.00 -29.95 17.17
N ILE A 1709 9.76 -29.45 18.14
CA ILE A 1709 10.51 -28.20 17.97
C ILE A 1709 11.40 -28.28 16.74
N ASN A 1710 12.18 -29.36 16.62
CA ASN A 1710 13.06 -29.52 15.47
C ASN A 1710 12.27 -29.66 14.17
N ARG A 1711 11.00 -30.07 14.25
CA ARG A 1711 10.18 -30.16 13.06
C ARG A 1711 9.61 -28.81 12.64
N LEU A 1712 9.12 -28.03 13.60
CA LEU A 1712 8.63 -26.68 13.33
C LEU A 1712 9.75 -25.68 13.09
N LEU A 1713 11.00 -26.10 12.98
CA LEU A 1713 12.13 -25.18 12.87
C LEU A 1713 12.05 -24.50 11.51
N GLU A 1714 11.50 -23.29 11.49
CA GLU A 1714 11.35 -22.45 10.30
C GLU A 1714 10.57 -23.15 9.17
N ILE A 1715 9.90 -24.25 9.47
CA ILE A 1715 9.21 -25.04 8.46
C ILE A 1715 7.73 -24.68 8.36
N SER A 1716 7.33 -23.53 8.90
CA SER A 1716 5.93 -23.10 8.87
C SER A 1716 5.87 -21.59 8.70
N PRO A 1717 6.16 -21.09 7.50
CA PRO A 1717 6.05 -19.65 7.26
C PRO A 1717 4.63 -19.25 6.88
N TYR A 1718 4.21 -18.08 7.36
CA TYR A 1718 2.86 -17.59 7.09
C TYR A 1718 2.64 -17.39 5.60
N MET A 1719 3.64 -16.86 4.90
CA MET A 1719 3.57 -16.62 3.46
C MET A 1719 4.25 -17.76 2.71
N LEU A 1720 4.19 -17.69 1.39
CA LEU A 1720 4.80 -18.70 0.54
C LEU A 1720 6.27 -18.39 0.29
N ALA A 1726 11.68 -16.16 2.55
CA ALA A 1726 11.34 -14.78 2.28
C ALA A 1726 11.66 -13.89 3.49
N LEU A 1727 10.97 -14.13 4.59
CA LEU A 1727 11.16 -13.39 5.83
C LEU A 1727 11.47 -14.34 6.96
N ARG A 1728 12.38 -13.95 7.83
CA ARG A 1728 12.72 -14.73 9.00
C ARG A 1728 11.87 -14.29 10.19
N PRO A 1729 11.21 -15.20 10.87
CA PRO A 1729 10.39 -14.83 12.03
C PRO A 1729 11.15 -14.85 13.34
N ASN A 1730 10.71 -14.00 14.25
CA ASN A 1730 11.25 -13.98 15.59
C ASN A 1730 10.83 -15.23 16.35
N ARG A 1731 11.77 -15.89 17.02
CA ARG A 1731 11.52 -17.16 17.69
C ARG A 1731 12.08 -17.13 19.10
N MET A 1732 11.35 -17.74 20.05
CA MET A 1732 11.78 -17.84 21.44
C MET A 1732 11.68 -19.29 21.86
N TYR A 1733 12.70 -20.08 21.56
CA TYR A 1733 12.69 -21.49 21.92
C TYR A 1733 12.76 -21.67 23.43
N TRP A 1734 12.11 -22.73 23.91
CA TRP A 1734 12.33 -23.26 25.25
C TRP A 1734 11.77 -24.67 25.25
N ARG A 1735 12.20 -25.47 26.23
CA ARG A 1735 11.97 -26.91 26.24
C ARG A 1735 10.50 -27.31 26.08
N GLN A 1736 9.58 -26.37 26.26
CA GLN A 1736 8.15 -26.63 26.19
C GLN A 1736 7.43 -25.53 25.40
N GLY A 1737 7.99 -25.12 24.28
CA GLY A 1737 7.32 -24.13 23.45
C GLY A 1737 8.24 -23.55 22.40
N ILE A 1738 7.63 -22.86 21.44
CA ILE A 1738 8.41 -22.28 20.36
C ILE A 1738 8.11 -20.79 20.22
N TYR A 1739 6.85 -20.46 19.96
CA TYR A 1739 6.38 -19.08 19.80
C TYR A 1739 7.15 -18.35 18.71
N LEU A 1740 6.91 -18.76 17.47
CA LEU A 1740 7.30 -17.92 16.33
C LEU A 1740 6.54 -16.59 16.40
N ASN A 1741 7.05 -15.60 15.65
CA ASN A 1741 6.41 -14.29 15.65
C ASN A 1741 6.84 -13.49 14.43
N TRP A 1742 5.88 -13.16 13.57
CA TRP A 1742 6.11 -12.28 12.42
C TRP A 1742 5.65 -10.85 12.72
N SER A 1743 4.38 -10.69 13.07
CA SER A 1743 3.73 -9.40 13.14
C SER A 1743 2.75 -9.47 14.29
N PRO A 1744 2.19 -8.33 14.74
CA PRO A 1744 1.24 -8.41 15.86
C PRO A 1744 -0.02 -9.20 15.54
N GLU A 1745 -0.31 -9.45 14.26
CA GLU A 1745 -1.47 -10.22 13.86
C GLU A 1745 -1.10 -11.47 13.10
N ALA A 1746 0.17 -11.89 13.13
CA ALA A 1746 0.64 -13.03 12.36
C ALA A 1746 1.59 -13.89 13.18
N TYR A 1747 1.25 -14.14 14.44
CA TYR A 1747 2.13 -14.93 15.29
C TYR A 1747 1.59 -16.35 15.43
N CYS A 1748 2.23 -17.14 16.29
CA CYS A 1748 1.87 -18.51 16.59
C CYS A 1748 2.64 -18.94 17.82
N LEU A 1749 2.03 -19.78 18.65
CA LEU A 1749 2.61 -20.14 19.93
C LEU A 1749 2.13 -21.54 20.28
N VAL A 1750 3.02 -22.52 20.18
CA VAL A 1750 2.71 -23.89 20.54
C VAL A 1750 3.47 -24.22 21.81
N GLY A 1751 2.76 -24.29 22.93
CA GLY A 1751 3.44 -24.45 24.20
C GLY A 1751 2.64 -25.20 25.24
N SER A 1752 3.33 -26.00 26.05
CA SER A 1752 2.66 -26.80 27.07
C SER A 1752 1.94 -25.91 28.07
N GLU A 1753 0.86 -26.44 28.63
CA GLU A 1753 0.09 -25.73 29.65
C GLU A 1753 -0.58 -26.74 30.55
N VAL A 1754 -0.51 -26.51 31.85
CA VAL A 1754 -1.18 -27.38 32.82
C VAL A 1754 -2.44 -26.67 33.31
N LEU A 1755 -3.49 -27.45 33.54
CA LEU A 1755 -4.75 -26.95 34.07
C LEU A 1755 -4.98 -27.53 35.46
N ASP A 1756 -5.52 -26.71 36.35
CA ASP A 1756 -5.76 -27.13 37.72
C ASP A 1756 -6.77 -28.27 37.76
N ASN A 1757 -6.59 -29.16 38.74
CA ASN A 1757 -7.40 -30.37 38.90
C ASN A 1757 -7.41 -31.22 37.63
N HIS A 1758 -6.25 -31.34 37.01
CA HIS A 1758 -6.10 -32.12 35.77
C HIS A 1758 -4.68 -32.66 35.72
N PRO A 1759 -4.48 -33.94 36.04
CA PRO A 1759 -3.13 -34.51 35.96
C PRO A 1759 -2.68 -34.81 34.53
N GLU A 1760 -3.48 -34.48 33.53
CA GLU A 1760 -3.13 -34.70 32.14
C GLU A 1760 -2.13 -33.64 31.66
N SER A 1761 -1.80 -33.67 30.38
CA SER A 1761 -0.93 -32.70 29.76
C SER A 1761 -1.65 -32.08 28.56
N PHE A 1762 -1.24 -30.86 28.21
CA PHE A 1762 -1.89 -30.12 27.15
C PHE A 1762 -0.86 -29.44 26.26
N LEU A 1763 -1.29 -29.09 25.05
CA LEU A 1763 -0.44 -28.50 24.03
C LEU A 1763 -1.14 -27.30 23.42
N LYS A 1764 -1.57 -26.37 24.27
CA LYS A 1764 -2.26 -25.15 23.85
C LYS A 1764 -1.59 -24.49 22.66
N ILE A 1765 -2.38 -24.11 21.67
CA ILE A 1765 -1.88 -23.50 20.44
C ILE A 1765 -2.63 -22.19 20.25
N THR A 1766 -1.99 -21.07 20.58
CA THR A 1766 -2.64 -19.77 20.49
C THR A 1766 -2.31 -19.17 19.14
N VAL A 1767 -3.34 -18.75 18.41
CA VAL A 1767 -3.22 -18.31 17.03
C VAL A 1767 -4.18 -17.16 16.78
N PRO A 1768 -3.77 -16.09 16.09
CA PRO A 1768 -4.69 -14.99 15.83
C PRO A 1768 -5.77 -15.38 14.83
N SER A 1769 -6.88 -14.64 14.88
CA SER A 1769 -8.04 -14.95 14.06
C SER A 1769 -7.88 -14.54 12.61
N CYS A 1770 -6.80 -13.85 12.26
CA CYS A 1770 -6.58 -13.39 10.89
C CYS A 1770 -6.34 -14.58 9.95
N ARG A 1771 -6.24 -14.27 8.66
CA ARG A 1771 -6.04 -15.30 7.64
C ARG A 1771 -4.72 -16.04 7.84
N LYS A 1772 -3.61 -15.28 7.91
CA LYS A 1772 -2.29 -15.88 8.15
C LYS A 1772 -2.27 -16.72 9.41
N GLY A 1773 -3.04 -16.31 10.42
CA GLY A 1773 -3.23 -17.14 11.59
C GLY A 1773 -3.77 -18.50 11.24
N CYS A 1774 -4.88 -18.54 10.51
CA CYS A 1774 -5.48 -19.80 10.10
C CYS A 1774 -4.50 -20.65 9.30
N ILE A 1775 -3.69 -20.01 8.45
CA ILE A 1775 -2.68 -20.75 7.68
C ILE A 1775 -1.70 -21.43 8.62
N LEU A 1776 -1.16 -20.68 9.58
CA LEU A 1776 -0.23 -21.24 10.55
C LEU A 1776 -0.87 -22.37 11.35
N LEU A 1777 -2.11 -22.17 11.77
CA LEU A 1777 -2.82 -23.21 12.52
C LEU A 1777 -2.93 -24.49 11.71
N GLY A 1778 -3.30 -24.37 10.44
CA GLY A 1778 -3.38 -25.54 9.58
C GLY A 1778 -2.05 -26.26 9.49
N GLN A 1779 -0.97 -25.53 9.19
CA GLN A 1779 0.35 -26.15 9.06
C GLN A 1779 0.78 -26.83 10.35
N VAL A 1780 0.51 -26.20 11.49
CA VAL A 1780 0.97 -26.75 12.76
C VAL A 1780 0.20 -28.01 13.11
N VAL A 1781 -1.13 -27.99 12.91
CA VAL A 1781 -1.92 -29.19 13.19
C VAL A 1781 -1.50 -30.33 12.27
N ASP A 1782 -1.21 -30.02 11.01
CA ASP A 1782 -0.72 -31.05 10.09
C ASP A 1782 0.60 -31.65 10.58
N HIS A 1783 1.54 -30.80 10.98
CA HIS A 1783 2.85 -31.29 11.41
C HIS A 1783 2.73 -32.12 12.68
N ILE A 1784 1.86 -31.71 13.61
CA ILE A 1784 1.72 -32.45 14.86
C ILE A 1784 1.06 -33.79 14.62
N ASP A 1785 -0.05 -33.80 13.87
CA ASP A 1785 -0.69 -35.07 13.51
C ASP A 1785 0.25 -35.98 12.74
N SER A 1786 1.12 -35.40 11.90
CA SER A 1786 2.11 -36.20 11.18
C SER A 1786 3.09 -36.86 12.15
N LEU A 1787 3.59 -36.09 13.11
CA LEU A 1787 4.49 -36.64 14.12
C LEU A 1787 3.80 -37.74 14.92
N MET A 1788 2.52 -37.56 15.22
CA MET A 1788 1.81 -38.55 16.03
C MET A 1788 1.56 -39.83 15.24
N GLU A 1789 1.18 -39.70 13.97
CA GLU A 1789 0.94 -40.88 13.15
C GLU A 1789 2.22 -41.57 12.73
N GLU A 1790 3.35 -40.86 12.75
CA GLU A 1790 4.61 -41.40 12.28
C GLU A 1790 5.54 -41.86 13.38
N TRP A 1791 5.46 -41.28 14.58
CA TRP A 1791 6.34 -41.64 15.68
C TRP A 1791 5.64 -42.47 16.75
N PHE A 1792 4.52 -41.98 17.28
CA PHE A 1792 3.83 -42.61 18.41
C PHE A 1792 2.45 -43.07 17.94
N PRO A 1793 2.38 -44.23 17.29
CA PRO A 1793 1.07 -44.70 16.79
C PRO A 1793 0.10 -45.08 17.89
N GLY A 1794 0.60 -45.48 19.06
CA GLY A 1794 -0.26 -45.91 20.16
C GLY A 1794 -1.20 -44.85 20.69
N LEU A 1795 -1.00 -43.58 20.32
CA LEU A 1795 -1.85 -42.51 20.80
C LEU A 1795 -2.96 -42.14 19.82
N LEU A 1796 -3.17 -42.96 18.80
CA LEU A 1796 -4.24 -42.71 17.83
C LEU A 1796 -5.20 -43.87 17.66
N GLU A 1797 -4.74 -45.10 17.89
CA GLU A 1797 -5.59 -46.27 17.72
C GLU A 1797 -6.61 -46.35 18.83
N ILE A 1798 -7.89 -46.50 18.46
CA ILE A 1798 -8.94 -46.68 19.44
C ILE A 1798 -8.80 -48.04 20.11
N ASP A 1799 -9.14 -48.10 21.39
CA ASP A 1799 -9.01 -49.33 22.15
C ASP A 1799 -10.04 -50.38 21.75
N GLY A 1804 -12.93 -46.98 24.77
CA GLY A 1804 -11.74 -46.48 24.12
C GLY A 1804 -11.66 -44.97 24.08
N GLU A 1805 -10.96 -44.39 25.05
CA GLU A 1805 -10.79 -42.93 25.12
C GLU A 1805 -9.72 -42.41 24.18
N THR A 1806 -9.04 -43.29 23.43
CA THR A 1806 -8.07 -42.98 22.38
C THR A 1806 -6.77 -42.42 22.96
N LEU A 1807 -6.74 -42.14 24.27
CA LEU A 1807 -5.60 -41.60 25.01
C LEU A 1807 -5.08 -40.27 24.43
N LEU A 1808 -5.80 -39.68 23.48
CA LEU A 1808 -5.40 -38.42 22.87
C LEU A 1808 -6.68 -37.76 22.35
N LYS A 1809 -7.08 -36.67 22.98
CA LYS A 1809 -8.34 -36.02 22.67
C LYS A 1809 -8.05 -34.57 22.31
N LYS A 1810 -8.42 -34.19 21.09
CA LYS A 1810 -8.17 -32.86 20.58
C LYS A 1810 -9.39 -31.98 20.86
N TRP A 1811 -9.18 -30.88 21.58
CA TRP A 1811 -10.28 -29.97 21.88
C TRP A 1811 -10.23 -28.75 20.96
N ALA A 1812 -11.26 -27.92 21.09
CA ALA A 1812 -11.31 -26.60 20.47
C ALA A 1812 -12.00 -25.65 21.43
N LEU A 1813 -11.53 -24.41 21.48
CA LEU A 1813 -12.03 -23.45 22.44
C LEU A 1813 -12.83 -22.37 21.74
N TYR A 1814 -14.06 -22.14 22.20
CA TYR A 1814 -14.98 -21.18 21.62
C TYR A 1814 -15.74 -20.49 22.74
N SER A 1815 -16.24 -19.29 22.44
CA SER A 1815 -16.94 -18.49 23.45
C SER A 1815 -18.20 -17.89 22.82
N PHE A 1816 -19.34 -18.56 23.04
CA PHE A 1816 -20.64 -18.04 22.62
C PHE A 1816 -21.04 -16.76 23.33
N ASN A 1817 -20.27 -16.32 24.33
CA ASN A 1817 -20.59 -15.15 25.13
C ASN A 1817 -20.02 -13.86 24.55
N ASP A 1818 -19.85 -13.82 23.23
CA ASP A 1818 -19.40 -12.67 22.43
C ASP A 1818 -17.93 -12.33 22.67
N GLY A 1819 -17.18 -13.19 23.35
CA GLY A 1819 -15.77 -12.93 23.56
C GLY A 1819 -15.44 -11.98 24.70
N GLU A 1820 -16.31 -11.00 24.95
CA GLU A 1820 -16.12 -10.12 26.09
C GLU A 1820 -16.12 -10.90 27.40
N GLU A 1821 -17.08 -11.80 27.58
CA GLU A 1821 -17.08 -12.69 28.73
C GLU A 1821 -16.03 -13.77 28.54
N HIS A 1822 -15.99 -14.74 29.46
CA HIS A 1822 -14.85 -15.63 29.59
C HIS A 1822 -15.37 -17.05 29.84
N GLN A 1823 -14.46 -17.91 30.29
CA GLN A 1823 -14.70 -19.35 30.46
C GLN A 1823 -15.05 -20.00 29.12
N LYS A 1824 -14.09 -19.95 28.21
CA LYS A 1824 -14.21 -20.50 26.87
C LYS A 1824 -14.63 -21.96 26.89
N ILE A 1825 -15.83 -22.26 26.41
CA ILE A 1825 -16.33 -23.63 26.39
C ILE A 1825 -15.46 -24.48 25.47
N LEU A 1826 -15.26 -25.73 25.86
CA LEU A 1826 -14.42 -26.64 25.09
C LEU A 1826 -15.31 -27.69 24.41
N LEU A 1827 -15.00 -27.96 23.14
CA LEU A 1827 -15.72 -28.94 22.34
C LEU A 1827 -14.73 -29.90 21.72
N ASP A 1828 -14.96 -31.20 21.90
CA ASP A 1828 -14.12 -32.22 21.28
C ASP A 1828 -14.11 -32.03 19.76
N ASP A 1829 -13.00 -32.43 19.13
CA ASP A 1829 -12.82 -32.14 17.71
C ASP A 1829 -13.66 -33.07 16.84
N LEU A 1830 -13.74 -34.35 17.19
CA LEU A 1830 -14.52 -35.30 16.39
C LEU A 1830 -15.99 -34.90 16.32
N MET A 1831 -16.54 -34.37 17.41
CA MET A 1831 -17.93 -33.94 17.40
C MET A 1831 -18.15 -32.79 16.42
N LYS A 1832 -17.26 -31.79 16.45
CA LYS A 1832 -17.38 -30.68 15.52
C LYS A 1832 -17.19 -31.15 14.08
N LYS A 1833 -16.27 -32.08 13.85
CA LYS A 1833 -16.14 -32.70 12.53
C LYS A 1833 -17.44 -33.36 12.10
N ALA A 1834 -18.13 -34.02 13.04
CA ALA A 1834 -19.44 -34.58 12.77
C ALA A 1834 -20.51 -33.53 12.61
N GLU A 1835 -20.23 -32.28 12.96
CA GLU A 1835 -21.17 -31.17 12.77
C GLU A 1835 -20.87 -30.39 11.50
N GLU A 1836 -20.42 -31.08 10.45
CA GLU A 1836 -20.21 -30.47 9.14
C GLU A 1836 -21.50 -30.30 8.35
N GLY A 1837 -22.61 -30.92 8.80
CA GLY A 1837 -23.87 -30.81 8.09
C GLY A 1837 -24.29 -29.38 7.83
N ASP A 1838 -24.14 -28.51 8.82
CA ASP A 1838 -24.32 -27.08 8.66
C ASP A 1838 -22.95 -26.41 8.57
N LEU A 1839 -22.94 -25.08 8.53
CA LEU A 1839 -21.71 -24.31 8.59
C LEU A 1839 -21.67 -23.43 9.84
N LEU A 1840 -22.42 -23.79 10.87
CA LEU A 1840 -22.50 -23.02 12.10
C LEU A 1840 -22.63 -23.96 13.27
N VAL A 1841 -22.31 -23.45 14.46
CA VAL A 1841 -22.55 -24.14 15.72
C VAL A 1841 -23.43 -23.25 16.58
N ASN A 1842 -24.35 -23.86 17.33
CA ASN A 1842 -25.29 -23.10 18.14
C ASN A 1842 -25.56 -23.80 19.46
N PRO A 1843 -25.67 -23.03 20.55
CA PRO A 1843 -25.97 -23.64 21.86
C PRO A 1843 -27.44 -23.92 22.03
N ASP A 1844 -27.83 -24.34 23.24
CA ASP A 1844 -29.25 -24.53 23.57
C ASP A 1844 -30.08 -23.29 23.23
N GLN A 1845 -29.59 -22.11 23.60
CA GLN A 1845 -30.22 -20.85 23.22
C GLN A 1845 -29.83 -20.50 21.80
N PRO A 1846 -30.75 -20.61 20.83
CA PRO A 1846 -30.36 -20.46 19.41
C PRO A 1846 -30.11 -19.02 18.97
N ARG A 1847 -30.31 -18.03 19.83
CA ARG A 1847 -30.08 -16.64 19.43
C ARG A 1847 -28.62 -16.40 19.09
N LEU A 1848 -27.71 -16.96 19.87
CA LEU A 1848 -26.28 -16.84 19.63
C LEU A 1848 -25.81 -17.95 18.70
N THR A 1849 -24.87 -17.61 17.81
CA THR A 1849 -24.36 -18.58 16.84
C THR A 1849 -22.98 -18.15 16.39
N ILE A 1850 -22.05 -19.10 16.35
CA ILE A 1850 -20.66 -18.84 15.97
C ILE A 1850 -20.32 -19.67 14.74
N PRO A 1851 -19.63 -19.12 13.75
CA PRO A 1851 -19.23 -19.94 12.59
C PRO A 1851 -18.19 -20.99 12.97
N ILE A 1852 -18.23 -22.12 12.27
CA ILE A 1852 -17.24 -23.17 12.46
C ILE A 1852 -15.92 -22.83 11.80
N SER A 1853 -15.85 -21.70 11.10
CA SER A 1853 -14.59 -21.28 10.48
C SER A 1853 -13.67 -20.62 11.49
N GLN A 1854 -14.22 -19.92 12.48
CA GLN A 1854 -13.44 -19.22 13.49
C GLN A 1854 -13.16 -20.07 14.72
N ILE A 1855 -13.39 -21.38 14.65
CA ILE A 1855 -13.03 -22.28 15.73
C ILE A 1855 -12.12 -23.38 15.20
N ALA A 1856 -12.24 -23.68 13.92
CA ALA A 1856 -11.48 -24.78 13.34
C ALA A 1856 -11.28 -24.60 11.84
N PRO A 1857 -10.46 -23.62 11.43
CA PRO A 1857 -10.35 -23.34 9.99
C PRO A 1857 -9.58 -24.40 9.21
N ASP A 1858 -9.24 -25.51 9.85
CA ASP A 1858 -8.71 -26.66 9.12
C ASP A 1858 -9.80 -27.66 8.74
N LEU A 1859 -10.89 -27.73 9.50
CA LEU A 1859 -12.02 -28.57 9.10
C LEU A 1859 -12.80 -27.94 7.96
N ILE A 1860 -13.37 -26.75 8.20
CA ILE A 1860 -13.89 -25.94 7.11
C ILE A 1860 -12.71 -25.34 6.36
N LEU A 1861 -12.74 -25.46 5.03
CA LEU A 1861 -11.56 -25.18 4.23
C LEU A 1861 -11.26 -23.68 4.16
N ALA A 1862 -10.85 -23.10 5.28
CA ALA A 1862 -10.48 -21.70 5.34
C ALA A 1862 -9.01 -21.47 5.64
N ASP A 1863 -8.26 -22.51 6.04
CA ASP A 1863 -6.84 -22.33 6.35
C ASP A 1863 -6.01 -22.01 5.11
N LEU A 1864 -6.50 -22.35 3.92
CA LEU A 1864 -5.78 -21.98 2.71
C LEU A 1864 -5.98 -20.51 2.40
N PRO A 1865 -5.06 -19.89 1.66
CA PRO A 1865 -5.32 -18.56 1.14
C PRO A 1865 -6.40 -18.63 0.07
N ARG A 1866 -7.00 -17.47 -0.23
CA ARG A 1866 -7.96 -17.33 -1.33
C ARG A 1866 -9.14 -18.29 -1.15
N ASN A 1867 -9.96 -17.99 -0.14
CA ASN A 1867 -11.12 -18.80 0.27
C ASN A 1867 -11.83 -19.41 -0.92
N ILE A 1868 -12.04 -20.72 -0.87
CA ILE A 1868 -12.24 -21.51 -2.07
C ILE A 1868 -13.54 -22.31 -2.02
N MET A 1869 -14.40 -22.01 -1.05
CA MET A 1869 -15.71 -22.66 -0.98
C MET A 1869 -16.48 -22.46 -2.28
N LEU A 1870 -17.28 -23.44 -2.65
CA LEU A 1870 -17.83 -23.50 -3.99
C LEU A 1870 -19.23 -22.93 -4.15
N ASN A 1871 -19.84 -22.40 -3.08
CA ASN A 1871 -21.15 -21.75 -3.14
C ASN A 1871 -22.20 -22.70 -3.75
N ASN A 1872 -22.51 -23.74 -2.99
CA ASN A 1872 -23.28 -24.90 -3.45
C ASN A 1872 -24.61 -24.60 -4.14
N ASP A 1873 -25.11 -23.37 -4.00
CA ASP A 1873 -26.34 -22.98 -4.68
C ASP A 1873 -26.19 -23.07 -6.19
N GLU A 1874 -25.01 -22.73 -6.71
CA GLU A 1874 -24.78 -22.64 -8.15
C GLU A 1874 -24.24 -23.94 -8.76
N LEU A 1875 -23.99 -24.96 -7.95
CA LEU A 1875 -23.50 -26.22 -8.48
C LEU A 1875 -24.65 -27.04 -9.08
N GLU A 1876 -24.32 -27.82 -10.09
CA GLU A 1876 -25.28 -28.67 -10.81
C GLU A 1876 -24.73 -30.09 -10.96
N PHE A 1877 -24.23 -30.64 -9.86
CA PHE A 1877 -23.53 -31.91 -9.86
C PHE A 1877 -24.48 -33.03 -9.45
N GLU A 1878 -24.35 -34.16 -10.14
CA GLU A 1878 -25.06 -35.40 -9.79
C GLU A 1878 -24.02 -36.50 -9.62
N GLN A 1879 -23.80 -36.92 -8.38
CA GLN A 1879 -22.71 -37.86 -8.10
C GLN A 1879 -23.08 -39.28 -8.47
N ALA A 1880 -24.34 -39.66 -8.24
CA ALA A 1880 -24.75 -41.06 -8.41
C ALA A 1880 -24.49 -41.63 -9.80
N PRO A 1881 -24.91 -41.01 -10.91
CA PRO A 1881 -24.94 -41.74 -12.19
C PRO A 1881 -23.55 -41.97 -12.75
N GLU A 1882 -23.37 -43.17 -13.33
CA GLU A 1882 -22.26 -43.40 -14.25
C GLU A 1882 -22.50 -42.71 -15.59
N PHE A 1883 -23.67 -42.11 -15.79
CA PHE A 1883 -23.99 -41.39 -17.00
C PHE A 1883 -23.12 -40.14 -17.17
N LEU A 1884 -22.62 -39.57 -16.07
CA LEU A 1884 -21.86 -38.33 -16.12
C LEU A 1884 -20.41 -38.50 -15.72
N LEU A 1885 -19.86 -39.72 -15.83
CA LEU A 1885 -18.45 -39.93 -15.56
C LEU A 1885 -17.60 -39.12 -16.54
N GLY A 1886 -16.46 -38.64 -16.04
CA GLY A 1886 -15.52 -37.92 -16.91
C GLY A 1886 -15.11 -38.76 -18.10
N ASP A 1887 -14.68 -39.99 -17.86
CA ASP A 1887 -14.42 -41.03 -18.85
C ASP A 1887 -14.01 -42.27 -18.07
N GLY A 1888 -13.83 -43.37 -18.80
CA GLY A 1888 -13.32 -44.59 -18.19
C GLY A 1888 -11.88 -44.41 -17.73
N SER A 1889 -11.60 -44.85 -16.50
CA SER A 1889 -10.24 -44.89 -15.93
C SER A 1889 -9.67 -43.48 -15.71
N PHE A 1890 -10.46 -42.61 -15.11
CA PHE A 1890 -9.99 -41.30 -14.66
C PHE A 1890 -10.16 -41.15 -13.15
N GLY A 1891 -10.04 -42.24 -12.41
CA GLY A 1891 -10.28 -42.23 -10.98
C GLY A 1891 -11.75 -42.22 -10.67
N SER A 1892 -12.22 -41.14 -10.06
CA SER A 1892 -13.64 -40.92 -9.81
C SER A 1892 -14.03 -39.50 -10.21
N VAL A 1893 -13.50 -39.05 -11.34
CA VAL A 1893 -13.75 -37.71 -11.84
C VAL A 1893 -15.07 -37.71 -12.61
N TYR A 1894 -16.01 -36.88 -12.19
CA TYR A 1894 -17.29 -36.76 -12.87
C TYR A 1894 -17.35 -35.45 -13.64
N ARG A 1895 -18.34 -35.35 -14.52
CA ARG A 1895 -18.55 -34.17 -15.34
C ARG A 1895 -19.80 -33.47 -14.86
N ALA A 1896 -19.66 -32.20 -14.48
CA ALA A 1896 -20.78 -31.43 -13.97
C ALA A 1896 -20.67 -29.99 -14.45
N ALA A 1897 -21.77 -29.26 -14.32
CA ALA A 1897 -21.81 -27.86 -14.70
C ALA A 1897 -21.77 -27.00 -13.44
N TYR A 1898 -20.99 -25.93 -13.49
CA TYR A 1898 -20.83 -25.05 -12.34
C TYR A 1898 -20.60 -23.63 -12.84
N GLU A 1899 -21.34 -22.68 -12.25
CA GLU A 1899 -21.29 -21.27 -12.64
C GLU A 1899 -21.49 -21.07 -14.14
N GLY A 1900 -22.33 -21.91 -14.74
CA GLY A 1900 -22.63 -21.81 -16.15
C GLY A 1900 -21.58 -22.41 -17.07
N GLU A 1901 -20.65 -23.20 -16.54
CA GLU A 1901 -19.61 -23.81 -17.35
C GLU A 1901 -19.44 -25.27 -16.96
N GLU A 1902 -19.17 -26.12 -17.94
CA GLU A 1902 -18.94 -27.53 -17.69
C GLU A 1902 -17.56 -27.74 -17.07
N VAL A 1903 -17.50 -28.49 -15.97
CA VAL A 1903 -16.28 -28.70 -15.22
C VAL A 1903 -16.15 -30.18 -14.86
N ALA A 1904 -14.93 -30.57 -14.49
CA ALA A 1904 -14.65 -31.93 -14.07
C ALA A 1904 -14.38 -31.94 -12.58
N VAL A 1905 -15.16 -32.72 -11.83
CA VAL A 1905 -15.07 -32.78 -10.38
C VAL A 1905 -14.64 -34.18 -9.95
N LYS A 1906 -13.63 -34.25 -9.09
CA LYS A 1906 -13.19 -35.50 -8.50
C LYS A 1906 -13.80 -35.65 -7.12
N ILE A 1907 -14.49 -36.77 -6.89
CA ILE A 1907 -15.05 -37.07 -5.59
C ILE A 1907 -13.96 -37.77 -4.78
N PHE A 1908 -13.24 -37.00 -3.97
CA PHE A 1908 -12.23 -37.54 -3.07
C PHE A 1908 -12.81 -38.16 -1.82
N ASN A 1909 -14.14 -38.20 -1.70
CA ASN A 1909 -14.79 -38.73 -0.51
C ASN A 1909 -14.50 -40.21 -0.33
N LYS A 1910 -14.10 -40.58 0.88
CA LYS A 1910 -13.78 -41.96 1.24
C LYS A 1910 -13.72 -42.03 2.76
N HIS A 1911 -13.28 -43.17 3.29
CA HIS A 1911 -13.12 -43.31 4.74
C HIS A 1911 -12.03 -42.42 5.30
N THR A 1912 -11.10 -41.97 4.46
CA THR A 1912 -10.01 -41.12 4.89
C THR A 1912 -10.53 -39.77 5.38
N SER A 1913 -9.66 -39.03 6.07
CA SER A 1913 -9.99 -37.72 6.57
C SER A 1913 -9.67 -36.67 5.51
N LEU A 1914 -9.70 -35.40 5.89
CA LEU A 1914 -9.37 -34.30 4.99
C LEU A 1914 -7.88 -34.17 4.73
N ARG A 1915 -7.07 -35.15 5.14
CA ARG A 1915 -5.62 -35.06 5.01
C ARG A 1915 -5.20 -34.89 3.55
N LEU A 1916 -5.50 -35.90 2.72
CA LEU A 1916 -5.08 -35.85 1.33
C LEU A 1916 -5.75 -34.72 0.57
N LEU A 1917 -7.00 -34.42 0.92
CA LEU A 1917 -7.71 -33.31 0.27
C LEU A 1917 -6.99 -31.99 0.52
N ARG A 1918 -6.70 -31.69 1.78
CA ARG A 1918 -5.99 -30.45 2.10
C ARG A 1918 -4.56 -30.46 1.56
N GLN A 1919 -3.92 -31.62 1.51
CA GLN A 1919 -2.57 -31.69 0.95
C GLN A 1919 -2.58 -31.31 -0.53
N GLU A 1920 -3.45 -31.95 -1.32
CA GLU A 1920 -3.59 -31.57 -2.72
C GLU A 1920 -4.04 -30.11 -2.84
N LEU A 1921 -4.83 -29.63 -1.88
CA LEU A 1921 -5.32 -28.25 -1.94
C LEU A 1921 -4.19 -27.25 -1.75
N VAL A 1922 -3.29 -27.50 -0.79
CA VAL A 1922 -2.19 -26.56 -0.58
C VAL A 1922 -1.19 -26.68 -1.73
N VAL A 1923 -1.04 -27.86 -2.32
CA VAL A 1923 -0.18 -28.00 -3.50
C VAL A 1923 -0.73 -27.17 -4.65
N LEU A 1924 -2.00 -27.37 -5.00
CA LEU A 1924 -2.64 -26.69 -6.10
C LEU A 1924 -3.07 -25.26 -5.79
N CYS A 1925 -2.89 -24.80 -4.55
CA CYS A 1925 -3.33 -23.46 -4.18
C CYS A 1925 -2.55 -22.39 -4.92
N HIS A 1926 -1.23 -22.56 -5.03
CA HIS A 1926 -0.37 -21.55 -5.63
C HIS A 1926 0.50 -22.20 -6.69
N LEU A 1927 -0.06 -22.39 -7.88
CA LEU A 1927 0.75 -22.67 -9.06
C LEU A 1927 0.52 -21.64 -10.16
N HIS A 1928 -0.72 -21.46 -10.62
CA HIS A 1928 -1.12 -20.37 -11.51
C HIS A 1928 -0.24 -20.29 -12.76
N HIS A 1929 -0.32 -21.35 -13.57
CA HIS A 1929 0.39 -21.37 -14.84
C HIS A 1929 -0.56 -21.89 -15.92
N PRO A 1930 -0.44 -21.40 -17.15
CA PRO A 1930 -1.34 -21.87 -18.22
C PRO A 1930 -1.24 -23.36 -18.50
N SER A 1931 -0.04 -23.92 -18.45
CA SER A 1931 0.15 -25.34 -18.78
C SER A 1931 -0.20 -26.26 -17.62
N LEU A 1932 -0.89 -25.77 -16.60
CA LEU A 1932 -1.31 -26.58 -15.46
C LEU A 1932 -2.80 -26.42 -15.29
N ILE A 1933 -3.48 -27.51 -14.92
CA ILE A 1933 -4.93 -27.51 -14.76
C ILE A 1933 -5.30 -26.56 -13.62
N SER A 1934 -6.07 -25.52 -13.93
CA SER A 1934 -6.38 -24.48 -12.98
C SER A 1934 -7.51 -24.91 -12.06
N LEU A 1935 -7.39 -24.58 -10.77
CA LEU A 1935 -8.41 -24.90 -9.78
C LEU A 1935 -9.48 -23.82 -9.76
N LEU A 1936 -10.73 -24.26 -9.61
CA LEU A 1936 -11.87 -23.35 -9.55
C LEU A 1936 -12.45 -23.23 -8.15
N ALA A 1937 -12.73 -24.35 -7.49
CA ALA A 1937 -13.24 -24.35 -6.13
C ALA A 1937 -13.10 -25.74 -5.54
N ALA A 1938 -13.22 -25.81 -4.21
CA ALA A 1938 -13.24 -27.08 -3.50
C ALA A 1938 -14.41 -27.07 -2.53
N GLY A 1939 -14.79 -28.26 -2.05
CA GLY A 1939 -15.97 -28.39 -1.23
C GLY A 1939 -15.79 -29.40 -0.12
N ILE A 1940 -16.75 -29.38 0.80
CA ILE A 1940 -16.71 -30.25 1.97
C ILE A 1940 -17.93 -31.17 2.05
N ARG A 1941 -19.05 -30.82 1.42
CA ARG A 1941 -20.29 -31.60 1.52
C ARG A 1941 -20.78 -31.98 0.13
N PRO A 1942 -20.25 -33.08 -0.44
CA PRO A 1942 -19.17 -33.91 0.08
C PRO A 1942 -17.82 -33.35 -0.34
N ARG A 1943 -16.73 -34.02 0.03
CA ARG A 1943 -15.40 -33.57 -0.37
C ARG A 1943 -15.21 -33.71 -1.87
N MET A 1944 -14.91 -32.59 -2.54
CA MET A 1944 -14.79 -32.60 -3.98
C MET A 1944 -13.82 -31.51 -4.40
N LEU A 1945 -13.25 -31.69 -5.59
CA LEU A 1945 -12.33 -30.74 -6.20
C LEU A 1945 -12.90 -30.35 -7.56
N VAL A 1946 -13.14 -29.06 -7.75
CA VAL A 1946 -13.75 -28.55 -8.97
C VAL A 1946 -12.67 -27.86 -9.79
N MET A 1947 -12.39 -28.41 -10.97
CA MET A 1947 -11.33 -27.91 -11.83
C MET A 1947 -11.87 -27.71 -13.25
N GLU A 1948 -11.07 -27.02 -14.06
CA GLU A 1948 -11.45 -26.77 -15.45
C GLU A 1948 -11.55 -28.07 -16.22
N LEU A 1949 -12.40 -28.08 -17.24
CA LEU A 1949 -12.68 -29.28 -18.03
C LEU A 1949 -11.93 -29.21 -19.35
N ALA A 1950 -11.22 -30.29 -19.67
CA ALA A 1950 -10.57 -30.43 -20.97
C ALA A 1950 -11.57 -31.04 -21.94
N SER A 1951 -11.96 -30.26 -22.94
CA SER A 1951 -13.06 -30.67 -23.82
C SER A 1951 -12.68 -31.88 -24.66
N LYS A 1952 -11.49 -31.89 -25.24
CA LYS A 1952 -11.10 -32.91 -26.20
C LYS A 1952 -10.52 -34.16 -25.55
N GLY A 1953 -10.59 -34.28 -24.23
CA GLY A 1953 -10.08 -35.46 -23.57
C GLY A 1953 -8.56 -35.50 -23.55
N SER A 1954 -8.04 -36.57 -22.95
CA SER A 1954 -6.61 -36.75 -22.80
C SER A 1954 -5.97 -37.03 -24.16
N LEU A 1955 -4.65 -36.79 -24.23
CA LEU A 1955 -3.90 -37.03 -25.45
C LEU A 1955 -3.88 -38.52 -25.81
N ASP A 1956 -4.00 -39.38 -24.81
CA ASP A 1956 -3.97 -40.83 -25.04
C ASP A 1956 -5.05 -41.25 -26.02
N ARG A 1957 -6.25 -40.70 -25.89
CA ARG A 1957 -7.34 -41.08 -26.79
C ARG A 1957 -7.05 -40.65 -28.22
N LEU A 1958 -6.58 -39.41 -28.40
CA LEU A 1958 -6.23 -38.95 -29.75
C LEU A 1958 -5.12 -39.80 -30.35
N LEU A 1959 -4.16 -40.23 -29.54
CA LEU A 1959 -3.14 -41.14 -30.05
C LEU A 1959 -3.75 -42.48 -30.45
N GLN A 1960 -4.76 -42.93 -29.71
CA GLN A 1960 -5.37 -44.22 -30.02
C GLN A 1960 -6.42 -44.10 -31.12
N GLN A 1961 -7.33 -43.14 -30.99
CA GLN A 1961 -8.51 -43.11 -31.85
C GLN A 1961 -8.26 -42.38 -33.16
N ASP A 1962 -7.93 -41.09 -33.10
CA ASP A 1962 -7.83 -40.23 -34.27
C ASP A 1962 -6.38 -39.78 -34.44
N LYS A 1963 -5.58 -40.59 -35.12
CA LYS A 1963 -4.21 -40.19 -35.42
C LYS A 1963 -4.15 -39.14 -36.52
N ALA A 1964 -5.24 -38.96 -37.28
CA ALA A 1964 -5.23 -38.02 -38.40
C ALA A 1964 -5.37 -36.57 -37.94
N SER A 1965 -5.95 -36.33 -36.77
CA SER A 1965 -6.14 -34.96 -36.31
C SER A 1965 -4.82 -34.27 -35.98
N LEU A 1966 -3.80 -35.04 -35.59
CA LEU A 1966 -2.52 -34.47 -35.22
C LEU A 1966 -1.70 -34.13 -36.45
N THR A 1967 -1.25 -32.88 -36.52
CA THR A 1967 -0.35 -32.40 -37.57
C THR A 1967 0.97 -31.98 -36.93
N ARG A 1968 1.92 -31.59 -37.78
CA ARG A 1968 3.25 -31.20 -37.30
C ARG A 1968 3.17 -30.05 -36.31
N THR A 1969 2.43 -28.99 -36.68
CA THR A 1969 2.34 -27.81 -35.82
C THR A 1969 1.61 -28.13 -34.52
N LEU A 1970 0.57 -28.96 -34.58
CA LEU A 1970 -0.18 -29.28 -33.36
C LEU A 1970 0.66 -30.13 -32.42
N GLN A 1971 1.39 -31.11 -32.95
CA GLN A 1971 2.29 -31.92 -32.13
C GLN A 1971 3.35 -31.05 -31.48
N HIS A 1972 3.95 -30.14 -32.27
CA HIS A 1972 4.96 -29.26 -31.71
C HIS A 1972 4.39 -28.37 -30.62
N ARG A 1973 3.16 -27.85 -30.81
CA ARG A 1973 2.57 -26.98 -29.81
C ARG A 1973 2.26 -27.74 -28.53
N ILE A 1974 1.76 -28.98 -28.65
CA ILE A 1974 1.54 -29.81 -27.47
C ILE A 1974 2.85 -30.05 -26.72
N ALA A 1975 3.90 -30.41 -27.46
CA ALA A 1975 5.20 -30.63 -26.84
C ALA A 1975 5.70 -29.36 -26.15
N LEU A 1976 5.51 -28.21 -26.79
CA LEU A 1976 5.96 -26.94 -26.22
C LEU A 1976 5.21 -26.63 -24.93
N HIS A 1977 3.90 -26.86 -24.91
CA HIS A 1977 3.11 -26.55 -23.74
C HIS A 1977 3.47 -27.48 -22.57
N VAL A 1978 3.67 -28.77 -22.85
CA VAL A 1978 4.09 -29.68 -21.79
C VAL A 1978 5.46 -29.30 -21.27
N ALA A 1979 6.37 -28.92 -22.17
CA ALA A 1979 7.69 -28.47 -21.74
C ALA A 1979 7.61 -27.24 -20.86
N ASP A 1980 6.74 -26.28 -21.22
CA ASP A 1980 6.56 -25.09 -20.40
C ASP A 1980 6.02 -25.46 -19.02
N GLY A 1981 5.08 -26.41 -18.98
CA GLY A 1981 4.57 -26.87 -17.69
C GLY A 1981 5.65 -27.47 -16.82
N LEU A 1982 6.45 -28.37 -17.39
CA LEU A 1982 7.53 -28.99 -16.65
C LEU A 1982 8.55 -27.96 -16.21
N ARG A 1983 8.80 -26.95 -17.05
CA ARG A 1983 9.75 -25.90 -16.68
C ARG A 1983 9.25 -25.11 -15.48
N TYR A 1984 7.98 -24.74 -15.50
CA TYR A 1984 7.44 -24.00 -14.36
C TYR A 1984 7.42 -24.86 -13.11
N LEU A 1985 7.15 -26.16 -13.25
CA LEU A 1985 7.14 -27.04 -12.09
C LEU A 1985 8.53 -27.15 -11.47
N HIS A 1986 9.55 -27.39 -12.29
CA HIS A 1986 10.90 -27.51 -11.77
C HIS A 1986 11.44 -26.17 -11.27
N SER A 1987 10.93 -25.06 -11.82
CA SER A 1987 11.23 -23.75 -11.26
C SER A 1987 10.69 -23.60 -9.85
N ALA A 1988 9.57 -24.27 -9.54
CA ALA A 1988 9.03 -24.32 -8.19
C ALA A 1988 9.60 -25.46 -7.37
N MET A 1989 10.62 -26.16 -7.89
CA MET A 1989 11.28 -27.28 -7.21
C MET A 1989 10.28 -28.38 -6.84
N ILE A 1990 9.40 -28.70 -7.78
CA ILE A 1990 8.40 -29.75 -7.61
C ILE A 1990 8.68 -30.81 -8.66
N ILE A 1991 8.65 -32.08 -8.23
CA ILE A 1991 8.99 -33.20 -9.11
C ILE A 1991 7.69 -33.86 -9.55
N TYR A 1992 7.30 -33.62 -10.80
CA TYR A 1992 6.20 -34.33 -11.44
C TYR A 1992 6.67 -35.74 -11.79
N ARG A 1993 6.68 -36.61 -10.78
CA ARG A 1993 7.37 -37.90 -10.82
C ARG A 1993 7.04 -38.68 -12.09
N ASP A 1994 5.79 -39.02 -12.30
CA ASP A 1994 5.37 -39.80 -13.45
C ASP A 1994 4.77 -38.87 -14.50
N LEU A 1995 5.05 -39.17 -15.76
CA LEU A 1995 4.47 -38.40 -16.87
C LEU A 1995 4.23 -39.35 -18.03
N LYS A 1996 2.99 -39.46 -18.44
CA LYS A 1996 2.54 -40.37 -19.49
C LYS A 1996 1.61 -39.61 -20.43
N PRO A 1997 1.41 -40.09 -21.66
CA PRO A 1997 0.43 -39.45 -22.54
C PRO A 1997 -0.99 -39.39 -21.98
N HIS A 1998 -1.30 -40.25 -21.01
CA HIS A 1998 -2.58 -40.20 -20.33
C HIS A 1998 -2.70 -39.00 -19.40
N ASN A 1999 -1.60 -38.35 -19.08
CA ASN A 1999 -1.59 -37.23 -18.14
C ASN A 1999 -1.55 -35.87 -18.83
N VAL A 2000 -1.77 -35.83 -20.13
CA VAL A 2000 -1.79 -34.57 -20.88
C VAL A 2000 -3.21 -34.36 -21.37
N LEU A 2001 -3.81 -33.23 -20.99
CA LEU A 2001 -5.19 -32.92 -21.34
C LEU A 2001 -5.22 -31.85 -22.40
N LEU A 2002 -5.90 -32.15 -23.51
CA LEU A 2002 -6.02 -31.23 -24.63
C LEU A 2002 -7.30 -30.43 -24.51
N PHE A 2003 -7.22 -29.13 -24.75
CA PHE A 2003 -8.37 -28.24 -24.65
C PHE A 2003 -8.92 -27.81 -25.99
N THR A 2004 -8.19 -28.02 -27.08
CA THR A 2004 -8.64 -27.64 -28.42
C THR A 2004 -7.73 -28.32 -29.43
N LEU A 2005 -8.17 -28.30 -30.69
CA LEU A 2005 -7.40 -28.82 -31.80
C LEU A 2005 -6.96 -27.73 -32.75
N TYR A 2006 -7.23 -26.48 -32.42
CA TYR A 2006 -6.80 -25.36 -33.24
C TYR A 2006 -5.29 -25.17 -33.09
N PRO A 2007 -4.51 -25.19 -34.17
CA PRO A 2007 -3.06 -25.01 -34.05
C PRO A 2007 -2.67 -23.69 -33.40
N ASN A 2008 -3.12 -22.57 -33.96
CA ASN A 2008 -2.78 -21.25 -33.44
C ASN A 2008 -3.71 -20.86 -32.28
N ALA A 2009 -3.64 -21.65 -31.21
CA ALA A 2009 -4.42 -21.41 -30.01
C ALA A 2009 -3.51 -20.95 -28.88
N ALA A 2010 -4.08 -20.16 -27.96
CA ALA A 2010 -3.29 -19.66 -26.85
C ALA A 2010 -2.93 -20.78 -25.87
N ILE A 2011 -3.90 -21.65 -25.56
CA ILE A 2011 -3.69 -22.77 -24.65
C ILE A 2011 -4.22 -24.04 -25.31
N ILE A 2012 -3.38 -25.07 -25.38
CA ILE A 2012 -3.76 -26.32 -26.02
C ILE A 2012 -3.66 -27.48 -25.05
N ALA A 2013 -2.46 -27.73 -24.54
CA ALA A 2013 -2.21 -28.87 -23.67
C ALA A 2013 -1.99 -28.42 -22.24
N LYS A 2014 -2.46 -29.22 -21.29
CA LYS A 2014 -2.25 -28.97 -19.88
C LYS A 2014 -1.84 -30.27 -19.19
N ILE A 2015 -1.18 -30.13 -18.05
CA ILE A 2015 -0.69 -31.27 -17.28
C ILE A 2015 -1.59 -31.46 -16.07
N ALA A 2016 -1.98 -32.70 -15.80
CA ALA A 2016 -2.81 -33.03 -14.65
C ALA A 2016 -2.34 -34.33 -14.03
N ASP A 2017 -2.46 -34.43 -12.71
CA ASP A 2017 -2.08 -35.62 -11.95
C ASP A 2017 -3.32 -36.08 -11.18
N TYR A 2018 -4.04 -37.05 -11.77
CA TYR A 2018 -5.32 -37.48 -11.22
C TYR A 2018 -5.18 -38.16 -9.86
N GLY A 2019 -3.97 -38.54 -9.44
CA GLY A 2019 -3.79 -39.12 -8.13
C GLY A 2019 -4.26 -40.54 -7.99
N ILE A 2020 -4.33 -41.29 -9.09
CA ILE A 2020 -4.79 -42.68 -9.04
C ILE A 2020 -3.76 -43.56 -8.35
N GLY A 2034 7.26 -46.03 -10.78
CA GLY A 2034 6.39 -45.57 -11.86
C GLY A 2034 5.89 -46.70 -12.74
N THR A 2035 5.05 -46.34 -13.70
CA THR A 2035 4.50 -47.33 -14.62
C THR A 2035 5.63 -47.95 -15.45
N PRO A 2036 5.53 -49.25 -15.77
CA PRO A 2036 6.65 -49.91 -16.46
C PRO A 2036 6.95 -49.35 -17.84
N GLY A 2037 5.92 -48.90 -18.56
CA GLY A 2037 6.14 -48.44 -19.93
C GLY A 2037 6.81 -47.09 -20.01
N PHE A 2038 6.66 -46.25 -18.98
CA PHE A 2038 7.06 -44.85 -19.01
C PHE A 2038 7.86 -44.49 -17.77
N ARG A 2039 8.84 -45.31 -17.42
CA ARG A 2039 9.69 -45.06 -16.27
C ARG A 2039 11.14 -44.90 -16.71
N ALA A 2040 11.85 -44.03 -15.99
CA ALA A 2040 13.27 -43.81 -16.27
C ALA A 2040 14.08 -45.04 -15.86
N PRO A 2041 15.19 -45.33 -16.56
CA PRO A 2041 15.99 -46.50 -16.18
C PRO A 2041 16.62 -46.37 -14.80
N GLU A 2042 17.05 -45.16 -14.43
CA GLU A 2042 17.56 -44.93 -13.08
C GLU A 2042 16.50 -45.19 -12.02
N VAL A 2043 15.23 -44.93 -12.35
CA VAL A 2043 14.15 -45.26 -11.42
C VAL A 2043 13.80 -46.74 -11.51
N ALA A 2044 13.92 -47.32 -12.71
CA ALA A 2044 13.63 -48.74 -12.87
C ALA A 2044 14.61 -49.61 -12.10
N ARG A 2045 15.87 -49.17 -11.96
CA ARG A 2045 16.85 -49.91 -11.19
C ARG A 2045 16.61 -49.80 -9.68
N GLY A 2046 15.81 -48.84 -9.24
CA GLY A 2046 15.58 -48.66 -7.82
C GLY A 2046 16.71 -48.00 -7.08
N ASN A 2047 17.48 -47.15 -7.74
CA ASN A 2047 18.64 -46.54 -7.11
C ASN A 2047 18.22 -45.44 -6.11
N VAL A 2048 17.48 -44.44 -6.60
CA VAL A 2048 17.07 -43.33 -5.76
C VAL A 2048 15.67 -42.88 -6.15
N ILE A 2049 15.23 -41.76 -5.57
CA ILE A 2049 13.92 -41.19 -5.88
C ILE A 2049 13.99 -40.55 -7.26
N TYR A 2050 12.83 -40.17 -7.81
CA TYR A 2050 12.78 -39.64 -9.17
C TYR A 2050 13.63 -38.39 -9.34
N ASN A 2051 13.68 -37.54 -8.31
CA ASN A 2051 14.34 -36.23 -8.40
C ASN A 2051 13.72 -35.48 -9.58
N GLN A 2052 14.50 -34.66 -10.27
CA GLN A 2052 13.98 -33.85 -11.36
C GLN A 2052 14.59 -34.23 -12.69
N GLN A 2053 15.79 -34.84 -12.69
CA GLN A 2053 16.47 -35.14 -13.94
C GLN A 2053 15.67 -36.15 -14.75
N ALA A 2054 15.05 -37.11 -14.06
CA ALA A 2054 14.34 -38.21 -14.73
C ALA A 2054 13.16 -37.69 -15.53
N ASP A 2055 12.50 -36.65 -15.01
CA ASP A 2055 11.31 -36.09 -15.66
C ASP A 2055 11.61 -35.74 -17.11
N VAL A 2056 12.84 -35.28 -17.39
CA VAL A 2056 13.25 -34.98 -18.76
C VAL A 2056 13.24 -36.26 -19.60
N TYR A 2057 13.62 -37.38 -19.01
CA TYR A 2057 13.60 -38.65 -19.73
C TYR A 2057 12.16 -39.07 -20.02
N SER A 2058 11.29 -38.95 -19.01
CA SER A 2058 9.87 -39.22 -19.24
C SER A 2058 9.30 -38.33 -20.33
N PHE A 2059 9.70 -37.06 -20.34
CA PHE A 2059 9.27 -36.14 -21.38
C PHE A 2059 9.80 -36.56 -22.75
N GLY A 2060 11.01 -37.10 -22.78
CA GLY A 2060 11.52 -37.66 -24.03
C GLY A 2060 10.74 -38.85 -24.51
N LEU A 2061 10.30 -39.69 -23.57
CA LEU A 2061 9.39 -40.79 -23.93
C LEU A 2061 8.09 -40.25 -24.50
N LEU A 2062 7.56 -39.18 -23.90
CA LEU A 2062 6.35 -38.55 -24.41
C LEU A 2062 6.57 -38.04 -25.82
N LEU A 2063 7.73 -37.42 -26.08
CA LEU A 2063 8.06 -36.98 -27.43
C LEU A 2063 8.13 -38.14 -28.40
N TYR A 2064 8.75 -39.25 -27.98
CA TYR A 2064 8.83 -40.42 -28.85
C TYR A 2064 7.45 -40.98 -29.15
N ASP A 2065 6.52 -40.83 -28.22
CA ASP A 2065 5.17 -41.32 -28.45
C ASP A 2065 4.38 -40.38 -29.35
N ILE A 2066 4.54 -39.07 -29.16
CA ILE A 2066 3.87 -38.08 -30.00
C ILE A 2066 4.37 -38.16 -31.43
N LEU A 2067 5.68 -38.31 -31.61
CA LEU A 2067 6.26 -38.44 -32.95
C LEU A 2067 5.70 -39.66 -33.67
N THR A 2068 5.65 -40.80 -32.99
CA THR A 2068 5.21 -42.05 -33.59
C THR A 2068 3.70 -42.24 -33.53
N THR A 2069 2.96 -41.21 -33.12
CA THR A 2069 1.51 -41.25 -32.98
C THR A 2069 1.06 -42.40 -32.08
N GLY A 2070 1.78 -42.58 -30.98
CA GLY A 2070 1.43 -43.60 -30.01
C GLY A 2070 1.63 -45.03 -30.48
N GLY A 2071 2.36 -45.24 -31.57
CA GLY A 2071 2.58 -46.59 -32.08
C GLY A 2071 3.29 -47.50 -31.09
N ARG A 2072 4.13 -46.93 -30.23
CA ARG A 2072 4.86 -47.75 -29.26
C ARG A 2072 3.93 -48.35 -28.21
N ILE A 2073 2.88 -47.61 -27.83
CA ILE A 2073 1.99 -48.08 -26.78
C ILE A 2073 1.23 -49.33 -27.23
N VAL A 2074 0.73 -49.31 -28.46
CA VAL A 2074 -0.01 -50.46 -28.99
C VAL A 2074 0.95 -51.56 -29.42
N LYS A 2091 17.67 -48.46 -25.34
CA LYS A 2091 17.46 -49.50 -26.33
C LYS A 2091 16.18 -49.25 -27.12
N LEU A 2092 15.94 -47.99 -27.47
CA LEU A 2092 14.74 -47.63 -28.21
C LEU A 2092 15.02 -47.68 -29.71
N PRO A 2093 14.13 -48.28 -30.50
CA PRO A 2093 14.36 -48.37 -31.95
C PRO A 2093 14.27 -47.01 -32.63
N ASP A 2094 14.67 -47.00 -33.90
CA ASP A 2094 14.62 -45.79 -34.70
C ASP A 2094 13.17 -45.39 -34.93
N PRO A 2095 12.81 -44.12 -34.68
CA PRO A 2095 11.41 -43.70 -34.88
C PRO A 2095 10.91 -43.88 -36.30
N VAL A 2096 11.74 -43.57 -37.30
CA VAL A 2096 11.32 -43.69 -38.69
C VAL A 2096 11.31 -45.15 -39.14
N LYS A 2097 12.25 -45.94 -38.65
CA LYS A 2097 12.34 -47.33 -39.09
C LYS A 2097 11.23 -48.18 -38.47
N GLU A 2098 11.05 -48.08 -37.15
CA GLU A 2098 10.06 -48.90 -36.47
C GLU A 2098 8.64 -48.55 -36.87
N TYR A 2099 8.37 -47.28 -37.17
CA TYR A 2099 7.03 -46.84 -37.55
C TYR A 2099 7.14 -45.81 -38.66
N GLY A 2100 6.22 -45.87 -39.62
CA GLY A 2100 6.24 -44.92 -40.73
C GLY A 2100 5.88 -43.52 -40.27
N CYS A 2101 6.77 -42.56 -40.50
CA CYS A 2101 6.57 -41.18 -40.09
C CYS A 2101 7.60 -40.31 -40.79
N ALA A 2102 7.26 -39.03 -40.96
CA ALA A 2102 8.19 -38.07 -41.52
C ALA A 2102 9.40 -37.92 -40.59
N PRO A 2103 10.58 -37.53 -41.14
CA PRO A 2103 11.79 -37.49 -40.31
C PRO A 2103 11.68 -36.57 -39.10
N TRP A 2104 11.42 -35.27 -39.33
CA TRP A 2104 11.31 -34.26 -38.28
C TRP A 2104 12.56 -34.34 -37.40
N PRO A 2105 13.75 -33.99 -37.95
CA PRO A 2105 15.02 -34.45 -37.37
C PRO A 2105 15.50 -33.69 -36.15
N MET A 2106 15.20 -32.40 -36.03
CA MET A 2106 15.61 -31.64 -34.85
C MET A 2106 15.08 -32.30 -33.57
N VAL A 2107 13.83 -32.77 -33.60
CA VAL A 2107 13.29 -33.45 -32.44
C VAL A 2107 13.86 -34.85 -32.31
N GLU A 2108 14.28 -35.47 -33.41
CA GLU A 2108 15.06 -36.71 -33.29
C GLU A 2108 16.34 -36.49 -32.50
N LYS A 2109 17.06 -35.41 -32.81
CA LYS A 2109 18.26 -35.06 -32.05
C LYS A 2109 17.92 -34.77 -30.59
N LEU A 2110 16.83 -34.04 -30.34
CA LEU A 2110 16.43 -33.74 -28.97
C LEU A 2110 16.12 -35.02 -28.19
N ILE A 2111 15.36 -35.94 -28.81
CA ILE A 2111 15.02 -37.20 -28.17
C ILE A 2111 16.27 -38.00 -27.87
N LYS A 2112 17.18 -38.11 -28.83
CA LYS A 2112 18.44 -38.81 -28.59
C LYS A 2112 19.25 -38.13 -27.48
N GLN A 2113 19.14 -36.82 -27.34
CA GLN A 2113 19.88 -36.11 -26.30
C GLN A 2113 19.31 -36.41 -24.92
N CYS A 2114 18.00 -36.23 -24.75
CA CYS A 2114 17.36 -36.34 -23.46
C CYS A 2114 16.97 -37.76 -23.08
N LEU A 2115 17.25 -38.76 -23.92
CA LEU A 2115 17.06 -40.16 -23.55
C LEU A 2115 18.37 -40.86 -23.25
N LYS A 2116 19.41 -40.12 -22.89
CA LYS A 2116 20.70 -40.71 -22.56
C LYS A 2116 20.69 -41.27 -21.15
N GLU A 2117 21.42 -42.39 -20.97
CA GLU A 2117 21.42 -43.08 -19.69
C GLU A 2117 22.04 -42.22 -18.59
N ASN A 2118 23.12 -41.52 -18.90
CA ASN A 2118 23.80 -40.67 -17.92
C ASN A 2118 22.89 -39.52 -17.50
N PRO A 2119 22.47 -39.44 -16.24
CA PRO A 2119 21.60 -38.33 -15.82
C PRO A 2119 22.24 -36.96 -15.97
N GLN A 2120 23.57 -36.88 -15.97
CA GLN A 2120 24.22 -35.60 -16.25
C GLN A 2120 24.02 -35.19 -17.70
N GLU A 2121 23.96 -36.16 -18.62
CA GLU A 2121 23.80 -35.86 -20.04
C GLU A 2121 22.40 -35.34 -20.37
N ARG A 2122 21.43 -35.56 -19.50
CA ARG A 2122 20.08 -35.08 -19.76
C ARG A 2122 20.03 -33.57 -19.69
N PRO A 2123 19.57 -32.87 -20.73
CA PRO A 2123 19.45 -31.41 -20.64
C PRO A 2123 18.36 -31.03 -19.65
N THR A 2124 18.57 -29.89 -18.98
CA THR A 2124 17.59 -29.45 -18.01
C THR A 2124 16.31 -29.02 -18.73
N SER A 2125 15.21 -28.96 -17.97
CA SER A 2125 13.90 -28.71 -18.56
C SER A 2125 13.86 -27.35 -19.25
N ALA A 2126 14.45 -26.33 -18.63
CA ALA A 2126 14.52 -25.01 -19.26
C ALA A 2126 15.25 -25.09 -20.61
N GLN A 2127 16.34 -25.87 -20.68
CA GLN A 2127 17.03 -26.06 -21.95
C GLN A 2127 16.13 -26.73 -22.97
N VAL A 2128 15.33 -27.72 -22.53
CA VAL A 2128 14.42 -28.42 -23.44
C VAL A 2128 13.40 -27.45 -24.03
N PHE A 2129 12.79 -26.64 -23.16
CA PHE A 2129 11.82 -25.65 -23.63
C PHE A 2129 12.47 -24.64 -24.57
N ASP A 2130 13.71 -24.24 -24.25
CA ASP A 2130 14.41 -23.26 -25.09
C ASP A 2130 14.65 -23.82 -26.48
N ILE A 2131 15.18 -25.05 -26.56
CA ILE A 2131 15.45 -25.63 -27.87
C ILE A 2131 14.19 -26.10 -28.56
N LEU A 2132 13.06 -26.14 -27.85
CA LEU A 2132 11.78 -26.38 -28.49
C LEU A 2132 11.13 -25.11 -29.01
N ASN A 2133 11.58 -23.95 -28.55
CA ASN A 2133 11.01 -22.67 -28.93
C ASN A 2133 11.42 -22.23 -30.33
N SER A 2134 12.33 -22.94 -30.97
CA SER A 2134 12.85 -22.52 -32.26
C SER A 2134 11.89 -22.87 -33.38
N ALA A 2135 11.68 -21.91 -34.29
CA ALA A 2135 10.88 -22.18 -35.48
C ALA A 2135 11.60 -23.10 -36.46
N GLU A 2136 12.93 -23.16 -36.40
CA GLU A 2136 13.66 -24.12 -37.22
C GLU A 2136 13.30 -25.55 -36.86
N LEU A 2137 12.91 -25.79 -35.60
CA LEU A 2137 12.50 -27.12 -35.18
C LEU A 2137 11.26 -27.58 -35.93
N VAL A 2138 10.36 -26.65 -36.21
CA VAL A 2138 9.13 -26.96 -36.93
C VAL A 2138 9.35 -26.96 -38.44
N CYS A 2139 10.13 -26.01 -38.95
CA CYS A 2139 10.20 -25.82 -40.40
C CYS A 2139 11.18 -26.77 -41.08
N LEU A 2140 12.27 -27.13 -40.41
CA LEU A 2140 13.21 -28.10 -40.98
C LEU A 2140 12.54 -29.48 -41.04
N THR A 2141 12.36 -30.01 -42.25
CA THR A 2141 11.61 -31.23 -42.45
C THR A 2141 12.50 -32.46 -42.59
N ARG A 2142 13.51 -32.40 -43.45
CA ARG A 2142 14.41 -33.53 -43.68
C ARG A 2142 15.85 -33.05 -43.64
N ARG A 2143 16.76 -34.02 -43.66
CA ARG A 2143 18.19 -33.76 -43.73
C ARG A 2143 18.88 -35.00 -44.27
N ILE A 2144 19.82 -34.80 -45.20
CA ILE A 2144 20.48 -35.89 -45.90
C ILE A 2144 21.98 -35.60 -45.93
N LEU A 2145 22.78 -36.59 -45.56
CA LEU A 2145 24.23 -36.49 -45.62
C LEU A 2145 24.75 -37.44 -46.68
N LEU A 2146 25.42 -36.90 -47.70
CA LEU A 2146 26.01 -37.73 -48.74
C LEU A 2146 27.33 -38.32 -48.25
N PRO A 2147 27.41 -39.64 -48.09
CA PRO A 2147 28.60 -40.23 -47.44
C PRO A 2147 29.88 -40.09 -48.24
N LYS A 2148 29.83 -40.31 -49.56
CA LYS A 2148 31.02 -40.14 -50.39
C LYS A 2148 31.53 -38.71 -50.37
N ASN A 2149 30.67 -37.75 -50.00
CA ASN A 2149 31.04 -36.35 -49.81
C ASN A 2149 31.63 -35.72 -51.07
N VAL A 2150 31.08 -36.07 -52.22
CA VAL A 2150 31.59 -35.54 -53.48
C VAL A 2150 31.21 -34.07 -53.60
N ILE A 2151 32.14 -33.26 -54.08
CA ILE A 2151 31.93 -31.81 -54.18
C ILE A 2151 30.86 -31.53 -55.24
N VAL A 2152 29.67 -31.15 -54.78
CA VAL A 2152 28.52 -30.96 -55.66
C VAL A 2152 28.39 -29.50 -56.06
N GLU A 2153 28.02 -29.28 -57.33
CA GLU A 2153 27.89 -27.94 -57.89
C GLU A 2153 26.46 -27.56 -58.25
N CYS A 2154 25.67 -28.48 -58.78
CA CYS A 2154 24.32 -28.16 -59.23
C CYS A 2154 23.35 -29.28 -58.86
N MET A 2155 22.07 -28.91 -58.76
CA MET A 2155 21.02 -29.85 -58.42
C MET A 2155 19.69 -29.33 -58.97
N VAL A 2156 18.93 -30.20 -59.62
CA VAL A 2156 17.63 -29.86 -60.16
C VAL A 2156 16.63 -30.93 -59.74
N ALA A 2157 15.38 -30.51 -59.54
CA ALA A 2157 14.33 -31.42 -59.11
C ALA A 2157 13.53 -31.91 -60.30
N THR A 2158 12.64 -32.87 -60.03
CA THR A 2158 11.71 -33.39 -61.02
C THR A 2158 10.29 -32.96 -60.65
N HIS A 2159 9.63 -32.27 -61.59
CA HIS A 2159 8.25 -31.84 -61.38
C HIS A 2159 7.24 -32.98 -61.41
N HIS A 2160 7.68 -34.22 -61.66
CA HIS A 2160 6.80 -35.38 -61.70
C HIS A 2160 6.24 -35.63 -60.30
N ASN A 2161 4.95 -35.34 -60.12
CA ASN A 2161 4.30 -35.50 -58.82
C ASN A 2161 4.02 -36.95 -58.46
N SER A 2162 4.50 -37.92 -59.23
CA SER A 2162 4.28 -39.34 -58.94
C SER A 2162 5.26 -39.78 -57.86
N ARG A 2163 5.35 -41.10 -57.64
CA ARG A 2163 6.29 -41.63 -56.65
C ARG A 2163 7.75 -41.41 -57.03
N ASN A 2164 8.03 -41.02 -58.27
CA ASN A 2164 9.40 -40.74 -58.72
C ASN A 2164 9.82 -39.33 -58.29
N ALA A 2165 9.73 -39.08 -56.99
CA ALA A 2165 10.11 -37.79 -56.41
C ALA A 2165 11.55 -37.89 -55.93
N SER A 2166 12.47 -37.33 -56.71
CA SER A 2166 13.89 -37.38 -56.37
C SER A 2166 14.56 -36.13 -56.93
N ILE A 2167 15.88 -36.07 -56.77
CA ILE A 2167 16.69 -34.97 -57.27
C ILE A 2167 17.79 -35.54 -58.14
N TRP A 2168 18.36 -34.70 -59.00
CA TRP A 2168 19.34 -35.11 -60.00
C TRP A 2168 20.68 -34.43 -59.81
N LEU A 2169 21.21 -34.45 -58.59
CA LEU A 2169 22.47 -33.80 -58.26
C LEU A 2169 23.56 -34.10 -59.28
N GLY A 2170 24.29 -33.06 -59.66
CA GLY A 2170 25.41 -33.22 -60.56
C GLY A 2170 26.65 -32.53 -60.00
N CYS A 2171 27.79 -33.12 -60.29
CA CYS A 2171 29.05 -32.67 -59.70
C CYS A 2171 30.21 -33.05 -60.61
N GLY A 2172 31.28 -32.25 -60.53
CA GLY A 2172 32.49 -32.52 -61.28
C GLY A 2172 33.60 -33.06 -60.42
N HIS A 2173 33.90 -34.36 -60.55
CA HIS A 2173 34.82 -35.03 -59.63
C HIS A 2173 36.08 -35.56 -60.30
N THR A 2174 36.07 -35.83 -61.60
CA THR A 2174 37.22 -36.41 -62.28
C THR A 2174 37.32 -35.78 -63.66
N ASP A 2175 38.12 -36.41 -64.54
CA ASP A 2175 38.22 -35.96 -65.92
C ASP A 2175 36.86 -36.00 -66.61
N ARG A 2176 35.97 -36.89 -66.17
CA ARG A 2176 34.58 -36.90 -66.59
C ARG A 2176 33.74 -36.26 -65.49
N GLY A 2177 32.42 -36.31 -65.63
CA GLY A 2177 31.54 -35.78 -64.62
C GLY A 2177 31.24 -36.81 -63.55
N GLN A 2178 30.49 -36.39 -62.54
CA GLN A 2178 29.97 -37.30 -61.53
C GLN A 2178 28.46 -37.06 -61.47
N LEU A 2179 27.69 -37.98 -62.04
CA LEU A 2179 26.25 -37.80 -62.22
C LEU A 2179 25.54 -38.54 -61.12
N SER A 2180 25.14 -37.82 -60.08
CA SER A 2180 24.47 -38.41 -58.93
C SER A 2180 22.97 -38.45 -59.15
N PHE A 2181 22.27 -39.17 -58.27
CA PHE A 2181 20.82 -39.21 -58.29
C PHE A 2181 20.36 -39.57 -56.88
N LEU A 2182 19.96 -38.56 -56.11
CA LEU A 2182 19.54 -38.77 -54.73
C LEU A 2182 18.03 -39.02 -54.71
N ASP A 2183 17.63 -40.15 -54.14
CA ASP A 2183 16.23 -40.52 -54.02
C ASP A 2183 15.75 -40.12 -52.63
N LEU A 2184 14.88 -39.10 -52.57
CA LEU A 2184 14.40 -38.61 -51.28
C LEU A 2184 13.63 -39.67 -50.51
N ASN A 2185 12.76 -40.40 -51.21
CA ASN A 2185 11.90 -41.38 -50.54
C ASN A 2185 12.70 -42.52 -49.93
N THR A 2186 13.84 -42.87 -50.53
CA THR A 2186 14.63 -44.02 -50.09
C THR A 2186 15.95 -43.64 -49.43
N GLU A 2187 16.39 -42.39 -49.57
CA GLU A 2187 17.65 -41.87 -49.03
C GLU A 2187 18.88 -42.58 -49.59
N GLY A 2188 18.73 -43.36 -50.65
CA GLY A 2188 19.85 -44.01 -51.31
C GLY A 2188 20.12 -43.34 -52.65
N TYR A 2189 21.40 -43.30 -53.04
CA TYR A 2189 21.78 -42.57 -54.23
C TYR A 2189 22.92 -43.29 -54.96
N THR A 2190 22.94 -43.12 -56.27
CA THR A 2190 23.94 -43.73 -57.15
C THR A 2190 24.64 -42.64 -57.95
N SER A 2191 25.96 -42.75 -58.07
CA SER A 2191 26.76 -41.78 -58.79
C SER A 2191 27.70 -42.50 -59.75
N GLU A 2192 27.95 -41.87 -60.89
CA GLU A 2192 28.79 -42.45 -61.94
C GLU A 2192 29.15 -41.36 -62.94
N GLU A 2193 30.05 -41.69 -63.85
CA GLU A 2193 30.53 -40.76 -64.87
C GLU A 2193 29.91 -41.10 -66.21
N VAL A 2194 29.10 -40.18 -66.75
CA VAL A 2194 28.57 -40.35 -68.09
C VAL A 2194 28.81 -39.16 -69.00
N ALA A 2195 29.02 -37.95 -68.48
CA ALA A 2195 29.37 -36.80 -69.31
C ALA A 2195 30.88 -36.60 -69.31
N ASP A 2196 31.47 -36.51 -70.50
CA ASP A 2196 32.90 -36.70 -70.71
C ASP A 2196 33.78 -35.60 -70.10
N SER A 2197 33.22 -34.64 -69.36
CA SER A 2197 34.04 -33.61 -68.73
C SER A 2197 33.25 -33.02 -67.58
N ARG A 2198 33.88 -32.07 -66.88
CA ARG A 2198 33.30 -31.47 -65.67
C ARG A 2198 31.97 -30.82 -65.98
N ILE A 2199 30.97 -31.08 -65.15
CA ILE A 2199 29.61 -30.67 -65.43
C ILE A 2199 29.25 -29.48 -64.54
N LEU A 2200 28.42 -28.58 -65.07
CA LEU A 2200 28.17 -27.31 -64.38
C LEU A 2200 26.72 -27.13 -63.96
N CYS A 2201 25.76 -27.23 -64.88
CA CYS A 2201 24.36 -26.95 -64.56
C CYS A 2201 23.44 -27.86 -65.36
N LEU A 2202 22.27 -28.12 -64.80
CA LEU A 2202 21.34 -29.11 -65.33
C LEU A 2202 19.97 -28.48 -65.50
N ALA A 2203 19.11 -29.17 -66.25
CA ALA A 2203 17.72 -28.78 -66.41
C ALA A 2203 16.91 -29.99 -66.86
N LEU A 2204 15.61 -29.94 -66.58
CA LEU A 2204 14.70 -31.03 -66.90
C LEU A 2204 13.55 -30.50 -67.75
N VAL A 2205 13.14 -31.31 -68.72
CA VAL A 2205 11.94 -31.05 -69.52
C VAL A 2205 11.03 -32.26 -69.41
N HIS A 2206 9.74 -32.00 -69.19
CA HIS A 2206 8.72 -33.04 -69.17
C HIS A 2206 7.69 -32.76 -70.24
N LEU A 2207 7.55 -33.67 -71.20
CA LEU A 2207 6.62 -33.53 -72.31
C LEU A 2207 5.41 -34.43 -72.06
N PRO A 2208 4.35 -33.92 -71.42
CA PRO A 2208 3.20 -34.78 -71.09
C PRO A 2208 2.46 -35.29 -72.31
N VAL A 2209 2.39 -34.50 -73.39
CA VAL A 2209 1.76 -34.97 -74.62
C VAL A 2209 2.56 -36.13 -75.22
N GLU A 2210 3.88 -36.06 -75.14
CA GLU A 2210 4.76 -37.11 -75.64
C GLU A 2210 5.15 -38.13 -74.58
N LYS A 2211 4.71 -37.93 -73.33
CA LYS A 2211 5.04 -38.80 -72.19
C LYS A 2211 6.56 -38.93 -72.01
N GLU A 2212 7.28 -37.86 -72.35
CA GLU A 2212 8.74 -37.84 -72.34
C GLU A 2212 9.23 -36.99 -71.18
N SER A 2213 10.18 -37.52 -70.43
CA SER A 2213 10.82 -36.82 -69.32
C SER A 2213 12.32 -36.86 -69.57
N TRP A 2214 12.87 -35.75 -70.02
CA TRP A 2214 14.27 -35.66 -70.45
C TRP A 2214 15.03 -34.64 -69.61
N ILE A 2215 16.24 -35.00 -69.21
CA ILE A 2215 17.13 -34.12 -68.48
C ILE A 2215 18.31 -33.78 -69.37
N VAL A 2216 18.64 -32.49 -69.46
CA VAL A 2216 19.72 -32.02 -70.32
C VAL A 2216 20.96 -31.78 -69.48
N SER A 2217 22.08 -32.37 -69.89
CA SER A 2217 23.32 -32.31 -69.14
C SER A 2217 24.42 -31.65 -69.96
N GLY A 2218 25.20 -30.79 -69.30
CA GLY A 2218 26.28 -30.07 -69.96
C GLY A 2218 27.61 -30.29 -69.28
N THR A 2219 28.66 -30.42 -70.08
CA THR A 2219 30.03 -30.55 -69.60
C THR A 2219 30.78 -29.22 -69.75
N GLN A 2220 32.00 -29.18 -69.21
CA GLN A 2220 32.84 -28.00 -69.36
C GLN A 2220 33.65 -28.01 -70.64
N SER A 2221 33.69 -29.14 -71.35
CA SER A 2221 34.39 -29.19 -72.63
C SER A 2221 33.60 -28.47 -73.72
N GLY A 2222 32.32 -28.19 -73.50
CA GLY A 2222 31.54 -27.42 -74.43
C GLY A 2222 30.53 -28.20 -75.25
N THR A 2223 29.87 -29.16 -74.63
CA THR A 2223 28.81 -29.91 -75.30
C THR A 2223 27.57 -29.94 -74.43
N LEU A 2224 26.41 -30.02 -75.08
CA LEU A 2224 25.13 -30.24 -74.42
C LEU A 2224 24.65 -31.65 -74.69
N LEU A 2225 24.24 -32.34 -73.64
CA LEU A 2225 23.76 -33.71 -73.74
C LEU A 2225 22.42 -33.84 -73.05
N VAL A 2226 21.66 -34.84 -73.47
CA VAL A 2226 20.38 -35.20 -72.84
C VAL A 2226 20.50 -36.67 -72.44
N ILE A 2227 19.86 -37.02 -71.33
CA ILE A 2227 19.83 -38.40 -70.84
C ILE A 2227 18.44 -38.68 -70.29
N ASN A 2228 17.66 -39.49 -71.01
CA ASN A 2228 16.30 -39.81 -70.60
C ASN A 2228 16.33 -40.70 -69.36
N THR A 2229 15.64 -40.28 -68.30
CA THR A 2229 15.66 -41.05 -67.07
C THR A 2229 14.80 -42.31 -67.16
N GLU A 2230 13.78 -42.32 -68.02
CA GLU A 2230 12.89 -43.47 -68.12
C GLU A 2230 13.64 -44.72 -68.57
N ASP A 2231 14.74 -44.55 -69.30
CA ASP A 2231 15.59 -45.68 -69.70
C ASP A 2231 16.99 -45.14 -69.94
N GLY A 2232 17.98 -45.68 -69.23
CA GLY A 2232 19.35 -45.23 -69.38
C GLY A 2232 19.94 -45.47 -70.76
N LYS A 2233 19.30 -46.28 -71.59
CA LYS A 2233 19.75 -46.50 -72.97
C LYS A 2233 19.37 -45.37 -73.90
N LYS A 2234 18.50 -44.45 -73.49
CA LYS A 2234 18.06 -43.33 -74.32
C LYS A 2234 18.91 -42.11 -73.97
N ARG A 2235 20.02 -41.97 -74.69
CA ARG A 2235 20.97 -40.87 -74.48
C ARG A 2235 21.01 -40.00 -75.72
N HIS A 2236 21.29 -38.71 -75.52
CA HIS A 2236 21.28 -37.76 -76.62
C HIS A 2236 22.33 -36.68 -76.37
N THR A 2237 22.71 -36.01 -77.46
CA THR A 2237 23.68 -34.91 -77.43
C THR A 2237 23.19 -33.84 -78.39
N LEU A 2238 23.57 -32.58 -78.12
CA LEU A 2238 23.17 -31.43 -78.92
C LEU A 2238 24.40 -30.75 -79.53
N GLU A 2239 24.18 -29.59 -80.14
CA GLU A 2239 25.24 -28.88 -80.86
C GLU A 2239 26.29 -28.33 -79.89
N LYS A 2240 27.55 -28.47 -80.27
CA LYS A 2240 28.66 -28.02 -79.42
C LYS A 2240 28.74 -26.50 -79.37
N MET A 2241 28.97 -25.97 -78.17
CA MET A 2241 29.37 -24.58 -78.00
C MET A 2241 30.87 -24.54 -77.71
N THR A 2242 31.54 -23.52 -78.27
CA THR A 2242 32.99 -23.48 -78.15
C THR A 2242 33.45 -23.16 -76.74
N ASP A 2243 32.71 -22.33 -76.01
CA ASP A 2243 33.00 -22.08 -74.60
C ASP A 2243 32.45 -23.20 -73.74
N SER A 2244 32.42 -22.98 -72.43
CA SER A 2244 31.88 -23.95 -71.49
C SER A 2244 30.39 -23.65 -71.23
N VAL A 2245 29.61 -24.72 -71.13
CA VAL A 2245 28.19 -24.59 -70.78
C VAL A 2245 28.07 -23.86 -69.46
N THR A 2246 27.10 -22.96 -69.38
CA THR A 2246 27.02 -22.14 -68.17
C THR A 2246 25.65 -22.15 -67.51
N CYS A 2247 24.57 -22.21 -68.30
CA CYS A 2247 23.24 -22.12 -67.69
C CYS A 2247 22.22 -22.78 -68.61
N LEU A 2248 21.03 -22.98 -68.04
CA LEU A 2248 19.90 -23.60 -68.73
C LEU A 2248 18.62 -23.10 -68.08
N TYR A 2249 17.51 -23.23 -68.80
CA TYR A 2249 16.21 -22.81 -68.28
C TYR A 2249 15.11 -23.42 -69.13
N CYS A 2250 14.00 -23.79 -68.48
CA CYS A 2250 12.82 -24.34 -69.14
C CYS A 2250 11.70 -23.30 -69.08
N ASN A 2251 11.30 -22.78 -70.24
CA ASN A 2251 10.23 -21.80 -70.35
C ASN A 2251 8.95 -22.49 -70.79
N SER A 2252 8.00 -22.64 -69.89
CA SER A 2252 6.74 -23.29 -70.19
C SER A 2252 5.78 -22.32 -70.87
N ASN A 2261 7.14 -24.56 -76.10
CA ASN A 2261 8.07 -24.20 -75.05
C ASN A 2261 9.44 -23.86 -75.62
N PHE A 2262 10.26 -23.17 -74.82
CA PHE A 2262 11.58 -22.71 -75.25
C PHE A 2262 12.61 -23.07 -74.20
N LEU A 2263 13.50 -24.02 -74.53
CA LEU A 2263 14.61 -24.34 -73.65
C LEU A 2263 15.74 -23.35 -73.90
N LEU A 2264 16.13 -22.61 -72.87
CA LEU A 2264 17.10 -21.53 -73.01
C LEU A 2264 18.48 -22.01 -72.62
N VAL A 2265 19.49 -21.58 -73.38
CA VAL A 2265 20.88 -21.88 -73.09
C VAL A 2265 21.64 -20.56 -73.00
N GLY A 2266 22.20 -20.28 -71.83
CA GLY A 2266 23.05 -19.11 -71.68
C GLY A 2266 24.50 -19.50 -71.49
N THR A 2267 25.33 -19.27 -72.50
CA THR A 2267 26.68 -19.77 -72.51
C THR A 2267 27.65 -18.68 -72.04
N ALA A 2268 28.93 -19.07 -71.91
CA ALA A 2268 29.97 -18.11 -71.55
C ALA A 2268 30.22 -17.08 -72.66
N ASP A 2269 29.88 -17.41 -73.90
CA ASP A 2269 29.98 -16.49 -75.03
C ASP A 2269 28.67 -15.79 -75.33
N GLY A 2270 27.83 -15.58 -74.32
CA GLY A 2270 26.66 -14.75 -74.44
C GLY A 2270 25.57 -15.24 -75.36
N LYS A 2271 25.70 -16.45 -75.90
CA LYS A 2271 24.66 -16.98 -76.78
C LYS A 2271 23.39 -17.26 -76.00
N LEU A 2272 22.26 -17.12 -76.68
CA LEU A 2272 20.96 -17.49 -76.12
C LEU A 2272 20.34 -18.47 -77.11
N ALA A 2273 20.69 -19.74 -76.96
CA ALA A 2273 20.16 -20.78 -77.82
C ALA A 2273 18.76 -21.16 -77.36
N ILE A 2274 17.83 -21.27 -78.31
CA ILE A 2274 16.45 -21.64 -78.02
C ILE A 2274 16.23 -23.01 -78.61
N PHE A 2275 15.98 -24.00 -77.76
CA PHE A 2275 15.78 -25.37 -78.18
C PHE A 2275 14.30 -25.71 -78.11
N GLU A 2276 13.75 -26.17 -79.23
CA GLU A 2276 12.37 -26.62 -79.28
C GLU A 2276 12.16 -27.76 -78.28
N ASP A 2277 11.07 -27.67 -77.51
CA ASP A 2277 10.80 -28.68 -76.49
C ASP A 2277 10.60 -30.07 -77.08
N LYS A 2278 10.15 -30.15 -78.33
CA LYS A 2278 9.75 -31.43 -78.93
C LYS A 2278 10.92 -32.15 -79.58
N THR A 2279 11.63 -31.49 -80.49
CA THR A 2279 12.58 -32.18 -81.36
C THR A 2279 13.83 -32.65 -80.61
N VAL A 2280 14.19 -31.97 -79.53
CA VAL A 2280 15.47 -32.21 -78.87
C VAL A 2280 15.55 -33.54 -78.15
N LYS A 2281 14.45 -34.31 -78.16
CA LYS A 2281 14.49 -35.68 -77.64
C LYS A 2281 15.54 -36.51 -78.37
N LEU A 2282 15.53 -36.44 -79.70
CA LEU A 2282 16.51 -37.15 -80.51
C LEU A 2282 17.88 -36.49 -80.37
N LYS A 2283 18.93 -37.28 -80.55
CA LYS A 2283 20.29 -36.76 -80.45
C LYS A 2283 20.62 -35.88 -81.66
N GLY A 2284 21.05 -34.66 -81.40
CA GLY A 2284 21.48 -33.77 -82.47
C GLY A 2284 20.43 -32.87 -83.08
N ALA A 2285 19.54 -32.30 -82.27
CA ALA A 2285 18.65 -31.25 -82.76
C ALA A 2285 19.43 -29.95 -82.93
N ALA A 2286 18.74 -28.90 -83.40
CA ALA A 2286 19.45 -27.67 -83.72
C ALA A 2286 18.75 -26.47 -83.12
N PRO A 2287 19.51 -25.42 -82.76
CA PRO A 2287 18.88 -24.20 -82.26
C PRO A 2287 18.14 -23.45 -83.35
N LEU A 2288 17.04 -22.80 -82.96
CA LEU A 2288 16.27 -22.00 -83.90
C LEU A 2288 16.78 -20.57 -84.04
N LYS A 2289 17.56 -20.08 -83.06
CA LYS A 2289 18.10 -18.73 -83.13
C LYS A 2289 19.32 -18.64 -82.22
N ILE A 2290 20.16 -17.65 -82.50
CA ILE A 2290 21.38 -17.39 -81.73
C ILE A 2290 21.50 -15.88 -81.53
N LEU A 2291 21.18 -15.41 -80.33
CA LEU A 2291 21.23 -13.98 -80.00
C LEU A 2291 22.48 -13.71 -79.19
N ASN A 2292 23.50 -13.13 -79.83
CA ASN A 2292 24.77 -12.84 -79.17
C ASN A 2292 24.60 -11.63 -78.26
N ILE A 2293 23.93 -11.86 -77.14
CA ILE A 2293 23.65 -10.77 -76.20
C ILE A 2293 24.94 -10.28 -75.54
N GLY A 2294 25.83 -11.19 -75.17
CA GLY A 2294 27.07 -10.82 -74.54
C GLY A 2294 28.31 -11.30 -75.27
N ASN A 2295 29.38 -11.53 -74.52
CA ASN A 2295 30.63 -12.01 -75.08
C ASN A 2295 31.39 -12.77 -73.98
N VAL A 2296 32.67 -13.05 -74.23
CA VAL A 2296 33.43 -13.86 -73.29
C VAL A 2296 33.81 -13.06 -72.05
N SER A 2297 33.91 -11.72 -72.17
CA SER A 2297 34.28 -10.90 -71.03
C SER A 2297 33.16 -10.75 -70.00
N THR A 2298 31.91 -10.93 -70.41
CA THR A 2298 30.77 -10.90 -69.51
C THR A 2298 29.87 -12.08 -69.85
N PRO A 2299 30.20 -13.27 -69.35
CA PRO A 2299 29.37 -14.46 -69.64
C PRO A 2299 27.98 -14.34 -69.06
N LEU A 2300 27.08 -15.17 -69.58
CA LEU A 2300 25.70 -15.24 -69.11
C LEU A 2300 25.57 -16.39 -68.12
N MET A 2301 25.13 -16.08 -66.90
CA MET A 2301 25.11 -17.04 -65.81
C MET A 2301 23.71 -17.44 -65.36
N CYS A 2302 22.77 -16.49 -65.25
CA CYS A 2302 21.49 -16.77 -64.63
C CYS A 2302 20.34 -16.17 -65.43
N LEU A 2303 19.24 -16.90 -65.50
CA LEU A 2303 17.99 -16.40 -66.08
C LEU A 2303 16.86 -16.73 -65.11
N SER A 2304 15.71 -16.07 -65.33
CA SER A 2304 14.53 -16.30 -64.50
C SER A 2304 13.31 -15.74 -65.20
N GLU A 2305 12.15 -16.05 -64.63
CA GLU A 2305 10.85 -15.65 -65.17
C GLU A 2305 10.18 -14.68 -64.21
N SER A 2306 9.31 -13.83 -64.76
CA SER A 2306 8.53 -12.90 -63.94
C SER A 2306 7.61 -13.67 -63.01
N THR A 2307 7.66 -13.34 -61.72
CA THR A 2307 6.75 -13.95 -60.77
C THR A 2307 5.32 -13.48 -60.98
N ASN A 2308 5.14 -12.21 -61.33
CA ASN A 2308 3.81 -11.71 -61.65
C ASN A 2308 3.35 -12.21 -63.02
N SER A 2309 2.09 -12.66 -63.09
CA SER A 2309 1.55 -13.21 -64.32
C SER A 2309 1.36 -12.16 -65.41
N THR A 2310 1.36 -10.87 -65.05
CA THR A 2310 1.19 -9.82 -66.05
C THR A 2310 2.42 -9.64 -66.92
N GLU A 2311 3.58 -10.16 -66.50
CA GLU A 2311 4.81 -10.07 -67.27
C GLU A 2311 5.36 -11.45 -67.61
N ARG A 2312 4.47 -12.45 -67.68
CA ARG A 2312 4.84 -13.80 -68.12
C ARG A 2312 5.22 -13.87 -69.60
N ASN A 2313 5.23 -12.75 -70.32
CA ASN A 2313 5.62 -12.73 -71.72
C ASN A 2313 7.05 -12.28 -71.93
N VAL A 2314 7.69 -11.71 -70.90
CA VAL A 2314 9.06 -11.22 -70.97
C VAL A 2314 9.94 -12.10 -70.08
N MET A 2315 11.10 -12.50 -70.60
CA MET A 2315 12.07 -13.30 -69.87
C MET A 2315 13.29 -12.46 -69.56
N TRP A 2316 13.86 -12.66 -68.38
CA TRP A 2316 14.97 -11.84 -67.90
C TRP A 2316 16.21 -12.68 -67.65
N GLY A 2317 17.35 -12.01 -67.57
CA GLY A 2317 18.62 -12.64 -67.27
C GLY A 2317 19.73 -11.62 -67.09
N GLY A 2318 20.69 -11.91 -66.22
CA GLY A 2318 21.86 -11.06 -66.08
C GLY A 2318 23.07 -11.56 -66.82
N CYS A 2319 23.34 -10.99 -68.01
CA CYS A 2319 24.49 -11.39 -68.81
C CYS A 2319 25.72 -10.64 -68.29
N GLY A 2320 26.46 -11.29 -67.39
CA GLY A 2320 27.61 -10.67 -66.78
C GLY A 2320 27.23 -9.42 -66.01
N THR A 2321 27.57 -8.25 -66.55
CA THR A 2321 27.17 -6.98 -65.97
C THR A 2321 26.02 -6.34 -66.74
N LYS A 2322 25.27 -7.13 -67.51
CA LYS A 2322 24.19 -6.61 -68.34
C LYS A 2322 22.89 -7.34 -68.00
N ILE A 2323 21.90 -6.57 -67.54
CA ILE A 2323 20.59 -7.12 -67.18
C ILE A 2323 19.71 -6.98 -68.42
N PHE A 2324 19.57 -8.06 -69.18
CA PHE A 2324 18.82 -8.06 -70.42
C PHE A 2324 17.46 -8.73 -70.21
N SER A 2325 16.44 -8.18 -70.84
CA SER A 2325 15.12 -8.77 -70.85
C SER A 2325 14.68 -8.95 -72.30
N PHE A 2326 13.95 -10.03 -72.58
CA PHE A 2326 13.56 -10.31 -73.95
C PHE A 2326 12.20 -11.00 -73.95
N SER A 2327 11.60 -11.07 -75.14
CA SER A 2327 10.23 -11.51 -75.32
C SER A 2327 10.14 -13.03 -75.37
N ASN A 2328 8.93 -13.54 -75.59
CA ASN A 2328 8.72 -14.93 -75.97
C ASN A 2328 8.93 -15.16 -77.45
N ASP A 2329 9.14 -14.10 -78.23
CA ASP A 2329 9.45 -14.22 -79.65
C ASP A 2329 10.94 -14.10 -79.93
N PHE A 2330 11.77 -14.33 -78.90
CA PHE A 2330 13.23 -14.24 -78.99
C PHE A 2330 13.70 -12.87 -79.48
N THR A 2331 13.09 -11.82 -78.94
CA THR A 2331 13.45 -10.45 -79.28
C THR A 2331 13.70 -9.66 -78.00
N ILE A 2332 14.79 -8.89 -78.00
CA ILE A 2332 15.21 -8.15 -76.82
C ILE A 2332 14.18 -7.10 -76.44
N GLN A 2333 13.95 -6.93 -75.14
CA GLN A 2333 13.07 -5.88 -74.64
C GLN A 2333 13.79 -4.74 -73.95
N LYS A 2334 14.98 -4.98 -73.39
CA LYS A 2334 15.76 -3.97 -72.70
C LYS A 2334 17.17 -4.48 -72.47
N LEU A 2335 18.11 -3.54 -72.35
CA LEU A 2335 19.50 -3.87 -72.03
C LEU A 2335 20.00 -2.84 -71.02
N ILE A 2336 20.18 -3.27 -69.78
CA ILE A 2336 20.54 -2.38 -68.69
C ILE A 2336 22.00 -2.60 -68.36
N GLU A 2337 22.69 -1.51 -67.98
CA GLU A 2337 24.09 -1.57 -67.59
C GLU A 2337 24.22 -1.51 -66.08
N THR A 2338 24.96 -2.46 -65.51
CA THR A 2338 25.21 -2.49 -64.07
C THR A 2338 26.35 -1.55 -63.64
N ARG A 2339 27.19 -1.10 -64.59
CA ARG A 2339 28.42 -0.40 -64.24
C ARG A 2339 28.18 0.91 -63.50
N THR A 2340 26.98 1.49 -63.59
CA THR A 2340 26.68 2.72 -62.85
C THR A 2340 26.61 2.50 -61.34
N SER A 2341 26.66 1.26 -60.87
CA SER A 2341 26.51 0.96 -59.44
C SER A 2341 27.74 1.33 -58.62
N GLN A 2342 28.85 1.71 -59.26
CA GLN A 2342 30.07 2.02 -58.52
C GLN A 2342 30.01 3.40 -57.86
N LEU A 2343 29.23 4.33 -58.42
CA LEU A 2343 29.21 5.69 -57.88
C LEU A 2343 28.54 5.78 -56.52
N PHE A 2344 27.68 4.83 -56.17
CA PHE A 2344 26.98 4.84 -54.88
C PHE A 2344 27.66 3.94 -53.86
N SER A 2345 27.80 2.65 -54.17
CA SER A 2345 28.44 1.69 -53.28
C SER A 2345 29.93 1.62 -53.58
N TYR A 2346 30.61 0.62 -53.01
CA TYR A 2346 32.03 0.46 -53.25
C TYR A 2346 32.27 -0.05 -54.66
N ALA A 2347 33.20 0.60 -55.37
CA ALA A 2347 33.49 0.23 -56.76
C ALA A 2347 34.00 -1.20 -56.87
N ALA A 2348 34.78 -1.65 -55.88
CA ALA A 2348 35.33 -3.00 -55.89
C ALA A 2348 34.23 -4.05 -55.94
N PHE A 2349 33.25 -3.93 -55.03
CA PHE A 2349 32.13 -4.87 -55.03
C PHE A 2349 31.22 -4.66 -56.25
N SER A 2350 31.08 -3.41 -56.70
CA SER A 2350 30.25 -3.14 -57.88
C SER A 2350 30.92 -3.56 -59.17
N ASP A 2351 32.23 -3.84 -59.16
CA ASP A 2351 32.92 -4.34 -60.35
C ASP A 2351 32.96 -5.87 -60.32
N SER A 2352 31.78 -6.45 -60.49
CA SER A 2352 31.64 -7.90 -60.48
C SER A 2352 30.47 -8.29 -61.38
N ASN A 2353 30.49 -9.55 -61.81
CA ASN A 2353 29.42 -10.08 -62.64
C ASN A 2353 28.20 -10.41 -61.78
N ILE A 2354 27.08 -10.67 -62.46
CA ILE A 2354 25.82 -10.99 -61.80
C ILE A 2354 25.73 -12.51 -61.66
N ILE A 2355 25.38 -12.98 -60.45
CA ILE A 2355 25.30 -14.41 -60.17
C ILE A 2355 23.85 -14.90 -60.17
N THR A 2356 22.96 -14.22 -59.45
CA THR A 2356 21.56 -14.61 -59.39
C THR A 2356 20.66 -13.42 -59.68
N VAL A 2357 19.51 -13.72 -60.30
CA VAL A 2357 18.53 -12.71 -60.67
C VAL A 2357 17.16 -13.21 -60.21
N VAL A 2358 16.28 -12.25 -59.88
CA VAL A 2358 14.89 -12.52 -59.52
C VAL A 2358 14.04 -11.39 -60.08
N VAL A 2359 12.85 -11.74 -60.60
CA VAL A 2359 11.98 -10.81 -61.30
C VAL A 2359 10.72 -10.64 -60.48
N ASP A 2360 10.51 -9.45 -59.94
CA ASP A 2360 9.30 -9.09 -59.21
C ASP A 2360 8.91 -7.68 -59.63
N THR A 2361 8.03 -7.05 -58.85
CA THR A 2361 7.76 -5.62 -59.04
C THR A 2361 9.04 -4.81 -58.95
N ALA A 2362 10.00 -5.26 -58.15
CA ALA A 2362 11.35 -4.71 -58.12
C ALA A 2362 12.33 -5.81 -58.49
N LEU A 2363 13.42 -5.42 -59.16
CA LEU A 2363 14.43 -6.37 -59.58
C LEU A 2363 15.51 -6.46 -58.51
N TYR A 2364 15.84 -7.69 -58.10
CA TYR A 2364 16.87 -7.94 -57.10
C TYR A 2364 18.04 -8.65 -57.78
N ILE A 2365 19.24 -8.13 -57.57
CA ILE A 2365 20.44 -8.61 -58.26
C ILE A 2365 21.50 -8.88 -57.21
N ALA A 2366 22.14 -10.05 -57.30
CA ALA A 2366 23.25 -10.42 -56.44
C ALA A 2366 24.49 -10.65 -57.30
N LYS A 2367 25.60 -10.02 -56.91
CA LYS A 2367 26.83 -10.05 -57.69
C LYS A 2367 27.88 -10.94 -57.03
N GLN A 2368 28.79 -11.43 -57.86
CA GLN A 2368 29.84 -12.34 -57.41
C GLN A 2368 30.74 -11.66 -56.39
N ASN A 2369 31.11 -12.41 -55.35
CA ASN A 2369 32.12 -12.00 -54.37
C ASN A 2369 31.75 -10.67 -53.71
N SER A 2370 30.45 -10.46 -53.49
CA SER A 2370 29.96 -9.20 -52.94
C SER A 2370 28.95 -9.47 -51.83
N PRO A 2371 29.06 -8.78 -50.70
CA PRO A 2371 28.09 -8.94 -49.62
C PRO A 2371 26.85 -8.05 -49.71
N VAL A 2372 26.59 -7.43 -50.87
CA VAL A 2372 25.43 -6.56 -51.04
C VAL A 2372 24.58 -7.09 -52.18
N VAL A 2373 23.27 -6.90 -52.06
CA VAL A 2373 22.31 -7.28 -53.08
C VAL A 2373 21.64 -6.01 -53.62
N GLU A 2374 21.65 -5.87 -54.93
CA GLU A 2374 21.20 -4.65 -55.59
C GLU A 2374 19.73 -4.74 -55.98
N VAL A 2375 18.97 -3.68 -55.68
CA VAL A 2375 17.54 -3.62 -55.94
C VAL A 2375 17.32 -2.64 -57.08
N TRP A 2376 16.64 -3.10 -58.14
CA TRP A 2376 16.35 -2.28 -59.32
C TRP A 2376 14.86 -2.29 -59.62
N ASP A 2377 14.43 -1.31 -60.42
CA ASP A 2377 13.06 -1.22 -60.90
C ASP A 2377 13.03 -1.54 -62.38
N LYS A 2378 12.03 -2.32 -62.80
CA LYS A 2378 11.97 -2.75 -64.20
C LYS A 2378 11.43 -1.67 -65.13
N LYS A 2379 10.79 -0.63 -64.60
CA LYS A 2379 10.26 0.43 -65.45
C LYS A 2379 11.28 1.53 -65.72
N THR A 2380 11.79 2.16 -64.66
CA THR A 2380 12.79 3.21 -64.82
C THR A 2380 14.17 2.67 -65.17
N GLU A 2381 14.40 1.37 -64.97
CA GLU A 2381 15.72 0.75 -65.16
C GLU A 2381 16.81 1.49 -64.39
N LYS A 2382 16.47 1.95 -63.20
CA LYS A 2382 17.35 2.76 -62.37
C LYS A 2382 17.53 2.08 -61.01
N LEU A 2383 18.66 2.35 -60.37
CA LEU A 2383 18.92 1.87 -59.02
C LEU A 2383 17.87 2.40 -58.05
N CYS A 2384 17.46 1.56 -57.10
CA CYS A 2384 16.48 1.96 -56.11
C CYS A 2384 16.96 1.81 -54.67
N GLY A 2385 17.68 0.75 -54.36
CA GLY A 2385 18.15 0.55 -52.99
C GLY A 2385 19.18 -0.54 -52.92
N LEU A 2386 19.91 -0.55 -51.81
CA LEU A 2386 20.92 -1.56 -51.53
C LEU A 2386 20.66 -2.13 -50.14
N ILE A 2387 20.97 -3.42 -49.97
CA ILE A 2387 20.80 -4.11 -48.70
C ILE A 2387 22.14 -4.72 -48.32
N ASP A 2388 22.65 -4.35 -47.15
CA ASP A 2388 23.95 -4.79 -46.67
C ASP A 2388 23.76 -5.93 -45.67
N CYS A 2389 23.99 -7.16 -46.13
CA CYS A 2389 23.94 -8.32 -45.24
C CYS A 2389 25.00 -8.27 -44.16
N VAL A 2390 26.04 -7.43 -44.31
CA VAL A 2390 27.10 -7.36 -43.31
C VAL A 2390 26.55 -6.85 -41.98
N HIS A 2391 25.66 -5.86 -42.01
CA HIS A 2391 25.08 -5.32 -40.79
C HIS A 2391 24.33 -6.39 -40.01
N PHE A 2392 23.51 -7.17 -40.70
CA PHE A 2392 22.71 -8.19 -40.04
C PHE A 2392 23.57 -9.34 -39.55
N LEU A 2393 24.53 -9.78 -40.37
CA LEU A 2393 25.42 -10.87 -39.96
C LEU A 2393 26.27 -10.49 -38.77
N ARG A 2394 26.89 -9.30 -38.80
CA ARG A 2394 27.67 -8.85 -37.66
C ARG A 2394 26.81 -8.53 -36.45
N GLU A 2395 25.52 -8.23 -36.64
CA GLU A 2395 24.61 -8.11 -35.51
C GLU A 2395 24.50 -9.40 -34.72
N VAL A 2396 24.75 -10.54 -35.36
CA VAL A 2396 24.77 -11.83 -34.68
C VAL A 2396 26.13 -12.06 -34.04
N SER A 2411 32.29 -14.66 -44.11
CA SER A 2411 32.64 -13.90 -45.31
C SER A 2411 31.47 -13.01 -45.73
N GLY A 2412 30.26 -13.41 -45.36
CA GLY A 2412 29.07 -12.64 -45.64
C GLY A 2412 28.75 -12.46 -47.12
N ARG A 2413 29.34 -13.27 -47.99
CA ARG A 2413 29.12 -13.13 -49.42
C ARG A 2413 27.83 -13.84 -49.80
N VAL A 2414 26.95 -13.15 -50.56
CA VAL A 2414 25.72 -13.77 -51.02
C VAL A 2414 26.04 -14.82 -52.06
N LYS A 2415 25.30 -15.92 -52.04
CA LYS A 2415 25.50 -17.02 -52.97
C LYS A 2415 24.34 -17.23 -53.93
N THR A 2416 23.13 -17.40 -53.41
CA THR A 2416 21.98 -17.67 -54.27
C THR A 2416 20.73 -17.06 -53.67
N LEU A 2417 19.70 -16.92 -54.50
CA LEU A 2417 18.46 -16.26 -54.13
C LEU A 2417 17.25 -17.09 -54.53
N CYS A 2418 16.21 -17.01 -53.71
CA CYS A 2418 14.90 -17.56 -54.02
C CYS A 2418 13.85 -16.66 -53.38
N LEU A 2419 12.79 -16.39 -54.14
CA LEU A 2419 11.73 -15.50 -53.67
C LEU A 2419 10.38 -16.12 -54.00
N GLN A 2420 9.40 -15.83 -53.14
CA GLN A 2420 8.05 -16.33 -53.30
C GLN A 2420 7.07 -15.16 -53.27
N LYS A 2421 5.91 -15.37 -53.91
CA LYS A 2421 4.86 -14.36 -53.93
C LYS A 2421 4.29 -14.02 -52.55
N ASN A 2422 4.68 -14.77 -51.52
CA ASN A 2422 4.31 -14.49 -50.13
C ASN A 2422 5.09 -13.35 -49.52
N THR A 2423 5.79 -12.56 -50.34
CA THR A 2423 6.55 -11.37 -49.91
C THR A 2423 7.65 -11.72 -48.92
N ALA A 2424 8.22 -12.91 -49.05
CA ALA A 2424 9.33 -13.36 -48.22
C ALA A 2424 10.53 -13.67 -49.11
N LEU A 2425 11.68 -13.07 -48.80
CA LEU A 2425 12.89 -13.22 -49.58
C LEU A 2425 13.92 -14.03 -48.80
N TRP A 2426 14.58 -14.95 -49.50
CA TRP A 2426 15.60 -15.81 -48.92
C TRP A 2426 16.95 -15.45 -49.52
N ILE A 2427 17.92 -15.17 -48.67
CA ILE A 2427 19.28 -14.81 -49.09
C ILE A 2427 20.23 -15.85 -48.53
N GLY A 2428 20.80 -16.68 -49.41
CA GLY A 2428 21.77 -17.66 -49.00
C GLY A 2428 23.18 -17.12 -49.07
N THR A 2429 23.85 -17.04 -47.92
CA THR A 2429 25.17 -16.45 -47.80
C THR A 2429 26.25 -17.51 -47.87
N GLY A 2430 27.39 -17.14 -48.46
CA GLY A 2430 28.56 -18.00 -48.51
C GLY A 2430 29.10 -18.40 -47.15
N GLY A 2431 28.74 -17.67 -46.11
CA GLY A 2431 29.09 -18.05 -44.76
C GLY A 2431 28.21 -19.11 -44.14
N GLY A 2432 27.35 -19.74 -44.93
CA GLY A 2432 26.45 -20.76 -44.41
C GLY A 2432 25.26 -20.23 -43.67
N HIS A 2433 24.88 -18.98 -43.89
CA HIS A 2433 23.73 -18.38 -43.23
C HIS A 2433 22.63 -18.11 -44.25
N ILE A 2434 21.39 -18.24 -43.80
CA ILE A 2434 20.21 -17.96 -44.62
C ILE A 2434 19.53 -16.73 -44.04
N LEU A 2435 19.33 -15.72 -44.87
CA LEU A 2435 18.70 -14.48 -44.44
C LEU A 2435 17.26 -14.46 -44.93
N LEU A 2436 16.34 -14.14 -44.03
CA LEU A 2436 14.92 -14.04 -44.34
C LEU A 2436 14.51 -12.57 -44.32
N LEU A 2437 14.07 -12.06 -45.47
CA LEU A 2437 13.68 -10.67 -45.60
C LEU A 2437 12.27 -10.59 -46.18
N ASP A 2438 11.53 -9.59 -45.73
CA ASP A 2438 10.15 -9.38 -46.17
C ASP A 2438 10.12 -8.32 -47.26
N LEU A 2439 9.26 -8.55 -48.27
CA LEU A 2439 9.18 -7.59 -49.37
C LEU A 2439 8.40 -6.34 -49.00
N SER A 2440 7.51 -6.43 -48.01
CA SER A 2440 6.68 -5.27 -47.65
C SER A 2440 7.52 -4.16 -47.02
N THR A 2441 8.37 -4.50 -46.06
CA THR A 2441 9.14 -3.51 -45.32
C THR A 2441 10.65 -3.58 -45.52
N ARG A 2442 11.17 -4.60 -46.20
CA ARG A 2442 12.60 -4.81 -46.40
C ARG A 2442 13.36 -4.83 -45.06
N ARG A 2443 12.74 -5.45 -44.06
CA ARG A 2443 13.34 -5.61 -42.73
C ARG A 2443 13.71 -7.07 -42.49
N LEU A 2444 14.37 -7.30 -41.36
CA LEU A 2444 14.86 -8.63 -41.02
C LEU A 2444 13.73 -9.47 -40.45
N ILE A 2445 13.81 -10.78 -40.68
CA ILE A 2445 12.87 -11.72 -40.09
C ILE A 2445 13.58 -12.69 -39.16
N ARG A 2446 14.56 -13.42 -39.71
CA ARG A 2446 15.37 -14.34 -38.93
C ARG A 2446 16.56 -14.77 -39.78
N VAL A 2447 17.61 -15.23 -39.11
CA VAL A 2447 18.81 -15.75 -39.75
C VAL A 2447 19.00 -17.20 -39.34
N ILE A 2448 19.24 -18.06 -40.31
CA ILE A 2448 19.40 -19.49 -40.09
C ILE A 2448 20.87 -19.84 -40.29
N TYR A 2449 21.46 -20.51 -39.30
CA TYR A 2449 22.87 -20.87 -39.37
C TYR A 2449 23.07 -22.16 -38.58
N ASN A 2450 24.33 -22.45 -38.23
CA ASN A 2450 24.74 -23.60 -37.40
C ASN A 2450 24.17 -24.93 -37.91
N PHE A 2451 23.88 -25.02 -39.20
CA PHE A 2451 23.43 -26.28 -39.79
C PHE A 2451 24.27 -26.67 -40.99
N CYS A 2452 24.78 -25.69 -41.73
CA CYS A 2452 25.75 -25.96 -42.79
C CYS A 2452 26.78 -24.84 -42.83
N ASN A 2453 27.96 -25.17 -43.38
CA ASN A 2453 29.07 -24.23 -43.37
C ASN A 2453 29.02 -23.23 -44.53
N SER A 2454 28.46 -23.61 -45.67
CA SER A 2454 28.34 -22.69 -46.81
C SER A 2454 27.23 -23.15 -47.72
N VAL A 2455 26.18 -22.35 -47.85
CA VAL A 2455 25.08 -22.66 -48.76
C VAL A 2455 25.61 -22.59 -50.20
N ARG A 2456 25.46 -23.68 -50.94
CA ARG A 2456 25.92 -23.71 -52.33
C ARG A 2456 24.80 -23.36 -53.30
N VAL A 2457 23.73 -24.15 -53.31
CA VAL A 2457 22.59 -23.92 -54.19
C VAL A 2457 21.32 -23.98 -53.35
N MET A 2458 20.35 -23.15 -53.68
CA MET A 2458 19.06 -23.12 -53.03
C MET A 2458 18.00 -23.00 -54.11
N MET A 2459 17.06 -23.94 -54.14
CA MET A 2459 16.01 -23.97 -55.14
C MET A 2459 14.66 -24.12 -54.46
N THR A 2460 13.61 -23.96 -55.26
CA THR A 2460 12.25 -24.25 -54.84
C THR A 2460 11.70 -25.38 -55.70
N ALA A 2461 10.84 -26.20 -55.10
CA ALA A 2461 10.29 -27.35 -55.80
C ALA A 2461 9.07 -27.85 -55.04
N GLN A 2462 8.48 -28.93 -55.55
CA GLN A 2462 7.32 -29.57 -54.95
C GLN A 2462 7.55 -31.08 -54.94
N LEU A 2463 7.12 -31.73 -53.86
CA LEU A 2463 7.29 -33.17 -53.74
C LEU A 2463 6.05 -33.89 -54.27
N GLY A 2464 6.07 -35.22 -54.20
CA GLY A 2464 4.96 -36.01 -54.71
C GLY A 2464 3.67 -35.84 -53.94
N SER A 2465 3.73 -35.34 -52.71
CA SER A 2465 2.54 -35.09 -51.90
C SER A 2465 1.95 -33.71 -52.15
N LEU A 2466 2.31 -33.08 -53.28
CA LEU A 2466 1.85 -31.75 -53.70
C LEU A 2466 2.30 -30.64 -52.75
N LYS A 2467 3.09 -30.96 -51.74
CA LYS A 2467 3.53 -29.97 -50.77
C LYS A 2467 4.70 -29.17 -51.34
N ASN A 2468 4.74 -27.89 -51.00
CA ASN A 2468 5.81 -27.01 -51.46
C ASN A 2468 6.89 -26.92 -50.40
N VAL A 2469 8.14 -27.17 -50.79
CA VAL A 2469 9.28 -27.14 -49.89
C VAL A 2469 10.43 -26.41 -50.59
N MET A 2470 11.50 -26.19 -49.84
CA MET A 2470 12.69 -25.52 -50.36
C MET A 2470 13.92 -26.34 -50.01
N LEU A 2471 14.74 -26.64 -51.02
CA LEU A 2471 15.96 -27.40 -50.83
C LEU A 2471 17.14 -26.45 -50.67
N VAL A 2472 17.96 -26.69 -49.64
CA VAL A 2472 19.09 -25.85 -49.33
C VAL A 2472 20.33 -26.74 -49.26
N LEU A 2473 21.18 -26.67 -50.28
CA LEU A 2473 22.42 -27.42 -50.31
C LEU A 2473 23.50 -26.59 -49.63
N GLY A 2474 23.97 -27.06 -48.48
CA GLY A 2474 25.00 -26.35 -47.72
C GLY A 2474 26.25 -27.19 -47.56
N TYR A 2475 27.39 -26.52 -47.58
CA TYR A 2475 28.68 -27.18 -47.38
C TYR A 2475 28.89 -27.53 -45.92
N ASN A 2476 29.78 -28.50 -45.69
CA ASN A 2476 30.15 -28.93 -44.34
C ASN A 2476 31.62 -29.33 -44.39
N ARG A 2477 32.50 -28.37 -44.08
CA ARG A 2477 33.93 -28.64 -43.99
C ARG A 2477 34.34 -28.76 -42.53
N LYS A 2478 35.07 -29.82 -42.22
CA LYS A 2478 35.49 -30.11 -40.86
C LYS A 2478 36.95 -29.75 -40.63
N ILE A 2489 35.64 -32.20 -46.66
CA ILE A 2489 34.43 -31.63 -47.22
C ILE A 2489 33.29 -32.63 -47.04
N GLN A 2490 32.11 -32.12 -46.66
CA GLN A 2490 30.90 -32.91 -46.58
C GLN A 2490 29.76 -32.10 -47.18
N SER A 2491 28.87 -32.77 -47.90
CA SER A 2491 27.75 -32.12 -48.57
C SER A 2491 26.45 -32.56 -47.90
N CYS A 2492 25.67 -31.58 -47.47
CA CYS A 2492 24.42 -31.83 -46.75
C CYS A 2492 23.26 -31.15 -47.48
N LEU A 2493 22.17 -31.89 -47.66
CA LEU A 2493 20.96 -31.38 -48.27
C LEU A 2493 19.87 -31.29 -47.21
N THR A 2494 19.22 -30.14 -47.13
CA THR A 2494 18.15 -29.92 -46.16
C THR A 2494 16.90 -29.48 -46.89
N VAL A 2495 15.76 -29.97 -46.42
CA VAL A 2495 14.46 -29.66 -47.00
C VAL A 2495 13.67 -28.82 -46.01
N TRP A 2496 13.36 -27.59 -46.41
CA TRP A 2496 12.73 -26.62 -45.52
C TRP A 2496 11.30 -26.35 -45.96
N ASP A 2497 10.40 -26.25 -44.99
CA ASP A 2497 9.01 -25.98 -45.29
C ASP A 2497 8.86 -24.57 -45.83
N ILE A 2498 8.00 -24.41 -46.85
CA ILE A 2498 7.84 -23.11 -47.50
C ILE A 2498 7.13 -22.10 -46.62
N ASN A 2499 6.52 -22.52 -45.52
CA ASN A 2499 5.85 -21.63 -44.59
C ASN A 2499 6.74 -21.21 -43.44
N LEU A 2500 8.07 -21.21 -43.64
CA LEU A 2500 9.01 -20.83 -42.59
C LEU A 2500 8.74 -19.44 -42.00
N PRO A 2501 8.68 -18.33 -42.80
CA PRO A 2501 8.59 -17.00 -42.18
C PRO A 2501 7.28 -16.79 -41.42
N HIS A 2502 6.17 -17.17 -42.05
CA HIS A 2502 4.88 -17.11 -41.36
C HIS A 2502 4.91 -17.92 -40.07
N GLU A 2503 5.63 -19.06 -40.08
CA GLU A 2503 5.76 -19.87 -38.88
C GLU A 2503 6.53 -19.13 -37.80
N VAL A 2504 7.60 -18.43 -38.19
CA VAL A 2504 8.38 -17.66 -37.23
C VAL A 2504 7.51 -16.58 -36.58
N GLN A 2505 6.76 -15.84 -37.42
CA GLN A 2505 5.91 -14.79 -36.89
C GLN A 2505 4.83 -15.35 -35.98
N ASN A 2506 4.17 -16.43 -36.40
CA ASN A 2506 3.12 -17.06 -35.60
C ASN A 2506 3.68 -17.54 -34.27
N LEU A 2507 4.83 -18.20 -34.30
CA LEU A 2507 5.42 -18.72 -33.07
C LEU A 2507 5.83 -17.61 -32.12
N GLU A 2508 6.39 -16.52 -32.66
CA GLU A 2508 6.72 -15.36 -31.85
C GLU A 2508 5.49 -14.81 -31.15
N LYS A 2509 4.41 -14.59 -31.92
CA LYS A 2509 3.18 -14.06 -31.34
C LYS A 2509 2.61 -15.02 -30.30
N HIS A 2510 2.66 -16.31 -30.59
CA HIS A 2510 2.09 -17.32 -29.70
C HIS A 2510 2.84 -17.37 -28.37
N ILE A 2511 4.17 -17.42 -28.43
CA ILE A 2511 4.94 -17.49 -27.20
C ILE A 2511 4.82 -16.18 -26.42
N GLU A 2512 4.68 -15.03 -27.11
CA GLU A 2512 4.47 -13.78 -26.42
C GLU A 2512 3.13 -13.76 -25.70
N VAL A 2513 2.09 -14.29 -26.35
CA VAL A 2513 0.76 -14.36 -25.73
C VAL A 2513 0.81 -15.26 -24.50
N ARG A 2514 1.48 -16.40 -24.61
CA ARG A 2514 1.57 -17.31 -23.46
C ARG A 2514 2.34 -16.68 -22.31
N LYS A 2515 3.43 -15.97 -22.62
CA LYS A 2515 4.20 -15.30 -21.57
C LYS A 2515 3.35 -14.23 -20.88
N GLU A 2516 2.60 -13.44 -21.65
CA GLU A 2516 1.72 -12.43 -21.07
C GLU A 2516 0.66 -13.08 -20.20
N LEU A 2517 0.09 -14.20 -20.65
CA LEU A 2517 -0.92 -14.90 -19.86
C LEU A 2517 -0.36 -15.40 -18.55
N ALA A 2518 0.82 -16.03 -18.60
CA ALA A 2518 1.44 -16.53 -17.38
C ALA A 2518 1.78 -15.40 -16.42
N GLU A 2519 2.28 -14.29 -16.95
CA GLU A 2519 2.63 -13.14 -16.11
C GLU A 2519 1.40 -12.56 -15.44
N LYS A 2520 0.33 -12.36 -16.21
CA LYS A 2520 -0.91 -11.82 -15.65
C LYS A 2520 -1.50 -12.76 -14.60
N MET A 2521 -1.48 -14.06 -14.87
CA MET A 2521 -2.04 -15.03 -13.92
C MET A 2521 -1.24 -15.04 -12.62
N ARG A 2522 0.10 -15.07 -12.73
CA ARG A 2522 0.93 -15.06 -11.53
C ARG A 2522 0.78 -13.75 -10.77
N ARG A 2523 0.63 -12.63 -11.49
CA ARG A 2523 0.44 -11.35 -10.82
C ARG A 2523 -0.87 -11.30 -10.06
N THR A 2524 -1.95 -11.81 -10.65
CA THR A 2524 -3.22 -11.89 -9.95
C THR A 2524 -3.17 -12.87 -8.79
N SER A 2525 -2.26 -13.86 -8.86
CA SER A 2525 -2.09 -14.78 -7.74
C SER A 2525 -1.47 -14.08 -6.53
N VAL A 2526 -0.41 -13.31 -6.76
CA VAL A 2526 0.27 -12.59 -5.69
C VAL A 2526 -0.60 -11.47 -5.15
N GLY B 558 -31.96 10.84 -53.08
CA GLY B 558 -32.84 11.98 -53.14
C GLY B 558 -34.24 11.69 -52.64
N ILE B 559 -34.74 10.49 -52.95
CA ILE B 559 -36.09 10.09 -52.56
C ILE B 559 -36.22 9.80 -51.08
N GLN B 560 -35.09 9.72 -50.36
CA GLN B 560 -35.12 9.48 -48.92
C GLN B 560 -35.84 10.57 -48.13
N LYS B 561 -35.96 11.77 -48.70
CA LYS B 561 -36.64 12.86 -47.99
C LYS B 561 -38.12 12.57 -47.82
N CYS B 562 -38.84 12.39 -48.93
CA CYS B 562 -40.25 12.05 -48.87
C CYS B 562 -40.48 10.68 -48.27
N GLY B 563 -39.48 9.78 -48.38
CA GLY B 563 -39.56 8.51 -47.68
C GLY B 563 -39.62 8.69 -46.17
N LEU B 564 -38.70 9.49 -45.62
CA LEU B 564 -38.76 9.81 -44.19
C LEU B 564 -40.04 10.55 -43.83
N LYS B 565 -40.61 11.31 -44.77
CA LYS B 565 -41.90 11.94 -44.52
C LYS B 565 -42.99 10.90 -44.32
N VAL B 566 -42.97 9.83 -45.11
CA VAL B 566 -43.94 8.75 -44.92
C VAL B 566 -43.68 8.04 -43.60
N ILE B 567 -42.42 7.90 -43.21
CA ILE B 567 -42.09 7.35 -41.90
C ILE B 567 -42.68 8.23 -40.80
N SER B 568 -42.56 9.56 -40.95
CA SER B 568 -43.19 10.47 -40.01
C SER B 568 -44.70 10.32 -40.02
N SER B 569 -45.29 9.98 -41.17
CA SER B 569 -46.71 9.70 -41.24
C SER B 569 -47.07 8.43 -40.48
N ILE B 570 -46.13 7.48 -40.38
CA ILE B 570 -46.41 6.18 -39.78
C ILE B 570 -46.05 6.12 -38.31
N VAL B 571 -45.31 7.11 -37.79
CA VAL B 571 -44.90 7.11 -36.39
C VAL B 571 -46.07 7.22 -35.42
N HIS B 572 -47.26 7.58 -35.89
CA HIS B 572 -48.41 7.74 -35.01
C HIS B 572 -49.26 6.48 -34.90
N PHE B 573 -49.13 5.56 -35.85
CA PHE B 573 -49.82 4.28 -35.77
C PHE B 573 -49.35 3.51 -34.54
N PRO B 574 -50.24 2.77 -33.87
CA PRO B 574 -49.83 2.06 -32.65
C PRO B 574 -48.86 0.92 -32.95
N ASP B 575 -48.00 0.65 -31.98
CA ASP B 575 -47.01 -0.43 -32.03
C ASP B 575 -46.08 -0.26 -33.23
N ALA B 576 -45.31 0.84 -33.22
CA ALA B 576 -44.43 1.18 -34.32
C ALA B 576 -43.17 0.30 -34.39
N LEU B 577 -43.00 -0.64 -33.46
CA LEU B 577 -41.84 -1.52 -33.49
C LEU B 577 -42.22 -2.93 -33.89
N GLY B 584 -34.09 -2.89 -35.97
CA GLY B 584 -34.76 -1.70 -35.48
C GLY B 584 -34.79 -0.58 -36.49
N ALA B 585 -35.84 0.24 -36.42
CA ALA B 585 -35.98 1.36 -37.36
C ALA B 585 -35.07 2.53 -36.99
N MET B 586 -34.55 2.57 -35.77
CA MET B 586 -33.67 3.66 -35.37
C MET B 586 -32.35 3.62 -36.15
N ASP B 587 -31.81 2.43 -36.38
CA ASP B 587 -30.49 2.30 -37.00
C ASP B 587 -30.50 2.80 -38.44
N SER B 588 -31.56 2.49 -39.19
CA SER B 588 -31.65 2.86 -40.59
C SER B 588 -31.67 4.38 -40.76
N VAL B 589 -32.64 5.05 -40.12
CA VAL B 589 -32.76 6.50 -40.21
C VAL B 589 -31.54 7.20 -39.62
N LEU B 590 -30.86 6.57 -38.65
CA LEU B 590 -29.62 7.13 -38.13
C LEU B 590 -28.56 7.20 -39.24
N HIS B 591 -28.42 6.13 -40.01
CA HIS B 591 -27.48 6.12 -41.13
C HIS B 591 -27.85 7.19 -42.16
N THR B 592 -29.13 7.37 -42.42
CA THR B 592 -29.56 8.39 -43.38
C THR B 592 -29.18 9.79 -42.88
N LEU B 593 -29.57 10.13 -41.65
CA LEU B 593 -29.25 11.43 -41.09
C LEU B 593 -27.74 11.67 -41.05
N GLN B 594 -26.97 10.61 -40.77
CA GLN B 594 -25.52 10.72 -40.84
C GLN B 594 -25.06 11.01 -42.26
N MET B 595 -25.77 10.47 -43.26
CA MET B 595 -25.40 10.67 -44.66
C MET B 595 -25.89 12.02 -45.17
N TYR B 596 -27.21 12.23 -45.15
CA TYR B 596 -27.78 13.47 -45.66
C TYR B 596 -27.98 14.44 -44.50
N PRO B 597 -27.22 15.54 -44.44
CA PRO B 597 -27.21 16.37 -43.23
C PRO B 597 -28.44 17.26 -43.06
N ASP B 598 -28.90 17.92 -44.13
CA ASP B 598 -29.70 19.13 -44.00
C ASP B 598 -31.20 18.84 -43.92
N ASP B 599 -31.76 18.27 -44.98
CA ASP B 599 -33.22 18.17 -45.10
C ASP B 599 -33.80 17.15 -44.13
N GLN B 600 -33.12 16.02 -43.96
CA GLN B 600 -33.60 15.00 -43.02
C GLN B 600 -33.54 15.50 -41.58
N GLU B 601 -32.57 16.34 -41.25
CA GLU B 601 -32.51 16.92 -39.91
C GLU B 601 -33.73 17.79 -39.63
N ILE B 602 -34.18 18.55 -40.63
CA ILE B 602 -35.43 19.32 -40.49
C ILE B 602 -36.61 18.40 -40.15
N GLN B 603 -36.55 17.14 -40.59
CA GLN B 603 -37.55 16.14 -40.25
C GLN B 603 -37.06 15.14 -39.22
N CYS B 604 -35.85 15.31 -38.67
CA CYS B 604 -35.36 14.42 -37.63
C CYS B 604 -36.16 14.49 -36.34
N LEU B 605 -37.04 15.49 -36.19
CA LEU B 605 -37.95 15.55 -35.05
C LEU B 605 -38.81 14.30 -34.92
N GLY B 606 -39.03 13.56 -36.00
CA GLY B 606 -39.71 12.29 -35.93
C GLY B 606 -39.06 11.25 -35.04
N LEU B 607 -37.79 11.46 -34.67
CA LEU B 607 -37.09 10.57 -33.75
C LEU B 607 -37.80 10.50 -32.40
N SER B 608 -38.38 9.35 -32.11
CA SER B 608 -39.05 9.10 -30.85
C SER B 608 -38.13 8.25 -29.96
N LEU B 609 -38.67 7.79 -28.83
CA LEU B 609 -37.91 6.95 -27.92
C LEU B 609 -37.65 5.59 -28.54
N ILE B 610 -36.52 5.44 -29.22
CA ILE B 610 -36.13 4.20 -29.87
C ILE B 610 -34.81 3.73 -29.29
N GLY B 611 -34.68 2.43 -29.08
CA GLY B 611 -33.55 1.87 -28.38
C GLY B 611 -33.71 1.77 -26.88
N TYR B 612 -34.81 2.29 -26.33
CA TYR B 612 -35.06 2.22 -24.91
C TYR B 612 -36.53 1.92 -24.63
N THR B 623 -27.47 1.68 -26.94
CA THR B 623 -26.72 2.65 -26.16
C THR B 623 -25.44 3.00 -26.93
N GLY B 624 -25.64 3.43 -28.18
CA GLY B 624 -24.53 3.85 -29.01
C GLY B 624 -24.20 5.32 -28.85
N HIS B 625 -23.02 5.61 -28.29
CA HIS B 625 -22.58 7.00 -28.13
C HIS B 625 -22.52 7.74 -29.46
N LEU B 626 -22.25 7.03 -30.56
CA LEU B 626 -22.26 7.65 -31.88
C LEU B 626 -23.64 8.19 -32.26
N LEU B 627 -24.71 7.62 -31.70
CA LEU B 627 -26.05 8.11 -31.99
C LEU B 627 -26.24 9.52 -31.41
N ALA B 628 -26.01 9.68 -30.11
CA ALA B 628 -26.07 10.99 -29.49
C ALA B 628 -25.05 11.94 -30.11
N LYS B 629 -23.88 11.41 -30.47
CA LYS B 629 -22.87 12.21 -31.15
C LYS B 629 -23.41 12.78 -32.46
N ILE B 630 -24.04 11.92 -33.27
CA ILE B 630 -24.64 12.36 -34.53
C ILE B 630 -25.71 13.41 -34.28
N LEU B 631 -26.51 13.23 -33.22
CA LEU B 631 -27.58 14.16 -32.89
C LEU B 631 -27.04 15.56 -32.61
N VAL B 632 -26.13 15.68 -31.63
CA VAL B 632 -25.65 16.99 -31.22
C VAL B 632 -24.75 17.63 -32.27
N SER B 633 -24.01 16.82 -33.03
CA SER B 633 -23.19 17.37 -34.11
C SER B 633 -24.04 17.96 -35.22
N SER B 634 -25.13 17.27 -35.58
CA SER B 634 -26.06 17.80 -36.57
C SER B 634 -26.71 19.09 -36.10
N LEU B 635 -27.04 19.17 -34.81
CA LEU B 635 -27.62 20.39 -34.25
C LEU B 635 -26.66 21.56 -34.42
N TYR B 636 -25.45 21.43 -33.85
CA TYR B 636 -24.48 22.52 -33.92
C TYR B 636 -24.02 22.82 -35.34
N ARG B 637 -24.03 21.81 -36.22
CA ARG B 637 -23.63 22.04 -37.61
C ARG B 637 -24.55 23.02 -38.31
N PHE B 638 -25.86 22.96 -38.02
CA PHE B 638 -26.77 23.97 -38.54
C PHE B 638 -26.94 25.12 -37.56
N LYS B 639 -27.50 24.84 -36.38
CA LYS B 639 -27.57 25.77 -35.24
C LYS B 639 -28.14 27.15 -35.57
N ASP B 640 -28.78 27.31 -36.74
CA ASP B 640 -29.23 28.62 -37.17
C ASP B 640 -30.60 28.58 -37.83
N VAL B 641 -31.32 27.46 -37.74
CA VAL B 641 -32.72 27.38 -38.17
C VAL B 641 -33.57 27.26 -36.91
N ALA B 642 -34.51 28.19 -36.77
CA ALA B 642 -35.23 28.42 -35.52
C ALA B 642 -35.83 27.14 -34.91
N GLU B 643 -36.73 26.50 -35.66
CA GLU B 643 -37.54 25.43 -35.06
C GLU B 643 -36.82 24.10 -34.98
N ILE B 644 -35.77 23.88 -35.78
CA ILE B 644 -35.11 22.57 -35.76
C ILE B 644 -34.32 22.40 -34.47
N GLN B 645 -33.74 23.48 -33.94
CA GLN B 645 -33.06 23.40 -32.65
C GLN B 645 -34.06 23.16 -31.53
N THR B 646 -35.24 23.78 -31.61
CA THR B 646 -36.29 23.53 -30.63
C THR B 646 -36.76 22.08 -30.68
N LYS B 647 -36.97 21.55 -31.89
CA LYS B 647 -37.35 20.15 -32.04
C LYS B 647 -36.26 19.23 -31.47
N GLY B 648 -35.00 19.53 -31.79
CA GLY B 648 -33.90 18.76 -31.24
C GLY B 648 -33.85 18.77 -29.73
N PHE B 649 -34.10 19.95 -29.12
CA PHE B 649 -34.11 20.04 -27.67
C PHE B 649 -35.27 19.24 -27.08
N GLN B 650 -36.42 19.26 -27.74
CA GLN B 650 -37.55 18.44 -27.32
C GLN B 650 -37.16 16.96 -27.31
N THR B 651 -36.58 16.49 -28.41
CA THR B 651 -36.13 15.10 -28.49
C THR B 651 -35.09 14.80 -27.43
N ILE B 652 -34.17 15.74 -27.17
CA ILE B 652 -33.12 15.54 -26.18
C ILE B 652 -33.72 15.41 -24.79
N LEU B 653 -34.67 16.29 -24.47
CA LEU B 653 -35.37 16.23 -23.18
C LEU B 653 -36.07 14.89 -22.98
N ALA B 654 -36.71 14.36 -24.04
CA ALA B 654 -37.37 13.07 -23.94
C ALA B 654 -36.37 11.95 -23.63
N ILE B 655 -35.25 11.92 -24.35
CA ILE B 655 -34.27 10.84 -24.18
C ILE B 655 -33.68 10.85 -22.77
N LEU B 656 -33.32 12.04 -22.26
CA LEU B 656 -32.76 12.12 -20.91
C LEU B 656 -33.80 11.75 -19.85
N LYS B 657 -35.07 12.04 -20.09
CA LYS B 657 -36.12 11.56 -19.20
C LYS B 657 -36.20 10.04 -19.21
N LEU B 658 -35.83 9.42 -20.33
CA LEU B 658 -35.83 7.95 -20.42
C LEU B 658 -34.61 7.35 -19.73
N SER B 659 -33.50 8.08 -19.64
CA SER B 659 -32.28 7.55 -19.04
C SER B 659 -31.42 8.71 -18.57
N ALA B 660 -30.97 8.63 -17.32
CA ALA B 660 -30.13 9.66 -16.74
C ALA B 660 -28.64 9.47 -17.07
N SER B 661 -28.23 8.24 -17.40
CA SER B 661 -26.86 8.02 -17.86
C SER B 661 -26.58 8.75 -19.17
N PHE B 662 -27.63 9.03 -19.96
CA PHE B 662 -27.51 9.82 -21.17
C PHE B 662 -26.85 11.18 -20.92
N SER B 663 -27.07 11.77 -19.74
CA SER B 663 -26.46 13.05 -19.39
C SER B 663 -24.94 13.04 -19.56
N LYS B 664 -24.27 12.11 -18.86
CA LYS B 664 -22.81 11.99 -18.92
C LYS B 664 -22.31 11.92 -20.35
N LEU B 665 -22.93 11.06 -21.17
CA LEU B 665 -22.54 10.93 -22.58
C LEU B 665 -22.69 12.26 -23.32
N LEU B 666 -23.75 13.00 -23.03
CA LEU B 666 -23.99 14.28 -23.70
C LEU B 666 -22.87 15.27 -23.41
N VAL B 667 -22.60 15.52 -22.12
CA VAL B 667 -21.58 16.47 -21.72
C VAL B 667 -20.21 16.05 -22.23
N HIS B 668 -19.99 14.74 -22.38
CA HIS B 668 -18.70 14.23 -22.83
C HIS B 668 -18.42 14.66 -24.27
N HIS B 669 -19.41 14.52 -25.15
CA HIS B 669 -19.16 14.67 -26.58
C HIS B 669 -19.10 16.15 -26.99
N SER B 670 -20.25 16.84 -26.99
CA SER B 670 -20.23 18.25 -27.37
C SER B 670 -21.28 19.12 -26.70
N PHE B 671 -21.95 18.66 -25.62
CA PHE B 671 -23.17 19.30 -25.14
C PHE B 671 -22.96 20.78 -24.82
N ASP B 672 -21.90 21.09 -24.07
CA ASP B 672 -21.58 22.48 -23.74
C ASP B 672 -21.39 23.32 -24.99
N LEU B 673 -20.67 22.78 -25.99
CA LEU B 673 -20.31 23.55 -27.18
C LEU B 673 -21.53 24.10 -27.91
N VAL B 674 -22.69 23.46 -27.79
CA VAL B 674 -23.90 23.93 -28.43
C VAL B 674 -24.81 24.71 -27.48
N ILE B 675 -24.88 24.33 -26.20
CA ILE B 675 -25.76 25.04 -25.27
C ILE B 675 -25.32 26.48 -25.08
N PHE B 676 -24.03 26.68 -24.81
CA PHE B 676 -23.50 28.03 -24.60
C PHE B 676 -23.65 28.89 -25.86
N HIS B 677 -23.34 28.33 -27.03
CA HIS B 677 -23.45 29.08 -28.28
C HIS B 677 -24.88 29.50 -28.57
N GLN B 678 -25.88 28.70 -28.17
CA GLN B 678 -27.26 29.02 -28.49
C GLN B 678 -27.85 30.06 -27.55
N MET B 679 -27.51 30.00 -26.27
CA MET B 679 -28.11 30.92 -25.30
C MET B 679 -27.32 32.21 -25.12
N SER B 680 -26.08 32.28 -25.61
CA SER B 680 -25.36 33.54 -25.60
C SER B 680 -25.59 34.35 -26.87
N SER B 681 -26.10 33.73 -27.92
CA SER B 681 -26.34 34.40 -29.20
C SER B 681 -27.63 35.23 -29.14
N ASN B 682 -27.64 36.19 -28.21
CA ASN B 682 -28.77 37.08 -27.96
C ASN B 682 -30.08 36.30 -27.81
N ILE B 683 -30.05 35.30 -26.94
CA ILE B 683 -31.23 34.47 -26.69
C ILE B 683 -32.37 35.32 -26.13
N MET B 684 -32.05 36.31 -25.31
CA MET B 684 -33.05 37.25 -24.82
C MET B 684 -33.39 38.26 -25.92
N GLU B 685 -34.21 39.25 -25.58
CA GLU B 685 -34.70 40.27 -26.51
C GLU B 685 -35.45 39.67 -27.69
N GLN B 686 -35.98 38.47 -27.53
CA GLN B 686 -36.75 37.77 -28.54
C GLN B 686 -37.88 37.01 -27.85
N LYS B 687 -39.05 36.98 -28.50
CA LYS B 687 -40.23 36.33 -27.92
C LYS B 687 -40.14 34.81 -28.01
N ASP B 688 -39.10 34.28 -27.37
CA ASP B 688 -38.79 32.86 -27.33
C ASP B 688 -38.95 32.30 -25.93
N GLN B 689 -40.03 32.72 -25.24
CA GLN B 689 -40.26 32.31 -23.85
C GLN B 689 -40.32 30.81 -23.70
N GLN B 690 -41.08 30.13 -24.57
CA GLN B 690 -41.14 28.67 -24.54
C GLN B 690 -39.79 28.05 -24.88
N PHE B 691 -39.04 28.67 -25.80
CA PHE B 691 -37.71 28.19 -26.13
C PHE B 691 -36.80 28.21 -24.90
N LEU B 692 -36.72 29.36 -24.22
CA LEU B 692 -35.90 29.45 -23.01
C LEU B 692 -36.40 28.50 -21.92
N ASN B 693 -37.72 28.26 -21.86
CA ASN B 693 -38.26 27.39 -20.83
C ASN B 693 -37.78 25.96 -21.00
N LEU B 694 -37.95 25.39 -22.20
CA LEU B 694 -37.46 24.04 -22.45
C LEU B 694 -35.95 23.95 -22.31
N CYS B 695 -35.24 25.03 -22.70
CA CYS B 695 -33.79 25.03 -22.59
C CYS B 695 -33.34 24.98 -21.13
N CYS B 696 -33.93 25.82 -20.29
CA CYS B 696 -33.60 25.81 -18.87
C CYS B 696 -34.05 24.50 -18.22
N LYS B 697 -35.11 23.88 -18.74
CA LYS B 697 -35.46 22.53 -18.28
C LYS B 697 -34.34 21.55 -18.56
N CYS B 698 -33.76 21.61 -19.76
CA CYS B 698 -32.62 20.75 -20.07
C CYS B 698 -31.42 21.08 -19.20
N PHE B 699 -31.21 22.36 -18.91
CA PHE B 699 -30.19 22.78 -17.95
C PHE B 699 -30.39 22.09 -16.61
N ALA B 700 -31.56 22.29 -15.99
CA ALA B 700 -31.85 21.69 -14.69
C ALA B 700 -31.73 20.17 -14.74
N LYS B 701 -32.11 19.56 -15.87
CA LYS B 701 -31.98 18.12 -16.02
C LYS B 701 -30.52 17.67 -15.97
N VAL B 702 -29.65 18.38 -16.68
CA VAL B 702 -28.22 18.07 -16.63
C VAL B 702 -27.54 18.71 -15.44
N ALA B 703 -28.23 19.58 -14.70
CA ALA B 703 -27.67 20.19 -13.50
C ALA B 703 -27.34 19.15 -12.43
N MET B 704 -27.94 17.96 -12.49
CA MET B 704 -27.57 16.90 -11.57
C MET B 704 -26.15 16.43 -11.84
N ASP B 705 -25.64 15.57 -10.96
CA ASP B 705 -24.29 15.03 -11.03
C ASP B 705 -23.25 16.15 -11.02
N ASP B 706 -23.18 16.80 -9.85
CA ASP B 706 -22.35 17.99 -9.61
C ASP B 706 -20.93 17.89 -10.16
N TYR B 707 -20.40 16.67 -10.31
CA TYR B 707 -19.14 16.48 -11.02
C TYR B 707 -19.22 17.04 -12.43
N LEU B 708 -20.30 16.74 -13.15
CA LEU B 708 -20.52 17.30 -14.48
C LEU B 708 -20.65 18.83 -14.45
N LYS B 709 -21.14 19.38 -13.33
CA LYS B 709 -21.20 20.83 -13.20
C LYS B 709 -19.80 21.44 -13.19
N ASN B 710 -18.86 20.81 -12.46
CA ASN B 710 -17.48 21.27 -12.49
C ASN B 710 -16.89 21.17 -13.89
N VAL B 711 -17.23 20.11 -14.63
CA VAL B 711 -16.79 19.98 -16.01
C VAL B 711 -17.35 21.11 -16.86
N MET B 712 -18.65 21.38 -16.72
CA MET B 712 -19.28 22.47 -17.46
C MET B 712 -18.64 23.81 -17.13
N LEU B 713 -18.30 24.02 -15.86
CA LEU B 713 -17.64 25.26 -15.46
C LEU B 713 -16.27 25.38 -16.11
N GLU B 714 -15.48 24.30 -16.06
CA GLU B 714 -14.14 24.32 -16.65
C GLU B 714 -14.19 24.58 -18.15
N ARG B 715 -15.16 23.98 -18.85
CA ARG B 715 -15.25 24.20 -20.29
C ARG B 715 -15.76 25.60 -20.59
N ALA B 716 -16.69 26.11 -19.77
CA ALA B 716 -17.16 27.47 -19.95
C ALA B 716 -16.08 28.49 -19.64
N CYS B 717 -15.14 28.14 -18.76
CA CYS B 717 -14.01 29.01 -18.49
C CYS B 717 -12.94 28.93 -19.57
N ASP B 718 -12.74 27.74 -20.16
CA ASP B 718 -11.84 27.60 -21.29
C ASP B 718 -12.23 28.53 -22.43
N GLN B 719 -13.52 28.55 -22.78
CA GLN B 719 -14.03 29.57 -23.68
C GLN B 719 -14.12 30.91 -22.95
N ASN B 720 -14.03 31.99 -23.70
CA ASN B 720 -14.19 33.33 -23.13
C ASN B 720 -15.67 33.71 -23.11
N ASN B 721 -16.45 32.89 -22.40
CA ASN B 721 -17.89 33.06 -22.27
C ASN B 721 -18.19 33.38 -20.81
N SER B 722 -18.12 34.66 -20.47
CA SER B 722 -18.32 35.10 -19.10
C SER B 722 -19.78 35.27 -18.71
N ILE B 723 -20.72 34.98 -19.63
CA ILE B 723 -22.12 35.21 -19.33
C ILE B 723 -22.71 34.11 -18.44
N MET B 724 -22.24 32.87 -18.59
CA MET B 724 -22.81 31.74 -17.86
C MET B 724 -21.89 31.15 -16.80
N VAL B 725 -20.66 31.63 -16.69
CA VAL B 725 -19.85 31.25 -15.53
C VAL B 725 -20.53 31.70 -14.25
N GLU B 726 -21.15 32.87 -14.27
CA GLU B 726 -21.91 33.34 -13.11
C GLU B 726 -23.11 32.46 -12.85
N CYS B 727 -23.79 32.00 -13.91
CA CYS B 727 -24.91 31.09 -13.77
C CYS B 727 -24.47 29.78 -13.14
N LEU B 728 -23.36 29.21 -13.63
CA LEU B 728 -22.85 27.96 -13.07
C LEU B 728 -22.48 28.12 -11.60
N LEU B 729 -21.89 29.27 -11.24
CA LEU B 729 -21.56 29.53 -9.84
C LEU B 729 -22.81 29.66 -8.99
N LEU B 730 -23.84 30.36 -9.50
CA LEU B 730 -25.07 30.52 -8.73
C LEU B 730 -25.75 29.19 -8.47
N LEU B 731 -25.70 28.27 -9.43
CA LEU B 731 -26.21 26.93 -9.19
C LEU B 731 -25.35 26.14 -8.22
N GLY B 732 -24.14 26.61 -7.93
CA GLY B 732 -23.24 25.92 -7.02
C GLY B 732 -22.16 25.17 -7.77
N ALA B 733 -20.96 25.76 -7.83
CA ALA B 733 -19.86 25.16 -8.56
C ALA B 733 -18.57 25.37 -7.79
N ASP B 734 -17.72 24.34 -7.77
CA ASP B 734 -16.47 24.37 -7.03
C ASP B 734 -15.41 25.06 -7.89
N ALA B 735 -15.15 26.34 -7.59
CA ALA B 735 -14.11 27.07 -8.31
C ALA B 735 -12.72 26.52 -8.04
N ASN B 736 -12.55 25.73 -6.99
CA ASN B 736 -11.29 25.05 -6.67
C ASN B 736 -11.32 23.59 -7.10
N GLN B 737 -11.97 23.30 -8.24
CA GLN B 737 -12.18 21.93 -8.69
C GLN B 737 -10.86 21.19 -8.90
N ALA B 738 -9.85 21.89 -9.42
CA ALA B 738 -8.56 21.26 -9.65
C ALA B 738 -7.43 22.09 -9.02
N SER B 742 -3.06 22.59 -10.39
CA SER B 742 -3.47 23.74 -11.21
C SER B 742 -4.97 23.98 -11.08
N SER B 743 -5.33 25.00 -10.31
CA SER B 743 -6.72 25.35 -10.09
C SER B 743 -7.32 25.96 -11.36
N LEU B 744 -8.59 26.36 -11.27
CA LEU B 744 -9.23 26.99 -12.40
C LEU B 744 -8.68 28.40 -12.64
N ILE B 745 -8.45 29.15 -11.56
CA ILE B 745 -8.08 30.55 -11.66
C ILE B 745 -6.75 30.74 -12.38
N CYS B 746 -5.77 29.88 -12.10
CA CYS B 746 -4.48 29.99 -12.78
C CYS B 746 -4.61 29.73 -14.28
N GLN B 747 -5.49 28.80 -14.67
CA GLN B 747 -5.76 28.57 -16.07
C GLN B 747 -6.36 29.80 -16.75
N VAL B 748 -7.28 30.48 -16.07
CA VAL B 748 -7.93 31.65 -16.66
C VAL B 748 -6.93 32.77 -16.91
N CYS B 749 -6.06 33.06 -15.94
CA CYS B 749 -5.11 34.15 -16.14
C CYS B 749 -3.97 33.76 -17.08
N GLU B 750 -3.74 32.45 -17.29
CA GLU B 750 -2.72 32.03 -18.23
C GLU B 750 -3.06 32.44 -19.66
N LYS B 751 -4.32 32.26 -20.05
CA LYS B 751 -4.79 32.69 -21.35
C LYS B 751 -5.32 34.11 -21.27
N GLU B 752 -5.37 34.78 -22.42
CA GLU B 752 -5.88 36.14 -22.51
C GLU B 752 -7.38 36.11 -22.21
N SER B 753 -7.75 36.55 -21.01
CA SER B 753 -9.11 36.44 -20.51
C SER B 753 -9.71 37.81 -20.28
N SER B 754 -10.99 37.81 -19.93
CA SER B 754 -11.76 39.04 -19.76
C SER B 754 -11.92 39.37 -18.29
N PRO B 755 -11.94 40.67 -17.96
CA PRO B 755 -12.08 41.08 -16.55
C PRO B 755 -13.34 40.56 -15.87
N LYS B 756 -14.45 40.48 -16.61
CA LYS B 756 -15.70 40.01 -16.02
C LYS B 756 -15.58 38.58 -15.54
N LEU B 757 -14.86 37.73 -16.29
CA LEU B 757 -14.70 36.33 -15.90
C LEU B 757 -13.89 36.18 -14.62
N VAL B 758 -12.71 36.81 -14.57
CA VAL B 758 -11.85 36.71 -13.39
C VAL B 758 -12.50 37.34 -12.17
N GLU B 759 -13.32 38.38 -12.36
CA GLU B 759 -14.01 39.00 -11.24
C GLU B 759 -15.03 38.05 -10.62
N LEU B 760 -15.86 37.42 -11.46
CA LEU B 760 -16.84 36.46 -10.97
C LEU B 760 -16.19 35.29 -10.25
N LEU B 761 -15.00 34.88 -10.70
CA LEU B 761 -14.27 33.80 -10.01
C LEU B 761 -13.80 34.25 -8.63
N LEU B 762 -13.17 35.43 -8.55
CA LEU B 762 -12.63 35.91 -7.28
C LEU B 762 -13.72 36.17 -6.25
N ASN B 763 -14.90 36.64 -6.69
CA ASN B 763 -16.01 36.84 -5.76
C ASN B 763 -16.40 35.53 -5.08
N SER B 764 -16.54 34.47 -5.86
CA SER B 764 -16.77 33.15 -5.30
C SER B 764 -15.51 32.65 -4.60
N GLY B 765 -15.62 31.47 -3.98
CA GLY B 765 -14.50 30.93 -3.23
C GLY B 765 -13.28 30.70 -4.09
N SER B 766 -12.11 30.92 -3.50
CA SER B 766 -10.84 30.71 -4.18
C SER B 766 -9.74 30.62 -3.13
N ARG B 767 -8.93 29.56 -3.21
CA ARG B 767 -7.84 29.38 -2.27
C ARG B 767 -6.84 30.52 -2.42
N GLU B 768 -6.42 31.07 -1.27
CA GLU B 768 -5.52 32.23 -1.27
C GLU B 768 -4.19 31.89 -1.94
N GLN B 769 -3.69 30.67 -1.72
CA GLN B 769 -2.47 30.24 -2.39
C GLN B 769 -2.67 30.15 -3.90
N ASP B 770 -3.85 29.70 -4.33
CA ASP B 770 -4.16 29.65 -5.76
C ASP B 770 -4.19 31.05 -6.35
N VAL B 771 -4.83 32.00 -5.67
CA VAL B 771 -4.86 33.38 -6.13
C VAL B 771 -3.44 33.94 -6.18
N ARG B 772 -2.59 33.54 -5.23
CA ARG B 772 -1.21 34.02 -5.21
C ARG B 772 -0.45 33.53 -6.44
N LYS B 773 -0.52 32.23 -6.72
CA LYS B 773 0.08 31.67 -7.93
C LYS B 773 -0.47 32.34 -9.18
N ALA B 774 -1.78 32.64 -9.19
CA ALA B 774 -2.40 33.35 -10.31
C ALA B 774 -1.76 34.72 -10.51
N LEU B 775 -1.48 35.43 -9.42
CA LEU B 775 -0.84 36.74 -9.52
C LEU B 775 0.56 36.63 -10.13
N THR B 776 1.33 35.61 -9.73
CA THR B 776 2.65 35.38 -10.32
C THR B 776 2.54 35.21 -11.83
N ILE B 777 1.59 34.37 -12.28
CA ILE B 777 1.42 34.13 -13.72
C ILE B 777 1.06 35.43 -14.43
N SER B 778 0.08 36.16 -13.91
CA SER B 778 -0.35 37.40 -14.54
C SER B 778 0.75 38.46 -14.53
N ILE B 779 1.64 38.42 -13.54
CA ILE B 779 2.79 39.32 -13.56
C ILE B 779 3.73 38.98 -14.71
N GLY B 780 3.93 37.68 -14.97
CA GLY B 780 4.78 37.25 -16.07
C GLY B 780 4.34 37.81 -17.42
N LYS B 781 3.04 37.83 -17.68
CA LYS B 781 2.47 38.42 -18.89
C LYS B 781 1.70 39.67 -18.47
N GLY B 782 2.42 40.80 -18.42
CA GLY B 782 1.89 42.06 -17.91
C GLY B 782 0.55 42.49 -18.46
N ASP B 783 -0.44 42.61 -17.56
CA ASP B 783 -1.78 43.04 -17.96
C ASP B 783 -2.35 43.81 -16.77
N SER B 784 -2.34 45.14 -16.86
CA SER B 784 -2.70 46.00 -15.74
C SER B 784 -4.12 45.74 -15.24
N GLN B 785 -5.02 45.38 -16.16
CA GLN B 785 -6.43 45.21 -15.80
C GLN B 785 -6.61 44.06 -14.82
N ILE B 786 -6.17 42.86 -15.20
CA ILE B 786 -6.36 41.68 -14.37
C ILE B 786 -5.49 41.74 -13.11
N ILE B 787 -4.35 42.42 -13.18
CA ILE B 787 -3.50 42.61 -12.00
C ILE B 787 -4.26 43.37 -10.91
N SER B 788 -4.90 44.48 -11.28
CA SER B 788 -5.70 45.24 -10.32
C SER B 788 -6.86 44.43 -9.78
N LEU B 789 -7.53 43.66 -10.64
CA LEU B 789 -8.65 42.83 -10.18
C LEU B 789 -8.20 41.81 -9.13
N LEU B 790 -6.99 41.29 -9.25
CA LEU B 790 -6.50 40.32 -8.28
C LEU B 790 -6.11 41.01 -6.97
N LEU B 791 -5.35 42.10 -7.08
CA LEU B 791 -4.92 42.84 -5.89
C LEU B 791 -6.09 43.42 -5.10
N ARG B 792 -7.23 43.65 -5.76
CA ARG B 792 -8.42 44.15 -5.07
C ARG B 792 -8.94 43.18 -4.02
N ARG B 793 -8.51 41.92 -4.04
CA ARG B 793 -8.85 40.97 -2.99
C ARG B 793 -7.67 40.59 -2.12
N LEU B 794 -6.50 40.35 -2.71
CA LEU B 794 -5.35 39.85 -1.97
C LEU B 794 -4.90 40.84 -0.91
N ALA B 795 -4.74 42.11 -1.29
CA ALA B 795 -4.07 43.08 -0.43
C ALA B 795 -4.83 44.40 -0.38
N LEU B 796 -6.13 44.35 -0.14
CA LEU B 796 -6.90 45.57 0.08
C LEU B 796 -7.86 45.35 1.24
N ASP B 797 -7.82 46.26 2.20
CA ASP B 797 -8.72 46.24 3.36
C ASP B 797 -9.48 47.57 3.36
N VAL B 798 -10.73 47.54 2.89
CA VAL B 798 -11.51 48.77 2.79
C VAL B 798 -11.75 49.39 4.17
N ALA B 799 -11.79 48.54 5.21
CA ALA B 799 -12.01 49.03 6.56
C ALA B 799 -10.86 49.91 7.03
N ASN B 800 -9.66 49.35 7.07
CA ASN B 800 -8.47 50.08 7.54
C ASN B 800 -8.01 51.16 6.59
N ASN B 801 -8.59 51.24 5.39
CA ASN B 801 -8.16 52.19 4.35
C ASN B 801 -6.69 51.99 4.01
N SER B 802 -6.27 50.74 3.92
CA SER B 802 -4.85 50.41 3.77
C SER B 802 -4.65 49.40 2.64
N ILE B 803 -3.43 49.38 2.13
CA ILE B 803 -2.97 48.38 1.16
C ILE B 803 -1.87 47.56 1.85
N CYS B 804 -1.93 46.25 1.67
CA CYS B 804 -1.05 45.36 2.42
C CYS B 804 -0.21 44.46 1.52
N LEU B 805 0.44 45.03 0.51
CA LEU B 805 1.27 44.26 -0.43
C LEU B 805 2.61 43.88 0.22
N GLY B 806 2.53 43.09 1.28
CA GLY B 806 3.74 42.72 2.00
C GLY B 806 4.22 41.32 1.71
N GLY B 807 5.35 41.21 1.00
CA GLY B 807 5.97 39.93 0.77
C GLY B 807 5.44 39.16 -0.43
N PHE B 808 4.80 39.82 -1.38
CA PHE B 808 4.32 39.16 -2.59
C PHE B 808 5.39 39.03 -3.66
N CYS B 809 6.61 39.48 -3.38
CA CYS B 809 7.75 39.36 -4.29
C CYS B 809 7.47 39.94 -5.67
N ILE B 810 6.59 40.95 -5.72
CA ILE B 810 6.28 41.63 -6.97
C ILE B 810 7.50 42.43 -7.37
N GLY B 811 8.21 41.98 -8.40
CA GLY B 811 9.52 42.51 -8.77
C GLY B 811 9.56 43.99 -9.09
N LYS B 812 8.41 44.66 -9.18
CA LYS B 812 8.37 46.07 -9.57
C LYS B 812 7.06 46.65 -9.05
N VAL B 813 6.78 47.89 -9.43
CA VAL B 813 5.52 48.56 -9.12
C VAL B 813 5.12 49.39 -10.32
N GLU B 814 3.82 49.47 -10.56
CA GLU B 814 3.28 50.27 -11.64
C GLU B 814 2.09 51.08 -11.12
N PRO B 815 2.06 52.39 -11.34
CA PRO B 815 0.94 53.20 -10.84
C PRO B 815 -0.41 52.77 -11.39
N SER B 816 -0.44 52.20 -12.60
CA SER B 816 -1.70 51.72 -13.15
C SER B 816 -2.24 50.54 -12.34
N TRP B 817 -1.35 49.70 -11.79
CA TRP B 817 -1.78 48.55 -11.01
C TRP B 817 -2.54 48.98 -9.78
N LEU B 818 -2.01 49.97 -9.06
CA LEU B 818 -2.66 50.48 -7.86
C LEU B 818 -3.75 51.49 -8.17
N GLY B 819 -3.99 51.79 -9.45
CA GLY B 819 -4.98 52.76 -9.86
C GLY B 819 -6.36 52.47 -9.31
N PRO B 820 -6.97 51.37 -9.76
CA PRO B 820 -8.31 51.01 -9.26
C PRO B 820 -8.34 50.55 -7.82
N LEU B 821 -7.21 50.58 -7.10
CA LEU B 821 -7.19 50.22 -5.69
C LEU B 821 -7.54 51.40 -4.80
N PHE B 822 -7.28 52.62 -5.26
CA PHE B 822 -7.63 53.82 -4.52
C PHE B 822 -9.13 54.08 -4.70
N PRO B 823 -9.77 54.83 -3.75
CA PRO B 823 -11.24 54.93 -3.76
C PRO B 823 -11.86 55.42 -5.06
N ASP B 824 -11.44 56.60 -5.53
CA ASP B 824 -11.96 57.21 -6.76
C ASP B 824 -13.49 57.33 -6.71
N LYS B 825 -13.95 58.18 -5.79
CA LYS B 825 -15.37 58.36 -5.52
C LYS B 825 -16.20 58.69 -6.76
N THR B 826 -15.58 59.16 -7.85
CA THR B 826 -16.30 59.39 -9.09
C THR B 826 -16.92 58.09 -9.62
N SER B 827 -16.30 56.96 -9.34
CA SER B 827 -16.86 55.67 -9.70
C SER B 827 -18.11 55.37 -8.89
N ASN B 828 -19.00 54.56 -9.47
CA ASN B 828 -20.25 54.20 -8.82
C ASN B 828 -20.56 52.75 -9.16
N LEU B 829 -21.73 52.28 -8.75
CA LEU B 829 -22.19 50.92 -8.98
C LEU B 829 -23.43 50.95 -9.85
N ARG B 830 -23.42 50.16 -10.93
CA ARG B 830 -24.55 50.07 -11.84
C ARG B 830 -24.71 48.63 -12.30
N LYS B 831 -25.93 48.11 -12.21
CA LYS B 831 -26.22 46.75 -12.64
C LYS B 831 -26.22 46.69 -14.17
N GLN B 832 -25.08 46.33 -14.74
CA GLN B 832 -24.94 46.29 -16.20
C GLN B 832 -25.90 45.27 -16.82
N THR B 833 -26.09 44.13 -16.17
CA THR B 833 -27.02 43.13 -16.67
C THR B 833 -27.44 42.23 -15.52
N ASN B 834 -28.55 41.53 -15.74
CA ASN B 834 -29.06 40.57 -14.76
C ASN B 834 -29.53 39.27 -15.41
N ILE B 835 -29.29 39.09 -16.71
CA ILE B 835 -29.79 37.92 -17.43
C ILE B 835 -29.23 36.63 -16.83
N ALA B 836 -27.98 36.66 -16.36
CA ALA B 836 -27.39 35.49 -15.72
C ALA B 836 -28.13 35.13 -14.43
N SER B 837 -28.47 36.13 -13.63
CA SER B 837 -29.21 35.89 -12.39
C SER B 837 -30.60 35.33 -12.69
N THR B 838 -31.29 35.92 -13.67
CA THR B 838 -32.62 35.42 -14.05
C THR B 838 -32.55 33.98 -14.53
N LEU B 839 -31.59 33.67 -15.40
CA LEU B 839 -31.37 32.31 -15.87
C LEU B 839 -31.23 31.35 -14.69
N ALA B 840 -30.22 31.57 -13.84
CA ALA B 840 -29.96 30.72 -12.69
C ALA B 840 -31.21 30.52 -11.83
N ARG B 841 -31.93 31.62 -11.56
CA ARG B 841 -33.16 31.56 -10.78
C ARG B 841 -34.17 30.62 -11.43
N MET B 842 -34.31 30.69 -12.76
CA MET B 842 -35.33 29.91 -13.44
C MET B 842 -34.92 28.46 -13.60
N VAL B 843 -33.61 28.19 -13.75
CA VAL B 843 -33.17 26.80 -13.77
C VAL B 843 -33.30 26.19 -12.38
N ILE B 844 -33.07 26.98 -11.33
CA ILE B 844 -33.28 26.50 -9.96
C ILE B 844 -34.75 26.16 -9.75
N ARG B 845 -35.65 27.01 -10.26
CA ARG B 845 -37.08 26.72 -10.18
C ARG B 845 -37.44 25.45 -10.94
N TYR B 846 -36.89 25.28 -12.14
CA TYR B 846 -37.18 24.09 -12.92
C TYR B 846 -36.64 22.84 -12.24
N GLN B 847 -35.46 22.95 -11.60
CA GLN B 847 -34.92 21.82 -10.86
C GLN B 847 -35.79 21.48 -9.66
N MET B 848 -36.28 22.50 -8.95
CA MET B 848 -37.17 22.28 -7.83
C MET B 848 -38.49 21.64 -8.28
N LYS B 849 -39.01 22.09 -9.43
CA LYS B 849 -40.24 21.53 -9.95
C LYS B 849 -40.05 20.09 -10.42
N SER B 850 -38.87 19.76 -10.96
CA SER B 850 -38.61 18.40 -11.38
C SER B 850 -38.40 17.48 -10.18
N ALA B 851 -37.76 17.99 -9.12
CA ALA B 851 -37.62 17.21 -7.89
C ALA B 851 -38.97 16.98 -7.22
N VAL B 852 -39.85 17.99 -7.25
CA VAL B 852 -41.19 17.82 -6.71
C VAL B 852 -41.99 16.84 -7.57
N GLU B 853 -41.83 16.91 -8.89
CA GLU B 853 -42.53 16.00 -9.79
C GLU B 853 -41.70 14.74 -10.04
N ARG B 981 -14.71 61.07 0.51
CA ARG B 981 -13.58 61.02 1.43
C ARG B 981 -13.11 59.59 1.65
N GLU B 982 -12.53 59.35 2.82
CA GLU B 982 -12.02 58.03 3.23
C GLU B 982 -10.95 57.54 2.26
N TYR B 983 -9.91 58.36 2.11
CA TYR B 983 -8.78 58.00 1.25
C TYR B 983 -8.02 56.80 1.82
N ILE B 984 -7.10 56.28 1.02
CA ILE B 984 -6.21 55.22 1.45
C ILE B 984 -5.02 55.86 2.17
N THR B 985 -5.00 55.73 3.50
CA THR B 985 -3.99 56.39 4.32
C THR B 985 -2.90 55.42 4.78
N SER B 986 -2.61 54.39 4.00
CA SER B 986 -1.53 53.45 4.30
C SER B 986 -1.23 52.63 3.05
N LEU B 987 0.05 52.37 2.81
CA LEU B 987 0.46 51.64 1.62
C LEU B 987 1.73 50.85 1.98
N ASP B 988 1.59 49.54 2.12
CA ASP B 988 2.68 48.68 2.56
C ASP B 988 3.27 48.01 1.33
N LEU B 989 4.58 48.18 1.14
CA LEU B 989 5.32 47.56 0.04
C LEU B 989 6.57 46.87 0.55
N SER B 990 6.43 46.11 1.63
CA SER B 990 7.57 45.50 2.30
C SER B 990 7.87 44.12 1.72
N ALA B 991 9.17 43.82 1.62
CA ALA B 991 9.66 42.50 1.19
C ALA B 991 9.19 42.14 -0.20
N ASN B 992 9.06 43.14 -1.07
CA ASN B 992 8.64 42.91 -2.45
C ASN B 992 9.79 42.75 -3.42
N GLU B 993 11.04 42.80 -2.94
CA GLU B 993 12.24 42.70 -3.77
C GLU B 993 12.23 43.72 -4.92
N LEU B 994 11.78 44.94 -4.60
CA LEU B 994 11.83 46.02 -5.57
C LEU B 994 13.27 46.39 -5.92
N ARG B 995 13.42 47.24 -6.94
CA ARG B 995 14.73 47.71 -7.36
C ARG B 995 14.79 49.22 -7.51
N ASP B 996 13.64 49.84 -7.79
CA ASP B 996 13.55 51.29 -7.96
C ASP B 996 12.10 51.72 -7.97
N ILE B 997 11.78 52.76 -7.21
CA ILE B 997 10.41 53.20 -7.04
C ILE B 997 10.32 54.60 -7.63
N ASP B 998 10.71 54.71 -8.91
CA ASP B 998 10.58 55.98 -9.60
C ASP B 998 9.37 56.00 -10.53
N ALA B 999 8.88 54.82 -10.92
CA ALA B 999 7.74 54.75 -11.84
C ALA B 999 6.51 55.41 -11.23
N LEU B 1000 6.29 55.22 -9.93
CA LEU B 1000 5.08 55.74 -9.31
C LEU B 1000 5.07 57.27 -9.20
N SER B 1001 6.22 57.92 -9.41
CA SER B 1001 6.33 59.35 -9.19
C SER B 1001 6.13 60.17 -10.46
N GLN B 1002 5.95 59.52 -11.61
CA GLN B 1002 5.91 60.24 -12.88
C GLN B 1002 4.54 60.81 -13.21
N LYS B 1003 3.97 61.59 -12.29
CA LYS B 1003 2.74 62.36 -12.52
C LYS B 1003 1.60 61.49 -13.07
N CYS B 1004 1.51 60.26 -12.58
CA CYS B 1004 0.54 59.30 -13.07
C CYS B 1004 -0.81 59.53 -12.40
N CYS B 1005 -1.79 58.70 -12.76
CA CYS B 1005 -3.10 58.77 -12.10
C CYS B 1005 -2.95 58.75 -10.59
N ILE B 1006 -2.10 57.86 -10.07
CA ILE B 1006 -1.93 57.64 -8.65
C ILE B 1006 -1.45 58.90 -7.93
N SER B 1007 -0.90 59.87 -8.68
CA SER B 1007 -0.24 61.03 -8.10
C SER B 1007 -1.16 61.87 -7.23
N VAL B 1008 -2.46 61.92 -7.55
CA VAL B 1008 -3.35 62.69 -6.70
C VAL B 1008 -3.97 61.84 -5.60
N HIS B 1009 -3.71 60.53 -5.60
CA HIS B 1009 -4.19 59.66 -4.53
C HIS B 1009 -3.06 59.32 -3.57
N LEU B 1010 -1.95 60.05 -3.64
CA LEU B 1010 -0.84 59.91 -2.73
C LEU B 1010 -0.72 61.08 -1.76
N GLU B 1011 -1.24 62.25 -2.12
CA GLU B 1011 -1.21 63.41 -1.24
C GLU B 1011 -1.88 63.15 0.10
N HIS B 1012 -2.79 62.18 0.17
CA HIS B 1012 -3.50 61.86 1.40
C HIS B 1012 -2.87 60.69 2.14
N LEU B 1013 -1.76 60.15 1.65
CA LEU B 1013 -1.11 59.01 2.29
C LEU B 1013 -0.50 59.43 3.61
N GLU B 1014 -0.70 58.62 4.65
CA GLU B 1014 -0.20 58.94 5.98
C GLU B 1014 0.80 57.93 6.50
N LYS B 1015 1.15 56.92 5.71
CA LYS B 1015 2.14 55.92 6.09
C LYS B 1015 2.56 55.12 4.87
N LEU B 1016 3.87 54.97 4.66
CA LEU B 1016 4.41 54.31 3.47
C LEU B 1016 5.58 53.44 3.92
N GLU B 1017 5.31 52.18 4.21
CA GLU B 1017 6.35 51.26 4.64
C GLU B 1017 7.08 50.74 3.41
N LEU B 1018 8.41 50.74 3.46
CA LEU B 1018 9.19 50.27 2.33
C LEU B 1018 10.37 49.42 2.78
N HIS B 1019 10.21 48.68 3.87
CA HIS B 1019 11.33 47.97 4.46
C HIS B 1019 11.55 46.61 3.80
N GLN B 1020 12.77 46.09 3.97
CA GLN B 1020 13.23 44.79 3.48
C GLN B 1020 13.26 44.70 1.96
N ASN B 1021 12.97 45.78 1.26
CA ASN B 1021 13.09 45.80 -0.20
C ASN B 1021 14.54 46.06 -0.58
N ALA B 1022 14.79 46.33 -1.86
CA ALA B 1022 16.14 46.65 -2.35
C ALA B 1022 16.06 47.95 -3.14
N LEU B 1023 16.12 49.07 -2.43
CA LEU B 1023 16.13 50.39 -3.06
C LEU B 1023 17.57 50.89 -3.11
N THR B 1024 17.77 52.00 -3.83
CA THR B 1024 19.07 52.66 -3.78
C THR B 1024 18.90 54.16 -3.61
N SER B 1025 17.77 54.71 -4.06
CA SER B 1025 17.53 56.14 -3.97
C SER B 1025 16.04 56.39 -3.88
N PHE B 1026 15.68 57.62 -3.51
CA PHE B 1026 14.29 58.01 -3.33
C PHE B 1026 14.06 59.24 -4.21
N PRO B 1027 13.14 59.17 -5.18
CA PRO B 1027 12.97 60.30 -6.11
C PRO B 1027 12.38 61.50 -5.41
N GLN B 1028 12.89 62.69 -5.78
CA GLN B 1028 12.46 63.90 -5.11
C GLN B 1028 11.01 64.23 -5.45
N GLN B 1029 10.62 64.06 -6.72
CA GLN B 1029 9.24 64.30 -7.13
C GLN B 1029 8.25 63.47 -6.31
N LEU B 1030 8.64 62.27 -5.91
CA LEU B 1030 7.82 61.46 -5.01
C LEU B 1030 7.61 62.14 -3.66
N CYS B 1031 8.65 62.78 -3.14
CA CYS B 1031 8.56 63.45 -1.84
C CYS B 1031 7.60 64.64 -1.87
N GLU B 1032 7.79 65.56 -2.83
CA GLU B 1032 6.93 66.73 -2.90
C GLU B 1032 5.48 66.37 -3.22
N THR B 1033 5.24 65.22 -3.83
CA THR B 1033 3.86 64.77 -4.04
C THR B 1033 3.26 64.25 -2.73
N LEU B 1034 4.05 63.50 -1.97
CA LEU B 1034 3.62 62.93 -0.70
C LEU B 1034 3.59 64.02 0.34
N LYS B 1035 2.46 64.74 0.41
CA LYS B 1035 2.35 65.91 1.26
C LYS B 1035 1.59 65.65 2.55
N SER B 1036 1.40 64.38 2.93
CA SER B 1036 0.82 64.09 4.24
C SER B 1036 1.47 62.89 4.93
N LEU B 1037 2.66 62.48 4.51
CA LEU B 1037 3.33 61.37 5.18
C LEU B 1037 3.70 61.73 6.60
N THR B 1038 3.57 60.76 7.50
CA THR B 1038 4.09 60.86 8.85
C THR B 1038 5.07 59.75 9.20
N HIS B 1039 4.87 58.55 8.68
CA HIS B 1039 5.77 57.42 8.91
C HIS B 1039 6.37 57.00 7.58
N LEU B 1040 7.70 56.96 7.52
CA LEU B 1040 8.42 56.55 6.32
C LEU B 1040 9.48 55.55 6.74
N ASP B 1041 9.32 54.30 6.32
CA ASP B 1041 10.20 53.21 6.74
C ASP B 1041 11.03 52.77 5.55
N LEU B 1042 12.35 52.86 5.68
CA LEU B 1042 13.28 52.44 4.63
C LEU B 1042 14.31 51.45 5.13
N HIS B 1043 14.08 50.86 6.30
CA HIS B 1043 15.11 50.02 6.90
C HIS B 1043 15.27 48.72 6.13
N SER B 1044 16.47 48.16 6.21
CA SER B 1044 16.91 46.93 5.54
C SER B 1044 16.95 47.07 4.02
N ASN B 1045 16.86 48.28 3.49
CA ASN B 1045 17.12 48.53 2.08
C ASN B 1045 18.63 48.59 1.85
N LYS B 1046 19.04 49.03 0.66
CA LYS B 1046 20.46 49.23 0.37
C LYS B 1046 20.68 50.68 -0.06
N PHE B 1047 20.77 51.57 0.91
CA PHE B 1047 21.09 52.97 0.66
C PHE B 1047 22.58 53.20 0.87
N THR B 1048 23.13 54.16 0.13
CA THR B 1048 24.56 54.46 0.22
C THR B 1048 24.84 55.84 0.76
N SER B 1049 23.92 56.79 0.61
CA SER B 1049 24.07 58.12 1.17
C SER B 1049 22.69 58.68 1.48
N PHE B 1050 22.60 59.41 2.57
CA PHE B 1050 21.31 59.96 3.00
C PHE B 1050 20.84 61.02 2.03
N PRO B 1051 19.64 60.90 1.44
CA PRO B 1051 19.08 62.00 0.66
C PRO B 1051 18.62 63.11 1.58
N SER B 1052 19.22 64.30 1.44
CA SER B 1052 18.92 65.40 2.34
C SER B 1052 17.48 65.88 2.21
N TYR B 1053 16.92 65.83 1.00
CA TYR B 1053 15.59 66.35 0.72
C TYR B 1053 14.46 65.49 1.29
N LEU B 1054 14.76 64.34 1.90
CA LEU B 1054 13.72 63.56 2.57
C LEU B 1054 13.07 64.34 3.72
N LEU B 1055 13.76 65.34 4.24
CA LEU B 1055 13.24 66.21 5.30
C LEU B 1055 12.44 67.38 4.76
N LYS B 1056 12.36 67.54 3.44
CA LYS B 1056 11.54 68.61 2.86
C LYS B 1056 10.05 68.34 2.97
N MET B 1057 9.65 67.09 3.25
CA MET B 1057 8.23 66.74 3.34
C MET B 1057 7.53 67.59 4.40
N SER B 1058 6.22 67.75 4.23
CA SER B 1058 5.47 68.65 5.09
C SER B 1058 5.37 68.13 6.52
N CYS B 1059 4.95 66.87 6.68
CA CYS B 1059 4.55 66.38 7.98
C CYS B 1059 5.30 65.13 8.40
N ILE B 1060 6.53 64.93 7.89
CA ILE B 1060 7.31 63.76 8.29
C ILE B 1060 7.58 63.81 9.79
N ALA B 1061 7.25 62.71 10.47
CA ALA B 1061 7.38 62.67 11.92
C ALA B 1061 8.16 61.45 12.39
N ASN B 1062 8.10 60.37 11.63
CA ASN B 1062 8.82 59.13 11.96
C ASN B 1062 9.62 58.71 10.73
N LEU B 1063 10.85 59.21 10.63
CA LEU B 1063 11.77 58.77 9.59
C LEU B 1063 12.57 57.60 10.12
N ASP B 1064 12.69 56.55 9.32
CA ASP B 1064 13.38 55.32 9.73
C ASP B 1064 14.32 54.93 8.59
N VAL B 1065 15.59 55.25 8.74
CA VAL B 1065 16.61 54.84 7.79
C VAL B 1065 17.61 53.99 8.57
N SER B 1066 17.37 52.68 8.60
CA SER B 1066 18.18 51.77 9.39
C SER B 1066 18.70 50.64 8.50
N ARG B 1067 19.79 50.01 8.96
CA ARG B 1067 20.34 48.79 8.37
C ARG B 1067 20.77 48.94 6.92
N ASN B 1068 20.74 50.15 6.37
CA ASN B 1068 21.33 50.41 5.07
C ASN B 1068 22.82 50.72 5.22
N ASP B 1069 23.53 50.69 4.11
CA ASP B 1069 24.98 50.93 4.14
C ASP B 1069 25.29 52.40 3.89
N ILE B 1070 24.82 53.25 4.81
CA ILE B 1070 25.05 54.68 4.74
C ILE B 1070 26.32 55.02 5.51
N GLY B 1071 27.19 55.83 4.91
CA GLY B 1071 28.40 56.26 5.56
C GLY B 1071 29.22 57.19 4.69
N PRO B 1072 30.26 57.79 5.27
CA PRO B 1072 30.66 57.70 6.68
C PRO B 1072 29.99 58.76 7.55
N SER B 1073 29.53 59.86 6.97
CA SER B 1073 28.89 60.92 7.74
C SER B 1073 27.65 61.41 7.01
N VAL B 1074 26.62 61.74 7.77
CA VAL B 1074 25.39 62.30 7.22
C VAL B 1074 25.37 63.78 7.57
N VAL B 1075 25.53 64.63 6.56
CA VAL B 1075 25.47 66.07 6.75
C VAL B 1075 24.22 66.59 6.05
N LEU B 1076 23.52 67.51 6.70
CA LEU B 1076 22.29 68.07 6.18
C LEU B 1076 22.50 69.51 5.77
N ASP B 1077 21.65 69.98 4.88
CA ASP B 1077 21.79 71.35 4.42
C ASP B 1077 21.07 72.30 5.38
N PRO B 1078 21.68 73.43 5.73
CA PRO B 1078 21.07 74.34 6.70
C PRO B 1078 19.81 75.01 6.19
N THR B 1079 19.58 75.04 4.89
CA THR B 1079 18.39 75.66 4.34
C THR B 1079 17.15 74.78 4.47
N VAL B 1080 17.28 73.57 4.97
CA VAL B 1080 16.16 72.68 5.22
C VAL B 1080 15.82 72.76 6.70
N LYS B 1081 14.65 73.29 7.01
CA LYS B 1081 14.16 73.39 8.38
C LYS B 1081 12.97 72.45 8.51
N CYS B 1082 13.14 71.37 9.27
CA CYS B 1082 12.12 70.35 9.46
C CYS B 1082 11.71 70.29 10.93
N PRO B 1083 10.85 71.21 11.38
CA PRO B 1083 10.44 71.21 12.78
C PRO B 1083 9.39 70.16 13.14
N THR B 1084 8.92 69.37 12.19
CA THR B 1084 7.89 68.37 12.46
C THR B 1084 8.45 66.97 12.64
N LEU B 1085 9.78 66.80 12.58
CA LEU B 1085 10.39 65.48 12.70
C LEU B 1085 10.53 65.15 14.17
N LYS B 1086 9.84 64.11 14.64
CA LYS B 1086 9.85 63.77 16.05
C LYS B 1086 10.34 62.36 16.35
N GLN B 1087 10.92 61.68 15.36
CA GLN B 1087 11.68 60.45 15.56
C GLN B 1087 12.70 60.37 14.43
N PHE B 1088 13.85 59.76 14.72
CA PHE B 1088 14.91 59.69 13.73
C PHE B 1088 15.78 58.50 14.04
N ASN B 1089 15.68 57.46 13.23
CA ASN B 1089 16.45 56.24 13.42
C ASN B 1089 17.51 56.15 12.33
N LEU B 1090 18.73 55.86 12.73
CA LEU B 1090 19.87 55.73 11.83
C LEU B 1090 20.73 54.55 12.23
N SER B 1091 20.14 53.55 12.87
CA SER B 1091 20.92 52.49 13.48
C SER B 1091 21.47 51.54 12.44
N TYR B 1092 22.60 50.91 12.78
CA TYR B 1092 23.19 49.79 12.06
C TYR B 1092 23.72 50.16 10.68
N ASN B 1093 23.83 51.44 10.37
CA ASN B 1093 24.50 51.87 9.15
C ASN B 1093 26.01 51.87 9.37
N GLN B 1094 26.76 52.39 8.40
CA GLN B 1094 28.21 52.52 8.51
C GLN B 1094 28.61 53.93 8.94
N LEU B 1095 27.80 54.58 9.76
CA LEU B 1095 28.10 55.94 10.20
C LEU B 1095 29.39 55.96 11.00
N SER B 1096 30.19 57.01 10.79
CA SER B 1096 31.41 57.21 11.57
C SER B 1096 31.42 58.57 12.25
N PHE B 1097 30.27 59.21 12.37
CA PHE B 1097 30.13 60.51 13.03
C PHE B 1097 28.67 60.68 13.43
N VAL B 1098 28.46 61.53 14.42
CA VAL B 1098 27.10 62.04 14.66
C VAL B 1098 26.68 62.88 13.47
N PRO B 1099 25.44 62.76 12.99
CA PRO B 1099 25.01 63.61 11.87
C PRO B 1099 25.21 65.09 12.09
N GLU B 1100 25.97 65.73 11.21
CA GLU B 1100 26.24 67.15 11.34
C GLU B 1100 24.99 67.97 11.05
N ASN B 1101 24.98 69.19 11.57
CA ASN B 1101 23.87 70.15 11.43
C ASN B 1101 22.55 69.52 11.81
N LEU B 1102 22.54 68.85 12.96
CA LEU B 1102 21.33 68.24 13.49
C LEU B 1102 20.52 69.22 14.33
N THR B 1103 21.08 70.39 14.63
CA THR B 1103 20.40 71.35 15.49
C THR B 1103 19.39 72.18 14.71
N ASP B 1104 19.87 72.94 13.73
CA ASP B 1104 19.03 73.89 13.01
C ASP B 1104 18.11 73.22 12.00
N VAL B 1105 18.30 71.94 11.71
CA VAL B 1105 17.49 71.24 10.72
C VAL B 1105 16.36 70.52 11.43
N VAL B 1106 16.71 69.58 12.31
CA VAL B 1106 15.73 68.86 13.12
C VAL B 1106 15.71 69.58 14.46
N GLU B 1107 14.85 70.59 14.57
CA GLU B 1107 14.87 71.46 15.74
C GLU B 1107 14.23 70.81 16.95
N LYS B 1108 13.19 70.01 16.76
CA LYS B 1108 12.43 69.42 17.85
C LYS B 1108 12.40 67.91 17.65
N LEU B 1109 13.45 67.23 18.11
CA LEU B 1109 13.56 65.78 17.94
C LEU B 1109 13.32 65.10 19.28
N GLU B 1110 12.58 63.99 19.25
CA GLU B 1110 12.27 63.26 20.47
C GLU B 1110 13.22 62.10 20.71
N GLN B 1111 13.32 61.17 19.77
CA GLN B 1111 14.04 59.91 19.99
C GLN B 1111 15.06 59.72 18.89
N LEU B 1112 16.34 59.92 19.20
CA LEU B 1112 17.43 59.74 18.27
C LEU B 1112 18.09 58.39 18.55
N ILE B 1113 18.28 57.60 17.49
CA ILE B 1113 18.80 56.24 17.62
C ILE B 1113 19.97 56.08 16.66
N LEU B 1114 21.18 56.03 17.20
CA LEU B 1114 22.38 55.80 16.41
C LEU B 1114 23.09 54.52 16.83
N GLU B 1115 22.31 53.49 17.17
CA GLU B 1115 22.85 52.22 17.62
C GLU B 1115 23.63 51.54 16.49
N GLY B 1116 24.61 50.71 16.87
CA GLY B 1116 25.25 49.81 15.94
C GLY B 1116 26.25 50.42 14.97
N ASN B 1117 26.17 51.73 14.70
CA ASN B 1117 27.14 52.35 13.83
C ASN B 1117 28.54 52.33 14.45
N LYS B 1118 29.54 52.51 13.60
CA LYS B 1118 30.94 52.54 14.05
C LYS B 1118 31.35 53.99 14.24
N ILE B 1119 30.91 54.56 15.36
CA ILE B 1119 31.20 55.95 15.68
C ILE B 1119 32.53 56.02 16.41
N SER B 1120 33.43 56.87 15.91
CA SER B 1120 34.77 56.97 16.50
C SER B 1120 34.71 57.65 17.87
N GLY B 1121 34.02 58.79 17.95
CA GLY B 1121 33.95 59.53 19.19
C GLY B 1121 33.22 60.84 19.06
N ILE B 1122 32.62 61.31 20.15
CA ILE B 1122 31.83 62.53 20.13
C ILE B 1122 32.75 63.73 20.28
N CYS B 1123 32.51 64.76 19.48
CA CYS B 1123 33.27 66.00 19.57
C CYS B 1123 32.39 67.22 19.69
N SER B 1124 31.25 67.25 19.00
CA SER B 1124 30.42 68.45 19.04
C SER B 1124 29.27 68.28 20.01
N PRO B 1125 28.90 69.33 20.75
CA PRO B 1125 27.77 69.22 21.67
C PRO B 1125 26.45 69.24 20.94
N LEU B 1126 25.55 68.34 21.33
CA LEU B 1126 24.18 68.39 20.86
C LEU B 1126 23.51 69.68 21.33
N ARG B 1127 22.48 70.10 20.60
CA ARG B 1127 21.75 71.31 20.94
C ARG B 1127 20.25 71.07 20.92
N LEU B 1128 19.80 69.82 20.76
CA LEU B 1128 18.39 69.49 20.69
C LEU B 1128 17.70 69.81 22.01
N LYS B 1129 16.91 70.89 22.03
CA LYS B 1129 16.21 71.31 23.23
C LYS B 1129 15.07 70.37 23.61
N GLU B 1130 14.73 69.40 22.78
CA GLU B 1130 13.55 68.58 23.00
C GLU B 1130 13.84 67.08 23.02
N LEU B 1131 15.11 66.68 23.04
CA LEU B 1131 15.47 65.27 23.01
C LEU B 1131 14.89 64.54 24.21
N LYS B 1132 14.50 63.28 24.00
CA LYS B 1132 13.92 62.50 25.09
C LYS B 1132 14.54 61.11 25.22
N ILE B 1133 15.04 60.55 24.12
CA ILE B 1133 15.65 59.22 24.15
C ILE B 1133 16.87 59.25 23.24
N LEU B 1134 18.06 59.25 23.82
CA LEU B 1134 19.30 59.13 23.07
C LEU B 1134 19.78 57.68 23.15
N ASN B 1135 20.41 57.21 22.08
CA ASN B 1135 20.83 55.81 22.01
C ASN B 1135 22.10 55.74 21.19
N LEU B 1136 23.18 55.27 21.83
CA LEU B 1136 24.48 55.14 21.19
C LEU B 1136 25.08 53.77 21.43
N SER B 1137 24.22 52.75 21.59
CA SER B 1137 24.68 51.42 21.92
C SER B 1137 25.47 50.81 20.76
N LYS B 1138 26.30 49.82 21.10
CA LYS B 1138 27.09 49.05 20.15
C LYS B 1138 27.91 49.94 19.21
N ASN B 1139 28.77 50.75 19.82
CA ASN B 1139 29.65 51.63 19.04
C ASN B 1139 31.09 51.45 19.50
N HIS B 1140 31.98 52.31 19.01
CA HIS B 1140 33.37 52.34 19.41
C HIS B 1140 33.71 53.62 20.16
N ILE B 1141 32.75 54.15 20.90
CA ILE B 1141 32.96 55.36 21.68
C ILE B 1141 33.79 55.02 22.91
N SER B 1142 34.85 55.79 23.15
CA SER B 1142 35.70 55.59 24.31
C SER B 1142 35.68 56.76 25.26
N SER B 1143 35.84 57.99 24.76
CA SER B 1143 35.84 59.18 25.60
C SER B 1143 34.72 60.10 25.17
N LEU B 1144 33.86 60.46 26.12
CA LEU B 1144 32.74 61.35 25.87
C LEU B 1144 33.10 62.77 26.28
N SER B 1145 32.58 63.74 25.54
CA SER B 1145 32.88 65.14 25.81
C SER B 1145 32.29 65.55 27.15
N GLU B 1146 32.89 66.58 27.75
CA GLU B 1146 32.43 67.05 29.05
C GLU B 1146 31.12 67.84 28.96
N ASN B 1147 30.65 68.15 27.75
CA ASN B 1147 29.56 69.09 27.59
C ASN B 1147 28.56 68.69 26.51
N PHE B 1148 28.70 67.52 25.89
CA PHE B 1148 27.90 67.20 24.71
C PHE B 1148 26.44 66.92 25.04
N LEU B 1149 26.07 66.88 26.33
CA LEU B 1149 24.69 66.68 26.72
C LEU B 1149 24.21 67.76 27.68
N GLU B 1150 24.92 68.89 27.76
CA GLU B 1150 24.49 69.95 28.66
C GLU B 1150 23.40 70.81 28.05
N ALA B 1151 23.28 70.83 26.72
CA ALA B 1151 22.24 71.59 26.02
C ALA B 1151 21.07 70.71 25.63
N CYS B 1152 20.78 69.67 26.42
CA CYS B 1152 19.63 68.79 26.19
C CYS B 1152 18.94 68.51 27.52
N PRO B 1153 18.26 69.51 28.08
CA PRO B 1153 17.73 69.37 29.44
C PRO B 1153 16.47 68.52 29.56
N LYS B 1154 16.09 67.75 28.53
CA LYS B 1154 14.92 66.90 28.61
C LYS B 1154 15.23 65.43 28.35
N VAL B 1155 16.51 65.05 28.26
CA VAL B 1155 16.87 63.66 27.98
C VAL B 1155 16.37 62.78 29.11
N GLU B 1156 15.74 61.65 28.75
CA GLU B 1156 15.21 60.72 29.73
C GLU B 1156 15.90 59.37 29.70
N SER B 1157 15.98 58.72 28.54
CA SER B 1157 16.54 57.38 28.40
C SER B 1157 17.80 57.45 27.56
N PHE B 1158 18.97 57.35 28.20
CA PHE B 1158 20.25 57.34 27.50
C PHE B 1158 20.85 55.94 27.59
N SER B 1159 21.24 55.39 26.44
CA SER B 1159 21.82 54.06 26.37
C SER B 1159 23.15 54.15 25.64
N ALA B 1160 24.19 53.56 26.21
CA ALA B 1160 25.51 53.53 25.60
C ALA B 1160 26.14 52.15 25.73
N ARG B 1161 25.36 51.10 25.52
CA ARG B 1161 25.82 49.73 25.66
C ARG B 1161 26.95 49.44 24.67
N MET B 1162 27.73 48.39 24.98
CA MET B 1162 28.79 47.84 24.13
C MET B 1162 29.69 48.94 23.57
N ASN B 1163 30.30 49.68 24.50
CA ASN B 1163 31.26 50.70 24.11
C ASN B 1163 32.57 50.55 24.87
N PHE B 1164 33.46 51.52 24.70
CA PHE B 1164 34.72 51.57 25.43
C PHE B 1164 34.75 52.74 26.41
N LEU B 1165 33.59 53.07 26.98
CA LEU B 1165 33.49 54.21 27.89
C LEU B 1165 34.32 53.99 29.14
N ALA B 1166 34.80 55.09 29.71
CA ALA B 1166 35.50 55.03 30.99
C ALA B 1166 34.95 56.01 32.01
N ALA B 1167 34.51 57.19 31.59
CA ALA B 1167 34.04 58.22 32.51
C ALA B 1167 32.77 58.86 31.98
N MET B 1168 31.81 59.08 32.87
CA MET B 1168 30.53 59.69 32.49
C MET B 1168 30.52 61.17 32.83
N PRO B 1169 30.36 62.05 31.85
CA PRO B 1169 30.38 63.50 32.14
C PRO B 1169 29.10 63.97 32.81
N PHE B 1170 28.98 65.28 33.00
CA PHE B 1170 27.77 65.86 33.57
C PHE B 1170 26.56 65.54 32.70
N LEU B 1171 25.48 65.09 33.35
CA LEU B 1171 24.24 64.76 32.68
C LEU B 1171 23.11 65.66 33.19
N PRO B 1172 22.12 65.94 32.35
CA PRO B 1172 20.99 66.74 32.81
C PRO B 1172 20.25 66.02 33.92
N PRO B 1173 19.69 66.76 34.88
CA PRO B 1173 19.03 66.11 36.02
C PRO B 1173 17.78 65.35 35.66
N SER B 1174 17.18 65.61 34.50
CA SER B 1174 15.94 64.92 34.13
C SER B 1174 16.17 63.53 33.58
N MET B 1175 17.40 63.02 33.58
CA MET B 1175 17.64 61.66 33.10
C MET B 1175 17.07 60.67 34.10
N THR B 1176 16.18 59.79 33.63
CA THR B 1176 15.50 58.84 34.50
C THR B 1176 15.99 57.41 34.33
N ILE B 1177 16.10 56.92 33.10
CA ILE B 1177 16.56 55.58 32.81
C ILE B 1177 17.93 55.71 32.15
N LEU B 1178 18.88 54.88 32.59
CA LEU B 1178 20.24 54.98 32.07
C LEU B 1178 20.84 53.59 32.06
N LYS B 1179 21.23 53.12 30.88
CA LYS B 1179 21.70 51.75 30.66
C LYS B 1179 23.08 51.77 30.00
N LEU B 1180 24.13 51.48 30.77
CA LEU B 1180 25.47 51.56 30.21
C LEU B 1180 26.23 50.26 30.41
N SER B 1181 25.56 49.12 30.19
CA SER B 1181 26.19 47.83 30.42
C SER B 1181 27.21 47.51 29.34
N GLN B 1182 28.29 46.82 29.74
CA GLN B 1182 29.35 46.24 28.91
C GLN B 1182 30.48 47.19 28.49
N ASN B 1183 30.48 48.46 28.89
CA ASN B 1183 31.62 49.30 28.54
C ASN B 1183 32.77 49.02 29.51
N LYS B 1184 33.81 49.84 29.50
CA LYS B 1184 34.94 49.63 30.42
C LYS B 1184 34.93 50.58 31.62
N PHE B 1185 34.01 50.33 32.54
CA PHE B 1185 33.83 51.16 33.73
C PHE B 1185 34.60 50.52 34.87
N SER B 1186 35.58 51.24 35.42
CA SER B 1186 36.34 50.72 36.55
C SER B 1186 35.65 51.00 37.87
N CYS B 1187 34.90 52.09 37.97
CA CYS B 1187 34.14 52.42 39.17
C CYS B 1187 33.02 53.36 38.78
N ILE B 1188 31.98 53.36 39.62
CA ILE B 1188 30.77 54.16 39.36
C ILE B 1188 31.16 55.64 39.22
N PRO B 1189 30.77 56.31 38.15
CA PRO B 1189 31.17 57.72 37.98
C PRO B 1189 30.45 58.63 38.96
N GLU B 1190 31.16 59.64 39.43
CA GLU B 1190 30.57 60.58 40.40
C GLU B 1190 29.42 61.39 39.80
N ALA B 1191 29.32 61.46 38.48
CA ALA B 1191 28.27 62.23 37.82
C ALA B 1191 26.98 61.45 37.63
N ILE B 1192 26.93 60.19 38.04
CA ILE B 1192 25.71 59.39 37.92
C ILE B 1192 25.02 59.22 39.27
N LEU B 1193 25.76 59.35 40.38
CA LEU B 1193 25.19 59.20 41.71
C LEU B 1193 24.35 60.38 42.15
N ASN B 1194 24.32 61.47 41.37
CA ASN B 1194 23.72 62.71 41.82
C ASN B 1194 22.47 63.08 41.01
N LEU B 1195 21.99 62.19 40.16
CA LEU B 1195 20.77 62.44 39.41
C LEU B 1195 19.59 62.48 40.38
N PRO B 1196 18.83 63.57 40.43
CA PRO B 1196 17.68 63.62 41.36
C PRO B 1196 16.64 62.53 41.12
N HIS B 1197 16.32 62.23 39.86
CA HIS B 1197 15.30 61.24 39.52
C HIS B 1197 15.96 60.16 38.68
N LEU B 1198 16.57 59.16 39.31
CA LEU B 1198 17.20 58.06 38.59
C LEU B 1198 16.42 56.79 38.90
N ARG B 1199 15.45 56.48 38.04
CA ARG B 1199 14.59 55.32 38.27
C ARG B 1199 15.36 54.01 38.04
N SER B 1200 15.82 53.79 36.82
CA SER B 1200 16.52 52.56 36.48
C SER B 1200 18.00 52.84 36.22
N LEU B 1201 18.83 51.83 36.46
CA LEU B 1201 20.25 51.91 36.20
C LEU B 1201 20.76 50.51 35.91
N ASP B 1202 21.57 50.37 34.86
CA ASP B 1202 22.08 49.08 34.43
C ASP B 1202 23.56 49.27 34.12
N MET B 1203 24.42 48.71 34.97
CA MET B 1203 25.87 48.74 34.79
C MET B 1203 26.43 47.33 34.78
N SER B 1204 25.69 46.39 34.21
CA SER B 1204 26.11 44.99 34.19
C SER B 1204 27.35 44.81 33.33
N SER B 1205 28.09 43.74 33.60
CA SER B 1205 29.22 43.28 32.78
C SER B 1205 30.32 44.33 32.67
N ASN B 1206 30.38 45.25 33.62
CA ASN B 1206 31.54 46.13 33.79
C ASN B 1206 32.49 45.53 34.81
N ASP B 1207 33.48 46.30 35.22
CA ASP B 1207 34.38 45.90 36.30
C ASP B 1207 34.23 46.92 37.42
N ILE B 1208 33.22 46.72 38.25
CA ILE B 1208 32.95 47.61 39.38
C ILE B 1208 33.57 46.97 40.61
N GLN B 1209 34.46 47.70 41.28
CA GLN B 1209 35.10 47.16 42.47
C GLN B 1209 34.15 47.19 43.67
N TYR B 1210 33.64 48.37 44.02
CA TYR B 1210 32.77 48.52 45.17
C TYR B 1210 31.71 49.58 44.85
N LEU B 1211 30.45 49.17 44.87
CA LEU B 1211 29.42 50.19 44.67
C LEU B 1211 29.15 50.90 45.99
N PRO B 1212 28.99 52.22 45.96
CA PRO B 1212 28.77 52.96 47.21
C PRO B 1212 27.44 52.61 47.86
N GLY B 1213 27.39 52.85 49.18
CA GLY B 1213 26.22 52.56 49.97
C GLY B 1213 25.06 53.49 49.64
N PRO B 1214 23.87 53.17 50.13
CA PRO B 1214 22.68 53.96 49.76
C PRO B 1214 22.73 55.41 50.19
N ALA B 1215 23.51 55.75 51.22
CA ALA B 1215 23.56 57.13 51.68
C ALA B 1215 24.24 58.04 50.65
N HIS B 1216 25.13 57.48 49.84
CA HIS B 1216 25.86 58.30 48.87
C HIS B 1216 25.00 58.66 47.66
N TRP B 1217 24.14 57.75 47.23
CA TRP B 1217 23.22 58.06 46.14
C TRP B 1217 22.26 59.17 46.54
N LYS B 1218 21.83 59.95 45.54
CA LYS B 1218 20.92 61.06 45.78
C LYS B 1218 19.51 60.80 45.30
N SER B 1219 19.32 59.98 44.27
CA SER B 1219 17.99 59.69 43.77
C SER B 1219 17.18 58.92 44.80
N LEU B 1220 15.87 59.15 44.78
CA LEU B 1220 14.95 58.48 45.70
C LEU B 1220 14.10 57.41 45.04
N ASN B 1221 13.77 57.57 43.75
CA ASN B 1221 12.90 56.65 43.04
C ASN B 1221 13.64 55.47 42.42
N LEU B 1222 14.79 55.09 42.98
CA LEU B 1222 15.58 53.98 42.48
C LEU B 1222 14.76 52.70 42.44
N ARG B 1223 14.45 52.21 41.23
CA ARG B 1223 13.53 51.09 41.08
C ARG B 1223 14.12 49.95 40.27
N GLU B 1224 15.40 50.01 39.92
CA GLU B 1224 16.09 48.93 39.23
C GLU B 1224 17.60 49.14 39.29
N LEU B 1225 18.33 48.13 39.72
CA LEU B 1225 19.78 48.22 39.85
C LEU B 1225 20.38 46.91 39.34
N LEU B 1226 21.04 46.96 38.19
CA LEU B 1226 21.58 45.78 37.52
C LEU B 1226 23.10 45.88 37.54
N PHE B 1227 23.75 44.94 38.21
CA PHE B 1227 25.20 44.99 38.37
C PHE B 1227 25.84 43.61 38.21
N SER B 1228 25.22 42.74 37.42
CA SER B 1228 25.73 41.39 37.23
C SER B 1228 27.10 41.41 36.55
N HIS B 1229 27.82 40.29 36.69
CA HIS B 1229 29.13 40.07 36.06
C HIS B 1229 30.12 41.20 36.39
N ASN B 1230 30.13 41.61 37.64
CA ASN B 1230 31.05 42.64 38.12
C ASN B 1230 31.84 42.12 39.30
N GLN B 1231 33.05 42.64 39.46
CA GLN B 1231 33.93 42.24 40.57
C GLN B 1231 33.60 42.99 41.85
N ILE B 1232 32.34 42.87 42.29
CA ILE B 1232 31.88 43.49 43.52
C ILE B 1232 32.15 42.54 44.68
N SER B 1233 32.72 43.07 45.76
CA SER B 1233 33.16 42.24 46.87
C SER B 1233 32.17 42.21 48.03
N ILE B 1234 31.85 43.38 48.59
CA ILE B 1234 31.03 43.47 49.79
C ILE B 1234 29.90 44.46 49.53
N LEU B 1235 28.66 43.96 49.49
CA LEU B 1235 27.51 44.83 49.37
C LEU B 1235 27.30 45.59 50.68
N ASP B 1236 27.32 46.92 50.60
CA ASP B 1236 27.17 47.76 51.78
C ASP B 1236 25.71 48.20 51.89
N LEU B 1237 25.09 47.88 53.03
CA LEU B 1237 23.71 48.29 53.26
C LEU B 1237 23.48 48.72 54.71
N SER B 1238 24.55 48.99 55.47
CA SER B 1238 24.38 49.31 56.88
C SER B 1238 23.82 50.70 57.07
N GLU B 1239 24.28 51.67 56.29
CA GLU B 1239 24.00 53.08 56.52
C GLU B 1239 22.75 53.49 55.75
N LYS B 1240 21.67 53.78 56.48
CA LYS B 1240 20.45 54.40 55.94
C LYS B 1240 19.89 53.64 54.74
N ALA B 1241 19.84 52.31 54.85
CA ALA B 1241 19.33 51.47 53.77
C ALA B 1241 17.86 51.71 53.46
N TYR B 1242 17.12 52.39 54.34
CA TYR B 1242 15.71 52.67 54.07
C TYR B 1242 15.50 53.57 52.87
N LEU B 1243 16.55 54.21 52.34
CA LEU B 1243 16.45 54.99 51.12
C LEU B 1243 15.99 54.11 49.96
N TRP B 1244 16.62 52.95 49.79
CA TRP B 1244 16.34 52.03 48.69
C TRP B 1244 15.00 51.32 48.82
N SER B 1245 14.14 51.69 49.77
CA SER B 1245 12.90 50.96 50.04
C SER B 1245 12.05 50.74 48.80
N ARG B 1246 12.16 51.61 47.80
CA ARG B 1246 11.36 51.49 46.58
C ARG B 1246 12.00 50.62 45.51
N VAL B 1247 13.15 50.00 45.78
CA VAL B 1247 13.81 49.17 44.78
C VAL B 1247 12.93 47.98 44.43
N GLU B 1248 12.60 47.83 43.15
CA GLU B 1248 11.77 46.73 42.68
C GLU B 1248 12.55 45.64 41.98
N LYS B 1249 13.87 45.76 41.89
CA LYS B 1249 14.72 44.76 41.28
C LYS B 1249 16.17 45.05 41.64
N LEU B 1250 16.94 44.00 41.89
CA LEU B 1250 18.35 44.15 42.23
C LEU B 1250 19.08 42.87 41.87
N HIS B 1251 20.10 42.98 41.04
CA HIS B 1251 20.84 41.82 40.55
C HIS B 1251 22.31 41.96 40.91
N LEU B 1252 22.90 40.86 41.40
CA LEU B 1252 24.32 40.84 41.72
C LEU B 1252 24.95 39.51 41.30
N SER B 1253 24.44 38.89 40.24
CA SER B 1253 24.93 37.60 39.79
C SER B 1253 26.38 37.70 39.31
N HIS B 1254 27.11 36.60 39.49
CA HIS B 1254 28.50 36.45 39.03
C HIS B 1254 29.40 37.55 39.61
N ASN B 1255 29.30 37.76 40.91
CA ASN B 1255 30.14 38.70 41.62
C ASN B 1255 30.94 37.96 42.69
N LYS B 1256 31.77 38.71 43.42
CA LYS B 1256 32.60 38.18 44.49
C LYS B 1256 31.98 38.43 45.85
N LEU B 1257 30.65 38.37 45.94
CA LEU B 1257 29.96 38.54 47.20
C LEU B 1257 30.33 37.43 48.18
N LYS B 1258 30.60 37.82 49.43
CA LYS B 1258 30.92 36.87 50.48
C LYS B 1258 29.77 36.63 51.43
N GLU B 1259 29.00 37.66 51.77
CA GLU B 1259 27.90 37.50 52.71
C GLU B 1259 26.84 38.56 52.43
N ILE B 1260 25.59 38.12 52.29
CA ILE B 1260 24.46 39.04 52.13
C ILE B 1260 24.24 39.79 53.43
N PRO B 1261 24.10 41.11 53.41
CA PRO B 1261 23.90 41.85 54.66
C PRO B 1261 22.60 41.46 55.33
N PRO B 1262 22.57 41.47 56.66
CA PRO B 1262 21.32 41.17 57.36
C PRO B 1262 20.26 42.24 57.20
N GLU B 1263 20.66 43.50 56.98
CA GLU B 1263 19.72 44.59 56.77
C GLU B 1263 18.99 44.52 55.43
N ILE B 1264 19.20 43.47 54.64
CA ILE B 1264 18.48 43.28 53.38
C ILE B 1264 16.97 43.22 53.59
N GLY B 1265 16.51 42.90 54.80
CA GLY B 1265 15.09 42.91 55.10
C GLY B 1265 14.45 44.28 55.08
N CYS B 1266 15.24 45.35 55.09
CA CYS B 1266 14.69 46.70 55.03
C CYS B 1266 14.20 47.06 53.63
N LEU B 1267 14.84 46.49 52.60
CA LEU B 1267 14.44 46.72 51.20
C LEU B 1267 13.18 45.90 50.89
N GLU B 1268 12.10 46.28 51.57
CA GLU B 1268 10.89 45.47 51.68
C GLU B 1268 10.11 45.31 50.38
N ASN B 1269 10.49 45.98 49.30
CA ASN B 1269 9.67 45.98 48.09
C ASN B 1269 10.33 45.21 46.93
N LEU B 1270 11.41 44.48 47.20
CA LEU B 1270 12.05 43.69 46.17
C LEU B 1270 11.08 42.67 45.58
N THR B 1271 11.10 42.55 44.25
CA THR B 1271 10.36 41.51 43.55
C THR B 1271 11.25 40.49 42.89
N SER B 1272 12.47 40.88 42.51
CA SER B 1272 13.45 39.95 41.96
C SER B 1272 14.82 40.26 42.56
N LEU B 1273 15.53 39.22 42.95
CA LEU B 1273 16.87 39.36 43.52
C LEU B 1273 17.70 38.19 43.07
N ASP B 1274 18.76 38.45 42.31
CA ASP B 1274 19.58 37.41 41.71
C ASP B 1274 20.98 37.48 42.33
N VAL B 1275 21.22 36.60 43.29
CA VAL B 1275 22.52 36.50 43.95
C VAL B 1275 23.23 35.21 43.59
N SER B 1276 22.78 34.51 42.55
CA SER B 1276 23.38 33.26 42.13
C SER B 1276 24.80 33.48 41.61
N TYR B 1277 25.51 32.36 41.41
CA TYR B 1277 26.88 32.34 40.87
C TYR B 1277 27.83 33.20 41.70
N ASN B 1278 27.73 33.08 43.02
CA ASN B 1278 28.70 33.68 43.94
C ASN B 1278 29.23 32.56 44.82
N LEU B 1279 30.30 31.90 44.34
CA LEU B 1279 30.83 30.73 45.01
C LEU B 1279 31.25 31.02 46.45
N GLU B 1280 31.76 32.22 46.72
CA GLU B 1280 32.16 32.59 48.07
C GLU B 1280 30.99 32.66 49.04
N LEU B 1281 29.78 32.89 48.53
CA LEU B 1281 28.60 32.94 49.38
C LEU B 1281 28.32 31.56 49.98
N ARG B 1282 27.88 31.54 51.23
CA ARG B 1282 27.63 30.30 51.94
C ARG B 1282 26.18 30.13 52.36
N SER B 1283 25.59 31.15 52.98
CA SER B 1283 24.27 30.99 53.58
C SER B 1283 23.52 32.32 53.54
N PHE B 1284 22.21 32.22 53.35
CA PHE B 1284 21.36 33.41 53.36
C PHE B 1284 21.14 33.89 54.78
N PRO B 1285 21.02 35.20 54.98
CA PRO B 1285 20.67 35.72 56.31
C PRO B 1285 19.23 35.44 56.63
N ASN B 1286 18.93 35.33 57.93
CA ASN B 1286 17.57 35.07 58.37
C ASN B 1286 16.62 36.19 57.95
N GLU B 1287 16.96 37.44 58.30
CA GLU B 1287 16.09 38.60 58.11
C GLU B 1287 15.57 38.75 56.68
N MET B 1288 16.19 38.07 55.70
CA MET B 1288 15.70 38.06 54.32
C MET B 1288 14.26 37.61 54.21
N GLY B 1289 13.75 36.86 55.19
CA GLY B 1289 12.38 36.37 55.17
C GLY B 1289 11.31 37.43 55.23
N LYS B 1290 11.68 38.69 55.47
CA LYS B 1290 10.70 39.76 55.53
C LYS B 1290 10.37 40.35 54.16
N LEU B 1291 11.14 39.99 53.14
CA LEU B 1291 10.91 40.46 51.77
C LEU B 1291 9.78 39.67 51.10
N SER B 1292 8.58 39.80 51.68
CA SER B 1292 7.41 39.02 51.27
C SER B 1292 7.00 39.23 49.82
N LYS B 1293 7.50 40.27 49.14
CA LYS B 1293 7.09 40.54 47.78
C LYS B 1293 7.94 39.83 46.74
N ILE B 1294 9.04 39.18 47.13
CA ILE B 1294 9.90 38.50 46.17
C ILE B 1294 9.13 37.36 45.50
N TRP B 1295 9.30 37.24 44.18
CA TRP B 1295 8.76 36.11 43.45
C TRP B 1295 9.78 35.45 42.52
N ASP B 1296 10.99 36.00 42.39
CA ASP B 1296 12.03 35.40 41.57
C ASP B 1296 13.34 35.45 42.37
N LEU B 1297 13.95 34.29 42.56
CA LEU B 1297 15.21 34.19 43.32
C LEU B 1297 15.98 32.99 42.81
N PRO B 1298 16.68 33.12 41.69
CA PRO B 1298 17.43 31.99 41.15
C PRO B 1298 18.61 31.62 42.05
N LEU B 1299 18.84 30.31 42.17
CA LEU B 1299 19.92 29.79 43.00
C LEU B 1299 20.84 28.87 42.19
N ASP B 1300 20.91 29.08 40.88
CA ASP B 1300 21.71 28.22 40.01
C ASP B 1300 23.19 28.33 40.35
N GLU B 1301 23.82 27.17 40.53
CA GLU B 1301 25.25 27.06 40.83
C GLU B 1301 25.62 27.82 42.11
N LEU B 1302 24.85 27.57 43.17
CA LEU B 1302 25.04 28.22 44.46
C LEU B 1302 25.08 27.16 45.54
N HIS B 1303 26.29 26.79 45.97
CA HIS B 1303 26.47 25.77 47.01
C HIS B 1303 26.13 26.39 48.36
N LEU B 1304 24.83 26.46 48.64
CA LEU B 1304 24.35 27.05 49.88
C LEU B 1304 24.61 26.13 51.07
N ASN B 1305 25.00 26.73 52.19
CA ASN B 1305 25.29 25.96 53.39
C ASN B 1305 24.01 25.36 53.97
N PHE B 1306 23.06 26.21 54.36
CA PHE B 1306 21.80 25.75 54.90
C PHE B 1306 21.04 24.96 53.83
N ASP B 1307 20.56 23.78 54.19
CA ASP B 1307 19.97 22.87 53.23
C ASP B 1307 18.58 23.31 52.84
N PHE B 1308 18.34 23.42 51.52
CA PHE B 1308 17.02 23.74 50.98
C PHE B 1308 16.61 22.78 49.88
N LYS B 1309 17.33 21.66 49.70
CA LYS B 1309 16.97 20.70 48.66
C LYS B 1309 15.59 20.11 48.91
N HIS B 1310 15.24 19.90 50.18
CA HIS B 1310 13.90 19.43 50.51
C HIS B 1310 12.84 20.47 50.17
N ILE B 1311 13.17 21.76 50.25
CA ILE B 1311 12.25 22.80 49.81
C ILE B 1311 12.09 22.76 48.29
N GLY B 1312 13.20 22.63 47.57
CA GLY B 1312 13.16 22.57 46.12
C GLY B 1312 13.74 23.80 45.47
N CYS B 1313 12.93 24.50 44.66
CA CYS B 1313 13.39 25.67 43.95
C CYS B 1313 12.39 26.83 44.00
N LYS B 1314 11.24 26.66 44.65
CA LYS B 1314 10.27 27.74 44.75
C LYS B 1314 10.82 28.89 45.59
N ALA B 1315 10.61 30.11 45.11
CA ALA B 1315 11.19 31.28 45.77
C ALA B 1315 10.37 31.69 46.99
N LYS B 1316 9.04 31.83 46.82
CA LYS B 1316 8.18 32.25 47.91
C LYS B 1316 8.24 31.27 49.08
N ASP B 1317 8.38 29.97 48.79
CA ASP B 1317 8.53 28.98 49.85
C ASP B 1317 9.81 29.21 50.66
N ILE B 1318 10.91 29.54 49.98
CA ILE B 1318 12.16 29.85 50.68
C ILE B 1318 11.98 31.03 51.62
N ILE B 1319 11.31 32.09 51.15
CA ILE B 1319 11.13 33.28 51.97
C ILE B 1319 10.26 32.97 53.18
N ARG B 1320 9.20 32.19 52.99
CA ARG B 1320 8.34 31.81 54.11
C ARG B 1320 9.09 30.95 55.10
N PHE B 1321 9.95 30.05 54.61
CA PHE B 1321 10.77 29.22 55.48
C PHE B 1321 11.69 30.07 56.35
N LEU B 1322 12.41 31.01 55.71
CA LEU B 1322 13.27 31.93 56.45
C LEU B 1322 12.47 32.79 57.43
N GLN B 1323 11.26 33.20 57.03
CA GLN B 1323 10.40 33.99 57.90
C GLN B 1323 10.09 33.26 59.20
N GLN B 1324 9.77 31.97 59.13
CA GLN B 1324 9.53 31.18 60.33
C GLN B 1324 10.78 31.07 61.19
N ARG B 1325 11.96 31.01 60.57
CA ARG B 1325 13.22 30.99 61.32
C ARG B 1325 13.40 32.22 62.19
N LEU B 1326 12.87 33.37 61.78
CA LEU B 1326 12.98 34.58 62.59
C LEU B 1326 12.36 34.41 63.97
N LYS B 1327 11.14 33.89 64.02
CA LYS B 1327 10.41 33.80 65.29
C LYS B 1327 11.12 32.89 66.28
N LYS B 1328 11.51 31.70 65.84
CA LYS B 1328 12.16 30.75 66.73
C LYS B 1328 12.91 29.71 65.91
N ALA B 1329 14.15 29.44 66.27
CA ALA B 1329 14.96 28.45 65.57
C ALA B 1329 15.70 27.59 66.58
N VAL B 1330 15.71 26.28 66.35
CA VAL B 1330 16.34 25.33 67.26
C VAL B 1330 17.24 24.41 66.46
N PRO B 1331 18.26 23.83 67.11
CA PRO B 1331 19.08 22.82 66.43
C PRO B 1331 18.36 21.48 66.36
N TYR B 1332 18.50 20.80 65.22
CA TYR B 1332 17.81 19.54 64.96
C TYR B 1332 18.81 18.40 65.09
N ASN B 1333 18.65 17.60 66.16
CA ASN B 1333 19.56 16.49 66.45
C ASN B 1333 18.88 15.18 66.02
N ARG B 1334 18.98 14.89 64.72
CA ARG B 1334 18.38 13.67 64.18
C ARG B 1334 19.02 13.35 62.84
N MET B 1335 19.67 12.20 62.75
CA MET B 1335 20.34 11.77 61.53
C MET B 1335 20.05 10.29 61.31
N LYS B 1336 19.93 9.91 60.04
CA LYS B 1336 19.55 8.54 59.68
C LYS B 1336 20.77 7.64 59.67
N LEU B 1337 20.71 6.56 60.43
CA LEU B 1337 21.70 5.50 60.38
C LEU B 1337 21.12 4.32 59.61
N MET B 1338 21.93 3.71 58.75
CA MET B 1338 21.46 2.63 57.89
C MET B 1338 22.44 1.48 57.96
N ILE B 1339 21.96 0.31 58.37
CA ILE B 1339 22.80 -0.88 58.48
C ILE B 1339 22.56 -1.72 57.22
N VAL B 1340 23.32 -1.45 56.16
CA VAL B 1340 23.32 -2.35 55.02
C VAL B 1340 24.17 -3.57 55.34
N GLY B 1341 24.03 -4.61 54.52
CA GLY B 1341 24.79 -5.82 54.74
C GLY B 1341 24.28 -6.96 53.89
N ASN B 1342 24.98 -8.08 54.00
CA ASN B 1342 24.70 -9.26 53.19
C ASN B 1342 24.09 -10.34 54.07
N THR B 1343 23.33 -11.23 53.43
CA THR B 1343 22.52 -12.19 54.17
C THR B 1343 23.38 -13.07 55.06
N GLY B 1344 22.82 -13.46 56.20
CA GLY B 1344 23.47 -14.37 57.10
C GLY B 1344 24.49 -13.74 58.02
N SER B 1345 24.73 -12.44 57.89
CA SER B 1345 25.77 -11.78 58.67
C SER B 1345 25.20 -11.40 60.02
N GLY B 1346 25.93 -10.58 60.78
CA GLY B 1346 25.37 -10.06 61.99
C GLY B 1346 24.89 -8.64 61.83
N LYS B 1347 23.57 -8.44 61.87
CA LYS B 1347 23.02 -7.11 61.64
C LYS B 1347 22.04 -6.78 62.76
N THR B 1348 20.93 -7.53 62.84
CA THR B 1348 19.94 -7.24 63.86
C THR B 1348 20.51 -7.47 65.26
N THR B 1349 21.41 -8.46 65.39
CA THR B 1349 22.05 -8.69 66.68
C THR B 1349 23.11 -7.63 66.97
N LEU B 1350 23.81 -7.16 65.94
CA LEU B 1350 24.75 -6.05 66.13
C LEU B 1350 24.00 -4.80 66.56
N LEU B 1351 22.84 -4.54 65.95
CA LEU B 1351 22.00 -3.43 66.37
C LEU B 1351 21.55 -3.62 67.81
N GLN B 1352 21.04 -4.80 68.14
CA GLN B 1352 20.60 -5.08 69.50
C GLN B 1352 21.72 -5.07 70.52
N GLN B 1353 22.98 -5.04 70.09
CA GLN B 1353 24.10 -4.92 71.01
C GLN B 1353 24.67 -3.51 71.10
N LEU B 1354 24.49 -2.70 70.06
CA LEU B 1354 24.87 -1.29 70.15
C LEU B 1354 23.91 -0.53 71.04
N MET B 1355 22.62 -0.87 70.98
CA MET B 1355 21.60 -0.21 71.78
C MET B 1355 21.40 -0.86 73.14
N LYS B 1356 21.95 -2.06 73.35
CA LYS B 1356 21.88 -2.79 74.62
C LYS B 1356 20.44 -3.11 75.01
N THR B 1357 19.63 -3.48 74.04
CA THR B 1357 18.24 -3.87 74.28
C THR B 1357 18.10 -5.39 74.39
N LYS B 1358 18.74 -5.94 75.41
CA LYS B 1358 18.71 -7.38 75.63
C LYS B 1358 17.40 -7.79 76.30
N SER B 1366 16.30 -15.30 64.03
CA SER B 1366 15.13 -14.95 63.23
C SER B 1366 15.50 -13.95 62.13
N ALA B 1367 15.21 -14.32 60.88
CA ALA B 1367 15.57 -13.50 59.73
C ALA B 1367 14.80 -12.18 59.74
N THR B 1368 15.20 -11.29 58.85
CA THR B 1368 14.66 -9.95 58.77
C THR B 1368 13.74 -9.82 57.56
N VAL B 1369 12.58 -9.21 57.76
CA VAL B 1369 11.61 -8.98 56.69
C VAL B 1369 11.33 -7.49 56.65
N GLY B 1370 11.68 -6.86 55.54
CA GLY B 1370 11.54 -5.42 55.40
C GLY B 1370 12.84 -4.71 55.75
N ILE B 1371 12.74 -3.66 56.56
CA ILE B 1371 13.91 -2.86 56.91
C ILE B 1371 14.02 -2.60 58.42
N ASP B 1372 12.97 -2.81 59.21
CA ASP B 1372 13.00 -2.78 60.68
C ASP B 1372 13.52 -1.43 61.20
N VAL B 1373 12.70 -0.40 60.95
CA VAL B 1373 13.07 0.95 61.37
C VAL B 1373 12.94 1.07 62.88
N LYS B 1374 13.99 1.56 63.51
CA LYS B 1374 13.94 1.92 64.93
C LYS B 1374 14.56 3.30 65.12
N ASP B 1375 14.76 3.72 66.37
CA ASP B 1375 15.53 4.92 66.67
C ASP B 1375 16.01 4.88 68.12
N TRP B 1376 17.32 4.99 68.32
CA TRP B 1376 17.91 4.95 69.63
C TRP B 1376 18.60 6.26 69.96
N PRO B 1377 18.35 6.85 71.11
CA PRO B 1377 18.96 8.14 71.45
C PRO B 1377 20.32 7.95 72.11
N ILE B 1378 21.14 8.99 72.00
CA ILE B 1378 22.50 8.98 72.53
C ILE B 1378 22.69 10.23 73.38
N GLN B 1379 23.03 10.03 74.65
CA GLN B 1379 23.32 11.12 75.58
C GLN B 1379 24.82 11.35 75.59
N ILE B 1380 25.27 12.39 74.89
CA ILE B 1380 26.69 12.68 74.78
C ILE B 1380 27.25 13.04 76.14
N ARG B 1381 28.32 12.36 76.53
CA ARG B 1381 28.92 12.55 77.85
C ARG B 1381 29.88 13.74 77.91
N ASP B 1382 30.25 14.32 76.78
CA ASP B 1382 31.13 15.48 76.77
C ASP B 1382 30.38 16.71 77.30
N LYS B 1383 31.12 17.81 77.49
CA LYS B 1383 30.52 19.06 77.95
C LYS B 1383 29.38 19.51 77.04
N ARG B 1384 29.59 19.42 75.73
CA ARG B 1384 28.53 19.69 74.75
C ARG B 1384 27.63 18.46 74.69
N LYS B 1385 26.75 18.34 75.68
CA LYS B 1385 25.84 17.21 75.79
C LYS B 1385 24.73 17.37 74.76
N ARG B 1386 25.05 17.02 73.52
CA ARG B 1386 24.12 17.14 72.40
C ARG B 1386 23.36 15.83 72.28
N ASP B 1387 22.21 15.75 72.94
CA ASP B 1387 21.37 14.56 72.87
C ASP B 1387 20.79 14.42 71.47
N LEU B 1388 21.28 13.43 70.72
CA LEU B 1388 20.83 13.20 69.35
C LEU B 1388 20.15 11.84 69.27
N VAL B 1389 19.36 11.65 68.22
CA VAL B 1389 18.60 10.42 68.00
C VAL B 1389 18.93 9.89 66.63
N LEU B 1390 19.63 8.76 66.57
CA LEU B 1390 19.90 8.06 65.32
C LEU B 1390 18.77 7.07 65.07
N ASN B 1391 18.06 7.23 63.96
CA ASN B 1391 17.05 6.26 63.57
C ASN B 1391 17.68 5.24 62.62
N VAL B 1392 17.71 4.00 63.06
CA VAL B 1392 18.41 2.94 62.33
C VAL B 1392 17.47 2.30 61.33
N TRP B 1393 18.04 1.84 60.22
CA TRP B 1393 17.30 1.15 59.17
C TRP B 1393 18.06 -0.13 58.88
N ASP B 1394 17.74 -1.19 59.63
CA ASP B 1394 18.43 -2.47 59.52
C ASP B 1394 17.98 -3.19 58.26
N PHE B 1395 18.60 -2.83 57.13
CA PHE B 1395 18.25 -3.41 55.85
C PHE B 1395 18.38 -4.94 55.86
N ALA B 1396 17.35 -5.62 55.38
CA ALA B 1396 17.40 -7.07 55.28
C ALA B 1396 18.31 -7.48 54.13
N GLY B 1397 19.09 -8.53 54.34
CA GLY B 1397 20.10 -8.90 53.36
C GLY B 1397 19.62 -9.77 52.23
N ARG B 1398 18.45 -10.40 52.38
CA ARG B 1398 17.98 -11.39 51.42
C ARG B 1398 17.76 -10.77 50.04
N GLU B 1399 18.15 -11.50 49.00
CA GLU B 1399 18.25 -10.93 47.66
C GLU B 1399 16.91 -10.52 47.09
N GLU B 1400 15.83 -11.21 47.46
CA GLU B 1400 14.54 -10.97 46.82
C GLU B 1400 13.98 -9.59 47.14
N PHE B 1401 14.35 -9.02 48.29
CA PHE B 1401 13.88 -7.70 48.67
C PHE B 1401 14.61 -6.57 47.96
N TYR B 1402 15.75 -6.86 47.33
CA TYR B 1402 16.70 -5.83 46.89
C TYR B 1402 16.06 -4.72 46.09
N SER B 1403 15.08 -5.06 45.24
CA SER B 1403 14.48 -4.08 44.33
C SER B 1403 13.70 -2.97 45.05
N THR B 1404 13.50 -3.09 46.36
CA THR B 1404 12.91 -2.02 47.15
C THR B 1404 13.95 -1.23 47.93
N HIS B 1405 15.16 -1.76 48.07
CA HIS B 1405 16.19 -1.09 48.87
C HIS B 1405 16.63 0.28 48.37
N PRO B 1406 16.81 0.56 47.06
CA PRO B 1406 17.29 1.90 46.68
C PRO B 1406 16.33 3.02 47.02
N HIS B 1407 15.08 2.72 47.37
CA HIS B 1407 14.11 3.77 47.64
C HIS B 1407 14.33 4.44 48.99
N PHE B 1408 15.01 3.77 49.92
CA PHE B 1408 15.22 4.30 51.26
C PHE B 1408 16.69 4.62 51.53
N MET B 1409 17.47 4.88 50.49
CA MET B 1409 18.85 5.30 50.62
C MET B 1409 18.95 6.79 50.28
N THR B 1410 19.18 7.62 51.28
CA THR B 1410 19.24 9.07 51.10
C THR B 1410 20.66 9.54 51.33
N GLN B 1411 20.91 10.81 50.98
CA GLN B 1411 22.25 11.36 51.12
C GLN B 1411 22.58 11.65 52.58
N ARG B 1412 21.66 12.29 53.30
CA ARG B 1412 21.88 12.65 54.69
C ARG B 1412 21.79 11.41 55.58
N ALA B 1413 22.78 10.53 55.50
CA ALA B 1413 22.75 9.30 56.26
C ALA B 1413 24.15 8.73 56.37
N LEU B 1414 24.39 8.01 57.47
CA LEU B 1414 25.62 7.28 57.70
C LEU B 1414 25.34 5.79 57.58
N TYR B 1415 26.11 5.11 56.73
CA TYR B 1415 25.89 3.70 56.44
C TYR B 1415 26.90 2.83 57.18
N LEU B 1416 26.40 1.92 58.01
CA LEU B 1416 27.20 0.78 58.41
C LEU B 1416 27.18 -0.26 57.30
N ALA B 1417 28.11 -1.21 57.38
CA ALA B 1417 28.15 -2.32 56.42
C ALA B 1417 28.93 -3.46 57.05
N VAL B 1418 28.25 -4.58 57.31
CA VAL B 1418 28.84 -5.69 58.06
C VAL B 1418 29.07 -6.86 57.11
N TYR B 1419 30.16 -7.60 57.33
CA TYR B 1419 30.57 -8.55 56.32
C TYR B 1419 31.11 -9.89 56.84
N ASP B 1420 30.78 -10.28 58.07
CA ASP B 1420 30.90 -11.67 58.53
C ASP B 1420 32.30 -12.24 58.31
N LEU B 1421 33.26 -11.71 59.08
CA LEU B 1421 34.67 -12.12 59.00
C LEU B 1421 34.89 -13.63 59.05
N SER B 1422 33.91 -14.41 59.52
CA SER B 1422 34.09 -15.86 59.63
C SER B 1422 34.40 -16.48 58.27
N LYS B 1423 33.64 -16.09 57.23
CA LYS B 1423 33.90 -16.52 55.86
C LYS B 1423 34.93 -15.59 55.21
N GLY B 1424 36.08 -15.48 55.88
CA GLY B 1424 37.04 -14.43 55.55
C GLY B 1424 37.57 -14.54 54.13
N GLN B 1425 38.11 -13.41 53.67
CA GLN B 1425 38.81 -13.21 52.39
C GLN B 1425 37.88 -13.34 51.18
N ALA B 1426 36.61 -13.69 51.39
CA ALA B 1426 35.65 -13.81 50.30
C ALA B 1426 34.45 -12.91 50.49
N GLU B 1427 33.90 -12.84 51.71
CA GLU B 1427 32.75 -12.00 51.98
C GLU B 1427 33.08 -10.52 51.76
N VAL B 1428 34.34 -10.14 51.96
CA VAL B 1428 34.77 -8.77 51.69
C VAL B 1428 34.55 -8.42 50.22
N ASP B 1429 34.77 -9.38 49.33
CA ASP B 1429 34.49 -9.18 47.90
C ASP B 1429 33.00 -9.33 47.61
N ALA B 1430 32.29 -10.13 48.41
CA ALA B 1430 30.86 -10.33 48.21
C ALA B 1430 30.04 -9.12 48.63
N MET B 1431 30.58 -8.23 49.46
CA MET B 1431 29.87 -7.02 49.84
C MET B 1431 30.28 -5.81 48.99
N LYS B 1432 30.95 -6.06 47.86
CA LYS B 1432 31.20 -4.97 46.92
C LYS B 1432 29.93 -4.39 46.29
N PRO B 1433 28.90 -5.17 45.91
CA PRO B 1433 27.69 -4.54 45.37
C PRO B 1433 27.03 -3.54 46.31
N TRP B 1434 27.02 -3.83 47.62
CA TRP B 1434 26.48 -2.88 48.59
C TRP B 1434 27.22 -1.56 48.57
N LEU B 1435 28.56 -1.61 48.58
CA LEU B 1435 29.36 -0.39 48.52
C LEU B 1435 29.11 0.38 47.24
N PHE B 1436 29.05 -0.32 46.11
CA PHE B 1436 28.84 0.35 44.83
C PHE B 1436 27.46 1.00 44.76
N ASN B 1437 26.46 0.38 45.38
CA ASN B 1437 25.11 0.94 45.34
C ASN B 1437 24.97 2.13 46.27
N ILE B 1438 25.65 2.09 47.42
CA ILE B 1438 25.74 3.29 48.26
C ILE B 1438 26.34 4.43 47.46
N LYS B 1439 27.43 4.14 46.75
CA LYS B 1439 28.12 5.17 45.96
C LYS B 1439 27.24 5.61 44.78
N ALA B 1440 26.38 4.72 44.30
CA ALA B 1440 25.47 5.10 43.22
C ALA B 1440 24.34 5.98 43.73
N ARG B 1441 23.87 5.76 44.95
CA ARG B 1441 22.72 6.46 45.49
C ARG B 1441 23.12 7.68 46.31
N ALA B 1442 23.93 7.47 47.35
CA ALA B 1442 24.39 8.54 48.23
C ALA B 1442 25.90 8.64 48.07
N SER B 1443 26.32 9.51 47.15
CA SER B 1443 27.73 9.56 46.75
C SER B 1443 28.63 10.01 47.90
N SER B 1444 28.24 11.07 48.60
CA SER B 1444 29.12 11.69 49.60
C SER B 1444 28.71 11.34 51.02
N SER B 1445 28.27 10.10 51.27
CA SER B 1445 27.91 9.68 52.61
C SER B 1445 28.97 8.73 53.15
N PRO B 1446 29.47 8.96 54.37
CA PRO B 1446 30.50 8.09 54.93
C PRO B 1446 29.97 6.68 55.17
N VAL B 1447 30.89 5.73 55.20
CA VAL B 1447 30.59 4.33 55.41
C VAL B 1447 31.56 3.78 56.44
N ILE B 1448 31.06 2.92 57.34
CA ILE B 1448 31.88 2.31 58.38
C ILE B 1448 31.79 0.80 58.21
N LEU B 1449 32.86 0.19 57.73
CA LEU B 1449 32.94 -1.26 57.64
C LEU B 1449 33.01 -1.85 59.04
N VAL B 1450 32.29 -2.95 59.26
CA VAL B 1450 32.26 -3.62 60.54
C VAL B 1450 32.38 -5.12 60.31
N GLY B 1451 33.36 -5.75 60.94
CA GLY B 1451 33.54 -7.17 60.74
C GLY B 1451 33.02 -8.02 61.88
N THR B 1452 31.84 -8.62 61.71
CA THR B 1452 31.26 -9.44 62.75
C THR B 1452 32.00 -10.77 62.84
N HIS B 1453 31.54 -11.62 63.77
CA HIS B 1453 31.98 -13.01 63.88
C HIS B 1453 33.48 -13.13 64.15
N LEU B 1454 34.06 -12.15 64.85
CA LEU B 1454 35.46 -12.27 65.27
C LEU B 1454 35.68 -13.45 66.22
N ASP B 1455 34.62 -13.99 66.82
CA ASP B 1455 34.75 -15.09 67.77
C ASP B 1455 35.42 -16.29 67.12
N VAL B 1456 34.99 -16.66 65.93
CA VAL B 1456 35.52 -17.81 65.21
C VAL B 1456 36.54 -17.34 64.18
N SER B 1457 37.66 -18.06 64.11
CA SER B 1457 38.77 -17.76 63.20
C SER B 1457 39.30 -16.33 63.34
N LYS B 1463 41.94 -15.82 59.89
CA LYS B 1463 41.52 -15.17 58.64
C LYS B 1463 41.41 -13.67 58.82
N ALA B 1464 42.01 -13.15 59.89
CA ALA B 1464 42.05 -11.71 60.12
C ALA B 1464 42.84 -10.96 59.06
N CYS B 1465 43.51 -11.65 58.14
CA CYS B 1465 44.23 -11.03 57.03
C CYS B 1465 43.30 -10.43 55.98
N MET B 1466 41.98 -10.53 56.17
CA MET B 1466 41.05 -9.72 55.38
C MET B 1466 41.25 -8.23 55.59
N SER B 1467 41.89 -7.83 56.69
CA SER B 1467 42.31 -6.43 56.85
C SER B 1467 43.21 -5.98 55.72
N LYS B 1468 44.02 -6.89 55.16
CA LYS B 1468 44.90 -6.53 54.05
C LYS B 1468 44.11 -6.10 52.82
N ILE B 1469 43.16 -6.94 52.37
CA ILE B 1469 42.40 -6.63 51.16
C ILE B 1469 41.50 -5.42 51.36
N THR B 1470 40.94 -5.25 52.57
CA THR B 1470 40.10 -4.09 52.82
C THR B 1470 40.89 -2.80 52.96
N LYS B 1471 42.20 -2.88 53.14
CA LYS B 1471 43.06 -1.70 53.13
C LYS B 1471 43.63 -1.40 51.75
N GLU B 1472 43.60 -2.35 50.84
CA GLU B 1472 44.12 -2.17 49.48
C GLU B 1472 43.04 -2.10 48.42
N LEU B 1473 42.08 -3.03 48.44
CA LEU B 1473 41.10 -3.13 47.37
C LEU B 1473 39.90 -2.21 47.57
N LEU B 1474 39.34 -2.16 48.78
CA LEU B 1474 38.10 -1.46 49.03
C LEU B 1474 38.30 0.00 49.41
N ASN B 1475 39.49 0.56 49.20
CA ASN B 1475 39.76 1.90 49.70
C ASN B 1475 39.20 2.98 48.79
N LYS B 1476 39.70 3.07 47.55
CA LYS B 1476 39.36 4.20 46.70
C LYS B 1476 39.11 3.80 45.25
N ARG B 1477 38.56 2.61 45.01
CA ARG B 1477 38.30 2.14 43.65
C ARG B 1477 36.83 2.37 43.33
N GLY B 1478 36.51 3.62 42.97
CA GLY B 1478 35.14 4.01 42.67
C GLY B 1478 34.15 3.65 43.74
N PHE B 1479 34.52 3.86 45.00
CA PHE B 1479 33.79 3.37 46.16
C PHE B 1479 33.50 4.52 47.10
N PRO B 1480 32.48 4.37 48.02
CA PRO B 1480 31.94 5.53 48.75
C PRO B 1480 32.74 5.97 49.98
N ALA B 1481 34.06 6.06 49.82
CA ALA B 1481 34.95 6.72 50.79
C ALA B 1481 34.81 6.13 52.19
N ILE B 1482 35.21 4.85 52.29
CA ILE B 1482 35.27 4.16 53.58
C ILE B 1482 36.11 4.97 54.56
N ARG B 1483 35.54 5.26 55.73
CA ARG B 1483 36.17 6.15 56.69
C ARG B 1483 36.71 5.46 57.93
N ASP B 1484 36.50 4.15 58.09
CA ASP B 1484 37.01 3.42 59.24
C ASP B 1484 36.79 1.92 59.02
N TYR B 1485 37.56 1.14 59.76
CA TYR B 1485 37.40 -0.30 59.85
C TYR B 1485 37.11 -0.68 61.30
N HIS B 1486 36.41 -1.79 61.49
CA HIS B 1486 36.19 -2.33 62.84
C HIS B 1486 35.95 -3.82 62.74
N PHE B 1487 36.70 -4.60 63.50
CA PHE B 1487 36.51 -6.05 63.59
C PHE B 1487 35.97 -6.32 64.98
N VAL B 1488 34.65 -6.48 65.09
CA VAL B 1488 33.99 -6.56 66.38
C VAL B 1488 33.24 -7.89 66.50
N ASN B 1489 33.19 -8.41 67.72
CA ASN B 1489 32.30 -9.51 68.00
C ASN B 1489 30.86 -8.99 68.10
N ALA B 1490 29.91 -9.90 68.12
CA ALA B 1490 28.52 -9.56 68.41
C ALA B 1490 28.06 -10.37 69.62
N THR B 1491 26.82 -10.12 70.05
CA THR B 1491 26.12 -10.84 71.11
C THR B 1491 26.81 -10.71 72.47
N GLU B 1492 27.87 -9.91 72.60
CA GLU B 1492 28.61 -9.81 73.85
C GLU B 1492 29.30 -8.45 73.90
N GLU B 1493 28.89 -7.61 74.84
CA GLU B 1493 29.49 -6.29 75.01
C GLU B 1493 30.98 -6.43 75.32
N SER B 1494 31.79 -5.57 74.68
CA SER B 1494 33.23 -5.64 74.83
C SER B 1494 33.82 -4.28 74.49
N ASP B 1495 35.13 -4.16 74.71
CA ASP B 1495 35.83 -2.91 74.39
C ASP B 1495 35.80 -2.63 72.90
N ALA B 1496 35.79 -3.68 72.07
CA ALA B 1496 35.66 -3.48 70.63
C ALA B 1496 34.31 -2.89 70.28
N LEU B 1497 33.24 -3.41 70.88
CA LEU B 1497 31.91 -2.82 70.71
C LEU B 1497 31.89 -1.38 71.19
N ALA B 1498 32.57 -1.10 72.30
CA ALA B 1498 32.60 0.25 72.85
C ALA B 1498 33.28 1.21 71.89
N LYS B 1499 34.49 0.86 71.43
CA LYS B 1499 35.19 1.70 70.46
C LYS B 1499 34.37 1.88 69.19
N LEU B 1500 33.69 0.83 68.75
CA LEU B 1500 32.85 0.92 67.56
C LEU B 1500 31.73 1.94 67.75
N ARG B 1501 31.01 1.84 68.87
CA ARG B 1501 29.90 2.75 69.13
C ARG B 1501 30.36 4.19 69.24
N LYS B 1502 31.48 4.41 69.95
CA LYS B 1502 32.06 5.75 70.04
C LYS B 1502 32.43 6.29 68.67
N THR B 1503 32.89 5.42 67.76
CA THR B 1503 33.26 5.87 66.42
C THR B 1503 32.04 6.25 65.60
N ILE B 1504 30.93 5.51 65.75
CA ILE B 1504 29.68 5.88 65.10
C ILE B 1504 29.28 7.30 65.48
N ILE B 1505 29.29 7.60 66.78
CA ILE B 1505 28.88 8.92 67.25
C ILE B 1505 29.83 9.99 66.74
N ASN B 1506 31.14 9.71 66.78
CA ASN B 1506 32.11 10.71 66.32
C ASN B 1506 31.93 11.01 64.84
N GLU B 1507 31.83 9.96 64.02
CA GLU B 1507 31.61 10.16 62.59
C GLU B 1507 30.23 10.74 62.31
N SER B 1508 29.28 10.57 63.22
CA SER B 1508 27.98 11.20 63.09
C SER B 1508 28.11 12.72 63.15
N LEU B 1509 28.72 13.23 64.22
CA LEU B 1509 28.87 14.67 64.39
C LEU B 1509 29.69 15.29 63.26
N ASN B 1510 30.77 14.62 62.84
CA ASN B 1510 31.64 15.16 61.81
C ASN B 1510 31.17 14.73 60.43
N PHE B 1511 29.90 15.03 60.14
CA PHE B 1511 29.33 14.67 58.83
C PHE B 1511 29.71 15.73 57.80
N LYS B 1512 29.20 16.95 57.99
CA LYS B 1512 29.64 18.18 57.33
C LYS B 1512 29.76 18.02 55.80
N ILE B 1513 28.62 17.80 55.17
CA ILE B 1513 28.60 17.83 53.71
C ILE B 1513 28.71 19.27 53.25
N ARG B 1514 29.81 19.58 52.56
CA ARG B 1514 30.15 20.95 52.15
C ARG B 1514 30.11 21.91 53.34
N ASP B 1515 30.63 21.44 54.47
CA ASP B 1515 30.68 22.18 55.74
C ASP B 1515 29.27 22.60 56.18
N GLN B 1516 28.44 21.61 56.48
CA GLN B 1516 27.06 21.83 56.89
C GLN B 1516 26.78 21.48 58.33
N LEU B 1517 27.41 20.42 58.87
CA LEU B 1517 27.16 19.91 60.22
C LEU B 1517 25.68 19.55 60.40
N VAL B 1518 25.28 18.52 59.63
CA VAL B 1518 23.88 18.12 59.51
C VAL B 1518 23.25 17.87 60.88
N VAL B 1519 24.02 17.28 61.80
CA VAL B 1519 23.46 16.90 63.10
C VAL B 1519 23.10 18.10 63.95
N GLY B 1520 23.55 19.30 63.58
CA GLY B 1520 23.28 20.47 64.38
C GLY B 1520 22.80 21.68 63.60
N GLN B 1521 22.03 21.45 62.53
CA GLN B 1521 21.54 22.56 61.74
C GLN B 1521 20.29 23.17 62.39
N LEU B 1522 19.94 24.37 61.92
CA LEU B 1522 18.83 25.12 62.49
C LEU B 1522 17.53 24.83 61.75
N ILE B 1523 16.43 24.79 62.50
CA ILE B 1523 15.11 24.56 61.91
C ILE B 1523 14.10 25.46 62.59
N PRO B 1524 13.03 25.81 61.89
CA PRO B 1524 11.96 26.59 62.53
C PRO B 1524 11.27 25.77 63.62
N ASP B 1525 10.77 26.48 64.63
CA ASP B 1525 10.14 25.81 65.77
C ASP B 1525 8.92 25.01 65.35
N CYS B 1526 8.20 25.45 64.32
CA CYS B 1526 7.01 24.75 63.88
C CYS B 1526 7.34 23.33 63.41
N TYR B 1527 8.52 23.12 62.84
CA TYR B 1527 8.91 21.80 62.36
C TYR B 1527 9.04 20.83 63.53
N VAL B 1528 9.81 21.21 64.55
CA VAL B 1528 10.02 20.32 65.70
C VAL B 1528 8.71 20.17 66.49
N GLU B 1529 7.84 21.18 66.45
CA GLU B 1529 6.53 21.05 67.08
C GLU B 1529 5.69 19.99 66.38
N LEU B 1530 5.64 20.06 65.05
CA LEU B 1530 4.94 19.05 64.27
C LEU B 1530 5.54 17.67 64.50
N GLU B 1531 6.86 17.60 64.67
CA GLU B 1531 7.51 16.33 64.98
C GLU B 1531 6.99 15.75 66.29
N LYS B 1532 6.91 16.57 67.34
CA LYS B 1532 6.45 16.09 68.64
C LYS B 1532 5.00 15.60 68.58
N ILE B 1533 4.13 16.32 67.88
CA ILE B 1533 2.73 15.90 67.84
C ILE B 1533 2.56 14.63 67.02
N ILE B 1534 3.43 14.37 66.05
CA ILE B 1534 3.38 13.12 65.32
C ILE B 1534 3.80 11.95 66.21
N LEU B 1535 4.87 12.12 66.98
CA LEU B 1535 5.32 11.07 67.89
C LEU B 1535 4.28 10.77 68.97
N SER B 1536 3.49 11.77 69.37
CA SER B 1536 2.42 11.50 70.32
C SER B 1536 1.28 10.77 69.65
N GLU B 1537 0.92 11.18 68.43
CA GLU B 1537 -0.13 10.50 67.67
C GLU B 1537 0.24 9.09 67.26
N ARG B 1538 1.52 8.71 67.39
CA ARG B 1538 1.92 7.33 67.17
C ARG B 1538 1.20 6.39 68.12
N LYS B 1539 1.01 6.81 69.37
CA LYS B 1539 0.34 5.96 70.35
C LYS B 1539 -1.13 5.79 70.02
N ASN B 1540 -1.84 6.89 69.77
CA ASN B 1540 -3.29 6.87 69.56
C ASN B 1540 -3.59 6.72 68.07
N VAL B 1541 -3.41 5.49 67.58
CA VAL B 1541 -3.73 5.14 66.20
C VAL B 1541 -3.85 3.62 66.17
N PRO B 1542 -4.76 3.04 65.37
CA PRO B 1542 -4.87 1.57 65.30
C PRO B 1542 -3.54 0.93 64.94
N ILE B 1543 -3.08 0.03 65.80
CA ILE B 1543 -1.84 -0.70 65.56
C ILE B 1543 -1.91 -1.47 64.24
N GLU B 1544 -3.08 -2.04 63.93
CA GLU B 1544 -3.21 -2.79 62.69
C GLU B 1544 -3.14 -1.89 61.47
N PHE B 1545 -3.54 -0.63 61.59
CA PHE B 1545 -3.60 0.30 60.46
C PHE B 1545 -3.13 1.68 60.93
N PRO B 1546 -1.83 1.88 61.08
CA PRO B 1546 -1.32 3.11 61.68
C PRO B 1546 -1.37 4.34 60.77
N VAL B 1547 -2.03 4.26 59.61
CA VAL B 1547 -2.12 5.41 58.72
C VAL B 1547 -2.96 6.50 59.35
N ILE B 1548 -2.70 7.75 58.97
CA ILE B 1548 -3.44 8.91 59.47
C ILE B 1548 -3.96 9.67 58.27
N ASP B 1549 -4.98 10.50 58.52
CA ASP B 1549 -5.67 11.23 57.48
C ASP B 1549 -5.27 12.70 57.50
N ARG B 1550 -5.19 13.31 56.31
CA ARG B 1550 -4.82 14.71 56.20
C ARG B 1550 -5.81 15.61 56.94
N LYS B 1551 -7.10 15.25 56.91
CA LYS B 1551 -8.09 15.99 57.68
C LYS B 1551 -7.86 15.80 59.18
N ARG B 1552 -7.51 14.57 59.59
CA ARG B 1552 -7.16 14.33 60.99
C ARG B 1552 -5.92 15.12 61.39
N LEU B 1553 -4.93 15.20 60.49
CA LEU B 1553 -3.75 16.02 60.74
C LEU B 1553 -4.13 17.50 60.87
N LEU B 1554 -5.07 17.96 60.05
CA LEU B 1554 -5.51 19.35 60.12
C LEU B 1554 -6.18 19.63 61.46
N GLN B 1555 -7.03 18.72 61.92
CA GLN B 1555 -7.64 18.87 63.24
C GLN B 1555 -6.60 18.85 64.34
N LEU B 1556 -5.53 18.07 64.17
CA LEU B 1556 -4.46 18.03 65.16
C LEU B 1556 -3.73 19.37 65.25
N VAL B 1557 -3.33 19.93 64.12
CA VAL B 1557 -2.59 21.19 64.14
C VAL B 1557 -3.48 22.36 64.52
N ARG B 1558 -4.79 22.24 64.35
CA ARG B 1558 -5.71 23.26 64.84
C ARG B 1558 -5.88 23.18 66.36
N GLU B 1559 -5.95 21.97 66.91
CA GLU B 1559 -6.19 21.81 68.34
C GLU B 1559 -5.02 22.34 69.17
N ASN B 1560 -3.79 22.13 68.71
CA ASN B 1560 -2.63 22.53 69.49
C ASN B 1560 -2.24 23.97 69.13
N GLN B 1561 -1.09 24.41 69.63
CA GLN B 1561 -0.61 25.78 69.42
C GLN B 1561 0.21 25.94 68.14
N LEU B 1562 0.22 24.94 67.26
CA LEU B 1562 0.98 25.03 66.02
C LEU B 1562 0.45 26.15 65.15
N GLN B 1563 1.32 27.10 64.82
CA GLN B 1563 0.98 28.24 63.98
C GLN B 1563 1.24 27.98 62.50
N LEU B 1564 1.30 26.72 62.09
CA LEU B 1564 1.61 26.39 60.71
C LEU B 1564 0.39 26.63 59.82
N ASP B 1565 0.61 27.28 58.69
CA ASP B 1565 -0.46 27.59 57.75
C ASP B 1565 -0.68 26.41 56.80
N GLU B 1566 -1.76 26.51 56.02
CA GLU B 1566 -2.09 25.46 55.06
C GLU B 1566 -1.01 25.35 53.98
N ASN B 1567 -0.53 26.50 53.50
CA ASN B 1567 0.55 26.49 52.51
C ASN B 1567 1.88 26.04 53.13
N GLU B 1568 2.03 26.16 54.45
CA GLU B 1568 3.26 25.76 55.12
C GLU B 1568 3.31 24.28 55.43
N LEU B 1569 2.18 23.56 55.32
CA LEU B 1569 2.18 22.12 55.58
C LEU B 1569 3.11 21.35 54.65
N PRO B 1570 2.95 21.38 53.31
CA PRO B 1570 3.72 20.44 52.44
C PRO B 1570 5.22 20.47 52.67
N HIS B 1571 5.83 21.66 52.69
CA HIS B 1571 7.26 21.78 52.98
C HIS B 1571 7.59 21.19 54.35
N ALA B 1572 6.72 21.39 55.33
CA ALA B 1572 6.97 20.90 56.68
C ALA B 1572 7.03 19.37 56.71
N VAL B 1573 5.94 18.73 56.28
CA VAL B 1573 5.86 17.27 56.29
C VAL B 1573 6.94 16.66 55.40
N HIS B 1574 7.36 17.40 54.36
CA HIS B 1574 8.44 16.89 53.51
C HIS B 1574 9.76 16.85 54.27
N PHE B 1575 10.07 17.89 55.04
CA PHE B 1575 11.28 17.87 55.85
C PHE B 1575 11.23 16.75 56.89
N LEU B 1576 10.05 16.54 57.50
CA LEU B 1576 9.87 15.43 58.42
C LEU B 1576 10.09 14.09 57.72
N ASN B 1577 9.66 13.99 56.46
CA ASN B 1577 9.88 12.76 55.69
C ASN B 1577 11.37 12.49 55.53
N GLU B 1578 12.13 13.52 55.16
CA GLU B 1578 13.58 13.36 54.99
C GLU B 1578 14.25 12.88 56.27
N SER B 1579 13.72 13.28 57.43
CA SER B 1579 14.28 12.89 58.72
C SER B 1579 13.85 11.50 59.15
N GLY B 1580 13.03 10.81 58.36
CA GLY B 1580 12.57 9.48 58.73
C GLY B 1580 11.66 9.44 59.93
N VAL B 1581 10.66 10.32 59.98
CA VAL B 1581 9.68 10.33 61.06
C VAL B 1581 8.38 9.72 60.54
N LEU B 1582 7.81 10.34 59.52
CA LEU B 1582 6.65 9.80 58.82
C LEU B 1582 6.91 9.84 57.33
N LEU B 1583 6.40 8.83 56.62
CA LEU B 1583 6.59 8.73 55.18
C LEU B 1583 5.35 9.25 54.46
N HIS B 1584 5.57 9.91 53.33
CA HIS B 1584 4.47 10.47 52.55
C HIS B 1584 4.96 10.64 51.12
N PHE B 1585 3.98 10.80 50.21
CA PHE B 1585 4.26 10.98 48.79
C PHE B 1585 3.26 12.01 48.27
N GLN B 1586 3.69 13.27 48.25
CA GLN B 1586 2.83 14.39 47.87
C GLN B 1586 2.54 14.44 46.38
N ASP B 1587 3.19 13.61 45.57
CA ASP B 1587 2.96 13.62 44.13
C ASP B 1587 1.50 13.26 43.83
N PRO B 1588 0.85 13.94 42.87
CA PRO B 1588 -0.55 13.64 42.58
C PRO B 1588 -0.76 12.45 41.67
N ALA B 1589 0.32 11.82 41.18
CA ALA B 1589 0.18 10.58 40.42
C ALA B 1589 -0.46 9.48 41.24
N LEU B 1590 -0.24 9.48 42.55
CA LEU B 1590 -0.86 8.56 43.48
C LEU B 1590 -1.93 9.28 44.29
N GLN B 1591 -2.88 8.51 44.80
CA GLN B 1591 -3.93 9.03 45.67
C GLN B 1591 -3.48 9.13 47.12
N LEU B 1592 -2.18 8.97 47.39
CA LEU B 1592 -1.65 8.94 48.75
C LEU B 1592 -1.39 10.33 49.32
N SER B 1593 -1.67 11.40 48.58
CA SER B 1593 -1.45 12.75 49.10
C SER B 1593 -2.38 13.11 50.23
N ASP B 1594 -3.41 12.31 50.51
CA ASP B 1594 -4.29 12.53 51.64
C ASP B 1594 -4.01 11.57 52.80
N LEU B 1595 -3.24 10.52 52.57
CA LEU B 1595 -2.88 9.55 53.60
C LEU B 1595 -1.42 9.75 53.99
N TYR B 1596 -1.18 9.96 55.28
CA TYR B 1596 0.17 10.21 55.79
C TYR B 1596 0.58 9.03 56.65
N PHE B 1597 1.59 8.30 56.17
CA PHE B 1597 2.00 7.06 56.82
C PHE B 1597 2.81 7.38 58.06
N VAL B 1598 2.30 6.95 59.21
CA VAL B 1598 2.98 7.10 60.49
C VAL B 1598 3.51 5.73 60.89
N GLU B 1599 4.62 5.73 61.65
CA GLU B 1599 5.34 4.52 62.06
C GLU B 1599 5.77 3.76 60.81
N PRO B 1600 6.77 4.25 60.09
CA PRO B 1600 7.08 3.68 58.76
C PRO B 1600 7.52 2.23 58.79
N LYS B 1601 7.99 1.72 59.93
CA LYS B 1601 8.43 0.34 59.99
C LYS B 1601 7.28 -0.62 59.67
N TRP B 1602 6.06 -0.27 60.08
CA TRP B 1602 4.89 -1.08 59.74
C TRP B 1602 4.66 -1.12 58.23
N LEU B 1603 4.67 0.05 57.59
CA LEU B 1603 4.47 0.14 56.14
C LEU B 1603 5.45 -0.74 55.38
N CYS B 1604 6.73 -0.64 55.73
CA CYS B 1604 7.77 -1.33 54.96
C CYS B 1604 7.70 -2.84 55.18
N LYS B 1605 7.42 -3.26 56.41
CA LYS B 1605 7.25 -4.69 56.69
C LYS B 1605 6.07 -5.27 55.92
N ILE B 1606 4.94 -4.55 55.88
CA ILE B 1606 3.75 -5.05 55.19
C ILE B 1606 3.98 -5.12 53.68
N MET B 1607 4.70 -4.14 53.12
CA MET B 1607 4.95 -4.18 51.69
C MET B 1607 5.92 -5.29 51.32
N ALA B 1608 6.92 -5.54 52.16
CA ALA B 1608 7.83 -6.66 51.91
C ALA B 1608 7.22 -8.01 52.27
N GLN B 1609 6.03 -8.04 52.90
CA GLN B 1609 5.41 -9.30 53.28
C GLN B 1609 5.14 -10.18 52.07
N ILE B 1610 4.52 -9.62 51.03
CA ILE B 1610 4.07 -10.42 49.90
C ILE B 1610 5.21 -10.95 49.05
N LEU B 1611 6.45 -10.52 49.31
CA LEU B 1611 7.57 -11.01 48.51
C LEU B 1611 7.93 -12.44 48.88
N THR B 1612 7.83 -12.81 50.16
CA THR B 1612 8.18 -14.16 50.59
C THR B 1612 7.07 -15.18 50.38
N VAL B 1613 5.99 -14.81 49.70
CA VAL B 1613 4.91 -15.75 49.43
C VAL B 1613 4.56 -15.74 47.95
N PRO B 1642 -8.89 -4.05 55.64
CA PRO B 1642 -8.63 -2.78 54.94
C PRO B 1642 -8.93 -2.88 53.44
N LYS B 1643 -10.08 -3.43 53.10
CA LYS B 1643 -10.50 -3.57 51.70
C LYS B 1643 -10.93 -2.24 51.08
N ASN B 1644 -10.89 -1.13 51.82
CA ASN B 1644 -11.29 0.15 51.26
C ASN B 1644 -10.19 0.77 50.42
N TYR B 1645 -8.93 0.64 50.86
CA TYR B 1645 -7.79 1.23 50.19
C TYR B 1645 -7.05 0.24 49.30
N MET B 1646 -7.68 -0.89 48.97
CA MET B 1646 -7.06 -1.91 48.13
C MET B 1646 -6.60 -1.34 46.79
N THR B 1647 -7.34 -0.38 46.24
CA THR B 1647 -6.91 0.26 45.01
C THR B 1647 -5.65 1.11 45.25
N GLN B 1648 -5.63 1.91 46.31
CA GLN B 1648 -4.42 2.63 46.68
C GLN B 1648 -3.30 1.68 47.08
N TYR B 1649 -3.65 0.54 47.69
CA TYR B 1649 -2.67 -0.50 48.02
C TYR B 1649 -1.90 -0.93 46.78
N PHE B 1650 -2.61 -1.23 45.70
CA PHE B 1650 -1.96 -1.67 44.47
C PHE B 1650 -1.19 -0.53 43.82
N LYS B 1651 -1.71 0.69 43.91
CA LYS B 1651 -1.02 1.86 43.35
C LYS B 1651 0.35 2.04 43.98
N LEU B 1652 0.40 2.09 45.32
CA LEU B 1652 1.68 2.22 46.00
C LEU B 1652 2.54 0.96 45.85
N LEU B 1653 1.89 -0.19 45.66
CA LEU B 1653 2.64 -1.40 45.33
C LEU B 1653 3.39 -1.25 44.01
N GLU B 1654 2.76 -0.60 43.03
CA GLU B 1654 3.48 -0.24 41.81
C GLU B 1654 4.55 0.81 42.09
N LYS B 1655 4.25 1.77 42.98
CA LYS B 1655 5.25 2.75 43.38
C LYS B 1655 6.45 2.12 44.09
N PHE B 1656 6.29 0.91 44.63
CA PHE B 1656 7.40 0.14 45.16
C PHE B 1656 7.94 -0.86 44.14
N GLN B 1657 7.49 -0.77 42.88
CA GLN B 1657 7.91 -1.66 41.81
C GLN B 1657 7.66 -3.13 42.17
N ILE B 1658 6.43 -3.43 42.55
CA ILE B 1658 6.02 -4.79 42.87
C ILE B 1658 4.95 -5.22 41.87
N ALA B 1659 4.23 -4.25 41.33
CA ALA B 1659 3.21 -4.53 40.31
C ALA B 1659 2.96 -3.30 39.44
N LEU B 1668 1.38 -8.83 38.14
CA LEU B 1668 2.74 -9.12 37.70
C LEU B 1668 3.74 -8.65 38.74
N VAL B 1669 4.72 -9.50 39.04
CA VAL B 1669 5.78 -9.18 40.01
C VAL B 1669 7.10 -9.19 39.26
N PRO B 1670 7.76 -8.03 39.09
CA PRO B 1670 9.03 -8.01 38.35
C PRO B 1670 10.13 -8.88 38.97
N SER B 1671 10.19 -8.96 40.29
CA SER B 1671 11.11 -9.90 40.91
C SER B 1671 10.59 -11.33 40.75
N SER B 1672 11.49 -12.30 40.94
CA SER B 1672 11.20 -13.73 40.78
C SER B 1672 10.69 -14.02 39.36
N LEU B 1673 11.56 -13.81 38.39
CA LEU B 1673 11.24 -14.01 36.98
C LEU B 1673 12.25 -14.92 36.32
N SER B 1674 12.67 -15.96 37.04
CA SER B 1674 13.33 -17.16 36.52
C SER B 1674 14.77 -16.95 36.08
N ASP B 1675 15.22 -15.70 36.01
CA ASP B 1675 16.64 -15.34 35.87
C ASP B 1675 17.30 -15.93 34.62
N HIS B 1676 16.54 -16.61 33.76
CA HIS B 1676 17.08 -17.40 32.67
C HIS B 1676 16.64 -16.76 31.36
N ARG B 1677 17.60 -16.24 30.60
CA ARG B 1677 17.33 -15.78 29.26
C ARG B 1677 16.70 -16.91 28.43
N PRO B 1678 15.63 -16.66 27.70
CA PRO B 1678 15.15 -17.65 26.74
C PRO B 1678 15.85 -17.46 25.41
N VAL B 1679 16.13 -18.59 24.75
CA VAL B 1679 16.84 -18.56 23.48
C VAL B 1679 16.03 -17.76 22.48
N ILE B 1680 16.65 -16.76 21.85
CA ILE B 1680 15.97 -15.87 20.92
C ILE B 1680 16.74 -15.88 19.61
N GLU B 1681 16.26 -16.65 18.64
CA GLU B 1681 16.85 -16.70 17.31
C GLU B 1681 16.33 -15.49 16.56
N LEU B 1682 17.05 -14.38 16.67
CA LEU B 1682 16.64 -13.14 16.04
C LEU B 1682 16.64 -13.31 14.52
N PRO B 1683 15.73 -12.61 13.80
CA PRO B 1683 15.66 -12.80 12.34
C PRO B 1683 16.92 -12.33 11.64
N HIS B 1684 17.37 -11.14 11.99
CA HIS B 1684 18.45 -10.46 11.30
C HIS B 1684 19.76 -10.72 12.02
N CYS B 1685 20.78 -11.13 11.28
CA CYS B 1685 22.08 -11.27 11.90
C CYS B 1685 22.99 -10.26 11.22
N GLU B 1686 24.22 -10.64 10.85
CA GLU B 1686 25.11 -9.76 10.12
C GLU B 1686 25.51 -8.60 11.03
N ASN B 1687 26.16 -7.57 10.49
CA ASN B 1687 26.45 -6.38 11.26
C ASN B 1687 25.85 -5.13 10.65
N SER B 1688 25.62 -5.13 9.34
CA SER B 1688 25.14 -3.93 8.64
C SER B 1688 23.72 -3.56 9.07
N GLU B 1689 22.84 -4.56 9.18
CA GLU B 1689 21.42 -4.32 9.40
C GLU B 1689 21.01 -4.16 10.86
N ILE B 1690 21.95 -4.02 11.79
CA ILE B 1690 21.61 -3.95 13.21
C ILE B 1690 22.43 -2.84 13.85
N ILE B 1691 22.04 -2.49 15.08
CA ILE B 1691 22.73 -1.47 15.87
C ILE B 1691 22.86 -1.98 17.30
N ILE B 1692 24.08 -2.01 17.81
CA ILE B 1692 24.33 -2.37 19.19
C ILE B 1692 24.73 -1.12 19.94
N ARG B 1693 24.54 -1.13 21.27
CA ARG B 1693 25.05 -0.05 22.10
C ARG B 1693 25.24 -0.59 23.52
N LEU B 1694 26.48 -0.92 23.85
CA LEU B 1694 26.77 -1.46 25.17
C LEU B 1694 26.66 -0.36 26.21
N TYR B 1695 26.57 -0.78 27.47
CA TYR B 1695 26.55 0.13 28.62
C TYR B 1695 27.35 -0.57 29.70
N GLU B 1696 28.54 -0.06 29.99
CA GLU B 1696 29.46 -0.74 30.89
C GLU B 1696 29.47 -0.06 32.25
N MET B 1697 29.03 -0.80 33.27
CA MET B 1697 29.11 -0.45 34.67
C MET B 1697 29.63 -1.65 35.44
N PRO B 1698 30.40 -1.43 36.54
CA PRO B 1698 31.04 -2.55 37.24
C PRO B 1698 30.06 -3.63 37.67
N TYR B 1699 29.08 -3.25 38.47
CA TYR B 1699 27.96 -4.11 38.81
C TYR B 1699 26.68 -3.38 38.47
N PHE B 1700 25.62 -4.14 38.25
CA PHE B 1700 24.32 -3.51 38.08
C PHE B 1700 23.92 -2.82 39.38
N PRO B 1701 23.28 -1.65 39.32
CA PRO B 1701 22.87 -0.97 40.54
C PRO B 1701 21.91 -1.80 41.36
N MET B 1702 21.66 -1.33 42.58
CA MET B 1702 20.94 -2.10 43.59
C MET B 1702 19.60 -2.62 43.07
N GLY B 1703 18.74 -1.70 42.62
CA GLY B 1703 17.43 -2.09 42.16
C GLY B 1703 17.16 -1.64 40.75
N PHE B 1704 18.17 -1.72 39.87
CA PHE B 1704 18.09 -1.07 38.57
C PHE B 1704 17.02 -1.71 37.70
N TRP B 1705 17.12 -3.01 37.44
CA TRP B 1705 16.41 -3.63 36.34
C TRP B 1705 14.89 -3.56 36.50
N SER B 1706 14.39 -3.68 37.73
CA SER B 1706 12.97 -3.53 37.98
C SER B 1706 12.47 -2.15 37.55
N ARG B 1707 13.19 -1.10 37.96
CA ARG B 1707 12.82 0.26 37.56
C ARG B 1707 12.79 0.42 36.04
N LEU B 1708 13.82 -0.08 35.36
CA LEU B 1708 13.91 0.06 33.91
C LEU B 1708 12.74 -0.64 33.22
N ILE B 1709 12.55 -1.94 33.53
CA ILE B 1709 11.46 -2.71 32.91
C ILE B 1709 10.13 -2.02 33.12
N ASN B 1710 9.83 -1.65 34.37
CA ASN B 1710 8.59 -0.97 34.68
C ASN B 1710 8.50 0.40 34.00
N ARG B 1711 9.65 0.98 33.63
CA ARG B 1711 9.64 2.26 32.91
C ARG B 1711 9.37 2.05 31.42
N LEU B 1712 10.02 1.07 30.82
CA LEU B 1712 9.79 0.74 29.41
C LEU B 1712 8.47 0.01 29.18
N LEU B 1713 7.60 -0.09 30.17
CA LEU B 1713 6.37 -0.87 30.05
C LEU B 1713 5.45 -0.15 29.09
N GLU B 1714 5.44 -0.58 27.82
CA GLU B 1714 4.62 -0.04 26.74
C GLU B 1714 4.82 1.47 26.54
N ILE B 1715 5.87 2.05 27.10
CA ILE B 1715 6.10 3.48 27.05
C ILE B 1715 7.05 3.86 25.91
N SER B 1716 7.26 2.96 24.94
CA SER B 1716 8.16 3.23 23.82
C SER B 1716 7.60 2.59 22.55
N PRO B 1717 6.54 3.16 21.98
CA PRO B 1717 6.01 2.63 20.73
C PRO B 1717 6.75 3.19 19.52
N TYR B 1718 6.94 2.34 18.51
CA TYR B 1718 7.65 2.76 17.31
C TYR B 1718 6.93 3.90 16.60
N MET B 1719 5.60 3.83 16.54
CA MET B 1719 4.79 4.86 15.91
C MET B 1719 4.25 5.82 16.96
N LEU B 1720 3.54 6.84 16.50
CA LEU B 1720 2.95 7.83 17.39
C LEU B 1720 1.59 7.36 17.90
N ALA B 1726 -2.01 2.55 19.81
CA ALA B 1726 -2.36 2.15 18.45
C ALA B 1726 -2.24 0.63 18.28
N LEU B 1727 -1.01 0.13 18.39
CA LEU B 1727 -0.73 -1.29 18.26
C LEU B 1727 0.00 -1.79 19.50
N ARG B 1728 -0.35 -2.99 19.93
CA ARG B 1728 0.30 -3.61 21.07
C ARG B 1728 1.45 -4.49 20.59
N PRO B 1729 2.65 -4.32 21.14
CA PRO B 1729 3.78 -5.16 20.71
C PRO B 1729 3.93 -6.43 21.53
N ASN B 1730 4.48 -7.44 20.89
CA ASN B 1730 4.79 -8.69 21.57
C ASN B 1730 5.94 -8.47 22.53
N ARG B 1731 5.81 -8.97 23.75
CA ARG B 1731 6.79 -8.73 24.81
C ARG B 1731 7.13 -10.04 25.50
N MET B 1732 8.40 -10.22 25.85
CA MET B 1732 8.88 -11.40 26.57
C MET B 1732 9.69 -10.91 27.77
N TYR B 1733 9.01 -10.60 28.87
CA TYR B 1733 9.70 -10.12 30.05
C TYR B 1733 10.55 -11.22 30.67
N TRP B 1734 11.66 -10.81 31.26
CA TRP B 1734 12.44 -11.63 32.18
C TRP B 1734 13.35 -10.70 32.96
N ARG B 1735 13.83 -11.18 34.11
CA ARG B 1735 14.51 -10.33 35.10
C ARG B 1735 15.67 -9.52 34.53
N GLN B 1736 16.15 -9.85 33.34
CA GLN B 1736 17.29 -9.18 32.72
C GLN B 1736 17.02 -8.92 31.25
N GLY B 1737 15.82 -8.45 30.92
CA GLY B 1737 15.54 -8.10 29.53
C GLY B 1737 14.06 -7.91 29.30
N ILE B 1738 13.75 -7.33 28.14
CA ILE B 1738 12.36 -7.06 27.80
C ILE B 1738 12.02 -7.64 26.44
N TYR B 1739 12.72 -7.18 25.42
CA TYR B 1739 12.54 -7.62 24.03
C TYR B 1739 11.09 -7.42 23.58
N LEU B 1740 10.72 -6.15 23.42
CA LEU B 1740 9.53 -5.83 22.65
C LEU B 1740 9.68 -6.32 21.22
N ASN B 1741 8.55 -6.43 20.51
CA ASN B 1741 8.60 -6.90 19.13
C ASN B 1741 7.32 -6.48 18.40
N TRP B 1742 7.47 -5.66 17.37
CA TRP B 1742 6.37 -5.28 16.49
C TRP B 1742 6.40 -6.11 15.21
N SER B 1743 7.51 -6.05 14.49
CA SER B 1743 7.62 -6.57 13.14
C SER B 1743 9.03 -7.11 12.98
N PRO B 1744 9.32 -7.88 11.92
CA PRO B 1744 10.69 -8.41 11.78
C PRO B 1744 11.74 -7.32 11.61
N GLU B 1745 11.34 -6.10 11.27
CA GLU B 1745 12.27 -4.99 11.11
C GLU B 1745 11.98 -3.84 12.07
N ALA B 1746 11.15 -4.08 13.08
CA ALA B 1746 10.74 -3.03 14.01
C ALA B 1746 10.75 -3.53 15.44
N TYR B 1747 11.77 -4.27 15.84
CA TYR B 1747 11.85 -4.81 17.19
C TYR B 1747 12.81 -3.99 18.03
N CYS B 1748 13.07 -4.47 19.25
CA CYS B 1748 13.96 -3.85 20.21
C CYS B 1748 14.20 -4.85 21.32
N LEU B 1749 15.42 -4.84 21.87
CA LEU B 1749 15.83 -5.85 22.84
C LEU B 1749 16.86 -5.22 23.76
N VAL B 1750 16.46 -4.93 25.00
CA VAL B 1750 17.36 -4.38 25.99
C VAL B 1750 17.63 -5.47 27.02
N GLY B 1751 18.82 -6.06 26.99
CA GLY B 1751 19.08 -7.19 27.85
C GLY B 1751 20.52 -7.35 28.27
N SER B 1752 20.72 -7.82 29.50
CA SER B 1752 22.05 -7.98 30.06
C SER B 1752 22.87 -8.98 29.24
N GLU B 1753 24.18 -8.78 29.22
CA GLU B 1753 25.08 -9.68 28.52
C GLU B 1753 26.43 -9.61 29.20
N VAL B 1754 27.04 -10.78 29.44
CA VAL B 1754 28.37 -10.85 30.03
C VAL B 1754 29.37 -11.16 28.93
N LEU B 1755 30.55 -10.57 29.02
CA LEU B 1755 31.64 -10.81 28.10
C LEU B 1755 32.79 -11.51 28.81
N ASP B 1756 33.42 -12.45 28.12
CA ASP B 1756 34.51 -13.22 28.71
C ASP B 1756 35.68 -12.30 29.04
N ASN B 1757 36.40 -12.65 30.12
CA ASN B 1757 37.51 -11.87 30.65
C ASN B 1757 37.10 -10.43 30.95
N HIS B 1758 35.91 -10.27 31.52
CA HIS B 1758 35.36 -8.95 31.84
C HIS B 1758 34.45 -9.09 33.05
N PRO B 1759 34.91 -8.73 34.25
CA PRO B 1759 34.05 -8.80 35.42
C PRO B 1759 33.01 -7.70 35.50
N GLU B 1760 32.94 -6.82 34.50
CA GLU B 1760 31.96 -5.74 34.47
C GLU B 1760 30.60 -6.28 34.06
N SER B 1761 29.64 -5.38 33.91
CA SER B 1761 28.29 -5.71 33.47
C SER B 1761 27.96 -4.88 32.24
N PHE B 1762 27.04 -5.39 31.42
CA PHE B 1762 26.70 -4.73 30.17
C PHE B 1762 25.19 -4.74 29.96
N LEU B 1763 24.74 -3.85 29.11
CA LEU B 1763 23.31 -3.64 28.84
C LEU B 1763 23.08 -3.54 27.33
N LYS B 1764 23.56 -4.55 26.61
CA LYS B 1764 23.44 -4.64 25.15
C LYS B 1764 22.02 -4.29 24.70
N ILE B 1765 21.93 -3.43 23.68
CA ILE B 1765 20.66 -2.97 23.14
C ILE B 1765 20.68 -3.24 21.64
N THR B 1766 20.00 -4.31 21.21
CA THR B 1766 19.99 -4.69 19.81
C THR B 1766 18.79 -4.05 19.13
N VAL B 1767 19.02 -3.36 18.03
CA VAL B 1767 18.01 -2.56 17.35
C VAL B 1767 18.25 -2.65 15.85
N PRO B 1768 17.21 -2.83 15.02
CA PRO B 1768 17.42 -2.91 13.57
C PRO B 1768 17.83 -1.57 12.99
N SER B 1769 18.49 -1.64 11.84
CA SER B 1769 19.03 -0.45 11.19
C SER B 1769 17.98 0.39 10.50
N CYS B 1770 16.73 -0.07 10.42
CA CYS B 1770 15.67 0.66 9.75
C CYS B 1770 15.33 1.96 10.51
N ARG B 1771 14.45 2.75 9.91
CA ARG B 1771 14.05 4.02 10.52
C ARG B 1771 13.36 3.80 11.85
N LYS B 1772 12.31 2.97 11.87
CA LYS B 1772 11.60 2.65 13.10
C LYS B 1772 12.54 2.13 14.18
N GLY B 1773 13.57 1.39 13.78
CA GLY B 1773 14.61 0.99 14.72
C GLY B 1773 15.25 2.18 15.42
N CYS B 1774 15.74 3.15 14.63
CA CYS B 1774 16.38 4.34 15.17
C CYS B 1774 15.47 5.09 16.13
N ILE B 1775 14.17 5.14 15.84
CA ILE B 1775 13.22 5.79 16.73
C ILE B 1775 13.23 5.12 18.10
N LEU B 1776 13.13 3.79 18.11
CA LEU B 1776 13.15 3.04 19.36
C LEU B 1776 14.46 3.24 20.11
N LEU B 1777 15.59 3.25 19.39
CA LEU B 1777 16.89 3.46 20.01
C LEU B 1777 16.95 4.80 20.73
N GLY B 1778 16.47 5.86 20.08
CA GLY B 1778 16.45 7.16 20.72
C GLY B 1778 15.66 7.18 22.02
N GLN B 1779 14.43 6.66 21.98
CA GLN B 1779 13.57 6.66 23.16
C GLN B 1779 14.18 5.86 24.31
N VAL B 1780 14.80 4.71 24.01
CA VAL B 1780 15.33 3.85 25.06
C VAL B 1780 16.54 4.49 25.73
N VAL B 1781 17.45 5.08 24.94
CA VAL B 1781 18.62 5.73 25.51
C VAL B 1781 18.19 6.90 26.39
N ASP B 1782 17.18 7.65 25.96
CA ASP B 1782 16.65 8.73 26.78
C ASP B 1782 16.12 8.20 28.11
N HIS B 1783 15.33 7.13 28.06
CA HIS B 1783 14.73 6.60 29.28
C HIS B 1783 15.79 6.05 30.22
N ILE B 1784 16.83 5.41 29.68
CA ILE B 1784 17.87 4.84 30.53
C ILE B 1784 18.70 5.95 31.17
N ASP B 1785 19.12 6.91 30.35
CA ASP B 1785 19.84 8.08 30.86
C ASP B 1785 19.00 8.85 31.88
N SER B 1786 17.68 8.89 31.68
CA SER B 1786 16.81 9.54 32.65
C SER B 1786 16.87 8.81 33.99
N LEU B 1787 16.77 7.48 33.96
CA LEU B 1787 16.85 6.69 35.19
C LEU B 1787 18.19 6.91 35.88
N MET B 1788 19.26 7.04 35.11
CA MET B 1788 20.58 7.20 35.73
C MET B 1788 20.73 8.58 36.36
N GLU B 1789 20.25 9.61 35.68
CA GLU B 1789 20.35 10.96 36.24
C GLU B 1789 19.37 11.20 37.37
N GLU B 1790 18.30 10.41 37.45
CA GLU B 1790 17.26 10.63 38.45
C GLU B 1790 17.35 9.69 39.64
N TRP B 1791 17.88 8.48 39.46
CA TRP B 1791 17.95 7.52 40.55
C TRP B 1791 19.36 7.35 41.09
N PHE B 1792 20.34 7.06 40.24
CA PHE B 1792 21.70 6.75 40.66
C PHE B 1792 22.64 7.83 40.12
N PRO B 1793 22.73 8.98 40.77
CA PRO B 1793 23.60 10.05 40.26
C PRO B 1793 25.08 9.72 40.32
N GLY B 1794 25.49 8.86 41.26
CA GLY B 1794 26.89 8.51 41.44
C GLY B 1794 27.54 7.84 40.24
N LEU B 1795 26.76 7.40 39.26
CA LEU B 1795 27.33 6.73 38.10
C LEU B 1795 27.50 7.67 36.91
N LEU B 1796 27.37 8.98 37.11
CA LEU B 1796 27.57 9.93 36.03
C LEU B 1796 28.61 10.99 36.34
N GLU B 1797 28.80 11.34 37.61
CA GLU B 1797 29.75 12.37 37.99
C GLU B 1797 31.17 11.89 37.82
N ILE B 1798 32.00 12.67 37.12
CA ILE B 1798 33.40 12.34 36.97
C ILE B 1798 34.10 12.50 38.31
N ASP B 1799 35.09 11.66 38.57
CA ASP B 1799 35.81 11.68 39.84
C ASP B 1799 36.74 12.89 39.98
N GLY B 1804 39.43 9.71 36.56
CA GLY B 1804 37.99 9.54 36.64
C GLY B 1804 37.40 8.76 35.48
N GLU B 1805 37.21 7.46 35.68
CA GLU B 1805 36.64 6.59 34.66
C GLU B 1805 35.12 6.68 34.57
N THR B 1806 34.48 7.49 35.43
CA THR B 1806 33.06 7.80 35.43
C THR B 1806 32.21 6.62 35.90
N LEU B 1807 32.82 5.45 36.07
CA LEU B 1807 32.18 4.19 36.48
C LEU B 1807 31.03 3.77 35.59
N LEU B 1808 30.83 4.45 34.45
CA LEU B 1808 29.76 4.13 33.51
C LEU B 1808 30.22 4.64 32.16
N LYS B 1809 30.50 3.72 31.25
CA LYS B 1809 31.06 4.04 29.94
C LYS B 1809 30.15 3.47 28.88
N LYS B 1810 29.61 4.35 28.04
CA LYS B 1810 28.69 3.96 26.99
C LYS B 1810 29.47 3.70 25.72
N TRP B 1811 29.34 2.50 25.16
CA TRP B 1811 30.04 2.17 23.94
C TRP B 1811 29.09 2.24 22.74
N ALA B 1812 29.65 2.03 21.56
CA ALA B 1812 28.89 1.85 20.33
C ALA B 1812 29.64 0.83 19.48
N LEU B 1813 28.90 -0.01 18.77
CA LEU B 1813 29.50 -1.10 18.02
C LEU B 1813 29.35 -0.83 16.52
N TYR B 1814 30.47 -0.91 15.81
CA TYR B 1814 30.53 -0.63 14.37
C TYR B 1814 31.50 -1.61 13.73
N SER B 1815 31.31 -1.84 12.43
CA SER B 1815 32.12 -2.81 11.70
C SER B 1815 32.53 -2.20 10.36
N PHE B 1816 33.75 -1.63 10.30
CA PHE B 1816 34.32 -1.13 9.07
C PHE B 1816 34.60 -2.22 8.04
N ASN B 1817 34.42 -3.49 8.40
CA ASN B 1817 34.71 -4.63 7.54
C ASN B 1817 33.51 -5.04 6.69
N ASP B 1818 32.63 -4.08 6.37
CA ASP B 1818 31.47 -4.23 5.51
C ASP B 1818 30.36 -5.10 6.12
N GLY B 1819 30.46 -5.43 7.41
CA GLY B 1819 29.43 -6.21 8.04
C GLY B 1819 29.50 -7.71 7.82
N GLU B 1820 29.97 -8.13 6.64
CA GLU B 1820 30.17 -9.55 6.37
C GLU B 1820 31.16 -10.17 7.36
N GLU B 1821 32.29 -9.51 7.57
CA GLU B 1821 33.23 -9.94 8.60
C GLU B 1821 32.69 -9.58 9.99
N HIS B 1822 33.50 -9.81 11.01
CA HIS B 1822 33.02 -9.84 12.39
C HIS B 1822 34.03 -9.12 13.26
N GLN B 1823 33.89 -9.32 14.58
CA GLN B 1823 34.65 -8.62 15.62
C GLN B 1823 34.40 -7.12 15.55
N LYS B 1824 33.14 -6.76 15.80
CA LYS B 1824 32.66 -5.38 15.79
C LYS B 1824 33.49 -4.48 16.70
N ILE B 1825 34.21 -3.53 16.12
CA ILE B 1825 35.03 -2.61 16.89
C ILE B 1825 34.15 -1.75 17.78
N LEU B 1826 34.63 -1.45 18.99
CA LEU B 1826 33.88 -0.65 19.94
C LEU B 1826 34.51 0.73 20.06
N LEU B 1827 33.65 1.76 20.10
CA LEU B 1827 34.08 3.13 20.24
C LEU B 1827 33.30 3.78 21.37
N ASP B 1828 34.02 4.41 22.30
CA ASP B 1828 33.39 5.15 23.39
C ASP B 1828 32.46 6.22 22.83
N ASP B 1829 31.42 6.54 23.60
CA ASP B 1829 30.39 7.44 23.08
C ASP B 1829 30.86 8.89 23.09
N LEU B 1830 31.55 9.31 24.15
CA LEU B 1830 32.03 10.69 24.25
C LEU B 1830 32.98 11.03 23.10
N MET B 1831 33.81 10.07 22.69
CA MET B 1831 34.73 10.30 21.58
C MET B 1831 33.97 10.54 20.29
N LYS B 1832 32.97 9.71 20.00
CA LYS B 1832 32.17 9.88 18.79
C LYS B 1832 31.40 11.20 18.83
N LYS B 1833 30.90 11.59 20.00
CA LYS B 1833 30.27 12.90 20.16
C LYS B 1833 31.25 14.02 19.81
N ALA B 1834 32.52 13.87 20.17
CA ALA B 1834 33.54 14.82 19.78
C ALA B 1834 33.88 14.76 18.30
N GLU B 1835 33.42 13.74 17.58
CA GLU B 1835 33.63 13.62 16.13
C GLU B 1835 32.42 14.12 15.35
N GLU B 1836 31.75 15.15 15.86
CA GLU B 1836 30.66 15.78 15.14
C GLU B 1836 31.14 16.75 14.06
N GLY B 1837 32.44 17.08 14.06
CA GLY B 1837 32.97 18.01 13.07
C GLY B 1837 32.68 17.60 11.64
N ASP B 1838 32.82 16.32 11.34
CA ASP B 1838 32.39 15.75 10.08
C ASP B 1838 31.07 15.00 10.29
N LEU B 1839 30.60 14.32 9.24
CA LEU B 1839 29.44 13.45 9.33
C LEU B 1839 29.80 12.00 9.03
N LEU B 1840 31.08 11.65 9.18
CA LEU B 1840 31.56 10.31 8.87
C LEU B 1840 32.63 9.94 9.88
N VAL B 1841 32.87 8.63 10.00
CA VAL B 1841 34.00 8.09 10.75
C VAL B 1841 34.84 7.24 9.81
N ASN B 1842 36.15 7.29 9.99
CA ASN B 1842 37.06 6.58 9.09
C ASN B 1842 38.24 5.99 9.87
N PRO B 1843 38.67 4.78 9.52
CA PRO B 1843 39.81 4.17 10.20
C PRO B 1843 41.14 4.68 9.65
N ASP B 1844 42.24 4.07 10.10
CA ASP B 1844 43.56 4.39 9.56
C ASP B 1844 43.59 4.28 8.04
N GLN B 1845 43.01 3.20 7.50
CA GLN B 1845 42.86 3.04 6.07
C GLN B 1845 41.66 3.84 5.58
N PRO B 1846 41.86 4.95 4.88
CA PRO B 1846 40.75 5.86 4.57
C PRO B 1846 39.82 5.37 3.47
N ARG B 1847 40.11 4.24 2.82
CA ARG B 1847 39.24 3.74 1.76
C ARG B 1847 37.85 3.40 2.29
N LEU B 1848 37.79 2.79 3.47
CA LEU B 1848 36.52 2.44 4.10
C LEU B 1848 36.03 3.60 4.96
N THR B 1849 34.71 3.81 4.98
CA THR B 1849 34.13 4.91 5.73
C THR B 1849 32.67 4.57 6.04
N ILE B 1850 32.28 4.81 7.28
CA ILE B 1850 30.92 4.50 7.75
C ILE B 1850 30.27 5.79 8.24
N PRO B 1851 29.00 6.04 7.91
CA PRO B 1851 28.33 7.22 8.44
C PRO B 1851 28.10 7.12 9.95
N ILE B 1852 28.12 8.28 10.61
CA ILE B 1852 27.84 8.34 12.04
C ILE B 1852 26.35 8.21 12.32
N SER B 1853 25.52 8.13 11.28
CA SER B 1853 24.09 7.95 11.50
C SER B 1853 23.74 6.50 11.78
N GLN B 1854 24.48 5.55 11.19
CA GLN B 1854 24.23 4.14 11.37
C GLN B 1854 24.99 3.53 12.54
N ILE B 1855 25.56 4.36 13.42
CA ILE B 1855 26.19 3.86 14.63
C ILE B 1855 25.56 4.53 15.84
N ALA B 1856 25.03 5.73 15.64
CA ALA B 1856 24.50 6.49 16.76
C ALA B 1856 23.44 7.48 16.30
N PRO B 1857 22.27 7.03 15.85
CA PRO B 1857 21.27 7.95 15.29
C PRO B 1857 20.62 8.85 16.32
N ASP B 1858 21.08 8.82 17.57
CA ASP B 1858 20.66 9.80 18.56
C ASP B 1858 21.61 11.00 18.63
N LEU B 1859 22.89 10.80 18.30
CA LEU B 1859 23.81 11.93 18.22
C LEU B 1859 23.56 12.75 16.96
N ILE B 1860 23.75 12.14 15.80
CA ILE B 1860 23.26 12.74 14.56
C ILE B 1860 21.74 12.63 14.54
N LEU B 1861 21.07 13.73 14.24
CA LEU B 1861 19.63 13.82 14.45
C LEU B 1861 18.86 13.00 13.42
N ALA B 1862 18.98 11.67 13.49
CA ALA B 1862 18.25 10.78 12.61
C ALA B 1862 17.21 9.93 13.32
N ASP B 1863 17.22 9.87 14.65
CA ASP B 1863 16.23 9.05 15.36
C ASP B 1863 14.81 9.57 15.23
N LEU B 1864 14.63 10.85 14.91
CA LEU B 1864 13.30 11.36 14.69
C LEU B 1864 12.79 10.91 13.33
N PRO B 1865 11.47 10.85 13.13
CA PRO B 1865 10.94 10.67 11.78
C PRO B 1865 11.19 11.91 10.95
N ARG B 1866 11.10 11.75 9.63
CA ARG B 1866 11.17 12.87 8.68
C ARG B 1866 12.48 13.63 8.83
N ASN B 1867 13.57 12.97 8.43
CA ASN B 1867 14.95 13.46 8.54
C ASN B 1867 15.03 14.96 8.29
N ILE B 1868 15.67 15.67 9.22
CA ILE B 1868 15.42 17.10 9.38
C ILE B 1868 16.71 17.91 9.30
N MET B 1869 17.81 17.29 8.86
CA MET B 1869 19.05 18.03 8.67
C MET B 1869 18.83 19.20 7.70
N LEU B 1870 19.57 20.28 7.92
CA LEU B 1870 19.24 21.54 7.27
C LEU B 1870 20.03 21.83 5.99
N ASN B 1871 20.91 20.91 5.57
CA ASN B 1871 21.68 21.06 4.31
C ASN B 1871 22.44 22.39 4.30
N ASN B 1872 23.46 22.46 5.16
CA ASN B 1872 24.16 23.70 5.51
C ASN B 1872 24.69 24.51 4.34
N ASP B 1873 24.75 23.91 3.15
CA ASP B 1873 25.18 24.64 1.96
C ASP B 1873 24.26 25.82 1.66
N GLU B 1874 22.96 25.65 1.89
CA GLU B 1874 21.96 26.65 1.53
C GLU B 1874 21.64 27.62 2.66
N LEU B 1875 22.25 27.46 3.83
CA LEU B 1875 22.00 28.37 4.94
C LEU B 1875 22.81 29.65 4.77
N GLU B 1876 22.26 30.75 5.27
CA GLU B 1876 22.88 32.07 5.19
C GLU B 1876 22.84 32.74 6.56
N PHE B 1877 23.27 32.01 7.58
CA PHE B 1877 23.16 32.44 8.96
C PHE B 1877 24.49 33.05 9.43
N GLU B 1878 24.39 34.14 10.19
CA GLU B 1878 25.53 34.76 10.85
C GLU B 1878 25.21 34.86 12.33
N GLN B 1879 25.87 34.04 13.15
CA GLN B 1879 25.51 33.95 14.56
C GLN B 1879 26.07 35.12 15.36
N ALA B 1880 27.29 35.56 15.03
CA ALA B 1880 27.98 36.56 15.84
C ALA B 1880 27.21 37.87 16.03
N PRO B 1881 26.69 38.55 14.99
CA PRO B 1881 26.25 39.94 15.18
C PRO B 1881 24.96 40.03 15.99
N GLU B 1882 24.91 41.03 16.86
CA GLU B 1882 23.63 41.51 17.40
C GLU B 1882 22.83 42.28 16.36
N PHE B 1883 23.41 42.51 15.19
CA PHE B 1883 22.73 43.20 14.09
C PHE B 1883 21.55 42.39 13.57
N LEU B 1884 21.59 41.06 13.69
CA LEU B 1884 20.57 40.20 13.12
C LEU B 1884 19.75 39.48 14.19
N LEU B 1885 19.67 40.02 15.40
CA LEU B 1885 18.82 39.45 16.44
C LEU B 1885 17.36 39.49 15.99
N GLY B 1886 16.61 38.47 16.39
CA GLY B 1886 15.18 38.45 16.11
C GLY B 1886 14.47 39.68 16.65
N ASP B 1887 14.70 39.99 17.93
CA ASP B 1887 14.31 41.22 18.60
C ASP B 1887 14.85 41.13 20.02
N GLY B 1888 14.69 42.22 20.76
CA GLY B 1888 15.04 42.23 22.17
C GLY B 1888 14.15 41.28 22.96
N SER B 1889 14.77 40.47 23.82
CA SER B 1889 14.08 39.58 24.77
C SER B 1889 13.28 38.49 24.07
N PHE B 1890 13.92 37.82 23.12
CA PHE B 1890 13.37 36.62 22.49
C PHE B 1890 14.29 35.42 22.72
N GLY B 1891 14.98 35.38 23.85
CA GLY B 1891 15.95 34.34 24.10
C GLY B 1891 17.23 34.58 23.36
N SER B 1892 17.56 33.71 22.43
CA SER B 1892 18.70 33.87 21.53
C SER B 1892 18.27 33.59 20.10
N VAL B 1893 17.09 34.07 19.73
CA VAL B 1893 16.55 33.84 18.38
C VAL B 1893 17.12 34.88 17.44
N TYR B 1894 17.80 34.42 16.39
CA TYR B 1894 18.36 35.31 15.38
C TYR B 1894 17.53 35.23 14.11
N ARG B 1895 17.77 36.18 13.21
CA ARG B 1895 17.09 36.28 11.94
C ARG B 1895 18.08 35.95 10.82
N ALA B 1896 17.75 34.93 10.03
CA ALA B 1896 18.63 34.49 8.96
C ALA B 1896 17.80 34.07 7.76
N ALA B 1897 18.47 33.96 6.62
CA ALA B 1897 17.83 33.52 5.38
C ALA B 1897 18.21 32.07 5.10
N TYR B 1898 17.21 31.28 4.68
CA TYR B 1898 17.42 29.88 4.41
C TYR B 1898 16.50 29.44 3.28
N GLU B 1899 17.06 28.73 2.30
CA GLU B 1899 16.33 28.26 1.11
C GLU B 1899 15.59 29.40 0.41
N GLY B 1900 16.19 30.59 0.42
CA GLY B 1900 15.59 31.74 -0.23
C GLY B 1900 14.47 32.41 0.54
N GLU B 1901 14.33 32.10 1.84
CA GLU B 1901 13.29 32.70 2.66
C GLU B 1901 13.88 33.10 4.00
N GLU B 1902 13.40 34.21 4.54
CA GLU B 1902 13.84 34.69 5.84
C GLU B 1902 13.21 33.84 6.94
N VAL B 1903 14.03 33.35 7.87
CA VAL B 1903 13.59 32.46 8.93
C VAL B 1903 14.19 32.92 10.26
N ALA B 1904 13.60 32.41 11.35
CA ALA B 1904 14.07 32.70 12.69
C ALA B 1904 14.72 31.46 13.29
N VAL B 1905 15.98 31.57 13.68
CA VAL B 1905 16.76 30.45 14.19
C VAL B 1905 17.12 30.71 15.65
N LYS B 1906 16.86 29.73 16.51
CA LYS B 1906 17.26 29.78 17.91
C LYS B 1906 18.55 29.01 18.09
N ILE B 1907 19.57 29.67 18.65
CA ILE B 1907 20.83 29.01 18.97
C ILE B 1907 20.68 28.39 20.35
N PHE B 1908 20.33 27.09 20.37
CA PHE B 1908 20.23 26.33 21.60
C PHE B 1908 21.58 25.89 22.13
N ASN B 1909 22.67 26.27 21.47
CA ASN B 1909 24.01 25.85 21.86
C ASN B 1909 24.38 26.38 23.24
N LYS B 1910 24.87 25.49 24.09
CA LYS B 1910 25.30 25.80 25.45
C LYS B 1910 26.12 24.62 25.95
N HIS B 1911 26.46 24.65 27.24
CA HIS B 1911 27.20 23.54 27.85
C HIS B 1911 26.39 22.26 27.91
N THR B 1912 25.06 22.35 27.83
CA THR B 1912 24.19 21.19 27.88
C THR B 1912 24.42 20.27 26.68
N SER B 1913 23.88 19.06 26.78
CA SER B 1913 23.97 18.08 25.72
C SER B 1913 22.80 18.26 24.76
N LEU B 1914 22.60 17.29 23.86
CA LEU B 1914 21.50 17.31 22.93
C LEU B 1914 20.16 16.95 23.57
N ARG B 1915 20.11 16.87 24.91
CA ARG B 1915 18.91 16.44 25.60
C ARG B 1915 17.73 17.36 25.30
N LEU B 1916 17.86 18.63 25.68
CA LEU B 1916 16.76 19.58 25.49
C LEU B 1916 16.47 19.82 24.02
N LEU B 1917 17.50 19.79 23.17
CA LEU B 1917 17.29 19.96 21.74
C LEU B 1917 16.40 18.85 21.19
N ARG B 1918 16.77 17.59 21.46
CA ARG B 1918 15.97 16.46 21.00
C ARG B 1918 14.60 16.41 21.67
N GLN B 1919 14.51 16.85 22.93
CA GLN B 1919 13.23 16.87 23.62
C GLN B 1919 12.26 17.82 22.91
N GLU B 1920 12.68 19.07 22.69
CA GLU B 1920 11.89 20.00 21.91
C GLU B 1920 11.63 19.48 20.50
N LEU B 1921 12.58 18.73 19.93
CA LEU B 1921 12.46 18.22 18.58
C LEU B 1921 11.36 17.16 18.46
N VAL B 1922 11.27 16.24 19.42
CA VAL B 1922 10.23 15.22 19.34
C VAL B 1922 8.87 15.82 19.62
N VAL B 1923 8.80 16.85 20.45
CA VAL B 1923 7.53 17.55 20.69
C VAL B 1923 7.07 18.20 19.39
N LEU B 1924 7.95 18.99 18.77
CA LEU B 1924 7.65 19.72 17.55
C LEU B 1924 7.70 18.85 16.30
N CYS B 1925 8.08 17.57 16.43
CA CYS B 1925 8.20 16.72 15.26
C CYS B 1925 6.85 16.48 14.61
N HIS B 1926 5.82 16.22 15.42
CA HIS B 1926 4.48 15.87 14.92
C HIS B 1926 3.45 16.76 15.60
N LEU B 1927 3.28 17.98 15.09
CA LEU B 1927 2.12 18.78 15.43
C LEU B 1927 1.32 19.16 14.20
N HIS B 1928 1.95 19.84 13.23
CA HIS B 1928 1.37 20.11 11.91
C HIS B 1928 -0.02 20.75 12.00
N HIS B 1929 -0.05 21.97 12.53
CA HIS B 1929 -1.28 22.73 12.59
C HIS B 1929 -1.01 24.16 12.16
N PRO B 1930 -1.97 24.81 11.49
CA PRO B 1930 -1.73 26.20 11.05
C PRO B 1930 -1.47 27.18 12.20
N SER B 1931 -2.17 27.03 13.32
CA SER B 1931 -2.03 27.96 14.43
C SER B 1931 -0.81 27.68 15.30
N LEU B 1932 0.13 26.86 14.83
CA LEU B 1932 1.35 26.56 15.56
C LEU B 1932 2.54 26.85 14.66
N ILE B 1933 3.62 27.37 15.25
CA ILE B 1933 4.80 27.73 14.48
C ILE B 1933 5.40 26.47 13.88
N SER B 1934 5.46 26.42 12.55
CA SER B 1934 5.88 25.23 11.84
C SER B 1934 7.41 25.12 11.80
N LEU B 1935 7.90 23.89 12.00
CA LEU B 1935 9.33 23.63 11.95
C LEU B 1935 9.79 23.40 10.53
N LEU B 1936 10.97 23.92 10.21
CA LEU B 1936 11.56 23.79 8.89
C LEU B 1936 12.74 22.83 8.86
N ALA B 1937 13.70 22.99 9.78
CA ALA B 1937 14.84 22.10 9.88
C ALA B 1937 15.54 22.33 11.21
N ALA B 1938 16.38 21.38 11.58
CA ALA B 1938 17.23 21.48 12.76
C ALA B 1938 18.66 21.12 12.37
N GLY B 1939 19.61 21.50 13.22
CA GLY B 1939 21.01 21.33 12.89
C GLY B 1939 21.84 20.93 14.10
N ILE B 1940 23.07 20.51 13.81
CA ILE B 1940 23.98 20.05 14.83
C ILE B 1940 25.27 20.88 14.90
N ARG B 1941 25.65 21.57 13.83
CA ARG B 1941 26.92 22.31 13.78
C ARG B 1941 26.64 23.76 13.42
N PRO B 1942 26.31 24.60 14.41
CA PRO B 1942 26.05 24.26 15.81
C PRO B 1942 24.59 23.84 16.00
N ARG B 1943 24.20 23.53 17.24
CA ARG B 1943 22.82 23.15 17.51
C ARG B 1943 21.90 24.34 17.29
N MET B 1944 20.92 24.17 16.40
CA MET B 1944 20.02 25.27 16.06
C MET B 1944 18.68 24.70 15.64
N LEU B 1945 17.65 25.54 15.75
CA LEU B 1945 16.29 25.21 15.34
C LEU B 1945 15.83 26.24 14.33
N VAL B 1946 15.48 25.79 13.13
CA VAL B 1946 15.09 26.67 12.04
C VAL B 1946 13.59 26.59 11.86
N MET B 1947 12.90 27.71 12.12
CA MET B 1947 11.45 27.77 12.06
C MET B 1947 11.01 28.94 11.20
N GLU B 1948 9.72 28.95 10.87
CA GLU B 1948 9.15 30.03 10.07
C GLU B 1948 9.24 31.36 10.81
N LEU B 1949 9.33 32.45 10.05
CA LEU B 1949 9.52 33.78 10.60
C LEU B 1949 8.20 34.54 10.58
N ALA B 1950 7.85 35.13 11.73
CA ALA B 1950 6.69 36.00 11.85
C ALA B 1950 7.12 37.42 11.49
N SER B 1951 6.59 37.94 10.38
CA SER B 1951 7.06 39.21 9.84
C SER B 1951 6.72 40.37 10.75
N LYS B 1952 5.50 40.41 11.27
CA LYS B 1952 5.00 41.57 12.02
C LYS B 1952 5.36 41.52 13.50
N GLY B 1953 6.22 40.60 13.92
CA GLY B 1953 6.61 40.52 15.31
C GLY B 1953 5.49 40.00 16.20
N SER B 1954 5.80 39.93 17.49
CA SER B 1954 4.87 39.40 18.47
C SER B 1954 3.70 40.36 18.66
N LEU B 1955 2.59 39.81 19.18
CA LEU B 1955 1.41 40.62 19.45
C LEU B 1955 1.66 41.68 20.51
N ASP B 1956 2.61 41.41 21.42
CA ASP B 1956 2.93 42.35 22.49
C ASP B 1956 3.32 43.72 21.95
N ARG B 1957 4.12 43.76 20.88
CA ARG B 1957 4.57 45.02 20.32
C ARG B 1957 3.41 45.83 19.74
N LEU B 1958 2.52 45.17 18.99
CA LEU B 1958 1.35 45.86 18.42
C LEU B 1958 0.47 46.44 19.52
N LEU B 1959 0.31 45.73 20.63
CA LEU B 1959 -0.45 46.28 21.75
C LEU B 1959 0.23 47.51 22.33
N GLN B 1960 1.57 47.51 22.35
CA GLN B 1960 2.29 48.63 22.93
C GLN B 1960 2.45 49.77 21.93
N GLN B 1961 2.90 49.47 20.71
CA GLN B 1961 3.32 50.50 19.78
C GLN B 1961 2.15 51.06 18.96
N ASP B 1962 1.50 50.21 18.17
CA ASP B 1962 0.47 50.65 17.23
C ASP B 1962 -0.86 50.05 17.64
N LYS B 1963 -1.57 50.75 18.53
CA LYS B 1963 -2.92 50.32 18.90
C LYS B 1963 -3.94 50.61 17.81
N ALA B 1964 -3.60 51.46 16.85
CA ALA B 1964 -4.54 51.84 15.79
C ALA B 1964 -4.69 50.77 14.72
N SER B 1965 -3.69 49.90 14.54
CA SER B 1965 -3.76 48.90 13.50
C SER B 1965 -4.82 47.84 13.79
N LEU B 1966 -5.12 47.60 15.07
CA LEU B 1966 -6.08 46.58 15.44
C LEU B 1966 -7.50 47.11 15.28
N THR B 1967 -8.31 46.36 14.53
CA THR B 1967 -9.74 46.64 14.35
C THR B 1967 -10.55 45.49 14.92
N ARG B 1968 -11.87 45.64 14.89
CA ARG B 1968 -12.76 44.63 15.45
C ARG B 1968 -12.56 43.28 14.76
N THR B 1969 -12.55 43.26 13.43
CA THR B 1969 -12.41 42.00 12.71
C THR B 1969 -11.03 41.40 12.92
N LEU B 1970 -9.99 42.23 13.00
CA LEU B 1970 -8.64 41.70 13.19
C LEU B 1970 -8.45 41.12 14.58
N GLN B 1971 -8.97 41.80 15.61
CA GLN B 1971 -8.91 41.27 16.96
C GLN B 1971 -9.62 39.93 17.07
N HIS B 1972 -10.80 39.81 16.47
CA HIS B 1972 -11.53 38.54 16.53
C HIS B 1972 -10.77 37.42 15.82
N ARG B 1973 -10.13 37.74 14.70
CA ARG B 1973 -9.39 36.71 13.97
C ARG B 1973 -8.19 36.22 14.77
N ILE B 1974 -7.48 37.15 15.43
CA ILE B 1974 -6.37 36.77 16.30
C ILE B 1974 -6.86 35.86 17.41
N ALA B 1975 -7.96 36.25 18.06
CA ALA B 1975 -8.55 35.43 19.13
C ALA B 1975 -8.95 34.06 18.62
N LEU B 1976 -9.53 34.01 17.41
CA LEU B 1976 -9.97 32.75 16.84
C LEU B 1976 -8.79 31.82 16.57
N HIS B 1977 -7.69 32.37 16.04
CA HIS B 1977 -6.54 31.56 15.70
C HIS B 1977 -5.86 31.00 16.94
N VAL B 1978 -5.72 31.81 17.99
CA VAL B 1978 -5.14 31.32 19.24
C VAL B 1978 -6.02 30.25 19.86
N ALA B 1979 -7.34 30.43 19.80
CA ALA B 1979 -8.26 29.43 20.30
C ALA B 1979 -8.14 28.12 19.52
N ASP B 1980 -7.99 28.21 18.20
CA ASP B 1980 -7.78 27.01 17.39
C ASP B 1980 -6.50 26.30 17.80
N GLY B 1981 -5.43 27.06 18.05
CA GLY B 1981 -4.18 26.46 18.50
C GLY B 1981 -4.34 25.72 19.81
N LEU B 1982 -4.96 26.35 20.80
CA LEU B 1982 -5.18 25.71 22.09
C LEU B 1982 -6.06 24.48 21.96
N ARG B 1983 -7.05 24.53 21.06
CA ARG B 1983 -7.94 23.38 20.87
C ARG B 1983 -7.17 22.18 20.32
N TYR B 1984 -6.32 22.41 19.32
CA TYR B 1984 -5.54 21.31 18.76
C TYR B 1984 -4.54 20.78 19.77
N LEU B 1985 -3.98 21.66 20.60
CA LEU B 1985 -3.01 21.24 21.61
C LEU B 1985 -3.68 20.35 22.66
N HIS B 1986 -4.83 20.77 23.17
CA HIS B 1986 -5.52 19.97 24.17
C HIS B 1986 -6.10 18.70 23.56
N SER B 1987 -6.39 18.72 22.25
CA SER B 1987 -6.76 17.48 21.56
C SER B 1987 -5.61 16.49 21.54
N ALA B 1988 -4.37 16.98 21.53
CA ALA B 1988 -3.19 16.14 21.66
C ALA B 1988 -2.78 15.91 23.11
N MET B 1989 -3.61 16.34 24.06
CA MET B 1989 -3.34 16.17 25.50
C MET B 1989 -2.01 16.81 25.90
N ILE B 1990 -1.77 18.02 25.39
CA ILE B 1990 -0.57 18.79 25.69
C ILE B 1990 -1.00 20.07 26.38
N ILE B 1991 -0.33 20.42 27.47
CA ILE B 1991 -0.70 21.58 28.28
C ILE B 1991 0.26 22.72 27.94
N TYR B 1992 -0.23 23.70 27.19
CA TYR B 1992 0.48 24.95 26.94
C TYR B 1992 0.41 25.81 28.20
N ARG B 1993 1.27 25.47 29.18
CA ARG B 1993 1.16 25.96 30.55
C ARG B 1993 0.96 27.46 30.63
N ASP B 1994 1.91 28.23 30.13
CA ASP B 1994 1.85 29.68 30.17
C ASP B 1994 1.41 30.23 28.82
N LEU B 1995 0.60 31.27 28.85
CA LEU B 1995 0.17 31.94 27.62
C LEU B 1995 0.04 33.43 27.91
N LYS B 1996 0.80 34.24 27.18
CA LYS B 1996 0.87 35.68 27.34
C LYS B 1996 0.80 36.32 25.97
N PRO B 1997 0.44 37.61 25.88
CA PRO B 1997 0.48 38.30 24.58
C PRO B 1997 1.84 38.30 23.93
N HIS B 1998 2.92 38.09 24.69
CA HIS B 1998 4.26 37.98 24.13
C HIS B 1998 4.46 36.67 23.38
N ASN B 1999 3.56 35.69 23.58
CA ASN B 1999 3.70 34.37 22.98
C ASN B 1999 2.83 34.18 21.74
N VAL B 2000 2.26 35.26 21.20
CA VAL B 2000 1.43 35.19 20.00
C VAL B 2000 2.16 35.94 18.90
N LEU B 2001 2.45 35.24 17.80
CA LEU B 2001 3.20 35.81 16.69
C LEU B 2001 2.26 36.10 15.52
N LEU B 2002 2.27 37.35 15.06
CA LEU B 2002 1.42 37.77 13.95
C LEU B 2002 2.21 37.70 12.65
N PHE B 2003 1.57 37.16 11.61
CA PHE B 2003 2.22 37.01 10.32
C PHE B 2003 1.75 38.01 9.27
N THR B 2004 0.66 38.73 9.53
CA THR B 2004 0.14 39.72 8.60
C THR B 2004 -0.89 40.56 9.34
N LEU B 2005 -1.26 41.68 8.72
CA LEU B 2005 -2.29 42.55 9.25
C LEU B 2005 -3.53 42.57 8.35
N TYR B 2006 -3.56 41.74 7.33
CA TYR B 2006 -4.73 41.62 6.47
C TYR B 2006 -5.84 40.91 7.21
N PRO B 2007 -7.03 41.49 7.34
CA PRO B 2007 -8.13 40.81 8.04
C PRO B 2007 -8.51 39.47 7.42
N ASN B 2008 -8.87 39.48 6.14
CA ASN B 2008 -9.28 38.26 5.45
C ASN B 2008 -8.05 37.47 4.96
N ALA B 2009 -7.25 37.03 5.91
CA ALA B 2009 -6.06 36.24 5.64
C ALA B 2009 -6.28 34.81 6.11
N ALA B 2010 -5.60 33.87 5.44
CA ALA B 2010 -5.73 32.46 5.82
C ALA B 2010 -5.09 32.18 7.16
N ILE B 2011 -3.90 32.74 7.41
CA ILE B 2011 -3.17 32.56 8.65
C ILE B 2011 -2.73 33.92 9.15
N ILE B 2012 -3.05 34.23 10.41
CA ILE B 2012 -2.71 35.53 10.98
C ILE B 2012 -1.84 35.34 12.22
N ALA B 2013 -2.39 34.67 13.23
CA ALA B 2013 -1.72 34.50 14.51
C ALA B 2013 -1.25 33.06 14.69
N LYS B 2014 -0.10 32.90 15.33
CA LYS B 2014 0.44 31.59 15.65
C LYS B 2014 0.94 31.60 17.09
N ILE B 2015 1.02 30.41 17.67
CA ILE B 2015 1.45 30.23 19.05
C ILE B 2015 2.87 29.68 19.06
N ALA B 2016 3.73 30.26 19.90
CA ALA B 2016 5.12 29.81 20.02
C ALA B 2016 5.53 29.84 21.48
N ASP B 2017 6.39 28.90 21.85
CA ASP B 2017 6.93 28.79 23.21
C ASP B 2017 8.45 28.86 23.10
N TYR B 2018 9.00 30.06 23.28
CA TYR B 2018 10.43 30.28 23.08
C TYR B 2018 11.31 29.53 24.06
N GLY B 2019 10.75 29.00 25.15
CA GLY B 2019 11.54 28.22 26.08
C GLY B 2019 12.46 29.02 26.96
N ILE B 2020 12.15 30.29 27.20
CA ILE B 2020 13.00 31.15 28.01
C ILE B 2020 12.91 30.74 29.48
N GLY B 2034 4.03 30.20 36.82
CA GLY B 2034 3.94 31.09 35.68
C GLY B 2034 4.20 32.54 36.04
N THR B 2035 4.19 33.40 35.02
CA THR B 2035 4.42 34.82 35.24
C THR B 2035 3.32 35.40 36.12
N PRO B 2036 3.63 36.37 36.99
CA PRO B 2036 2.62 36.87 37.93
C PRO B 2036 1.44 37.55 37.26
N GLY B 2037 1.66 38.22 36.13
CA GLY B 2037 0.59 38.98 35.50
C GLY B 2037 -0.41 38.11 34.79
N PHE B 2038 0.00 36.92 34.34
CA PHE B 2038 -0.80 36.08 33.46
C PHE B 2038 -0.83 34.64 33.98
N ARG B 2039 -1.11 34.47 35.27
CA ARG B 2039 -1.21 33.15 35.87
C ARG B 2039 -2.60 32.92 36.43
N ALA B 2040 -3.05 31.66 36.35
CA ALA B 2040 -4.34 31.29 36.89
C ALA B 2040 -4.31 31.33 38.42
N PRO B 2041 -5.44 31.66 39.06
CA PRO B 2041 -5.45 31.71 40.53
C PRO B 2041 -5.22 30.35 41.17
N GLU B 2042 -5.74 29.27 40.56
CA GLU B 2042 -5.45 27.93 41.05
C GLU B 2042 -3.97 27.60 40.97
N VAL B 2043 -3.28 28.14 39.96
CA VAL B 2043 -1.84 27.96 39.88
C VAL B 2043 -1.13 28.92 40.83
N ALA B 2044 -1.68 30.13 41.01
CA ALA B 2044 -1.07 31.10 41.91
C ALA B 2044 -1.10 30.62 43.36
N ARG B 2045 -2.12 29.85 43.73
CA ARG B 2045 -2.18 29.30 45.09
C ARG B 2045 -1.20 28.16 45.30
N GLY B 2046 -0.67 27.57 44.22
CA GLY B 2046 0.24 26.45 44.36
C GLY B 2046 -0.43 25.14 44.68
N ASN B 2047 -1.68 24.95 44.26
CA ASN B 2047 -2.40 23.73 44.62
C ASN B 2047 -1.91 22.54 43.82
N VAL B 2048 -1.96 22.63 42.49
CA VAL B 2048 -1.56 21.52 41.63
C VAL B 2048 -0.88 22.06 40.38
N ILE B 2049 -0.60 21.18 39.43
CA ILE B 2049 0.02 21.56 38.16
C ILE B 2049 -1.02 22.27 37.31
N TYR B 2050 -0.57 22.91 36.21
CA TYR B 2050 -1.48 23.70 35.39
C TYR B 2050 -2.63 22.87 34.83
N ASN B 2051 -2.38 21.61 34.48
CA ASN B 2051 -3.35 20.75 33.81
C ASN B 2051 -3.79 21.49 32.54
N GLN B 2052 -5.04 21.30 32.12
CA GLN B 2052 -5.51 21.89 30.88
C GLN B 2052 -6.60 22.92 31.12
N GLN B 2053 -7.33 22.82 32.24
CA GLN B 2053 -8.46 23.70 32.49
C GLN B 2053 -7.98 25.14 32.64
N ALA B 2054 -6.81 25.32 33.27
CA ALA B 2054 -6.31 26.65 33.59
C ALA B 2054 -6.00 27.43 32.32
N ASP B 2055 -5.51 26.73 31.28
CA ASP B 2055 -5.13 27.38 30.03
C ASP B 2055 -6.23 28.26 29.48
N VAL B 2056 -7.49 27.84 29.67
CA VAL B 2056 -8.63 28.64 29.25
C VAL B 2056 -8.67 29.96 30.00
N TYR B 2057 -8.28 29.95 31.28
CA TYR B 2057 -8.24 31.18 32.06
C TYR B 2057 -7.15 32.11 31.52
N SER B 2058 -5.96 31.57 31.25
CA SER B 2058 -4.91 32.37 30.63
C SER B 2058 -5.38 32.92 29.29
N PHE B 2059 -6.10 32.10 28.52
CA PHE B 2059 -6.66 32.56 27.25
C PHE B 2059 -7.68 33.66 27.47
N GLY B 2060 -8.46 33.58 28.56
CA GLY B 2060 -9.36 34.65 28.90
C GLY B 2060 -8.64 35.94 29.24
N LEU B 2061 -7.50 35.84 29.92
CA LEU B 2061 -6.66 37.00 30.16
C LEU B 2061 -6.19 37.62 28.85
N LEU B 2062 -5.82 36.78 27.87
CA LEU B 2062 -5.42 37.28 26.57
C LEU B 2062 -6.57 38.04 25.90
N LEU B 2063 -7.79 37.52 26.01
CA LEU B 2063 -8.95 38.23 25.48
C LEU B 2063 -9.14 39.58 26.15
N TYR B 2064 -8.98 39.62 27.48
CA TYR B 2064 -9.13 40.90 28.18
C TYR B 2064 -8.06 41.88 27.76
N ASP B 2065 -6.87 41.40 27.37
CA ASP B 2065 -5.83 42.29 26.92
C ASP B 2065 -6.07 42.76 25.49
N ILE B 2066 -6.53 41.86 24.63
CA ILE B 2066 -6.82 42.22 23.25
C ILE B 2066 -8.00 43.21 23.20
N LEU B 2067 -9.02 42.98 24.01
CA LEU B 2067 -10.16 43.89 24.07
C LEU B 2067 -9.72 45.28 24.51
N THR B 2068 -8.91 45.36 25.55
CA THR B 2068 -8.48 46.62 26.13
C THR B 2068 -7.25 47.19 25.44
N THR B 2069 -6.81 46.58 24.35
CA THR B 2069 -5.61 46.99 23.60
C THR B 2069 -4.38 47.03 24.50
N GLY B 2070 -4.24 46.01 25.35
CA GLY B 2070 -3.08 45.91 26.22
C GLY B 2070 -3.00 46.96 27.31
N GLY B 2071 -4.09 47.67 27.58
CA GLY B 2071 -4.07 48.70 28.61
C GLY B 2071 -3.75 48.18 30.00
N ARG B 2072 -4.10 46.92 30.27
CA ARG B 2072 -3.83 46.35 31.59
C ARG B 2072 -2.34 46.15 31.83
N ILE B 2073 -1.58 45.83 30.79
CA ILE B 2073 -0.15 45.55 30.95
C ILE B 2073 0.59 46.81 31.37
N VAL B 2074 0.28 47.95 30.74
CA VAL B 2074 0.93 49.21 31.07
C VAL B 2074 0.34 49.79 32.34
N LYS B 2091 -11.15 39.34 40.40
CA LYS B 2091 -11.18 40.75 40.80
C LYS B 2091 -10.74 41.66 39.66
N LEU B 2092 -11.19 41.34 38.44
CA LEU B 2092 -10.82 42.14 37.29
C LEU B 2092 -11.85 43.24 37.06
N PRO B 2093 -11.41 44.47 36.81
CA PRO B 2093 -12.36 45.57 36.59
C PRO B 2093 -13.13 45.42 35.30
N ASP B 2094 -14.14 46.27 35.15
CA ASP B 2094 -14.96 46.26 33.94
C ASP B 2094 -14.12 46.72 32.75
N PRO B 2095 -14.13 45.98 31.64
CA PRO B 2095 -13.32 46.38 30.47
C PRO B 2095 -13.67 47.74 29.91
N VAL B 2096 -14.96 48.08 29.87
CA VAL B 2096 -15.37 49.37 29.32
C VAL B 2096 -15.13 50.49 30.31
N LYS B 2097 -15.30 50.22 31.61
CA LYS B 2097 -15.14 51.26 32.60
C LYS B 2097 -13.66 51.59 32.82
N GLU B 2098 -12.83 50.57 33.02
CA GLU B 2098 -11.42 50.81 33.32
C GLU B 2098 -10.68 51.42 32.13
N TYR B 2099 -11.07 51.08 30.90
CA TYR B 2099 -10.42 51.61 29.71
C TYR B 2099 -11.47 51.89 28.65
N GLY B 2100 -11.28 52.99 27.93
CA GLY B 2100 -12.21 53.36 26.88
C GLY B 2100 -12.16 52.39 25.71
N CYS B 2101 -13.29 51.77 25.39
CA CYS B 2101 -13.37 50.79 24.31
C CYS B 2101 -14.84 50.54 23.99
N ALA B 2102 -15.10 50.12 22.75
CA ALA B 2102 -16.44 49.74 22.35
C ALA B 2102 -16.89 48.53 23.17
N PRO B 2103 -18.22 48.34 23.37
CA PRO B 2103 -18.69 47.24 24.22
C PRO B 2103 -18.21 45.86 23.79
N TRP B 2104 -18.58 45.43 22.57
CA TRP B 2104 -18.25 44.12 22.03
C TRP B 2104 -18.70 43.06 23.03
N PRO B 2105 -20.02 42.92 23.24
CA PRO B 2105 -20.54 42.29 24.46
C PRO B 2105 -20.49 40.77 24.49
N MET B 2106 -20.62 40.11 23.35
CA MET B 2106 -20.56 38.65 23.32
C MET B 2106 -19.26 38.14 23.93
N VAL B 2107 -18.14 38.80 23.63
CA VAL B 2107 -16.87 38.40 24.23
C VAL B 2107 -16.78 38.83 25.69
N GLU B 2108 -17.50 39.88 26.08
CA GLU B 2108 -17.62 40.20 27.51
C GLU B 2108 -18.25 39.05 28.28
N LYS B 2109 -19.33 38.46 27.74
CA LYS B 2109 -19.92 37.29 28.36
C LYS B 2109 -18.93 36.13 28.38
N LEU B 2110 -18.22 35.93 27.26
CA LEU B 2110 -17.22 34.87 27.18
C LEU B 2110 -16.12 35.06 28.22
N ILE B 2111 -15.60 36.29 28.33
CA ILE B 2111 -14.54 36.57 29.30
C ILE B 2111 -15.03 36.30 30.72
N LYS B 2112 -16.23 36.80 31.05
CA LYS B 2112 -16.81 36.53 32.36
C LYS B 2112 -17.02 35.04 32.60
N GLN B 2113 -17.31 34.28 31.53
CA GLN B 2113 -17.53 32.85 31.68
C GLN B 2113 -16.23 32.12 32.00
N CYS B 2114 -15.20 32.34 31.19
CA CYS B 2114 -13.95 31.60 31.29
C CYS B 2114 -12.98 32.18 32.31
N LEU B 2115 -13.33 33.27 32.99
CA LEU B 2115 -12.51 33.78 34.08
C LEU B 2115 -13.12 33.48 35.45
N LYS B 2116 -13.96 32.46 35.55
CA LYS B 2116 -14.56 32.08 36.80
C LYS B 2116 -13.59 31.28 37.65
N GLU B 2117 -13.66 31.47 38.97
CA GLU B 2117 -12.72 30.83 39.88
C GLU B 2117 -12.86 29.31 39.87
N ASN B 2118 -14.09 28.82 39.83
CA ASN B 2118 -14.35 27.38 39.83
C ASN B 2118 -13.81 26.75 38.55
N PRO B 2119 -12.81 25.87 38.62
CA PRO B 2119 -12.29 25.26 37.38
C PRO B 2119 -13.31 24.42 36.62
N GLN B 2120 -14.34 23.92 37.30
CA GLN B 2120 -15.44 23.25 36.59
C GLN B 2120 -16.23 24.24 35.74
N GLU B 2121 -16.38 25.48 36.20
CA GLU B 2121 -17.14 26.48 35.47
C GLU B 2121 -16.43 26.95 34.21
N ARG B 2122 -15.14 26.71 34.08
CA ARG B 2122 -14.41 27.12 32.89
C ARG B 2122 -14.85 26.28 31.70
N PRO B 2123 -15.31 26.88 30.61
CA PRO B 2123 -15.66 26.09 29.42
C PRO B 2123 -14.41 25.48 28.81
N THR B 2124 -14.59 24.28 28.23
CA THR B 2124 -13.45 23.62 27.61
C THR B 2124 -13.01 24.38 26.37
N SER B 2125 -11.78 24.12 25.94
CA SER B 2125 -11.18 24.88 24.84
C SER B 2125 -11.98 24.72 23.55
N ALA B 2126 -12.45 23.50 23.26
CA ALA B 2126 -13.30 23.29 22.09
C ALA B 2126 -14.56 24.13 22.16
N GLN B 2127 -15.16 24.25 23.35
CA GLN B 2127 -16.33 25.11 23.51
C GLN B 2127 -15.99 26.56 23.23
N VAL B 2128 -14.81 27.01 23.66
CA VAL B 2128 -14.40 28.41 23.44
C VAL B 2128 -14.28 28.70 21.95
N PHE B 2129 -13.62 27.81 21.21
CA PHE B 2129 -13.49 28.01 19.77
C PHE B 2129 -14.86 27.97 19.08
N ASP B 2130 -15.75 27.10 19.55
CA ASP B 2130 -17.07 27.00 18.94
C ASP B 2130 -17.85 28.29 19.11
N ILE B 2131 -17.89 28.83 20.33
CA ILE B 2131 -18.63 30.06 20.56
C ILE B 2131 -17.90 31.28 20.02
N LEU B 2132 -16.64 31.13 19.62
CA LEU B 2132 -15.93 32.17 18.91
C LEU B 2132 -16.17 32.11 17.41
N ASN B 2133 -16.65 30.99 16.90
CA ASN B 2133 -16.85 30.79 15.47
C ASN B 2133 -18.09 31.51 14.95
N SER B 2134 -18.89 32.07 15.84
CA SER B 2134 -20.16 32.68 15.45
C SER B 2134 -19.92 34.06 14.86
N ALA B 2135 -20.60 34.34 13.74
CA ALA B 2135 -20.56 35.68 13.15
C ALA B 2135 -21.33 36.69 13.99
N GLU B 2136 -22.28 36.24 14.81
CA GLU B 2136 -22.96 37.15 15.73
C GLU B 2136 -21.99 37.75 16.74
N LEU B 2137 -20.92 37.03 17.07
CA LEU B 2137 -19.93 37.54 18.02
C LEU B 2137 -19.24 38.78 17.47
N VAL B 2138 -19.02 38.82 16.16
CA VAL B 2138 -18.36 39.97 15.53
C VAL B 2138 -19.34 41.08 15.21
N CYS B 2139 -20.55 40.75 14.75
CA CYS B 2139 -21.45 41.76 14.22
C CYS B 2139 -22.25 42.46 15.32
N LEU B 2140 -22.61 41.76 16.39
CA LEU B 2140 -23.31 42.39 17.50
C LEU B 2140 -22.38 43.37 18.20
N THR B 2141 -22.74 44.65 18.17
CA THR B 2141 -21.88 45.71 18.68
C THR B 2141 -22.23 46.16 20.09
N ARG B 2142 -23.50 46.45 20.35
CA ARG B 2142 -23.93 46.90 21.67
C ARG B 2142 -25.16 46.14 22.11
N ARG B 2143 -25.54 46.36 23.37
CA ARG B 2143 -26.76 45.79 23.94
C ARG B 2143 -27.15 46.63 25.13
N ILE B 2144 -28.44 46.95 25.24
CA ILE B 2144 -28.95 47.84 26.27
C ILE B 2144 -30.21 47.20 26.87
N LEU B 2145 -30.28 47.17 28.19
CA LEU B 2145 -31.44 46.65 28.91
C LEU B 2145 -32.11 47.81 29.65
N LEU B 2146 -33.37 48.09 29.30
CA LEU B 2146 -34.13 49.12 29.98
C LEU B 2146 -34.65 48.60 31.31
N PRO B 2147 -34.20 49.16 32.43
CA PRO B 2147 -34.53 48.55 33.74
C PRO B 2147 -36.00 48.67 34.11
N LYS B 2148 -36.63 49.83 33.88
CA LYS B 2148 -38.05 49.97 34.16
C LYS B 2148 -38.90 49.02 33.33
N ASN B 2149 -38.37 48.53 32.22
CA ASN B 2149 -39.01 47.51 31.38
C ASN B 2149 -40.37 47.96 30.87
N VAL B 2150 -40.49 49.24 30.50
CA VAL B 2150 -41.75 49.77 30.02
C VAL B 2150 -42.02 49.23 28.61
N ILE B 2151 -43.28 48.85 28.36
CA ILE B 2151 -43.65 48.24 27.10
C ILE B 2151 -43.54 49.29 25.98
N VAL B 2152 -42.50 49.14 25.16
CA VAL B 2152 -42.18 50.11 24.11
C VAL B 2152 -42.80 49.71 22.79
N GLU B 2153 -43.30 50.70 22.05
CA GLU B 2153 -43.97 50.48 20.77
C GLU B 2153 -43.20 51.03 19.58
N CYS B 2154 -42.59 52.21 19.70
CA CYS B 2154 -41.93 52.86 18.57
C CYS B 2154 -40.61 53.48 19.01
N MET B 2155 -39.70 53.64 18.04
CA MET B 2155 -38.40 54.23 18.29
C MET B 2155 -37.87 54.84 17.00
N VAL B 2156 -37.37 56.06 17.08
CA VAL B 2156 -36.79 56.76 15.94
C VAL B 2156 -35.44 57.33 16.34
N ALA B 2157 -34.53 57.37 15.37
CA ALA B 2157 -33.17 57.86 15.62
C ALA B 2157 -33.06 59.33 15.22
N THR B 2158 -31.90 59.91 15.53
CA THR B 2158 -31.58 61.27 15.15
C THR B 2158 -30.45 61.24 14.12
N HIS B 2159 -30.70 61.83 12.95
CA HIS B 2159 -29.70 61.91 11.90
C HIS B 2159 -28.57 62.87 12.21
N HIS B 2160 -28.61 63.57 13.34
CA HIS B 2160 -27.56 64.50 13.74
C HIS B 2160 -26.27 63.74 14.02
N ASN B 2161 -25.29 63.87 13.12
CA ASN B 2161 -24.03 63.16 13.24
C ASN B 2161 -23.11 63.73 14.33
N SER B 2162 -23.58 64.68 15.14
CA SER B 2162 -22.76 65.26 16.20
C SER B 2162 -22.76 64.32 17.40
N ARG B 2163 -22.26 64.81 18.54
CA ARG B 2163 -22.24 64.00 19.76
C ARG B 2163 -23.62 63.69 20.29
N ASN B 2164 -24.67 64.36 19.80
CA ASN B 2164 -26.04 64.10 20.21
C ASN B 2164 -26.60 62.88 19.46
N ALA B 2165 -25.89 61.76 19.60
CA ALA B 2165 -26.30 60.50 18.97
C ALA B 2165 -27.09 59.70 20.00
N SER B 2166 -28.41 59.70 19.85
CA SER B 2166 -29.28 58.99 20.77
C SER B 2166 -30.52 58.54 20.02
N ILE B 2167 -31.46 57.94 20.76
CA ILE B 2167 -32.72 57.45 20.21
C ILE B 2167 -33.84 58.07 21.03
N TRP B 2168 -35.04 58.10 20.43
CA TRP B 2168 -36.20 58.76 21.01
C TRP B 2168 -37.36 57.82 21.28
N LEU B 2169 -37.07 56.70 21.95
CA LEU B 2169 -38.06 55.66 22.24
C LEU B 2169 -39.35 56.25 22.79
N GLY B 2170 -40.48 55.78 22.27
CA GLY B 2170 -41.78 56.19 22.76
C GLY B 2170 -42.64 54.99 23.06
N CYS B 2171 -43.48 55.13 24.09
CA CYS B 2171 -44.28 54.03 24.57
C CYS B 2171 -45.54 54.54 25.26
N GLY B 2172 -46.57 53.71 25.24
CA GLY B 2172 -47.83 54.03 25.90
C GLY B 2172 -48.01 53.24 27.18
N HIS B 2173 -47.87 53.90 28.34
CA HIS B 2173 -47.84 53.22 29.61
C HIS B 2173 -48.98 53.57 30.55
N THR B 2174 -49.60 54.73 30.41
CA THR B 2174 -50.66 55.16 31.31
C THR B 2174 -51.72 55.90 30.51
N ASP B 2175 -52.60 56.62 31.21
CA ASP B 2175 -53.59 57.46 30.54
C ASP B 2175 -52.94 58.51 29.65
N ARG B 2176 -51.72 58.92 29.98
CA ARG B 2176 -50.89 59.73 29.11
C ARG B 2176 -49.86 58.84 28.43
N GLY B 2177 -48.93 59.45 27.70
CA GLY B 2177 -47.87 58.68 27.07
C GLY B 2177 -46.70 58.47 28.00
N GLN B 2178 -45.71 57.73 27.51
CA GLN B 2178 -44.43 57.57 28.20
C GLN B 2178 -43.33 57.91 27.20
N LEU B 2179 -42.74 59.09 27.34
CA LEU B 2179 -41.80 59.63 26.35
C LEU B 2179 -40.38 59.40 26.86
N SER B 2180 -39.75 58.34 26.36
CA SER B 2180 -38.41 57.98 26.77
C SER B 2180 -37.37 58.68 25.89
N PHE B 2181 -36.11 58.61 26.32
CA PHE B 2181 -35.00 59.14 25.53
C PHE B 2181 -33.75 58.39 25.95
N LEU B 2182 -33.36 57.40 25.15
CA LEU B 2182 -32.20 56.57 25.46
C LEU B 2182 -30.96 57.19 24.83
N ASP B 2183 -29.96 57.48 25.65
CA ASP B 2183 -28.70 58.05 25.20
C ASP B 2183 -27.70 56.91 25.00
N LEU B 2184 -27.35 56.62 23.76
CA LEU B 2184 -26.44 55.51 23.46
C LEU B 2184 -25.08 55.73 24.09
N ASN B 2185 -24.54 56.95 23.97
CA ASN B 2185 -23.19 57.22 24.46
C ASN B 2185 -23.08 57.08 25.97
N THR B 2186 -24.16 57.35 26.71
CA THR B 2186 -24.12 57.34 28.16
C THR B 2186 -24.89 56.19 28.80
N GLU B 2187 -25.72 55.48 28.03
CA GLU B 2187 -26.56 54.36 28.48
C GLU B 2187 -27.56 54.76 29.55
N GLY B 2188 -27.78 56.05 29.77
CA GLY B 2188 -28.78 56.54 30.71
C GLY B 2188 -29.94 57.14 29.95
N TYR B 2189 -31.14 57.01 30.52
CA TYR B 2189 -32.35 57.42 29.82
C TYR B 2189 -33.37 57.98 30.79
N THR B 2190 -34.18 58.92 30.30
CA THR B 2190 -35.21 59.58 31.08
C THR B 2190 -36.57 59.41 30.40
N SER B 2191 -37.58 59.12 31.19
CA SER B 2191 -38.94 58.89 30.70
C SER B 2191 -39.93 59.71 31.50
N GLU B 2192 -40.97 60.18 30.83
CA GLU B 2192 -41.99 61.02 31.45
C GLU B 2192 -43.20 61.09 30.53
N GLU B 2193 -44.28 61.67 31.04
CA GLU B 2193 -45.53 61.81 30.29
C GLU B 2193 -45.69 63.25 29.83
N VAL B 2194 -45.72 63.44 28.50
CA VAL B 2194 -46.01 64.76 27.94
C VAL B 2194 -47.12 64.74 26.90
N ALA B 2195 -47.39 63.62 26.23
CA ALA B 2195 -48.50 63.52 25.30
C ALA B 2195 -49.71 62.90 25.99
N ASP B 2196 -50.86 63.57 25.90
CA ASP B 2196 -51.99 63.33 26.79
C ASP B 2196 -52.66 61.97 26.60
N SER B 2197 -52.16 61.10 25.75
CA SER B 2197 -52.74 59.78 25.57
C SER B 2197 -51.69 58.85 24.98
N ARG B 2198 -52.09 57.58 24.79
CA ARG B 2198 -51.17 56.54 24.33
C ARG B 2198 -50.57 56.90 22.98
N ILE B 2199 -49.26 56.74 22.86
CA ILE B 2199 -48.52 57.20 21.68
C ILE B 2199 -48.16 55.99 20.83
N LEU B 2200 -48.13 56.21 19.51
CA LEU B 2200 -47.99 55.09 18.58
C LEU B 2200 -46.72 55.16 17.75
N CYS B 2201 -46.47 56.26 17.03
CA CYS B 2201 -45.33 56.34 16.13
C CYS B 2201 -44.77 57.75 16.11
N LEU B 2202 -43.48 57.86 15.82
CA LEU B 2202 -42.74 59.10 15.93
C LEU B 2202 -42.00 59.37 14.63
N ALA B 2203 -41.54 60.61 14.47
CA ALA B 2203 -40.71 60.99 13.34
C ALA B 2203 -39.93 62.24 13.70
N LEU B 2204 -38.81 62.45 13.01
CA LEU B 2204 -37.92 63.57 13.26
C LEU B 2204 -37.70 64.35 11.98
N VAL B 2205 -37.66 65.67 12.10
CA VAL B 2205 -37.29 66.56 11.00
C VAL B 2205 -36.12 67.42 11.46
N HIS B 2206 -35.11 67.56 10.59
CA HIS B 2206 -33.97 68.43 10.85
C HIS B 2206 -33.90 69.46 9.73
N LEU B 2207 -34.02 70.74 10.10
CA LEU B 2207 -33.97 71.86 9.16
C LEU B 2207 -32.61 72.54 9.25
N PRO B 2208 -31.61 72.12 8.46
CA PRO B 2208 -30.28 72.71 8.58
C PRO B 2208 -30.21 74.18 8.22
N VAL B 2209 -31.02 74.64 7.27
CA VAL B 2209 -31.05 76.06 6.95
C VAL B 2209 -31.60 76.87 8.11
N GLU B 2210 -32.59 76.32 8.81
CA GLU B 2210 -33.19 76.97 9.97
C GLU B 2210 -32.55 76.54 11.29
N LYS B 2211 -31.59 75.61 11.24
CA LYS B 2211 -30.93 75.05 12.43
C LYS B 2211 -31.93 74.47 13.42
N GLU B 2212 -33.04 73.94 12.91
CA GLU B 2212 -34.14 73.43 13.70
C GLU B 2212 -34.16 71.91 13.65
N SER B 2213 -34.27 71.28 14.81
CA SER B 2213 -34.37 69.83 14.93
C SER B 2213 -35.64 69.53 15.75
N TRP B 2214 -36.70 69.11 15.05
CA TRP B 2214 -38.01 68.92 15.65
C TRP B 2214 -38.46 67.48 15.52
N ILE B 2215 -39.04 66.94 16.59
CA ILE B 2215 -39.60 65.60 16.62
C ILE B 2215 -41.11 65.73 16.76
N VAL B 2216 -41.85 65.01 15.91
CA VAL B 2216 -43.30 65.06 15.89
C VAL B 2216 -43.85 63.85 16.63
N SER B 2217 -44.74 64.11 17.58
CA SER B 2217 -45.30 63.07 18.44
C SER B 2217 -46.81 63.00 18.28
N GLY B 2218 -47.33 61.77 18.23
CA GLY B 2218 -48.76 61.53 18.08
C GLY B 2218 -49.30 60.67 19.19
N THR B 2219 -50.51 61.01 19.64
CA THR B 2219 -51.23 60.24 20.65
C THR B 2219 -52.32 59.41 19.99
N GLN B 2220 -52.95 58.54 20.79
CA GLN B 2220 -54.07 57.75 20.28
C GLN B 2220 -55.40 58.48 20.37
N SER B 2221 -55.44 59.62 21.07
CA SER B 2221 -56.67 60.40 21.13
C SER B 2221 -56.92 61.14 19.82
N GLY B 2222 -55.92 61.26 18.96
CA GLY B 2222 -56.11 61.84 17.65
C GLY B 2222 -55.53 63.23 17.49
N THR B 2223 -54.35 63.47 18.04
CA THR B 2223 -53.68 64.75 17.88
C THR B 2223 -52.23 64.51 17.45
N LEU B 2224 -51.70 65.46 16.69
CA LEU B 2224 -50.28 65.49 16.35
C LEU B 2224 -49.59 66.62 17.12
N LEU B 2225 -48.46 66.29 17.72
CA LEU B 2225 -47.70 67.26 18.50
C LEU B 2225 -46.24 67.24 18.05
N VAL B 2226 -45.56 68.36 18.27
CA VAL B 2226 -44.13 68.50 18.03
C VAL B 2226 -43.48 68.91 19.34
N ILE B 2227 -42.25 68.45 19.56
CA ILE B 2227 -41.48 68.79 20.75
C ILE B 2227 -40.03 68.99 20.33
N ASN B 2228 -39.57 70.24 20.33
CA ASN B 2228 -38.20 70.57 19.92
C ASN B 2228 -37.22 70.06 20.98
N THR B 2229 -36.27 69.23 20.56
CA THR B 2229 -35.33 68.67 21.54
C THR B 2229 -34.32 69.70 22.03
N GLU B 2230 -34.01 70.72 21.21
CA GLU B 2230 -33.01 71.71 21.60
C GLU B 2230 -33.41 72.45 22.87
N ASP B 2231 -34.71 72.56 23.15
CA ASP B 2231 -35.20 73.17 24.38
C ASP B 2231 -36.57 72.59 24.66
N GLY B 2232 -36.75 71.99 25.84
CA GLY B 2232 -38.03 71.40 26.21
C GLY B 2232 -39.16 72.40 26.33
N LYS B 2233 -38.86 73.70 26.38
CA LYS B 2233 -39.89 74.73 26.42
C LYS B 2233 -40.51 75.00 25.06
N LYS B 2234 -39.92 74.50 23.97
CA LYS B 2234 -40.43 74.70 22.62
C LYS B 2234 -41.29 73.50 22.23
N ARG B 2235 -42.58 73.60 22.53
CA ARG B 2235 -43.55 72.55 22.27
C ARG B 2235 -44.57 73.05 21.25
N HIS B 2236 -45.10 72.12 20.46
CA HIS B 2236 -46.02 72.49 19.39
C HIS B 2236 -47.05 71.39 19.20
N THR B 2237 -48.17 71.75 18.56
CA THR B 2237 -49.25 70.83 18.26
C THR B 2237 -49.79 71.17 16.86
N LEU B 2238 -50.33 70.16 16.18
CA LEU B 2238 -50.87 70.29 14.83
C LEU B 2238 -52.37 69.99 14.82
N GLU B 2239 -52.93 69.90 13.62
CA GLU B 2239 -54.36 69.72 13.45
C GLU B 2239 -54.81 68.33 13.89
N LYS B 2240 -55.94 68.28 14.59
CA LYS B 2240 -56.47 67.02 15.11
C LYS B 2240 -57.02 66.15 13.99
N MET B 2241 -56.71 64.85 14.06
CA MET B 2241 -57.39 63.85 13.26
C MET B 2241 -58.40 63.11 14.12
N THR B 2242 -59.55 62.78 13.53
CA THR B 2242 -60.61 62.19 14.33
C THR B 2242 -60.29 60.76 14.74
N ASP B 2243 -59.59 60.00 13.90
CA ASP B 2243 -59.13 58.68 14.26
C ASP B 2243 -57.85 58.79 15.07
N SER B 2244 -57.16 57.66 15.27
CA SER B 2244 -55.89 57.63 15.98
C SER B 2244 -54.74 57.77 15.00
N VAL B 2245 -53.71 58.53 15.42
CA VAL B 2245 -52.50 58.65 14.62
C VAL B 2245 -51.90 57.28 14.36
N THR B 2246 -51.45 57.06 13.14
CA THR B 2246 -50.98 55.71 12.82
C THR B 2246 -49.57 55.68 12.24
N CYS B 2247 -49.18 56.67 11.46
CA CYS B 2247 -47.87 56.63 10.83
C CYS B 2247 -47.40 58.03 10.50
N LEU B 2248 -46.11 58.12 10.16
CA LEU B 2248 -45.43 59.36 9.81
C LEU B 2248 -44.26 59.03 8.90
N TYR B 2249 -43.78 60.04 8.18
CA TYR B 2249 -42.63 59.85 7.30
C TYR B 2249 -42.07 61.20 6.90
N CYS B 2250 -40.75 61.26 6.77
CA CYS B 2250 -40.04 62.47 6.36
C CYS B 2250 -39.47 62.25 4.96
N ASN B 2251 -39.99 63.00 3.99
CA ASN B 2251 -39.56 62.92 2.59
C ASN B 2251 -38.62 64.08 2.30
N SER B 2252 -37.33 63.77 2.16
CA SER B 2252 -36.33 64.78 1.87
C SER B 2252 -36.29 65.11 0.38
N ASN B 2261 -39.44 69.92 1.34
CA ASN B 2261 -39.70 68.59 1.89
C ASN B 2261 -41.18 68.40 2.20
N PHE B 2262 -41.60 67.15 2.35
CA PHE B 2262 -43.01 66.80 2.58
C PHE B 2262 -43.09 65.83 3.75
N LEU B 2263 -43.62 66.29 4.87
CA LEU B 2263 -43.89 65.42 6.01
C LEU B 2263 -45.21 64.69 5.78
N LEU B 2264 -45.16 63.37 5.75
CA LEU B 2264 -46.33 62.55 5.41
C LEU B 2264 -46.99 62.05 6.68
N VAL B 2265 -48.33 62.06 6.68
CA VAL B 2265 -49.12 61.52 7.79
C VAL B 2265 -50.08 60.49 7.22
N GLY B 2266 -49.95 59.24 7.67
CA GLY B 2266 -50.89 58.21 7.29
C GLY B 2266 -51.76 57.79 8.46
N THR B 2267 -53.03 58.18 8.43
CA THR B 2267 -53.91 58.00 9.57
C THR B 2267 -54.74 56.73 9.39
N ALA B 2268 -55.51 56.40 10.44
CA ALA B 2268 -56.43 55.27 10.37
C ALA B 2268 -57.58 55.49 9.39
N ASP B 2269 -57.91 56.75 9.09
CA ASP B 2269 -58.93 57.09 8.11
C ASP B 2269 -58.34 57.39 6.73
N GLY B 2270 -57.20 56.79 6.41
CA GLY B 2270 -56.65 56.82 5.07
C GLY B 2270 -56.17 58.17 4.58
N LYS B 2271 -56.19 59.20 5.42
CA LYS B 2271 -55.73 60.52 4.99
C LYS B 2271 -54.22 60.49 4.74
N LEU B 2272 -53.79 61.34 3.81
CA LEU B 2272 -52.37 61.54 3.54
C LEU B 2272 -52.11 63.04 3.66
N ALA B 2273 -51.87 63.49 4.88
CA ALA B 2273 -51.60 64.89 5.15
C ALA B 2273 -50.15 65.21 4.80
N ILE B 2274 -49.94 66.31 4.09
CA ILE B 2274 -48.60 66.74 3.71
C ILE B 2274 -48.31 68.02 4.48
N PHE B 2275 -47.32 67.95 5.36
CA PHE B 2275 -46.95 69.08 6.21
C PHE B 2275 -45.66 69.70 5.67
N GLU B 2276 -45.71 71.00 5.40
CA GLU B 2276 -44.53 71.74 4.97
C GLU B 2276 -43.44 71.63 6.02
N ASP B 2277 -42.21 71.35 5.57
CA ASP B 2277 -41.09 71.18 6.50
C ASP B 2277 -40.79 72.44 7.30
N LYS B 2278 -41.11 73.61 6.76
CA LYS B 2278 -40.72 74.88 7.37
C LYS B 2278 -41.71 75.37 8.41
N THR B 2279 -42.99 75.48 8.04
CA THR B 2279 -43.95 76.20 8.85
C THR B 2279 -44.32 75.43 10.12
N VAL B 2280 -44.22 74.11 10.11
CA VAL B 2280 -44.75 73.28 11.19
C VAL B 2280 -43.95 73.41 12.48
N LYS B 2281 -42.87 74.20 12.46
CA LYS B 2281 -42.15 74.50 13.71
C LYS B 2281 -43.08 75.14 14.72
N LEU B 2282 -43.84 76.16 14.29
CA LEU B 2282 -44.81 76.81 15.16
C LEU B 2282 -45.98 75.88 15.43
N LYS B 2283 -46.61 76.10 16.59
CA LYS B 2283 -47.76 75.29 16.97
C LYS B 2283 -48.99 75.66 16.14
N GLY B 2284 -49.58 74.66 15.50
CA GLY B 2284 -50.80 74.87 14.74
C GLY B 2284 -50.65 75.24 13.28
N ALA B 2285 -49.72 74.60 12.58
CA ALA B 2285 -49.67 74.73 11.12
C ALA B 2285 -50.79 73.91 10.49
N ALA B 2286 -50.89 73.95 9.17
CA ALA B 2286 -52.02 73.31 8.53
C ALA B 2286 -51.56 72.45 7.36
N PRO B 2287 -52.27 71.35 7.06
CA PRO B 2287 -51.91 70.53 5.90
C PRO B 2287 -52.22 71.25 4.59
N LEU B 2288 -51.39 70.97 3.59
CA LEU B 2288 -51.59 71.55 2.26
C LEU B 2288 -52.54 70.74 1.40
N LYS B 2289 -52.75 69.46 1.72
CA LYS B 2289 -53.65 68.62 0.93
C LYS B 2289 -54.12 67.45 1.80
N ILE B 2290 -55.25 66.88 1.40
CA ILE B 2290 -55.83 65.73 2.08
C ILE B 2290 -56.32 64.74 1.03
N LEU B 2291 -55.57 63.65 0.83
CA LEU B 2291 -55.90 62.64 -0.16
C LEU B 2291 -56.52 61.44 0.56
N ASN B 2292 -57.83 61.31 0.47
CA ASN B 2292 -58.54 60.21 1.15
C ASN B 2292 -58.32 58.92 0.37
N ILE B 2293 -57.10 58.38 0.51
CA ILE B 2293 -56.73 57.17 -0.22
C ILE B 2293 -57.51 55.97 0.29
N GLY B 2294 -57.67 55.86 1.61
CA GLY B 2294 -58.40 54.75 2.19
C GLY B 2294 -59.58 55.15 3.04
N ASN B 2295 -59.90 54.32 4.03
CA ASN B 2295 -61.00 54.58 4.95
C ASN B 2295 -60.71 53.87 6.26
N VAL B 2296 -61.73 53.77 7.12
CA VAL B 2296 -61.52 53.20 8.44
C VAL B 2296 -61.37 51.68 8.38
N SER B 2297 -61.95 51.04 7.36
CA SER B 2297 -61.88 49.59 7.23
C SER B 2297 -60.51 49.10 6.80
N THR B 2298 -59.74 49.95 6.12
CA THR B 2298 -58.37 49.63 5.72
C THR B 2298 -57.47 50.81 6.06
N PRO B 2299 -57.04 50.94 7.32
CA PRO B 2299 -56.19 52.05 7.70
C PRO B 2299 -54.83 52.01 7.01
N LEU B 2300 -54.16 53.16 7.00
CA LEU B 2300 -52.83 53.29 6.43
C LEU B 2300 -51.80 53.16 7.54
N MET B 2301 -50.88 52.20 7.40
CA MET B 2301 -49.93 51.85 8.45
C MET B 2301 -48.48 52.18 8.11
N CYS B 2302 -48.03 51.92 6.89
CA CYS B 2302 -46.61 52.02 6.56
C CYS B 2302 -46.40 52.72 5.23
N LEU B 2303 -45.35 53.53 5.16
CA LEU B 2303 -44.90 54.13 3.92
C LEU B 2303 -43.39 53.95 3.81
N SER B 2304 -42.85 54.16 2.61
CA SER B 2304 -41.43 54.02 2.36
C SER B 2304 -41.08 54.69 1.05
N GLU B 2305 -39.77 54.80 0.80
CA GLU B 2305 -39.24 55.44 -0.39
C GLU B 2305 -38.52 54.42 -1.25
N SER B 2306 -38.45 54.69 -2.56
CA SER B 2306 -37.71 53.83 -3.47
C SER B 2306 -36.23 53.82 -3.12
N THR B 2307 -35.67 52.61 -2.98
CA THR B 2307 -34.24 52.50 -2.73
C THR B 2307 -33.43 52.91 -3.97
N ASN B 2308 -33.93 52.57 -5.16
CA ASN B 2308 -33.26 53.00 -6.38
C ASN B 2308 -33.51 54.49 -6.62
N SER B 2309 -32.44 55.20 -7.00
CA SER B 2309 -32.53 56.64 -7.23
C SER B 2309 -33.34 56.99 -8.48
N THR B 2310 -33.58 56.04 -9.37
CA THR B 2310 -34.35 56.31 -10.58
C THR B 2310 -35.84 56.49 -10.28
N GLU B 2311 -36.31 56.04 -9.12
CA GLU B 2311 -37.70 56.18 -8.73
C GLU B 2311 -37.84 56.98 -7.44
N ARG B 2312 -36.88 57.86 -7.18
CA ARG B 2312 -36.94 58.79 -6.05
C ARG B 2312 -38.02 59.86 -6.20
N ASN B 2313 -38.82 59.83 -7.26
CA ASN B 2313 -39.90 60.78 -7.46
C ASN B 2313 -41.25 60.21 -7.06
N VAL B 2314 -41.35 58.90 -6.86
CA VAL B 2314 -42.60 58.24 -6.50
C VAL B 2314 -42.46 57.71 -5.08
N MET B 2315 -43.50 57.92 -4.27
CA MET B 2315 -43.55 57.45 -2.90
C MET B 2315 -44.60 56.36 -2.77
N TRP B 2316 -44.30 55.34 -1.96
CA TRP B 2316 -45.16 54.17 -1.85
C TRP B 2316 -45.65 54.00 -0.43
N GLY B 2317 -46.72 53.20 -0.28
CA GLY B 2317 -47.29 52.87 1.00
C GLY B 2317 -48.38 51.83 0.88
N GLY B 2318 -48.53 50.97 1.90
CA GLY B 2318 -49.63 50.03 1.90
C GLY B 2318 -50.80 50.46 2.76
N CYS B 2319 -51.85 51.00 2.13
CA CYS B 2319 -53.05 51.44 2.86
C CYS B 2319 -53.93 50.22 3.11
N GLY B 2320 -53.77 49.61 4.27
CA GLY B 2320 -54.52 48.41 4.60
C GLY B 2320 -54.24 47.29 3.63
N THR B 2321 -55.19 46.99 2.76
CA THR B 2321 -55.00 46.00 1.69
C THR B 2321 -54.77 46.65 0.33
N LYS B 2322 -54.37 47.92 0.32
CA LYS B 2322 -54.19 48.68 -0.92
C LYS B 2322 -52.78 49.23 -0.99
N ILE B 2323 -52.04 48.81 -2.01
CA ILE B 2323 -50.66 49.26 -2.22
C ILE B 2323 -50.72 50.44 -3.17
N PHE B 2324 -50.66 51.65 -2.62
CA PHE B 2324 -50.77 52.87 -3.40
C PHE B 2324 -49.39 53.52 -3.57
N SER B 2325 -49.15 54.06 -4.74
CA SER B 2325 -47.94 54.83 -5.02
C SER B 2325 -48.36 56.19 -5.55
N PHE B 2326 -47.59 57.22 -5.19
CA PHE B 2326 -47.96 58.57 -5.57
C PHE B 2326 -46.70 59.40 -5.81
N SER B 2327 -46.89 60.57 -6.42
CA SER B 2327 -45.80 61.39 -6.90
C SER B 2327 -45.25 62.26 -5.78
N ASN B 2328 -44.27 63.11 -6.11
CA ASN B 2328 -43.87 64.21 -5.25
C ASN B 2328 -44.78 65.42 -5.36
N ASP B 2329 -45.73 65.41 -6.30
CA ASP B 2329 -46.73 66.47 -6.43
C ASP B 2329 -48.06 66.10 -5.77
N PHE B 2330 -48.03 65.14 -4.85
CA PHE B 2330 -49.21 64.66 -4.12
C PHE B 2330 -50.30 64.17 -5.08
N THR B 2331 -49.89 63.39 -6.09
CA THR B 2331 -50.82 62.82 -7.05
C THR B 2331 -50.56 61.33 -7.17
N ILE B 2332 -51.64 60.54 -7.17
CA ILE B 2332 -51.55 59.09 -7.16
C ILE B 2332 -50.90 58.59 -8.45
N GLN B 2333 -50.05 57.56 -8.34
CA GLN B 2333 -49.45 56.92 -9.49
C GLN B 2333 -50.00 55.54 -9.78
N LYS B 2334 -50.51 54.83 -8.76
CA LYS B 2334 -51.05 53.49 -8.92
C LYS B 2334 -51.83 53.11 -7.67
N LEU B 2335 -52.78 52.20 -7.84
CA LEU B 2335 -53.56 51.65 -6.73
C LEU B 2335 -53.72 50.15 -6.94
N ILE B 2336 -53.02 49.36 -6.15
CA ILE B 2336 -52.99 47.92 -6.33
C ILE B 2336 -53.85 47.28 -5.25
N GLU B 2337 -54.51 46.18 -5.61
CA GLU B 2337 -55.36 45.44 -4.69
C GLU B 2337 -54.64 44.19 -4.22
N THR B 2338 -54.57 43.99 -2.91
CA THR B 2338 -53.96 42.80 -2.33
C THR B 2338 -54.90 41.60 -2.31
N ARG B 2339 -56.21 41.81 -2.48
CA ARG B 2339 -57.20 40.75 -2.25
C ARG B 2339 -57.03 39.57 -3.19
N THR B 2340 -56.37 39.75 -4.34
CA THR B 2340 -56.14 38.63 -5.26
C THR B 2340 -55.19 37.59 -4.70
N SER B 2341 -54.54 37.85 -3.56
CA SER B 2341 -53.54 36.95 -3.01
C SER B 2341 -54.14 35.69 -2.39
N GLN B 2342 -55.46 35.62 -2.24
CA GLN B 2342 -56.09 34.47 -1.60
C GLN B 2342 -56.15 33.26 -2.52
N LEU B 2343 -56.17 33.46 -3.84
CA LEU B 2343 -56.32 32.34 -4.77
C LEU B 2343 -55.08 31.46 -4.83
N PHE B 2344 -53.91 31.98 -4.46
CA PHE B 2344 -52.67 31.20 -4.48
C PHE B 2344 -52.31 30.65 -3.10
N SER B 2345 -52.16 31.53 -2.11
CA SER B 2345 -51.82 31.11 -0.75
C SER B 2345 -53.11 30.89 0.05
N TYR B 2346 -52.97 30.74 1.35
CA TYR B 2346 -54.12 30.53 2.21
C TYR B 2346 -54.92 31.83 2.33
N ALA B 2347 -56.23 31.73 2.13
CA ALA B 2347 -57.10 32.91 2.18
C ALA B 2347 -57.08 33.56 3.56
N ALA B 2348 -56.98 32.76 4.62
CA ALA B 2348 -56.95 33.30 5.98
C ALA B 2348 -55.77 34.24 6.18
N PHE B 2349 -54.57 33.80 5.81
CA PHE B 2349 -53.39 34.67 5.91
C PHE B 2349 -53.46 35.82 4.90
N SER B 2350 -54.02 35.57 3.72
CA SER B 2350 -54.14 36.62 2.71
C SER B 2350 -55.22 37.63 3.05
N ASP B 2351 -56.10 37.33 4.00
CA ASP B 2351 -57.12 38.29 4.44
C ASP B 2351 -56.61 39.05 5.66
N SER B 2352 -55.60 39.89 5.40
CA SER B 2352 -55.00 40.70 6.45
C SER B 2352 -54.48 42.00 5.86
N ASN B 2353 -54.32 42.99 6.73
CA ASN B 2353 -53.78 44.28 6.33
C ASN B 2353 -52.27 44.20 6.13
N ILE B 2354 -51.71 45.24 5.52
CA ILE B 2354 -50.27 45.33 5.27
C ILE B 2354 -49.61 46.04 6.44
N ILE B 2355 -48.52 45.46 6.95
CA ILE B 2355 -47.81 46.01 8.10
C ILE B 2355 -46.55 46.76 7.69
N THR B 2356 -45.71 46.14 6.87
CA THR B 2356 -44.47 46.77 6.40
C THR B 2356 -44.35 46.69 4.89
N VAL B 2357 -43.72 47.72 4.31
CA VAL B 2357 -43.51 47.82 2.88
C VAL B 2357 -42.05 48.16 2.63
N VAL B 2358 -41.53 47.71 1.48
CA VAL B 2358 -40.18 48.04 1.02
C VAL B 2358 -40.23 48.16 -0.49
N VAL B 2359 -39.51 49.15 -1.02
CA VAL B 2359 -39.56 49.50 -2.44
C VAL B 2359 -38.19 49.19 -3.05
N ASP B 2360 -38.15 48.20 -3.94
CA ASP B 2360 -36.95 47.86 -4.69
C ASP B 2360 -37.37 47.59 -6.13
N THR B 2361 -36.49 46.94 -6.89
CA THR B 2361 -36.88 46.41 -8.21
C THR B 2361 -38.08 45.49 -8.09
N ALA B 2362 -38.21 44.78 -6.98
CA ALA B 2362 -39.39 44.00 -6.64
C ALA B 2362 -39.96 44.55 -5.33
N LEU B 2363 -41.29 44.51 -5.21
CA LEU B 2363 -41.97 44.99 -4.02
C LEU B 2363 -42.17 43.85 -3.05
N TYR B 2364 -41.77 44.05 -1.80
CA TYR B 2364 -41.92 43.05 -0.75
C TYR B 2364 -42.93 43.54 0.27
N ILE B 2365 -43.91 42.71 0.59
CA ILE B 2365 -45.03 43.09 1.45
C ILE B 2365 -45.17 42.06 2.55
N ALA B 2366 -45.31 42.52 3.78
CA ALA B 2366 -45.56 41.67 4.94
C ALA B 2366 -46.90 42.04 5.55
N LYS B 2367 -47.73 41.03 5.80
CA LYS B 2367 -49.09 41.26 6.28
C LYS B 2367 -49.22 40.86 7.74
N GLN B 2368 -50.21 41.45 8.40
CA GLN B 2368 -50.44 41.21 9.82
C GLN B 2368 -50.79 39.76 10.08
N ASN B 2369 -50.23 39.21 11.16
CA ASN B 2369 -50.59 37.89 11.67
C ASN B 2369 -50.41 36.79 10.62
N SER B 2370 -49.39 36.95 9.78
CA SER B 2370 -49.14 36.03 8.69
C SER B 2370 -47.67 35.66 8.65
N PRO B 2371 -47.32 34.38 8.49
CA PRO B 2371 -45.92 33.96 8.39
C PRO B 2371 -45.33 34.00 6.99
N VAL B 2372 -45.99 34.65 6.03
CA VAL B 2372 -45.49 34.71 4.66
C VAL B 2372 -45.30 36.19 4.27
N VAL B 2373 -44.31 36.43 3.43
CA VAL B 2373 -44.01 37.76 2.90
C VAL B 2373 -44.24 37.73 1.39
N GLU B 2374 -45.02 38.69 0.89
CA GLU B 2374 -45.46 38.71 -0.50
C GLU B 2374 -44.52 39.54 -1.35
N VAL B 2375 -44.14 39.01 -2.51
CA VAL B 2375 -43.23 39.66 -3.44
C VAL B 2375 -44.02 40.11 -4.65
N TRP B 2376 -43.94 41.41 -4.97
CA TRP B 2376 -44.65 41.99 -6.10
C TRP B 2376 -43.69 42.74 -7.01
N ASP B 2377 -44.14 42.99 -8.24
CA ASP B 2377 -43.41 43.78 -9.22
C ASP B 2377 -44.11 45.12 -9.41
N LYS B 2378 -43.31 46.20 -9.47
CA LYS B 2378 -43.89 47.53 -9.58
C LYS B 2378 -44.37 47.88 -10.98
N LYS B 2379 -43.96 47.12 -12.00
CA LYS B 2379 -44.37 47.41 -13.37
C LYS B 2379 -45.68 46.69 -13.72
N THR B 2380 -45.68 45.36 -13.63
CA THR B 2380 -46.89 44.59 -13.94
C THR B 2380 -47.94 44.68 -12.85
N GLU B 2381 -47.57 45.12 -11.64
CA GLU B 2381 -48.46 45.17 -10.47
C GLU B 2381 -49.11 43.81 -10.23
N LYS B 2382 -48.34 42.74 -10.44
CA LYS B 2382 -48.83 41.38 -10.35
C LYS B 2382 -47.98 40.61 -9.35
N LEU B 2383 -48.58 39.59 -8.73
CA LEU B 2383 -47.86 38.71 -7.83
C LEU B 2383 -46.71 38.02 -8.55
N CYS B 2384 -45.59 37.86 -7.85
CA CYS B 2384 -44.41 37.20 -8.42
C CYS B 2384 -43.94 36.00 -7.64
N GLY B 2385 -43.94 36.07 -6.31
CA GLY B 2385 -43.49 34.96 -5.51
C GLY B 2385 -43.86 35.13 -4.06
N LEU B 2386 -43.79 34.02 -3.33
CA LEU B 2386 -44.05 34.00 -1.90
C LEU B 2386 -42.89 33.30 -1.20
N ILE B 2387 -42.61 33.74 0.03
CA ILE B 2387 -41.53 33.17 0.83
C ILE B 2387 -42.13 32.74 2.16
N ASP B 2388 -42.00 31.46 2.48
CA ASP B 2388 -42.58 30.88 3.69
C ASP B 2388 -41.49 30.77 4.76
N CYS B 2389 -41.52 31.68 5.72
CA CYS B 2389 -40.60 31.61 6.86
C CYS B 2389 -40.81 30.38 7.72
N VAL B 2390 -41.96 29.70 7.58
CA VAL B 2390 -42.24 28.52 8.39
C VAL B 2390 -41.24 27.40 8.07
N HIS B 2391 -40.92 27.23 6.79
CA HIS B 2391 -39.99 26.17 6.38
C HIS B 2391 -38.61 26.38 7.02
N PHE B 2392 -38.11 27.61 6.97
CA PHE B 2392 -36.78 27.88 7.50
C PHE B 2392 -36.76 27.81 9.03
N LEU B 2393 -37.78 28.37 9.68
CA LEU B 2393 -37.85 28.35 11.14
C LEU B 2393 -37.98 26.92 11.68
N ARG B 2394 -38.88 26.13 11.08
CA ARG B 2394 -39.02 24.74 11.51
C ARG B 2394 -37.80 23.89 11.15
N GLU B 2395 -37.03 24.30 10.13
CA GLU B 2395 -35.76 23.64 9.86
C GLU B 2395 -34.80 23.74 11.04
N VAL B 2396 -34.95 24.77 11.87
CA VAL B 2396 -34.15 24.91 13.08
C VAL B 2396 -34.76 24.09 14.21
N SER B 2411 -44.14 31.27 16.81
CA SER B 2411 -45.31 31.68 16.06
C SER B 2411 -44.95 31.93 14.59
N GLY B 2412 -43.69 32.26 14.36
CA GLY B 2412 -43.19 32.49 13.01
C GLY B 2412 -43.82 33.64 12.27
N ARG B 2413 -44.49 34.55 12.97
CA ARG B 2413 -45.16 35.67 12.33
C ARG B 2413 -44.16 36.78 12.06
N VAL B 2414 -44.15 37.29 10.83
CA VAL B 2414 -43.25 38.40 10.48
C VAL B 2414 -43.72 39.65 11.19
N LYS B 2415 -42.77 40.48 11.63
CA LYS B 2415 -43.07 41.71 12.34
C LYS B 2415 -42.65 42.96 11.57
N THR B 2416 -41.38 43.05 11.17
CA THR B 2416 -40.90 44.24 10.50
C THR B 2416 -39.83 43.86 9.48
N LEU B 2417 -39.56 44.79 8.57
CA LEU B 2417 -38.63 44.58 7.46
C LEU B 2417 -37.67 45.74 7.33
N CYS B 2418 -36.43 45.42 6.93
CA CYS B 2418 -35.43 46.40 6.54
C CYS B 2418 -34.58 45.80 5.44
N LEU B 2419 -34.30 46.60 4.42
CA LEU B 2419 -33.54 46.13 3.27
C LEU B 2419 -32.49 47.17 2.90
N GLN B 2420 -31.37 46.69 2.39
CA GLN B 2420 -30.25 47.52 1.97
C GLN B 2420 -29.89 47.20 0.54
N LYS B 2421 -29.30 48.20 -0.15
CA LYS B 2421 -28.86 48.03 -1.53
C LYS B 2421 -27.79 46.96 -1.70
N ASN B 2422 -27.25 46.42 -0.62
CA ASN B 2422 -26.29 45.32 -0.64
C ASN B 2422 -26.94 43.96 -0.92
N THR B 2423 -28.20 43.96 -1.38
CA THR B 2423 -28.93 42.75 -1.76
C THR B 2423 -29.11 41.78 -0.59
N ALA B 2424 -29.21 42.32 0.63
CA ALA B 2424 -29.44 41.55 1.83
C ALA B 2424 -30.74 42.00 2.48
N LEU B 2425 -31.63 41.04 2.74
CA LEU B 2425 -32.95 41.31 3.31
C LEU B 2425 -33.01 40.80 4.75
N TRP B 2426 -33.59 41.59 5.62
CA TRP B 2426 -33.75 41.25 7.03
C TRP B 2426 -35.22 41.06 7.35
N ILE B 2427 -35.58 39.91 7.92
CA ILE B 2427 -36.95 39.59 8.28
C ILE B 2427 -37.00 39.38 9.78
N GLY B 2428 -37.65 40.31 10.49
CA GLY B 2428 -37.84 40.18 11.91
C GLY B 2428 -39.12 39.46 12.26
N THR B 2429 -39.01 38.31 12.91
CA THR B 2429 -40.16 37.46 13.21
C THR B 2429 -40.66 37.72 14.62
N GLY B 2430 -41.99 37.61 14.79
CA GLY B 2430 -42.61 37.71 16.09
C GLY B 2430 -42.14 36.68 17.10
N GLY B 2431 -41.52 35.60 16.63
CA GLY B 2431 -40.92 34.62 17.50
C GLY B 2431 -39.54 34.98 18.00
N GLY B 2432 -39.10 36.22 17.79
CA GLY B 2432 -37.79 36.65 18.22
C GLY B 2432 -36.65 36.19 17.36
N HIS B 2433 -36.92 35.84 16.10
CA HIS B 2433 -35.88 35.39 15.18
C HIS B 2433 -35.70 36.42 14.07
N ILE B 2434 -34.47 36.55 13.60
CA ILE B 2434 -34.13 37.44 12.49
C ILE B 2434 -33.70 36.58 11.32
N LEU B 2435 -34.36 36.75 10.18
CA LEU B 2435 -34.04 35.98 8.99
C LEU B 2435 -33.24 36.84 8.03
N LEU B 2436 -32.15 36.29 7.52
CA LEU B 2436 -31.27 36.97 6.56
C LEU B 2436 -31.44 36.31 5.20
N LEU B 2437 -31.94 37.08 4.23
CA LEU B 2437 -32.17 36.58 2.89
C LEU B 2437 -31.47 37.47 1.88
N ASP B 2438 -30.98 36.85 0.81
CA ASP B 2438 -30.25 37.55 -0.24
C ASP B 2438 -31.19 37.86 -1.40
N LEU B 2439 -31.04 39.05 -1.99
CA LEU B 2439 -31.92 39.43 -3.09
C LEU B 2439 -31.54 38.75 -4.40
N SER B 2440 -30.29 38.33 -4.55
CA SER B 2440 -29.84 37.72 -5.80
C SER B 2440 -30.50 36.36 -6.03
N THR B 2441 -30.50 35.50 -5.01
CA THR B 2441 -31.00 34.14 -5.14
C THR B 2441 -32.24 33.83 -4.31
N ARG B 2442 -32.66 34.72 -3.42
CA ARG B 2442 -33.79 34.49 -2.51
C ARG B 2442 -33.61 33.22 -1.69
N ARG B 2443 -32.38 32.96 -1.26
CA ARG B 2443 -32.05 31.81 -0.43
C ARG B 2443 -31.69 32.26 0.98
N LEU B 2444 -31.48 31.28 1.84
CA LEU B 2444 -31.21 31.55 3.26
C LEU B 2444 -29.75 31.92 3.44
N ILE B 2445 -29.49 32.76 4.45
CA ILE B 2445 -28.12 33.12 4.81
C ILE B 2445 -27.83 32.66 6.23
N ARG B 2446 -28.62 33.13 7.19
CA ARG B 2446 -28.49 32.74 8.59
C ARG B 2446 -29.72 33.24 9.34
N VAL B 2447 -29.99 32.60 10.48
CA VAL B 2447 -31.10 32.97 11.35
C VAL B 2447 -30.51 33.35 12.71
N ILE B 2448 -30.95 34.49 13.24
CA ILE B 2448 -30.48 35.02 14.51
C ILE B 2448 -31.58 34.86 15.54
N TYR B 2449 -31.25 34.24 16.67
CA TYR B 2449 -32.24 34.00 17.72
C TYR B 2449 -31.51 34.00 19.06
N ASN B 2450 -32.16 33.45 20.10
CA ASN B 2450 -31.61 33.28 21.45
C ASN B 2450 -31.01 34.55 22.03
N PHE B 2451 -31.49 35.71 21.56
CA PHE B 2451 -31.05 36.98 22.12
C PHE B 2451 -32.23 37.85 22.55
N CYS B 2452 -33.37 37.72 21.88
CA CYS B 2452 -34.60 38.36 22.32
C CYS B 2452 -35.78 37.44 22.03
N ASN B 2453 -36.86 37.65 22.78
CA ASN B 2453 -38.02 36.76 22.69
C ASN B 2453 -38.96 37.16 21.56
N SER B 2454 -39.05 38.44 21.21
CA SER B 2454 -39.91 38.88 20.11
C SER B 2454 -39.41 40.21 19.59
N VAL B 2455 -38.95 40.24 18.34
CA VAL B 2455 -38.52 41.48 17.72
C VAL B 2455 -39.73 42.38 17.55
N ARG B 2456 -39.66 43.59 18.11
CA ARG B 2456 -40.77 44.53 18.00
C ARG B 2456 -40.58 45.48 16.83
N VAL B 2457 -39.51 46.27 16.85
CA VAL B 2457 -39.20 47.22 15.79
C VAL B 2457 -37.74 47.02 15.38
N MET B 2458 -37.48 47.18 14.08
CA MET B 2458 -36.13 47.09 13.54
C MET B 2458 -35.97 48.24 12.55
N MET B 2459 -34.96 49.07 12.76
CA MET B 2459 -34.72 50.22 11.90
C MET B 2459 -33.27 50.25 11.46
N THR B 2460 -32.98 51.14 10.52
CA THR B 2460 -31.62 51.43 10.09
C THR B 2460 -31.30 52.88 10.42
N ALA B 2461 -30.04 53.15 10.74
CA ALA B 2461 -29.62 54.48 11.14
C ALA B 2461 -28.10 54.57 11.04
N GLN B 2462 -27.58 55.74 11.40
CA GLN B 2462 -26.15 56.00 11.42
C GLN B 2462 -25.80 56.71 12.72
N LEU B 2463 -24.66 56.35 13.30
CA LEU B 2463 -24.23 56.96 14.55
C LEU B 2463 -23.35 58.17 14.26
N GLY B 2464 -22.88 58.81 15.34
CA GLY B 2464 -22.05 60.00 15.20
C GLY B 2464 -20.69 59.75 14.56
N SER B 2465 -20.22 58.51 14.57
CA SER B 2465 -18.95 58.15 13.94
C SER B 2465 -19.11 57.83 12.45
N LEU B 2466 -20.22 58.25 11.84
CA LEU B 2466 -20.56 58.02 10.44
C LEU B 2466 -20.74 56.55 10.09
N LYS B 2467 -20.67 55.67 11.08
CA LYS B 2467 -20.81 54.24 10.82
C LYS B 2467 -22.28 53.87 10.69
N ASN B 2468 -22.56 52.93 9.81
CA ASN B 2468 -23.92 52.46 9.58
C ASN B 2468 -24.18 51.21 10.40
N VAL B 2469 -25.26 51.23 11.18
CA VAL B 2469 -25.64 50.13 12.05
C VAL B 2469 -27.15 49.90 11.93
N MET B 2470 -27.62 48.83 12.55
CA MET B 2470 -29.03 48.48 12.56
C MET B 2470 -29.49 48.22 13.98
N LEU B 2471 -30.58 48.88 14.38
CA LEU B 2471 -31.14 48.72 15.70
C LEU B 2471 -32.26 47.69 15.67
N VAL B 2472 -32.22 46.74 16.60
CA VAL B 2472 -33.20 45.66 16.67
C VAL B 2472 -33.79 45.66 18.06
N LEU B 2473 -35.02 46.13 18.20
CA LEU B 2473 -35.73 46.13 19.48
C LEU B 2473 -36.45 44.80 19.63
N GLY B 2474 -36.02 43.99 20.58
CA GLY B 2474 -36.62 42.68 20.82
C GLY B 2474 -37.20 42.57 22.22
N TYR B 2475 -38.30 41.85 22.33
CA TYR B 2475 -38.96 41.60 23.61
C TYR B 2475 -38.18 40.58 24.42
N ASN B 2476 -38.41 40.60 25.74
CA ASN B 2476 -37.81 39.64 26.66
C ASN B 2476 -38.83 39.40 27.77
N ARG B 2477 -39.63 38.35 27.61
CA ARG B 2477 -40.58 37.94 28.63
C ARG B 2477 -40.04 36.74 29.37
N LYS B 2478 -40.08 36.79 30.70
CA LYS B 2478 -39.53 35.74 31.54
C LYS B 2478 -40.65 34.87 32.13
N ILE B 2489 -42.15 41.31 31.61
CA ILE B 2489 -41.75 41.86 30.33
C ILE B 2489 -40.44 42.62 30.52
N GLN B 2490 -39.52 42.47 29.57
CA GLN B 2490 -38.28 43.24 29.53
C GLN B 2490 -38.03 43.67 28.09
N SER B 2491 -37.53 44.89 27.92
CA SER B 2491 -37.27 45.44 26.61
C SER B 2491 -35.77 45.59 26.42
N CYS B 2492 -35.25 45.01 25.34
CA CYS B 2492 -33.82 45.00 25.06
C CYS B 2492 -33.56 45.61 23.69
N LEU B 2493 -32.59 46.50 23.62
CA LEU B 2493 -32.17 47.13 22.37
C LEU B 2493 -30.79 46.62 22.01
N THR B 2494 -30.62 46.17 20.76
CA THR B 2494 -29.35 45.65 20.28
C THR B 2494 -28.95 46.42 19.04
N VAL B 2495 -27.65 46.70 18.91
CA VAL B 2495 -27.11 47.44 17.78
C VAL B 2495 -26.25 46.49 16.96
N TRP B 2496 -26.65 46.24 15.73
CA TRP B 2496 -26.01 45.25 14.87
C TRP B 2496 -25.26 45.93 13.74
N ASP B 2497 -24.08 45.43 13.43
CA ASP B 2497 -23.28 46.00 12.36
C ASP B 2497 -23.94 45.74 11.02
N ILE B 2498 -23.90 46.75 10.13
CA ILE B 2498 -24.57 46.64 8.85
C ILE B 2498 -23.88 45.66 7.91
N ASN B 2499 -22.66 45.24 8.22
CA ASN B 2499 -21.93 44.28 7.42
C ASN B 2499 -22.13 42.85 7.91
N LEU B 2500 -23.24 42.58 8.58
CA LEU B 2500 -23.53 41.24 9.09
C LEU B 2500 -23.50 40.16 8.02
N PRO B 2501 -24.26 40.26 6.89
CA PRO B 2501 -24.32 39.11 5.96
C PRO B 2501 -22.99 38.82 5.29
N HIS B 2502 -22.32 39.87 4.80
CA HIS B 2502 -20.99 39.70 4.23
C HIS B 2502 -20.02 39.08 5.23
N GLU B 2503 -20.18 39.41 6.52
CA GLU B 2503 -19.33 38.83 7.55
C GLU B 2503 -19.59 37.34 7.69
N VAL B 2504 -20.86 36.92 7.63
CA VAL B 2504 -21.18 35.50 7.71
C VAL B 2504 -20.54 34.73 6.56
N GLN B 2505 -20.67 35.26 5.34
CA GLN B 2505 -20.09 34.59 4.19
C GLN B 2505 -18.57 34.56 4.29
N ASN B 2506 -17.95 35.68 4.66
CA ASN B 2506 -16.49 35.72 4.80
C ASN B 2506 -16.01 34.75 5.86
N LEU B 2507 -16.68 34.73 7.01
CA LEU B 2507 -16.26 33.86 8.11
C LEU B 2507 -16.43 32.39 7.74
N GLU B 2508 -17.52 32.05 7.05
CA GLU B 2508 -17.71 30.69 6.57
C GLU B 2508 -16.56 30.27 5.66
N LYS B 2509 -16.25 31.11 4.67
CA LYS B 2509 -15.16 30.81 3.74
C LYS B 2509 -13.84 30.73 4.48
N HIS B 2510 -13.60 31.64 5.43
CA HIS B 2510 -12.34 31.69 6.16
C HIS B 2510 -12.13 30.44 7.00
N ILE B 2511 -13.14 30.04 7.77
CA ILE B 2511 -12.99 28.86 8.61
C ILE B 2511 -12.88 27.59 7.77
N GLU B 2512 -13.54 27.56 6.61
CA GLU B 2512 -13.42 26.42 5.70
C GLU B 2512 -12.02 26.30 5.15
N VAL B 2513 -11.40 27.43 4.79
CA VAL B 2513 -10.03 27.41 4.28
C VAL B 2513 -9.07 26.89 5.34
N ARG B 2514 -9.22 27.34 6.58
CA ARG B 2514 -8.36 26.89 7.67
C ARG B 2514 -8.52 25.40 7.93
N LYS B 2515 -9.76 24.90 7.89
CA LYS B 2515 -9.99 23.48 8.08
C LYS B 2515 -9.32 22.66 6.98
N GLU B 2516 -9.45 23.11 5.73
CA GLU B 2516 -8.79 22.43 4.62
C GLU B 2516 -7.28 22.44 4.79
N LEU B 2517 -6.72 23.58 5.24
CA LEU B 2517 -5.28 23.68 5.45
C LEU B 2517 -4.82 22.71 6.53
N ALA B 2518 -5.53 22.66 7.66
CA ALA B 2518 -5.15 21.77 8.75
C ALA B 2518 -5.27 20.31 8.32
N GLU B 2519 -6.32 19.97 7.57
CA GLU B 2519 -6.49 18.59 7.12
C GLU B 2519 -5.37 18.18 6.16
N LYS B 2520 -5.07 19.05 5.19
CA LYS B 2520 -4.01 18.76 4.23
C LYS B 2520 -2.65 18.64 4.91
N MET B 2521 -2.37 19.54 5.85
CA MET B 2521 -1.08 19.51 6.55
C MET B 2521 -0.93 18.24 7.39
N ARG B 2522 -1.98 17.88 8.13
CA ARG B 2522 -1.96 16.67 8.94
C ARG B 2522 -1.87 15.42 8.08
N ARG B 2523 -2.53 15.43 6.92
CA ARG B 2523 -2.48 14.29 6.01
C ARG B 2523 -1.07 14.07 5.46
N THR B 2524 -0.38 15.15 5.08
CA THR B 2524 0.99 15.02 4.62
C THR B 2524 1.92 14.59 5.76
N SER B 2525 1.55 14.86 7.01
CA SER B 2525 2.35 14.40 8.13
C SER B 2525 2.26 12.88 8.29
N VAL B 2526 1.06 12.33 8.20
CA VAL B 2526 0.85 10.90 8.35
C VAL B 2526 1.40 10.16 7.13
PB GDP C . 21.23 -47.06 36.31
O1B GDP C . 20.82 -45.62 36.23
O2B GDP C . 20.15 -47.94 35.75
O3B GDP C . 22.48 -47.27 35.51
O3A GDP C . 21.48 -47.49 37.83
PA GDP C . 22.04 -48.96 38.14
O1A GDP C . 21.03 -50.00 37.75
O2A GDP C . 23.35 -49.19 37.41
O5' GDP C . 22.30 -48.97 39.72
C5' GDP C . 23.04 -50.04 40.29
C4' GDP C . 23.29 -49.82 41.77
O4' GDP C . 22.09 -50.09 42.50
C3' GDP C . 24.34 -50.78 42.29
O3' GDP C . 25.47 -50.04 42.78
C2' GDP C . 23.71 -51.56 43.41
O2' GDP C . 24.51 -51.44 44.59
C1' GDP C . 22.35 -50.93 43.63
N9 GDP C . 21.30 -51.98 43.72
C8 GDP C . 20.51 -52.35 42.70
N7 GDP C . 19.65 -53.33 43.08
C5 GDP C . 19.89 -53.58 44.38
C6 GDP C . 19.33 -54.49 45.40
O6 GDP C . 18.40 -55.28 45.12
N1 GDP C . 19.84 -54.45 46.64
C2 GDP C . 20.84 -53.61 46.97
N2 GDP C . 21.31 -53.63 48.23
N3 GDP C . 21.40 -52.75 46.08
C4 GDP C . 20.97 -52.69 44.80
C13 T3X D . -0.74 -31.39 -10.21
C15 T3X D . -0.76 -32.82 -8.26
C17 T3X D . 1.50 -31.96 -9.04
C20 T3X D . 3.50 -33.26 -6.45
C11 T3X D . -2.84 -32.28 -9.37
C12 T3X D . -2.13 -31.50 -10.29
C14 T3X D . -0.05 -32.06 -9.19
C16 T3X D . -2.15 -32.93 -8.35
C19 T3X D . 2.79 -32.24 -7.35
N10 T3X D . -4.30 -32.40 -9.46
C01 T3X D . -10.77 -33.39 -11.21
C02 T3X D . -9.24 -33.26 -11.03
C03 T3X D . -8.42 -33.29 -12.15
C04 T3X D . -7.03 -33.16 -12.01
C05 T3X D . -6.47 -33.01 -10.76
C06 T3X D . -7.28 -33.00 -9.63
C07 T3X D . -8.68 -33.11 -9.77
C08 T3X D . -4.93 -32.88 -10.65
C22 T3X D . 3.24 -34.87 -8.06
C23 T3X D . 2.54 -33.85 -8.96
C24 T3X D . 4.60 -35.12 -6.40
C25 T3X D . -0.06 -30.53 -11.28
C29 T3X D . -9.02 -33.45 -13.56
C30 T3X D . -9.45 -33.58 -14.67
C31 T3X D . -10.02 -33.76 -16.09
C32 T3X D . -10.34 -35.04 -16.57
C33 T3X D . -10.85 -35.14 -17.90
C34 T3X D . -11.02 -34.00 -18.63
C37 T3X D . -11.29 -36.22 -18.73
C39 T3X D . -10.21 -32.63 -16.91
F26 T3X D . 0.79 -31.28 -12.01
F27 T3X D . -1.01 -30.02 -12.11
F28 T3X D . 0.60 -29.49 -10.70
N18 T3X D . 1.93 -32.85 -8.24
N21 T3X D . 4.10 -34.26 -7.19
N35 T3X D . -11.51 -34.37 -19.85
N36 T3X D . -11.67 -35.71 -19.89
N38 T3X D . -10.69 -32.78 -18.14
O09 T3X D . -4.28 -33.20 -11.60
PB GDP E . 19.87 -10.84 58.86
O1B GDP E . 19.63 -11.41 57.49
O2B GDP E . 20.67 -9.57 58.77
O3B GDP E . 18.54 -10.53 59.51
O3A GDP E . 20.68 -11.88 59.76
PA GDP E . 20.94 -11.52 61.31
O1A GDP E . 21.85 -10.32 61.42
O2A GDP E . 19.64 -11.25 62.02
O5' GDP E . 21.65 -12.82 61.92
C5' GDP E . 21.77 -12.94 63.34
C4' GDP E . 22.35 -14.28 63.73
O4' GDP E . 23.76 -14.29 63.47
C3' GDP E . 22.16 -14.54 65.21
O3' GDP E . 21.35 -15.70 65.40
C2' GDP E . 23.54 -14.78 65.79
O2' GDP E . 23.56 -16.03 66.47
C1' GDP E . 24.48 -14.81 64.59
N9 GDP E . 25.67 -13.96 64.84
C8 GDP E . 25.83 -12.70 64.41
N7 GDP E . 27.02 -12.20 64.81
C5 GDP E . 27.64 -13.14 65.51
C6 GDP E . 28.93 -13.26 66.22
O6 GDP E . 29.75 -12.31 66.24
N1 GDP E . 29.21 -14.41 66.84
C2 GDP E . 28.36 -15.44 66.84
N2 GDP E . 28.71 -16.58 67.49
N3 GDP E . 27.15 -15.41 66.21
C4 GDP E . 26.75 -14.30 65.55
C13 T3X F . 5.52 24.73 21.10
C15 T3X F . 7.10 24.00 22.79
C17 T3X F . 4.66 23.36 23.13
C20 T3X F . 5.01 21.40 26.04
C11 T3X F . 7.87 25.28 20.90
C12 T3X F . 6.57 25.33 20.41
C14 T3X F . 5.79 24.06 22.32
C16 T3X F . 8.15 24.61 22.09
C19 T3X F . 4.72 21.77 24.58
N10 T3X F . 8.97 25.92 20.15
C01 T3X F . 13.24 29.99 16.84
C02 T3X F . 12.13 29.26 17.64
C03 T3X F . 10.89 29.88 17.80
C04 T3X F . 9.87 29.26 18.51
C05 T3X F . 10.10 28.00 19.07
C06 T3X F . 11.32 27.37 18.91
C07 T3X F . 12.35 28.01 18.19
C08 T3X F . 8.94 27.32 19.85
C22 T3X F . 4.81 23.59 26.65
C23 T3X F . 4.50 23.97 25.19
C24 T3X F . 4.79 22.00 28.10
C25 T3X F . 4.13 24.85 20.49
C29 T3X F . 10.62 31.28 17.19
C30 T3X F . 10.39 32.36 16.73
C31 T3X F . 10.09 33.75 16.15
C32 T3X F . 10.47 34.92 16.85
C33 T3X F . 10.15 36.17 16.26
C34 T3X F . 9.50 36.20 15.05
C37 T3X F . 10.36 37.54 16.63
C39 T3X F . 9.42 33.86 14.92
F26 T3X F . 3.30 25.53 21.34
F27 T3X F . 4.23 25.55 19.33
F28 T3X F . 3.61 23.63 20.23
N18 T3X F . 5.07 23.07 24.30
N21 T3X F . 4.45 22.30 26.92
N35 T3X F . 9.33 37.51 14.72
N36 T3X F . 9.85 38.31 15.68
N38 T3X F . 9.15 35.05 14.41
O09 T3X F . 8.03 28.00 20.20
#